data_3J2N
#
_entry.id   3J2N
#
_cell.length_a   1.000
_cell.length_b   1.000
_cell.length_c   1.000
_cell.angle_alpha   90.00
_cell.angle_beta   90.00
_cell.angle_gamma   90.00
#
_symmetry.space_group_name_H-M   'P 1'
#
loop_
_entity.id
_entity.type
_entity.pdbx_description
1 polymer 'Tail connector protein Gp15'
2 polymer 'Tail sheath protein Gp18'
#
loop_
_entity_poly.entity_id
_entity_poly.type
_entity_poly.pdbx_seq_one_letter_code
_entity_poly.pdbx_strand_id
1 'polypeptide(L)'
;MFGYFYNSSFRRYATLMGDLFSNIQIKRQLESGDKFIRVPITYASKEHFMMKLNKWTSINSQEDVAKVETILPRINLHLV
DFSYNAPFKTNILNQNLLQKGATSVVSQYNPSPIKMIYELSIFTRYEDDMFQIVEQILPYFQPHFNTTMYEQFGNDIPFK
RDIKIVLMSAAIDEAIDGDNLSRRRIEWSLTFEVNGWMYPPVDDAEGLIRTTYTDFHANTRDLPDGEGVFESVDSEVVPR
DIDPEDWDGTVKQTFTSNVNRPTPPEPPGPRT
;
A,B,C,D,E,F
2 'polypeptide(L)'
;MTLLSPGIELKETTVQSTVVNNSTGTAALAGKFQWGPAFQIKQVTNEVDLVNTFGQPTAETADYFMSAMNFLQYGNDLRV
VRAVDRDTAKNSSPIAGNIEYTISTPGSNYAVGDKITVKYVSDDIETEGKITEVDADGKIKKINIPTAKIIAKAKEVGEY
PTLGSNWTAEISSSSSGLAAVITLGKIITDSGILLAEIENAEAAMTAVDFQANLKKYGIPGVVALYPGELGDKIEIEIVS
KADYAKGASALLPIYPGGGTRASTAKAVFGYGPQTDSQYAIIVRRNDAIVQSVVLSTKRGGKDIYDSNIYIDDFFAKGGS
EYIFATAQNWPEGFSGILTLSGGLSSNAEVTAGDLMEAWDFFADRESVDVQLFIAGSCAGESLETASTVQKHVVSIGDVR
QDCLVLCSPPRETVVGIPVTRAVDNLVNWRTAAGSYTDNNFNISSTYAAIDGNYKYQYDKYNDVNRWVPLAADIAGLCAR
TDNVSQTWMSPAGYNRGQILNVIKLAIETPQAQRDRLYQEAINPVTGTGGDGYVLYGDKTATSVPSPFDRINVRRLFNML
KTNIGRSSKYRLFELNNAFTRSSFRTETAQYLQGNKALGGIYEYRVVCDTTNNTPSVIDRNEFVATFYIQPARSINYITL
NFVATATGADFDELTGLAG
;
U,V,W,X,Y,Z
#
# COMPACT_ATOMS: atom_id res chain seq x y z
N GLY A 3 -19.48 40.22 28.91
CA GLY A 3 -18.32 40.44 28.08
C GLY A 3 -17.89 39.19 27.32
N TYR A 4 -18.86 38.35 26.98
CA TYR A 4 -18.58 37.17 26.15
C TYR A 4 -19.86 36.53 25.62
N PHE A 5 -19.77 35.91 24.44
CA PHE A 5 -20.90 35.18 23.86
C PHE A 5 -21.16 33.88 24.64
N TYR A 6 -22.05 33.96 25.64
CA TYR A 6 -22.34 32.88 26.59
C TYR A 6 -22.68 31.55 25.91
N ASN A 7 -23.46 31.62 24.82
CA ASN A 7 -23.90 30.41 24.13
C ASN A 7 -22.92 29.85 23.09
N SER A 8 -21.74 30.45 22.99
CA SER A 8 -20.69 29.96 22.11
C SER A 8 -20.52 28.45 22.18
N SER A 9 -20.55 27.77 21.04
CA SER A 9 -20.33 26.32 21.01
C SER A 9 -18.91 25.98 21.41
N PHE A 10 -17.96 26.79 20.95
CA PHE A 10 -16.58 26.58 21.34
C PHE A 10 -16.43 26.72 22.84
N ARG A 11 -17.01 27.78 23.41
CA ARG A 11 -16.99 27.95 24.86
C ARG A 11 -17.55 26.74 25.62
N ARG A 12 -18.66 26.18 25.12
CA ARG A 12 -19.26 25.01 25.78
C ARG A 12 -18.32 23.82 25.74
N TYR A 13 -17.69 23.58 24.60
CA TYR A 13 -16.75 22.47 24.59
C TYR A 13 -15.52 22.69 25.49
N ALA A 14 -14.96 23.91 25.48
CA ALA A 14 -13.87 24.27 26.39
C ALA A 14 -14.23 24.09 27.86
N THR A 15 -15.45 24.42 28.23
CA THR A 15 -15.87 24.35 29.61
C THR A 15 -16.18 22.92 29.99
N LEU A 16 -16.82 22.18 29.09
CA LEU A 16 -17.10 20.78 29.30
C LEU A 16 -15.79 20.04 29.61
N MET A 17 -14.84 20.18 28.68
CA MET A 17 -13.52 19.60 28.87
C MET A 17 -12.87 20.07 30.16
N GLY A 18 -12.87 21.38 30.39
CA GLY A 18 -12.23 21.90 31.58
C GLY A 18 -12.80 21.30 32.84
N ASP A 19 -14.09 20.99 32.79
CA ASP A 19 -14.84 20.65 33.99
C ASP A 19 -14.75 19.17 34.29
N LEU A 20 -14.58 18.34 33.25
CA LEU A 20 -14.29 16.93 33.50
C LEU A 20 -13.01 16.80 34.31
N PHE A 21 -12.07 17.71 34.08
CA PHE A 21 -10.76 17.71 34.72
C PHE A 21 -10.62 18.81 35.77
N SER A 22 -11.74 19.29 36.28
CA SER A 22 -11.65 20.39 37.23
C SER A 22 -11.43 19.88 38.64
N ASN A 23 -11.93 18.67 38.87
CA ASN A 23 -12.06 18.09 40.19
C ASN A 23 -11.12 16.92 40.40
N ILE A 24 -9.83 17.22 40.41
CA ILE A 24 -8.77 16.23 40.55
C ILE A 24 -7.88 16.66 41.69
N GLN A 25 -7.66 15.78 42.64
CA GLN A 25 -6.83 16.15 43.75
C GLN A 25 -5.65 15.22 43.90
N ILE A 26 -4.58 15.70 44.50
CA ILE A 26 -3.48 14.84 44.84
C ILE A 26 -3.31 14.76 46.37
N LYS A 27 -2.98 13.57 46.85
CA LYS A 27 -2.68 13.37 48.27
C LYS A 27 -1.23 13.76 48.53
N ARG A 28 -1.03 14.46 49.64
CA ARG A 28 0.24 15.06 50.00
C ARG A 28 0.41 14.80 51.51
N GLN A 29 1.18 13.77 51.88
CA GLN A 29 1.28 13.33 53.30
C GLN A 29 2.05 14.30 54.20
N LEU A 30 1.42 14.80 55.24
CA LEU A 30 2.12 15.71 56.13
C LEU A 30 2.27 15.09 57.51
N GLU A 31 3.02 15.74 58.38
CA GLU A 31 3.23 15.23 59.73
C GLU A 31 1.93 15.30 60.52
N SER A 32 1.24 16.44 60.41
CA SER A 32 -0.02 16.62 61.12
C SER A 32 -1.11 15.72 60.56
N GLY A 33 -0.96 15.35 59.29
CA GLY A 33 -1.91 14.48 58.62
C GLY A 33 -1.93 14.73 57.13
N ASP A 34 -2.63 13.88 56.40
CA ASP A 34 -2.75 13.98 54.95
C ASP A 34 -3.43 15.27 54.48
N LYS A 35 -2.83 15.96 53.52
CA LYS A 35 -3.50 17.10 52.91
C LYS A 35 -3.85 16.78 51.47
N PHE A 36 -5.09 17.02 51.06
CA PHE A 36 -5.49 16.78 49.69
C PHE A 36 -5.56 18.10 48.97
N ILE A 37 -4.82 18.26 47.88
CA ILE A 37 -4.89 19.53 47.19
C ILE A 37 -5.39 19.40 45.77
N ARG A 38 -6.33 20.27 45.44
CA ARG A 38 -6.99 20.33 44.14
C ARG A 38 -6.06 20.97 43.15
N VAL A 39 -6.02 20.37 41.96
CA VAL A 39 -5.22 20.88 40.85
C VAL A 39 -6.00 21.90 40.01
N PRO A 40 -5.57 23.18 40.07
CA PRO A 40 -6.14 24.32 39.37
C PRO A 40 -5.94 24.23 37.88
N ILE A 41 -6.97 24.57 37.11
CA ILE A 41 -6.91 24.40 35.66
C ILE A 41 -7.13 25.70 34.89
N THR A 42 -6.32 25.96 33.89
CA THR A 42 -6.50 27.16 33.07
C THR A 42 -6.76 26.84 31.61
N TYR A 43 -7.33 27.80 30.91
CA TYR A 43 -7.57 27.68 29.47
C TYR A 43 -6.82 28.78 28.74
N ALA A 44 -5.78 28.37 28.00
CA ALA A 44 -4.87 29.33 27.39
C ALA A 44 -4.00 28.69 26.33
N SER A 45 -3.51 29.52 25.42
CA SER A 45 -2.51 29.07 24.47
C SER A 45 -1.30 28.55 25.28
N LYS A 46 -0.67 27.49 24.79
CA LYS A 46 0.38 26.85 25.58
C LYS A 46 1.53 27.82 25.81
N GLU A 47 1.92 28.51 24.76
CA GLU A 47 2.99 29.50 24.86
C GLU A 47 2.68 30.53 25.94
N HIS A 48 1.48 31.08 25.86
CA HIS A 48 0.98 32.05 26.82
C HIS A 48 1.11 31.51 28.24
N PHE A 49 0.49 30.35 28.45
CA PHE A 49 0.49 29.71 29.77
C PHE A 49 1.89 29.55 30.33
N MET A 50 2.83 29.12 29.48
CA MET A 50 4.18 28.87 29.91
C MET A 50 4.90 30.19 30.25
N MET A 51 4.61 31.24 29.50
CA MET A 51 5.14 32.56 29.83
C MET A 51 4.72 32.99 31.23
N LYS A 52 3.42 33.02 31.45
CA LYS A 52 2.88 33.44 32.74
C LYS A 52 3.35 32.51 33.88
N LEU A 53 3.55 31.23 33.54
CA LEU A 53 4.03 30.26 34.52
C LEU A 53 5.47 30.53 34.92
N ASN A 54 6.26 31.00 33.97
CA ASN A 54 7.63 31.39 34.29
C ASN A 54 7.62 32.67 35.11
N LYS A 55 6.60 33.49 34.87
CA LYS A 55 6.45 34.75 35.62
C LYS A 55 6.05 34.54 37.06
N TRP A 56 5.15 33.59 37.31
CA TRP A 56 4.68 33.29 38.67
C TRP A 56 5.76 32.64 39.48
N THR A 57 6.51 31.76 38.83
CA THR A 57 7.50 30.92 39.49
C THR A 57 8.80 31.70 39.77
N SER A 58 8.89 32.93 39.31
CA SER A 58 10.09 33.73 39.53
C SER A 58 10.17 34.36 40.94
N ILE A 59 11.30 34.12 41.62
CA ILE A 59 11.53 34.67 42.94
C ILE A 59 12.10 36.09 42.86
N ASN A 60 11.23 37.07 42.99
CA ASN A 60 11.62 38.47 42.98
C ASN A 60 11.90 39.01 44.39
N SER A 61 11.18 38.49 45.39
CA SER A 61 11.43 38.94 46.76
C SER A 61 11.40 37.75 47.70
N GLN A 62 11.43 38.01 49.00
CA GLN A 62 11.55 36.92 49.97
C GLN A 62 10.22 36.22 50.20
N GLU A 63 9.13 36.97 50.09
CA GLU A 63 7.78 36.44 50.26
C GLU A 63 7.43 35.49 49.11
N ASP A 64 8.20 35.59 48.04
CA ASP A 64 8.03 34.72 46.89
C ASP A 64 8.56 33.33 47.17
N VAL A 65 9.69 33.24 47.88
CA VAL A 65 10.32 31.95 48.17
C VAL A 65 9.33 30.86 48.61
N ALA A 66 8.48 31.15 49.58
CA ALA A 66 7.46 30.19 49.99
C ALA A 66 6.35 30.05 48.96
N LYS A 67 5.65 31.16 48.70
CA LYS A 67 4.58 31.27 47.70
C LYS A 67 4.78 30.52 46.38
N VAL A 68 6.05 30.32 46.02
CA VAL A 68 6.40 29.76 44.73
C VAL A 68 6.09 28.26 44.59
N GLU A 69 6.19 27.50 45.69
CA GLU A 69 5.97 26.06 45.61
C GLU A 69 4.50 25.67 45.78
N THR A 70 3.61 26.65 45.67
CA THR A 70 2.19 26.37 45.69
C THR A 70 1.62 26.44 44.28
N ILE A 71 2.37 27.09 43.40
CA ILE A 71 1.96 27.26 42.01
C ILE A 71 1.83 25.91 41.30
N LEU A 72 2.86 25.06 41.37
CA LEU A 72 2.68 23.70 40.85
C LEU A 72 2.09 22.82 41.95
N PRO A 73 1.25 21.85 41.56
CA PRO A 73 0.90 21.37 40.22
C PRO A 73 -0.22 22.15 39.56
N ARG A 74 -0.24 22.16 38.23
CA ARG A 74 -1.44 22.66 37.55
C ARG A 74 -1.64 22.01 36.20
N ILE A 75 -2.78 22.33 35.62
CA ILE A 75 -3.16 21.81 34.32
C ILE A 75 -3.56 22.99 33.46
N ASN A 76 -3.02 23.03 32.25
CA ASN A 76 -3.43 24.03 31.27
C ASN A 76 -4.17 23.35 30.15
N LEU A 77 -5.27 23.94 29.67
CA LEU A 77 -6.04 23.33 28.59
C LEU A 77 -6.17 24.24 27.38
N HIS A 78 -6.08 23.69 26.17
CA HIS A 78 -6.35 24.52 24.99
C HIS A 78 -6.81 23.75 23.76
N LEU A 79 -7.61 24.42 22.94
CA LEU A 79 -7.97 23.93 21.61
C LEU A 79 -6.78 24.20 20.67
N VAL A 80 -6.44 23.20 19.86
CA VAL A 80 -5.24 23.25 18.99
C VAL A 80 -5.57 22.87 17.56
N ASP A 81 -6.73 22.23 17.38
CA ASP A 81 -7.21 21.90 16.04
C ASP A 81 -8.71 21.54 15.99
N PHE A 82 -9.32 21.72 14.82
CA PHE A 82 -10.68 21.25 14.56
C PHE A 82 -10.88 21.00 13.08
N SER A 83 -11.83 20.16 12.70
CA SER A 83 -12.08 19.86 11.30
C SER A 83 -13.47 19.28 11.16
N TYR A 84 -14.04 19.24 9.98
CA TYR A 84 -15.33 18.59 9.80
C TYR A 84 -15.22 17.08 10.07
N ASN A 85 -16.22 16.50 10.73
CA ASN A 85 -16.16 15.10 11.19
C ASN A 85 -16.98 14.11 10.35
N ALA A 86 -16.46 13.81 9.17
CA ALA A 86 -17.10 12.95 8.17
C ALA A 86 -17.51 11.57 8.70
N PRO A 87 -18.82 11.27 8.62
CA PRO A 87 -19.34 9.98 9.09
C PRO A 87 -18.99 8.85 8.13
N VAL A 105 -33.24 20.54 6.74
CA VAL A 105 -32.43 20.91 5.59
C VAL A 105 -31.37 21.98 5.91
N VAL A 106 -31.75 22.97 6.71
CA VAL A 106 -30.81 24.02 7.10
C VAL A 106 -29.93 23.48 8.22
N SER A 107 -29.09 24.32 8.82
CA SER A 107 -28.14 23.82 9.79
C SER A 107 -28.17 24.58 11.13
N GLN A 108 -28.72 23.86 12.13
CA GLN A 108 -28.54 24.06 13.56
C GLN A 108 -29.63 23.30 14.31
N TYR A 109 -29.21 22.21 14.96
CA TYR A 109 -30.12 21.20 15.55
C TYR A 109 -31.36 20.90 14.70
N ASN A 110 -31.24 20.14 13.59
CA ASN A 110 -30.02 19.42 13.17
C ASN A 110 -28.74 20.25 12.92
N PRO A 111 -27.65 19.89 13.61
CA PRO A 111 -26.39 20.63 13.56
C PRO A 111 -25.29 19.79 12.93
N SER A 112 -24.09 20.37 12.88
CA SER A 112 -23.00 19.80 12.10
C SER A 112 -22.00 19.03 12.95
N PRO A 113 -21.66 17.80 12.53
CA PRO A 113 -20.69 16.98 13.26
C PRO A 113 -19.30 17.55 13.09
N ILE A 114 -18.75 18.07 14.18
CA ILE A 114 -17.44 18.69 14.16
C ILE A 114 -16.52 17.84 15.01
N LYS A 115 -15.23 18.05 14.88
CA LYS A 115 -14.27 17.30 15.67
C LYS A 115 -13.20 18.26 16.14
N MET A 116 -12.96 18.30 17.44
CA MET A 116 -12.13 19.31 18.08
C MET A 116 -10.94 18.70 18.84
N ILE A 117 -9.78 19.30 18.71
CA ILE A 117 -8.56 18.69 19.28
C ILE A 117 -8.06 19.49 20.47
N TYR A 118 -7.94 18.85 21.61
CA TYR A 118 -7.55 19.54 22.83
C TYR A 118 -6.23 19.02 23.39
N GLU A 119 -5.36 19.95 23.76
CA GLU A 119 -4.15 19.64 24.48
C GLU A 119 -4.34 19.93 25.97
N LEU A 120 -4.26 18.86 26.77
CA LEU A 120 -4.40 18.91 28.21
C LEU A 120 -3.00 18.79 28.79
N SER A 121 -2.46 19.85 29.36
CA SER A 121 -1.05 19.83 29.77
C SER A 121 -0.82 19.88 31.28
N ILE A 122 -0.37 18.75 31.84
CA ILE A 122 -0.11 18.62 33.26
C ILE A 122 1.34 18.95 33.62
N PHE A 123 1.50 19.89 34.54
CA PHE A 123 2.82 20.36 34.99
C PHE A 123 2.92 20.12 36.48
N THR A 124 4.11 19.73 36.93
CA THR A 124 4.26 19.15 38.24
C THR A 124 5.71 19.21 38.74
N ARG A 125 5.91 19.46 40.02
CA ARG A 125 7.27 19.48 40.52
C ARG A 125 7.79 18.11 40.89
N TYR A 126 6.87 17.17 41.11
CA TYR A 126 7.19 15.84 41.57
C TYR A 126 6.60 14.70 40.72
N GLU A 127 7.43 13.76 40.32
CA GLU A 127 6.96 12.55 39.65
C GLU A 127 5.71 11.95 40.30
N ASP A 128 5.67 11.98 41.63
CA ASP A 128 4.56 11.44 42.43
C ASP A 128 3.25 12.18 42.17
N ASP A 129 3.31 13.51 42.25
CA ASP A 129 2.18 14.35 41.85
C ASP A 129 1.63 13.94 40.46
N MET A 130 2.53 13.81 39.47
CA MET A 130 2.13 13.44 38.13
C MET A 130 1.44 12.09 38.11
N PHE A 131 2.05 11.11 38.76
CA PHE A 131 1.51 9.74 38.80
C PHE A 131 0.07 9.73 39.33
N GLN A 132 -0.14 10.50 40.40
CA GLN A 132 -1.46 10.59 41.00
C GLN A 132 -2.48 11.13 40.01
N ILE A 133 -2.19 12.34 39.50
CA ILE A 133 -3.08 13.00 38.56
C ILE A 133 -3.44 12.10 37.37
N VAL A 134 -2.41 11.64 36.68
CA VAL A 134 -2.62 10.88 35.44
C VAL A 134 -3.33 9.59 35.72
N GLU A 135 -3.06 8.99 36.87
CA GLU A 135 -3.80 7.80 37.26
C GLU A 135 -5.29 8.14 37.41
N GLN A 136 -5.60 9.39 37.73
CA GLN A 136 -7.02 9.81 37.79
C GLN A 136 -7.62 10.18 36.46
N ILE A 137 -6.80 10.45 35.46
CA ILE A 137 -7.31 10.72 34.09
C ILE A 137 -7.38 9.46 33.23
N LEU A 138 -6.20 8.90 32.97
CA LEU A 138 -5.99 7.78 32.05
C LEU A 138 -6.95 6.56 31.98
N PRO A 139 -7.44 6.06 33.13
CA PRO A 139 -8.21 4.83 33.01
C PRO A 139 -9.60 5.01 32.40
N TYR A 140 -10.11 6.23 32.36
CA TYR A 140 -11.45 6.47 31.84
C TYR A 140 -11.51 6.62 30.29
N PHE A 141 -10.40 6.37 29.61
CA PHE A 141 -10.37 6.50 28.17
C PHE A 141 -9.89 5.22 27.50
N GLN A 142 -10.80 4.40 26.99
CA GLN A 142 -10.43 3.06 26.54
C GLN A 142 -10.76 2.70 25.08
N PRO A 143 -10.22 3.42 24.09
CA PRO A 143 -9.40 4.65 24.20
C PRO A 143 -10.33 5.84 24.33
N HIS A 144 -11.63 5.57 24.31
CA HIS A 144 -12.64 6.60 24.27
C HIS A 144 -13.48 6.62 25.54
N PHE A 145 -14.11 7.77 25.77
CA PHE A 145 -14.99 7.99 26.91
C PHE A 145 -16.24 8.67 26.34
N ASN A 146 -17.40 8.04 26.52
CA ASN A 146 -18.66 8.58 26.04
C ASN A 146 -19.26 9.51 27.07
N THR A 147 -19.93 10.56 26.60
CA THR A 147 -20.75 11.39 27.47
C THR A 147 -21.98 11.97 26.74
N THR A 148 -23.14 11.87 27.37
CA THR A 148 -24.34 12.46 26.78
C THR A 148 -24.48 13.88 27.29
N MET A 149 -24.60 14.83 26.38
CA MET A 149 -24.74 16.22 26.79
C MET A 149 -26.12 16.77 26.49
N TYR A 150 -26.69 17.52 27.44
CA TYR A 150 -28.01 18.09 27.27
C TYR A 150 -28.03 19.59 27.24
N GLU A 151 -28.38 20.13 26.09
CA GLU A 151 -28.45 21.57 25.98
C GLU A 151 -29.89 22.00 25.74
N GLN A 152 -30.47 22.68 26.74
CA GLN A 152 -31.84 23.15 26.65
C GLN A 152 -31.90 24.64 26.32
N PHE A 153 -32.81 24.98 25.40
CA PHE A 153 -32.93 26.36 24.92
C PHE A 153 -34.14 27.09 25.54
N GLY A 154 -33.86 28.04 26.44
CA GLY A 154 -34.94 28.71 27.14
C GLY A 154 -35.67 27.67 27.95
N ASN A 155 -36.82 27.23 27.45
CA ASN A 155 -37.62 26.22 28.14
C ASN A 155 -38.08 25.04 27.28
N ASP A 156 -37.57 24.96 26.04
CA ASP A 156 -37.99 23.89 25.13
C ASP A 156 -37.49 22.54 25.66
N ILE A 157 -37.79 21.47 24.95
CA ILE A 157 -37.24 20.16 25.29
C ILE A 157 -35.74 20.19 25.04
N PRO A 158 -34.95 19.71 26.03
CA PRO A 158 -33.51 19.81 25.83
C PRO A 158 -33.07 18.99 24.61
N PHE A 159 -31.93 19.36 24.06
CA PHE A 159 -31.33 18.61 22.97
C PHE A 159 -30.33 17.65 23.54
N LYS A 160 -30.25 16.50 22.88
CA LYS A 160 -29.36 15.42 23.28
C LYS A 160 -28.20 15.26 22.29
N ARG A 161 -27.01 15.73 22.66
CA ARG A 161 -25.84 15.61 21.80
C ARG A 161 -24.91 14.55 22.32
N ASP A 162 -24.62 13.53 21.51
CA ASP A 162 -23.69 12.47 21.88
C ASP A 162 -22.26 12.92 21.69
N ILE A 163 -21.52 12.99 22.79
CA ILE A 163 -20.16 13.50 22.75
C ILE A 163 -19.18 12.37 23.05
N LYS A 164 -18.36 12.01 22.07
CA LYS A 164 -17.31 11.02 22.23
C LYS A 164 -15.97 11.70 22.39
N ILE A 165 -15.30 11.47 23.51
CA ILE A 165 -13.97 12.01 23.70
C ILE A 165 -12.91 10.90 23.62
N VAL A 166 -11.98 11.01 22.67
CA VAL A 166 -11.01 9.94 22.47
C VAL A 166 -9.60 10.37 22.87
N LEU A 167 -8.94 9.57 23.70
CA LEU A 167 -7.55 9.84 24.05
C LEU A 167 -6.68 9.46 22.87
N MET A 168 -6.02 10.44 22.27
CA MET A 168 -5.29 10.21 21.04
C MET A 168 -3.82 9.84 21.23
N SER A 169 -3.12 10.56 22.10
CA SER A 169 -1.71 10.33 22.33
C SER A 169 -1.24 11.07 23.59
N ALA A 170 -0.03 10.72 24.08
CA ALA A 170 0.51 11.36 25.27
C ALA A 170 1.92 11.81 24.98
N ALA A 171 2.45 12.79 25.69
CA ALA A 171 3.83 13.28 25.45
C ALA A 171 4.56 13.68 26.73
N ILE A 172 5.69 13.03 27.01
CA ILE A 172 6.43 13.24 28.26
C ILE A 172 7.69 14.10 28.08
N ASP A 173 7.87 15.11 28.93
CA ASP A 173 9.03 16.02 28.85
C ASP A 173 9.46 16.66 30.18
N GLU A 174 10.64 17.26 30.19
CA GLU A 174 11.07 18.03 31.36
C GLU A 174 11.44 19.49 31.06
N ALA A 175 12.07 20.14 32.04
CA ALA A 175 12.59 21.51 31.93
C ALA A 175 13.33 21.84 33.22
N ILE A 176 14.65 21.59 33.22
CA ILE A 176 15.43 21.51 34.45
C ILE A 176 16.12 22.82 34.86
N ASP A 177 16.59 22.85 36.11
CA ASP A 177 17.51 23.89 36.62
C ASP A 177 18.12 23.51 37.98
N GLY A 178 19.13 22.65 37.94
CA GLY A 178 19.80 22.21 39.16
C GLY A 178 19.25 20.92 39.70
N ARG A 183 15.04 21.89 40.19
CA ARG A 183 14.77 20.46 40.06
C ARG A 183 14.52 19.90 38.64
N ARG A 184 13.60 20.45 37.84
CA ARG A 184 12.74 21.59 38.18
C ARG A 184 11.25 21.34 37.92
N ARG A 185 10.92 20.97 36.68
CA ARG A 185 9.52 20.94 36.28
C ARG A 185 9.12 19.84 35.27
N ILE A 186 8.19 18.97 35.65
CA ILE A 186 7.75 17.87 34.78
C ILE A 186 6.54 18.30 33.95
N GLU A 187 6.54 17.98 32.66
CA GLU A 187 5.41 18.29 31.78
C GLU A 187 4.96 17.09 30.94
N TRP A 188 3.76 16.60 31.22
CA TRP A 188 3.13 15.56 30.41
C TRP A 188 1.91 16.14 29.72
N SER A 189 1.74 15.87 28.43
CA SER A 189 0.58 16.40 27.71
C SER A 189 -0.29 15.30 27.10
N LEU A 190 -1.58 15.32 27.40
CA LEU A 190 -2.53 14.42 26.73
C LEU A 190 -3.20 15.15 25.54
N THR A 191 -3.45 14.44 24.45
CA THR A 191 -4.14 15.01 23.32
C THR A 191 -5.45 14.27 23.19
N PHE A 192 -6.53 15.02 23.07
CA PHE A 192 -7.86 14.46 23.06
C PHE A 192 -8.66 14.90 21.86
N GLU A 193 -9.36 13.95 21.25
CA GLU A 193 -10.27 14.24 20.18
C GLU A 193 -11.70 14.22 20.68
N VAL A 194 -12.34 15.40 20.71
CA VAL A 194 -13.75 15.49 21.07
C VAL A 194 -14.55 15.40 19.79
N ASN A 195 -15.46 14.44 19.72
CA ASN A 195 -16.36 14.35 18.57
C ASN A 195 -17.69 15.02 18.89
N GLY A 196 -17.83 16.28 18.50
CA GLY A 196 -18.95 17.08 18.95
C GLY A 196 -19.82 17.71 17.88
N TRP A 197 -20.45 18.83 18.23
CA TRP A 197 -21.46 19.44 17.39
C TRP A 197 -21.39 20.96 17.31
N MET A 198 -21.40 21.48 16.10
CA MET A 198 -21.33 22.90 15.84
C MET A 198 -22.62 23.37 15.17
N TYR A 199 -22.99 24.63 15.44
CA TYR A 199 -24.10 25.26 14.74
C TYR A 199 -23.94 26.77 14.83
N PRO A 200 -24.59 27.55 13.95
CA PRO A 200 -24.45 29.01 14.05
C PRO A 200 -24.87 29.56 15.43
N PRO A 201 -24.26 30.70 15.85
CA PRO A 201 -24.45 31.32 17.16
C PRO A 201 -25.90 31.64 17.44
N VAL A 202 -26.36 31.29 18.62
CA VAL A 202 -27.68 31.66 19.06
C VAL A 202 -27.55 32.76 20.10
N ASP A 203 -27.93 33.98 19.72
CA ASP A 203 -27.71 35.16 20.55
C ASP A 203 -28.06 34.95 22.02
N ASP A 204 -27.22 35.49 22.89
CA ASP A 204 -27.42 35.38 24.31
C ASP A 204 -28.73 36.10 24.69
N ALA A 205 -29.13 37.06 23.85
CA ALA A 205 -30.38 37.82 24.07
C ALA A 205 -31.63 36.98 23.80
N GLU A 206 -31.47 35.91 23.04
CA GLU A 206 -32.55 34.97 22.75
C GLU A 206 -32.72 33.96 23.89
N GLY A 207 -31.89 34.10 24.92
CA GLY A 207 -31.99 33.25 26.10
C GLY A 207 -30.79 32.36 26.31
N LEU A 208 -30.35 32.22 27.56
CA LEU A 208 -29.15 31.43 27.91
C LEU A 208 -29.38 29.93 27.86
N ILE A 209 -28.44 29.24 27.24
CA ILE A 209 -28.56 27.81 27.05
C ILE A 209 -28.26 27.11 28.38
N ARG A 210 -29.05 26.11 28.74
CA ARG A 210 -28.83 25.33 29.96
C ARG A 210 -28.15 24.00 29.61
N THR A 211 -27.04 23.66 30.25
CA THR A 211 -26.28 22.49 29.83
C THR A 211 -25.95 21.53 30.96
N THR A 212 -26.25 20.25 30.73
CA THR A 212 -25.83 19.17 31.64
C THR A 212 -24.98 18.12 30.89
N TYR A 213 -24.30 17.26 31.64
CA TYR A 213 -23.50 16.19 31.03
C TYR A 213 -23.20 15.06 32.02
N THR A 214 -22.73 13.94 31.49
CA THR A 214 -22.39 12.80 32.32
C THR A 214 -20.88 12.75 32.56
N ASP A 215 -20.47 12.75 33.81
CA ASP A 215 -19.03 12.79 34.11
C ASP A 215 -18.41 11.42 33.97
N PHE A 216 -17.19 11.27 34.47
CA PHE A 216 -16.44 10.03 34.31
C PHE A 216 -17.10 8.82 34.98
N HIS A 217 -18.10 9.06 35.81
CA HIS A 217 -18.82 8.00 36.49
C HIS A 217 -20.29 7.97 36.09
N ALA A 218 -20.61 8.57 34.94
CA ALA A 218 -21.97 8.65 34.43
C ALA A 218 -22.90 9.43 35.35
N ASN A 219 -22.31 10.18 36.27
CA ASN A 219 -23.08 11.04 37.14
C ASN A 219 -23.36 12.37 36.50
N THR A 220 -24.63 12.73 36.45
CA THR A 220 -25.11 13.86 35.68
C THR A 220 -24.91 15.21 36.37
N ARG A 221 -23.75 15.84 36.12
CA ARG A 221 -23.53 17.19 36.63
C ARG A 221 -24.04 18.15 35.60
N ASP A 222 -24.34 19.39 35.99
CA ASP A 222 -24.67 20.39 34.99
C ASP A 222 -23.54 21.40 34.84
N LEU A 223 -23.30 21.81 33.60
CA LEU A 223 -22.15 22.62 33.21
C LEU A 223 -22.05 23.95 33.94
N PRO A 224 -20.99 24.09 34.76
CA PRO A 224 -20.75 25.33 35.50
C PRO A 224 -20.37 26.39 34.51
N ASP A 225 -20.60 27.67 34.83
CA ASP A 225 -20.17 28.76 33.96
C ASP A 225 -18.65 28.77 33.83
N GLY A 226 -18.14 29.27 32.70
CA GLY A 226 -16.71 29.29 32.43
C GLY A 226 -15.89 29.78 33.62
N GLU A 227 -16.27 30.96 34.10
CA GLU A 227 -15.59 31.61 35.21
C GLU A 227 -15.42 30.72 36.45
N GLY A 228 -16.21 29.65 36.54
CA GLY A 228 -16.16 28.77 37.70
C GLY A 228 -15.15 27.65 37.60
N VAL A 229 -14.90 27.19 36.38
CA VAL A 229 -14.01 26.05 36.15
C VAL A 229 -12.54 26.44 36.07
N PHE A 230 -12.23 27.46 35.30
CA PHE A 230 -10.86 27.84 35.03
C PHE A 230 -10.41 28.98 35.90
N GLU A 231 -9.28 28.81 36.55
CA GLU A 231 -8.63 29.92 37.21
C GLU A 231 -8.16 30.84 36.10
N SER A 232 -8.13 32.14 36.34
CA SER A 232 -7.78 33.06 35.25
C SER A 232 -6.28 33.14 35.08
N VAL A 233 -5.84 32.93 33.85
CA VAL A 233 -4.44 33.11 33.53
C VAL A 233 -4.12 34.61 33.59
N ASP A 234 -5.12 35.43 33.33
CA ASP A 234 -4.98 36.88 33.38
C ASP A 234 -5.09 37.40 34.82
N GLY B 3 5.56 9.61 51.90
CA GLY B 3 5.68 10.79 51.09
C GLY B 3 5.56 10.49 49.60
N TYR B 4 4.78 9.47 49.27
CA TYR B 4 4.49 9.14 47.90
C TYR B 4 3.33 8.18 47.87
N PHE B 5 2.54 8.24 46.80
CA PHE B 5 1.41 7.33 46.65
C PHE B 5 1.89 5.90 46.40
N TYR B 6 1.99 5.13 47.48
CA TYR B 6 2.56 3.79 47.48
C TYR B 6 1.92 2.84 46.46
N ASN B 7 0.59 2.89 46.32
CA ASN B 7 -0.12 1.97 45.44
C ASN B 7 -0.22 2.46 43.97
N SER B 8 0.46 3.56 43.68
CA SER B 8 0.56 4.07 42.33
C SER B 8 0.83 2.98 41.31
N SER B 9 0.00 2.90 40.27
CA SER B 9 0.19 1.94 39.20
C SER B 9 1.49 2.21 38.41
N PHE B 10 1.75 3.49 38.18
CA PHE B 10 2.96 3.88 37.47
C PHE B 10 4.13 3.45 38.32
N ARG B 11 4.08 3.75 39.62
CA ARG B 11 5.15 3.33 40.53
C ARG B 11 5.42 1.82 40.48
N ARG B 12 4.36 1.01 40.47
CA ARG B 12 4.54 -0.44 40.44
C ARG B 12 5.23 -0.89 39.16
N TYR B 13 4.79 -0.38 38.02
CA TYR B 13 5.47 -0.80 36.80
C TYR B 13 6.96 -0.36 36.76
N ALA B 14 7.22 0.87 37.22
CA ALA B 14 8.59 1.36 37.33
C ALA B 14 9.46 0.46 38.18
N THR B 15 8.91 -0.05 39.26
CA THR B 15 9.68 -0.87 40.18
C THR B 15 9.87 -2.30 39.67
N LEU B 16 8.82 -2.86 39.09
CA LEU B 16 8.91 -4.16 38.48
C LEU B 16 10.04 -4.16 37.46
N MET B 17 9.97 -3.21 36.51
CA MET B 17 11.03 -3.08 35.52
C MET B 17 12.39 -2.90 36.19
N GLY B 18 12.50 -1.97 37.14
CA GLY B 18 13.81 -1.79 37.77
C GLY B 18 14.36 -3.06 38.43
N ASP B 19 13.47 -3.90 38.94
CA ASP B 19 13.88 -5.01 39.78
C ASP B 19 14.23 -6.22 38.93
N LEU B 20 13.61 -6.33 37.76
CA LEU B 20 14.03 -7.35 36.82
C LEU B 20 15.52 -7.15 36.48
N PHE B 21 15.91 -5.87 36.45
CA PHE B 21 17.25 -5.46 36.10
C PHE B 21 18.05 -4.96 37.31
N SER B 22 17.65 -5.38 38.49
CA SER B 22 18.33 -4.89 39.70
C SER B 22 19.54 -5.74 40.05
N ASN B 23 19.45 -7.01 39.67
CA ASN B 23 20.33 -8.06 40.11
C ASN B 23 21.24 -8.54 38.97
N ILE B 24 22.13 -7.64 38.53
CA ILE B 24 23.04 -7.91 37.43
C ILE B 24 24.47 -7.59 37.82
N GLN B 25 25.37 -8.54 37.69
CA GLN B 25 26.75 -8.27 38.08
C GLN B 25 27.70 -8.45 36.92
N ILE B 26 28.83 -7.76 36.97
CA ILE B 26 29.89 -8.02 36.00
C ILE B 26 31.12 -8.55 36.72
N LYS B 27 31.80 -9.50 36.08
CA LYS B 27 33.05 -10.01 36.60
C LYS B 27 34.16 -9.05 36.18
N ARG B 28 35.07 -8.78 37.10
CA ARG B 28 36.14 -7.81 36.96
C ARG B 28 37.38 -8.47 37.55
N GLN B 29 38.23 -9.03 36.69
CA GLN B 29 39.36 -9.84 37.17
C GLN B 29 40.53 -9.05 37.76
N LEU B 30 40.88 -9.35 39.00
CA LEU B 30 42.05 -8.74 39.64
C LEU B 30 43.10 -9.81 39.97
N GLU B 31 44.28 -9.35 40.40
CA GLU B 31 45.37 -10.26 40.73
C GLU B 31 45.04 -11.06 41.98
N SER B 32 44.50 -10.38 43.01
CA SER B 32 44.17 -11.05 44.25
C SER B 32 43.05 -12.06 44.03
N GLY B 33 42.24 -11.81 43.00
CA GLY B 33 41.15 -12.69 42.63
C GLY B 33 40.04 -11.92 41.94
N ASP B 34 39.09 -12.65 41.34
CA ASP B 34 37.96 -12.05 40.63
C ASP B 34 37.05 -11.25 41.55
N LYS B 35 36.68 -10.04 41.14
CA LYS B 35 35.69 -9.27 41.89
C LYS B 35 34.41 -9.14 41.08
N PHE B 36 33.26 -9.41 41.69
CA PHE B 36 31.98 -9.28 41.01
C PHE B 36 31.31 -7.99 41.47
N ILE B 37 30.96 -7.11 40.55
CA ILE B 37 30.30 -5.88 40.99
C ILE B 37 28.90 -5.72 40.45
N ARG B 38 27.99 -5.34 41.35
CA ARG B 38 26.59 -5.11 41.02
C ARG B 38 26.43 -3.79 40.29
N VAL B 39 25.60 -3.79 39.25
CA VAL B 39 25.29 -2.59 38.50
C VAL B 39 24.12 -1.85 39.15
N PRO B 40 24.39 -0.67 39.73
CA PRO B 40 23.41 0.21 40.38
C PRO B 40 22.41 0.82 39.41
N ILE B 41 21.14 0.83 39.77
CA ILE B 41 20.11 1.27 38.83
C ILE B 41 19.34 2.46 39.35
N THR B 42 19.11 3.46 38.51
CA THR B 42 18.31 4.63 38.87
C THR B 42 17.11 4.89 37.97
N TYR B 43 16.14 5.64 38.49
CA TYR B 43 14.95 6.01 37.75
C TYR B 43 14.87 7.52 37.61
N ALA B 44 15.04 8.01 36.40
CA ALA B 44 15.17 9.44 36.18
C ALA B 44 15.01 9.81 34.72
N SER B 45 14.57 11.03 34.47
CA SER B 45 14.55 11.53 33.11
C SER B 45 16.00 11.43 32.65
N LYS B 46 16.19 11.05 31.39
CA LYS B 46 17.52 10.77 30.90
C LYS B 46 18.41 12.00 30.97
N GLU B 47 17.91 13.13 30.53
CA GLU B 47 18.67 14.39 30.54
C GLU B 47 19.21 14.65 31.94
N HIS B 48 18.32 14.54 32.91
CA HIS B 48 18.62 14.68 34.34
C HIS B 48 19.77 13.79 34.75
N PHE B 49 19.59 12.48 34.51
CA PHE B 49 20.59 11.50 34.86
C PHE B 49 21.93 11.86 34.28
N MET B 50 21.95 12.28 33.02
CA MET B 50 23.22 12.60 32.37
C MET B 50 23.85 13.85 32.97
N MET B 51 23.03 14.82 33.35
CA MET B 51 23.53 16.01 34.04
C MET B 51 24.29 15.61 35.29
N LYS B 52 23.58 14.90 36.17
CA LYS B 52 24.15 14.49 37.43
C LYS B 52 25.39 13.60 37.20
N LEU B 53 25.37 12.81 36.13
CA LEU B 53 26.46 11.90 35.80
C LEU B 53 27.71 12.67 35.35
N ASN B 54 27.49 13.78 34.65
CA ASN B 54 28.59 14.68 34.27
C ASN B 54 29.11 15.40 35.51
N LYS B 55 28.24 15.59 36.50
CA LYS B 55 28.65 16.18 37.77
C LYS B 55 29.54 15.26 38.62
N TRP B 56 29.18 13.97 38.67
CA TRP B 56 29.93 12.98 39.45
C TRP B 56 31.30 12.66 38.81
N THR B 57 31.32 12.56 37.48
CA THR B 57 32.50 12.09 36.74
C THR B 57 33.58 13.14 36.55
N SER B 58 33.28 14.38 36.95
CA SER B 58 34.22 15.48 36.79
C SER B 58 35.33 15.43 37.84
N ILE B 59 36.57 15.59 37.39
CA ILE B 59 37.74 15.54 38.27
C ILE B 59 37.98 16.85 39.01
N ASN B 60 37.37 16.97 40.20
CA ASN B 60 37.50 18.19 40.99
C ASN B 60 38.72 18.13 41.91
N SER B 61 38.99 16.94 42.46
CA SER B 61 40.16 16.75 43.31
C SER B 61 40.79 15.38 43.10
N GLN B 62 41.74 15.03 43.97
CA GLN B 62 42.42 13.74 43.96
C GLN B 62 41.59 12.71 44.73
N GLU B 63 40.81 13.17 45.71
CA GLU B 63 39.91 12.27 46.41
C GLU B 63 38.81 11.82 45.44
N ASP B 64 38.66 12.59 44.36
CA ASP B 64 37.78 12.27 43.24
C ASP B 64 38.36 11.26 42.22
N VAL B 65 39.65 11.45 41.89
CA VAL B 65 40.37 10.63 40.91
C VAL B 65 40.15 9.11 41.04
N ALA B 66 40.21 8.56 42.25
CA ALA B 66 39.90 7.15 42.46
C ALA B 66 38.41 6.88 42.28
N LYS B 67 37.61 7.47 43.17
CA LYS B 67 36.14 7.43 43.14
C LYS B 67 35.44 7.61 41.76
N VAL B 68 36.18 7.56 40.66
CA VAL B 68 35.58 7.76 39.35
C VAL B 68 35.18 6.42 38.73
N GLU B 69 36.01 5.39 38.95
CA GLU B 69 35.73 4.09 38.36
C GLU B 69 34.87 3.22 39.28
N THR B 70 34.25 3.86 40.26
CA THR B 70 33.23 3.22 41.07
C THR B 70 31.85 3.70 40.57
N ILE B 71 31.84 4.85 39.92
CA ILE B 71 30.61 5.43 39.35
C ILE B 71 30.03 4.59 38.23
N LEU B 72 30.83 4.32 37.19
CA LEU B 72 30.42 3.40 36.12
C LEU B 72 30.82 1.98 36.50
N PRO B 73 30.03 0.98 36.09
CA PRO B 73 28.90 1.01 35.16
C PRO B 73 27.62 1.34 35.86
N ARG B 74 26.67 1.91 35.13
CA ARG B 74 25.34 2.03 35.70
C ARG B 74 24.23 1.95 34.69
N ILE B 75 23.03 1.87 35.23
CA ILE B 75 21.84 1.79 34.41
C ILE B 75 20.89 2.83 34.93
N ASN B 76 20.38 3.63 34.00
CA ASN B 76 19.32 4.56 34.32
C ASN B 76 18.06 4.07 33.65
N LEU B 77 16.94 4.09 34.36
CA LEU B 77 15.69 3.62 33.79
C LEU B 77 14.67 4.75 33.75
N HIS B 78 13.89 4.86 32.68
CA HIS B 78 12.77 5.84 32.68
C HIS B 78 11.60 5.53 31.76
N LEU B 79 10.41 5.98 32.16
CA LEU B 79 9.24 5.94 31.29
C LEU B 79 9.27 7.11 30.27
N VAL B 80 8.96 6.81 29.01
CA VAL B 80 9.09 7.78 27.90
C VAL B 80 7.85 7.88 27.06
N ASP B 81 6.96 6.89 27.14
CA ASP B 81 5.66 6.96 26.47
C ASP B 81 4.65 5.96 27.04
N PHE B 82 3.36 6.23 26.84
CA PHE B 82 2.30 5.25 27.13
C PHE B 82 1.08 5.55 26.25
N SER B 83 0.24 4.56 26.02
CA SER B 83 -0.97 4.73 25.22
C SER B 83 -1.95 3.61 25.54
N TYR B 84 -3.22 3.78 25.21
CA TYR B 84 -4.19 2.70 25.42
C TYR B 84 -3.83 1.52 24.52
N ASN B 85 -4.04 0.30 25.00
CA ASN B 85 -3.60 -0.92 24.29
C ASN B 85 -4.75 -1.63 23.56
N ALA B 86 -5.15 -1.09 22.41
CA ALA B 86 -6.24 -1.68 21.62
C ALA B 86 -5.99 -3.14 21.23
N PRO B 87 -6.82 -4.06 21.74
CA PRO B 87 -6.67 -5.48 21.42
C PRO B 87 -7.22 -5.79 20.02
N VAL B 105 -19.35 -3.02 35.05
CA VAL B 105 -19.70 -1.85 34.24
C VAL B 105 -18.68 -0.71 34.35
N VAL B 106 -18.23 -0.44 35.58
CA VAL B 106 -17.20 0.58 35.83
C VAL B 106 -15.78 0.06 35.61
N SER B 107 -14.79 0.84 36.04
CA SER B 107 -13.40 0.58 35.71
C SER B 107 -12.40 0.51 36.87
N GLN B 108 -12.00 -0.72 37.21
CA GLN B 108 -10.78 -1.07 37.97
C GLN B 108 -10.87 -2.50 38.50
N TYR B 109 -10.05 -3.38 37.94
CA TYR B 109 -10.16 -4.84 38.12
C TYR B 109 -11.61 -5.32 38.16
N ASN B 110 -12.31 -5.38 37.01
CA ASN B 110 -11.76 -5.17 35.65
C ASN B 110 -11.07 -3.85 35.35
N PRO B 111 -9.80 -3.93 34.91
CA PRO B 111 -8.95 -2.77 34.69
C PRO B 111 -8.66 -2.57 33.20
N SER B 112 -7.96 -1.48 32.90
CA SER B 112 -7.80 -1.03 31.52
C SER B 112 -6.44 -1.42 30.95
N PRO B 113 -6.45 -2.04 29.75
CA PRO B 113 -5.19 -2.45 29.10
C PRO B 113 -4.40 -1.23 28.67
N ILE B 114 -3.24 -1.04 29.28
CA ILE B 114 -2.41 0.10 28.96
C ILE B 114 -1.11 -0.44 28.36
N LYS B 115 -0.35 0.44 27.75
CA LYS B 115 0.93 0.04 27.19
C LYS B 115 1.93 1.12 27.51
N MET B 116 3.03 0.73 28.15
CA MET B 116 4.01 1.66 28.70
C MET B 116 5.40 1.46 28.08
N ILE B 117 6.08 2.55 27.75
CA ILE B 117 7.35 2.48 27.02
C ILE B 117 8.51 2.91 27.89
N TYR B 118 9.50 2.04 28.04
CA TYR B 118 10.60 2.31 28.95
C TYR B 118 11.94 2.36 28.24
N GLU B 119 12.73 3.39 28.55
CA GLU B 119 14.11 3.46 28.10
C GLU B 119 15.06 3.04 29.21
N LEU B 120 15.75 1.93 28.98
CA LEU B 120 16.71 1.35 29.89
C LEU B 120 18.09 1.69 29.35
N SER B 121 18.83 2.55 30.05
CA SER B 121 20.08 3.08 29.51
C SER B 121 21.33 2.60 30.24
N ILE B 122 22.11 1.77 29.56
CA ILE B 122 23.33 1.20 30.10
C ILE B 122 24.55 2.05 29.76
N PHE B 123 25.31 2.44 30.77
CA PHE B 123 26.50 3.28 30.64
C PHE B 123 27.67 2.51 31.20
N THR B 124 28.82 2.65 30.58
CA THR B 124 29.90 1.71 30.81
C THR B 124 31.20 2.35 30.38
N ARG B 125 32.27 2.11 31.12
CA ARG B 125 33.56 2.64 30.68
C ARG B 125 34.30 1.69 29.73
N TYR B 126 33.92 0.42 29.74
CA TYR B 126 34.59 -0.61 28.95
C TYR B 126 33.61 -1.44 28.13
N GLU B 127 33.87 -1.59 26.85
CA GLU B 127 33.09 -2.48 26.00
C GLU B 127 32.79 -3.83 26.69
N ASP B 128 33.77 -4.35 27.43
CA ASP B 128 33.62 -5.65 28.10
C ASP B 128 32.48 -5.63 29.14
N ASP B 129 32.48 -4.59 29.98
CA ASP B 129 31.38 -4.35 30.91
C ASP B 129 30.00 -4.43 30.22
N MET B 130 29.88 -3.72 29.09
CA MET B 130 28.65 -3.68 28.32
C MET B 130 28.26 -5.07 27.84
N PHE B 131 29.24 -5.78 27.27
CA PHE B 131 28.98 -7.10 26.72
C PHE B 131 28.40 -7.99 27.79
N GLN B 132 29.00 -7.92 28.97
CA GLN B 132 28.55 -8.72 30.11
C GLN B 132 27.10 -8.42 30.48
N ILE B 133 26.82 -7.15 30.80
CA ILE B 133 25.47 -6.74 31.16
C ILE B 133 24.43 -7.16 30.09
N VAL B 134 24.63 -6.69 28.85
CA VAL B 134 23.64 -6.90 27.79
C VAL B 134 23.47 -8.37 27.48
N GLU B 135 24.55 -9.13 27.56
CA GLU B 135 24.43 -10.57 27.40
C GLU B 135 23.56 -11.15 28.50
N GLN B 136 23.50 -10.49 29.64
CA GLN B 136 22.58 -10.94 30.70
C GLN B 136 21.14 -10.45 30.50
N ILE B 137 20.94 -9.43 29.66
CA ILE B 137 19.57 -9.02 29.37
C ILE B 137 18.96 -9.65 28.10
N LEU B 138 19.56 -9.34 26.96
CA LEU B 138 19.09 -9.68 25.60
C LEU B 138 18.51 -11.08 25.30
N PRO B 139 19.07 -12.14 25.88
CA PRO B 139 18.54 -13.45 25.46
C PRO B 139 17.15 -13.78 25.99
N TYR B 140 16.68 -13.07 27.01
CA TYR B 140 15.37 -13.36 27.58
C TYR B 140 14.20 -12.66 26.87
N PHE B 141 14.46 -11.96 25.76
CA PHE B 141 13.39 -11.26 25.06
C PHE B 141 13.32 -11.72 23.62
N GLN B 142 12.36 -12.59 23.32
CA GLN B 142 12.35 -13.24 22.01
C GLN B 142 11.06 -13.12 21.19
N PRO B 143 10.66 -11.89 20.84
CA PRO B 143 11.24 -10.61 21.26
C PRO B 143 10.68 -10.22 22.61
N HIS B 144 9.78 -11.05 23.13
CA HIS B 144 9.04 -10.73 24.35
C HIS B 144 9.40 -11.63 25.50
N PHE B 145 9.14 -11.14 26.72
CA PHE B 145 9.34 -11.89 27.95
C PHE B 145 8.09 -11.71 28.81
N ASN B 146 7.44 -12.82 29.16
CA ASN B 146 6.22 -12.80 29.98
C ASN B 146 6.54 -12.81 31.46
N THR B 147 5.69 -12.14 32.24
CA THR B 147 5.76 -12.29 33.69
C THR B 147 4.35 -12.22 34.29
N THR B 148 4.05 -13.18 35.16
CA THR B 148 2.77 -13.17 35.85
C THR B 148 2.95 -12.39 37.14
N MET B 149 2.13 -11.37 37.32
CA MET B 149 2.23 -10.54 38.50
C MET B 149 1.02 -10.75 39.39
N TYR B 150 1.25 -10.85 40.69
CA TYR B 150 0.16 -11.04 41.65
C TYR B 150 0.04 -9.87 42.58
N GLU B 151 -1.07 -9.15 42.47
CA GLU B 151 -1.29 -7.99 43.34
C GLU B 151 -2.47 -8.22 44.27
N GLN B 152 -2.16 -8.34 45.56
CA GLN B 152 -3.16 -8.61 46.56
C GLN B 152 -3.54 -7.36 47.35
N PHE B 153 -4.85 -7.19 47.56
CA PHE B 153 -5.39 -6.04 48.27
C PHE B 153 -5.75 -6.38 49.71
N GLY B 154 -4.98 -5.87 50.67
CA GLY B 154 -5.19 -6.17 52.06
C GLY B 154 -5.04 -7.66 52.26
N ASN B 155 -6.16 -8.36 52.37
CA ASN B 155 -6.13 -9.83 52.50
C ASN B 155 -7.04 -10.57 51.54
N ASP B 156 -7.59 -9.85 50.56
CA ASP B 156 -8.46 -10.47 49.57
C ASP B 156 -7.63 -11.42 48.68
N ILE B 157 -8.29 -12.05 47.71
CA ILE B 157 -7.59 -12.87 46.72
C ILE B 157 -6.74 -11.99 45.81
N PRO B 158 -5.46 -12.37 45.63
CA PRO B 158 -4.62 -11.53 44.81
C PRO B 158 -5.15 -11.55 43.39
N PHE B 159 -4.86 -10.50 42.63
CA PHE B 159 -5.24 -10.41 41.25
C PHE B 159 -4.09 -10.92 40.40
N LYS B 160 -4.44 -11.55 39.29
CA LYS B 160 -3.48 -12.17 38.39
C LYS B 160 -3.37 -11.34 37.11
N ARG B 161 -2.33 -10.51 37.04
CA ARG B 161 -2.14 -9.67 35.87
C ARG B 161 -1.01 -10.23 35.01
N ASP B 162 -1.35 -10.63 33.80
CA ASP B 162 -0.37 -11.13 32.85
C ASP B 162 0.32 -9.97 32.17
N ILE B 163 1.63 -9.86 32.37
CA ILE B 163 2.40 -8.73 31.87
C ILE B 163 3.35 -9.16 30.77
N LYS B 164 3.16 -8.65 29.56
CA LYS B 164 4.08 -8.94 28.47
C LYS B 164 5.05 -7.79 28.28
N ILE B 165 6.34 -8.08 28.37
CA ILE B 165 7.36 -7.06 28.14
C ILE B 165 8.09 -7.30 26.80
N VAL B 166 8.03 -6.35 25.89
CA VAL B 166 8.61 -6.56 24.57
C VAL B 166 9.80 -5.61 24.28
N LEU B 167 10.91 -6.22 23.88
CA LEU B 167 12.08 -5.47 23.46
C LEU B 167 11.83 -4.93 22.09
N MET B 168 11.76 -3.61 21.98
CA MET B 168 11.38 -2.97 20.74
C MET B 168 12.56 -2.58 19.85
N SER B 169 13.61 -2.04 20.45
CA SER B 169 14.79 -1.61 19.70
C SER B 169 15.97 -1.36 20.65
N ALA B 170 17.17 -1.22 20.06
CA ALA B 170 18.38 -0.95 20.83
C ALA B 170 19.05 0.22 20.16
N ALA B 171 19.90 0.96 20.85
CA ALA B 171 20.61 2.11 20.25
C ALA B 171 22.04 2.27 20.80
N ILE B 172 23.05 2.24 19.94
CA ILE B 172 24.45 2.26 20.40
C ILE B 172 25.13 3.61 20.22
N ASP B 173 25.83 4.09 21.26
CA ASP B 173 26.47 5.41 21.20
C ASP B 173 27.71 5.57 22.07
N GLU B 174 28.45 6.66 21.84
CA GLU B 174 29.58 7.04 22.70
C GLU B 174 29.46 8.46 23.28
N ALA B 175 30.58 8.94 23.83
CA ALA B 175 30.78 10.31 24.31
C ALA B 175 32.24 10.44 24.80
N ILE B 176 33.12 10.87 23.90
CA ILE B 176 34.58 10.71 24.10
C ILE B 176 35.25 11.91 24.77
N ASP B 177 36.48 11.70 25.24
CA ASP B 177 37.37 12.75 25.71
C ASP B 177 38.81 12.21 25.87
N GLY B 178 39.52 12.10 24.75
CA GLY B 178 40.86 11.57 24.74
C GLY B 178 40.88 10.09 24.39
N ARG B 183 38.53 8.53 28.01
CA ARG B 183 38.43 7.38 27.10
C ARG B 183 37.30 7.42 26.03
N ARG B 184 36.02 7.64 26.40
CA ARG B 184 35.56 7.86 27.77
C ARG B 184 34.36 7.01 28.20
N ARG B 185 33.24 7.05 27.48
CA ARG B 185 32.01 6.45 27.99
C ARG B 185 31.07 5.82 26.95
N ILE B 186 30.76 4.54 27.12
CA ILE B 186 29.89 3.81 26.19
C ILE B 186 28.47 3.84 26.68
N GLU B 187 27.53 4.09 25.78
CA GLU B 187 26.12 4.15 26.15
C GLU B 187 25.24 3.36 25.19
N TRP B 188 24.66 2.28 25.65
CA TRP B 188 23.68 1.52 24.86
C TRP B 188 22.33 1.66 25.52
N SER B 189 21.29 1.93 24.75
CA SER B 189 19.95 2.06 25.32
C SER B 189 18.96 1.05 24.74
N LEU B 190 18.31 0.27 25.58
CA LEU B 190 17.23 -0.62 25.17
C LEU B 190 15.85 0.06 25.34
N THR B 191 14.91 -0.16 24.41
CA THR B 191 13.57 0.36 24.55
C THR B 191 12.60 -0.81 24.70
N PHE B 192 11.73 -0.70 25.69
CA PHE B 192 10.85 -1.79 26.10
C PHE B 192 9.37 -1.42 26.10
N GLU B 193 8.56 -2.31 25.55
CA GLU B 193 7.12 -2.14 25.60
C GLU B 193 6.53 -3.08 26.63
N VAL B 194 6.06 -2.51 27.74
CA VAL B 194 5.38 -3.25 28.77
C VAL B 194 3.89 -3.20 28.49
N ASN B 195 3.27 -4.35 28.31
CA ASN B 195 1.81 -4.41 28.11
C ASN B 195 1.09 -4.71 29.41
N GLY B 196 0.65 -3.67 30.10
CA GLY B 196 0.17 -3.82 31.46
C GLY B 196 -1.25 -3.35 31.67
N TRP B 197 -1.54 -2.94 32.90
CA TRP B 197 -2.90 -2.64 33.32
C TRP B 197 -2.97 -1.39 34.19
N MET B 198 -3.92 -0.52 33.87
CA MET B 198 -4.14 0.72 34.59
C MET B 198 -5.53 0.71 35.25
N TYR B 199 -5.65 1.36 36.41
CA TYR B 199 -6.94 1.58 37.08
C TYR B 199 -6.85 2.80 38.01
N PRO B 200 -7.99 3.39 38.37
CA PRO B 200 -7.93 4.54 39.29
C PRO B 200 -7.23 4.23 40.63
N PRO B 201 -6.62 5.25 41.26
CA PRO B 201 -5.79 5.13 42.47
C PRO B 201 -6.57 4.50 43.59
N VAL B 202 -5.96 3.56 44.29
CA VAL B 202 -6.54 2.98 45.48
C VAL B 202 -5.76 3.50 46.69
N ASP B 203 -6.36 4.39 47.46
CA ASP B 203 -5.70 5.07 48.56
C ASP B 203 -4.88 4.14 49.47
N ASP B 204 -3.71 4.63 49.87
CA ASP B 204 -2.83 3.89 50.74
C ASP B 204 -3.53 3.62 52.07
N ALA B 205 -4.48 4.50 52.40
CA ALA B 205 -5.21 4.38 53.68
C ALA B 205 -6.17 3.18 53.70
N GLU B 206 -6.56 2.71 52.52
CA GLU B 206 -7.42 1.55 52.36
C GLU B 206 -6.60 0.26 52.42
N GLY B 207 -5.28 0.38 52.59
CA GLY B 207 -4.39 -0.75 52.70
C GLY B 207 -3.36 -0.91 51.58
N LEU B 208 -2.12 -1.25 51.94
CA LEU B 208 -1.00 -1.37 51.01
C LEU B 208 -1.00 -2.63 50.17
N ILE B 209 -0.74 -2.45 48.88
CA ILE B 209 -0.82 -3.56 47.96
C ILE B 209 0.39 -4.48 48.10
N ARG B 210 0.13 -5.78 48.08
CA ARG B 210 1.19 -6.78 48.14
C ARG B 210 1.45 -7.22 46.71
N THR B 211 2.70 -7.19 46.26
CA THR B 211 2.97 -7.45 44.86
C THR B 211 4.05 -8.50 44.68
N THR B 212 3.78 -9.53 43.89
CA THR B 212 4.79 -10.53 43.50
C THR B 212 4.90 -10.65 41.96
N TYR B 213 5.98 -11.25 41.48
CA TYR B 213 6.15 -11.45 40.05
C TYR B 213 7.15 -12.56 39.73
N THR B 214 7.16 -13.00 38.47
CA THR B 214 8.07 -14.07 38.05
C THR B 214 9.28 -13.48 37.30
N ASP B 215 10.49 -13.77 37.77
CA ASP B 215 11.65 -13.12 37.15
C ASP B 215 12.03 -13.80 35.84
N PHE B 216 13.23 -13.51 35.35
CA PHE B 216 13.65 -14.04 34.07
C PHE B 216 13.73 -15.57 34.08
N HIS B 217 13.65 -16.14 35.29
CA HIS B 217 13.72 -17.59 35.45
C HIS B 217 12.46 -18.19 36.08
N ALA B 218 11.36 -17.44 36.01
CA ALA B 218 10.08 -17.88 36.58
C ALA B 218 10.17 -18.07 38.09
N ASN B 219 11.19 -17.50 38.71
CA ASN B 219 11.33 -17.53 40.15
C ASN B 219 10.44 -16.43 40.71
N THR B 220 9.55 -16.82 41.63
CA THR B 220 8.54 -15.89 42.10
C THR B 220 9.13 -15.00 43.18
N ARG B 221 9.71 -13.88 42.78
CA ARG B 221 10.21 -12.94 43.75
C ARG B 221 9.04 -12.06 44.08
N ASP B 222 9.04 -11.40 45.23
CA ASP B 222 7.98 -10.42 45.46
C ASP B 222 8.52 -9.00 45.36
N LEU B 223 7.73 -8.12 44.75
CA LEU B 223 8.19 -6.79 44.39
C LEU B 223 8.61 -5.93 45.59
N PRO B 224 9.90 -5.59 45.67
CA PRO B 224 10.48 -4.80 46.75
C PRO B 224 9.97 -3.39 46.69
N ASP B 225 9.98 -2.65 47.79
CA ASP B 225 9.63 -1.24 47.79
C ASP B 225 10.64 -0.49 46.92
N GLY B 226 10.19 0.62 46.33
CA GLY B 226 11.00 1.45 45.45
C GLY B 226 12.40 1.76 45.97
N GLU B 227 12.46 2.28 47.19
CA GLU B 227 13.72 2.66 47.82
C GLU B 227 14.81 1.56 47.82
N GLY B 228 14.41 0.31 47.66
CA GLY B 228 15.35 -0.81 47.71
C GLY B 228 15.96 -1.09 46.35
N VAL B 229 15.18 -0.81 45.30
CA VAL B 229 15.62 -1.15 43.96
C VAL B 229 16.49 -0.04 43.39
N PHE B 230 16.06 1.19 43.50
CA PHE B 230 16.79 2.28 42.87
C PHE B 230 17.66 3.05 43.82
N GLU B 231 18.90 3.24 43.45
CA GLU B 231 19.71 4.22 44.12
C GLU B 231 19.10 5.60 43.84
N SER B 232 19.24 6.53 44.79
CA SER B 232 18.67 7.83 44.57
C SER B 232 19.62 8.66 43.73
N VAL B 233 19.11 9.22 42.66
CA VAL B 233 19.91 10.16 41.89
C VAL B 233 20.01 11.47 42.69
N ASP B 234 19.01 11.72 43.53
CA ASP B 234 19.01 12.90 44.38
C ASP B 234 19.86 12.67 45.64
N GLY C 3 41.39 -10.16 31.88
CA GLY C 3 40.81 -8.84 31.94
C GLY C 3 39.69 -8.65 30.92
N TYR C 4 39.01 -9.74 30.58
CA TYR C 4 37.84 -9.65 29.74
C TYR C 4 37.08 -10.97 29.79
N PHE C 5 35.76 -10.89 29.65
CA PHE C 5 34.93 -12.09 29.59
C PHE C 5 35.18 -12.85 28.27
N TYR C 6 36.07 -13.83 28.33
CA TYR C 6 36.52 -14.58 27.16
C TYR C 6 35.39 -15.20 26.35
N ASN C 7 34.41 -15.77 27.04
CA ASN C 7 33.33 -16.49 26.38
C ASN C 7 32.17 -15.59 25.97
N SER C 8 32.35 -14.28 26.13
CA SER C 8 31.38 -13.31 25.64
C SER C 8 30.92 -13.65 24.25
N SER C 9 29.60 -13.71 24.04
CA SER C 9 29.02 -13.97 22.73
C SER C 9 29.31 -12.83 21.74
N PHE C 10 29.21 -11.61 22.23
CA PHE C 10 29.50 -10.43 21.41
C PHE C 10 30.95 -10.51 20.98
N ARG C 11 31.84 -10.80 21.94
CA ARG C 11 33.26 -10.95 21.61
C ARG C 11 33.49 -11.94 20.48
N ARG C 12 32.81 -13.08 20.55
CA ARG C 12 32.95 -14.11 19.53
C ARG C 12 32.52 -13.57 18.14
N TYR C 13 31.39 -12.87 18.08
CA TYR C 13 30.99 -12.31 16.77
C TYR C 13 31.94 -11.23 16.23
N ALA C 14 32.41 -10.35 17.11
CA ALA C 14 33.41 -9.34 16.76
C ALA C 14 34.68 -9.97 16.16
N THR C 15 35.09 -11.09 16.74
CA THR C 15 36.31 -11.72 16.31
C THR C 15 36.08 -12.48 15.00
N LEU C 16 34.95 -13.16 14.90
CA LEU C 16 34.61 -13.88 13.69
C LEU C 16 34.64 -12.93 12.50
N MET C 17 33.84 -11.85 12.60
CA MET C 17 33.79 -10.82 11.57
C MET C 17 35.17 -10.25 11.31
N GLY C 18 35.90 -9.91 12.37
CA GLY C 18 37.23 -9.34 12.19
C GLY C 18 38.18 -10.27 11.44
N ASP C 19 37.99 -11.56 11.62
CA ASP C 19 38.96 -12.55 11.20
C ASP C 19 38.67 -12.99 9.78
N LEU C 20 37.41 -12.91 9.39
CA LEU C 20 37.09 -13.15 7.98
C LEU C 20 37.84 -12.14 7.12
N PHE C 21 37.99 -10.93 7.64
CA PHE C 21 38.60 -9.82 6.92
C PHE C 21 39.98 -9.48 7.49
N SER C 22 40.61 -10.43 8.15
CA SER C 22 41.91 -10.20 8.76
C SER C 22 43.03 -10.44 7.76
N ASN C 23 42.75 -11.30 6.78
CA ASN C 23 43.76 -11.84 5.88
C ASN C 23 43.58 -11.33 4.44
N ILE C 24 43.77 -10.02 4.28
CA ILE C 24 43.63 -9.35 3.00
C ILE C 24 44.89 -8.56 2.73
N GLN C 25 45.50 -8.81 1.59
CA GLN C 25 46.71 -8.06 1.26
C GLN C 25 46.49 -7.28 -0.02
N ILE C 26 47.24 -6.19 -0.19
CA ILE C 26 47.24 -5.49 -1.48
C ILE C 26 48.62 -5.55 -2.12
N LYS C 27 48.64 -5.69 -3.43
CA LYS C 27 49.88 -5.71 -4.19
C LYS C 27 50.33 -4.28 -4.48
N ARG C 28 51.62 -4.03 -4.33
CA ARG C 28 52.18 -2.70 -4.39
C ARG C 28 53.49 -2.80 -5.17
N GLN C 29 53.50 -2.47 -6.46
CA GLN C 29 54.69 -2.70 -7.28
C GLN C 29 55.85 -1.75 -6.93
N LEU C 30 57.00 -2.32 -6.59
CA LEU C 30 58.20 -1.52 -6.32
C LEU C 30 59.30 -1.74 -7.36
N GLU C 31 60.39 -0.99 -7.20
CA GLU C 31 61.51 -1.05 -8.12
C GLU C 31 62.16 -2.42 -8.05
N SER C 32 62.40 -2.89 -6.82
CA SER C 32 63.02 -4.17 -6.58
C SER C 32 62.12 -5.35 -6.95
N GLY C 33 60.81 -5.13 -6.88
CA GLY C 33 59.84 -6.18 -7.16
C GLY C 33 58.53 -5.92 -6.42
N ASP C 34 57.51 -6.73 -6.69
CA ASP C 34 56.20 -6.57 -6.06
C ASP C 34 56.27 -6.72 -4.54
N LYS C 35 55.68 -5.78 -3.82
CA LYS C 35 55.54 -5.91 -2.36
C LYS C 35 54.09 -6.11 -1.98
N PHE C 36 53.82 -7.12 -1.17
CA PHE C 36 52.48 -7.41 -0.68
C PHE C 36 52.31 -6.93 0.75
N ILE C 37 51.32 -6.07 1.00
CA ILE C 37 51.13 -5.61 2.37
C ILE C 37 49.75 -5.95 2.94
N ARG C 38 49.77 -6.46 4.17
CA ARG C 38 48.53 -6.83 4.85
C ARG C 38 47.75 -5.62 5.36
N VAL C 39 46.44 -5.66 5.18
CA VAL C 39 45.56 -4.61 5.70
C VAL C 39 45.14 -4.93 7.14
N PRO C 40 45.67 -4.15 8.11
CA PRO C 40 45.44 -4.24 9.56
C PRO C 40 44.04 -3.81 9.98
N ILE C 41 43.45 -4.57 10.90
CA ILE C 41 42.05 -4.36 11.22
C ILE C 41 41.86 -4.01 12.68
N THR C 42 41.04 -3.01 12.99
CA THR C 42 40.77 -2.67 14.39
C THR C 42 39.27 -2.78 14.73
N TYR C 43 38.96 -2.92 16.01
CA TYR C 43 37.57 -2.97 16.45
C TYR C 43 37.32 -1.79 17.37
N ALA C 44 36.53 -0.85 16.92
CA ALA C 44 36.39 0.38 17.65
C ALA C 44 35.21 1.18 17.14
N SER C 45 34.69 2.06 18.00
CA SER C 45 33.67 2.98 17.57
C SER C 45 34.26 3.80 16.43
N LYS C 46 33.44 4.14 15.45
CA LYS C 46 33.97 4.83 14.27
C LYS C 46 34.54 6.20 14.63
N GLU C 47 33.79 6.97 15.39
CA GLU C 47 34.20 8.33 15.78
C GLU C 47 35.59 8.30 16.41
N HIS C 48 35.73 7.39 17.38
CA HIS C 48 36.98 7.12 18.05
C HIS C 48 38.13 6.85 17.07
N PHE C 49 37.93 5.84 16.23
CA PHE C 49 38.94 5.42 15.27
C PHE C 49 39.39 6.58 14.42
N MET C 50 38.44 7.38 13.97
CA MET C 50 38.79 8.48 13.09
C MET C 50 39.56 9.55 13.85
N MET C 51 39.21 9.76 15.12
CA MET C 51 39.97 10.69 15.94
C MET C 51 41.43 10.27 16.02
N LYS C 52 41.67 9.04 16.48
CA LYS C 52 43.04 8.51 16.60
C LYS C 52 43.77 8.49 15.25
N LEU C 53 43.02 8.27 14.18
CA LEU C 53 43.57 8.27 12.83
C LEU C 53 43.99 9.68 12.41
N ASN C 54 43.23 10.68 12.84
CA ASN C 54 43.59 12.08 12.61
C ASN C 54 44.80 12.48 13.46
N LYS C 55 44.94 11.84 14.61
CA LYS C 55 46.10 12.08 15.46
C LYS C 55 47.37 11.47 14.85
N TRP C 56 47.23 10.27 14.28
CA TRP C 56 48.37 9.58 13.67
C TRP C 56 48.80 10.23 12.34
N THR C 57 47.81 10.61 11.53
CA THR C 57 48.04 11.11 10.17
C THR C 57 48.46 12.57 10.16
N SER C 58 48.44 13.18 11.34
CA SER C 58 48.84 14.57 11.44
C SER C 58 50.35 14.63 11.33
N ILE C 59 50.84 15.47 10.42
CA ILE C 59 52.27 15.60 10.22
C ILE C 59 52.83 16.55 11.27
N ASN C 60 53.24 15.96 12.40
CA ASN C 60 53.78 16.73 13.50
C ASN C 60 55.26 16.92 13.25
N SER C 61 55.87 15.89 12.65
CA SER C 61 57.30 15.92 12.40
C SER C 61 57.84 15.23 11.13
N GLN C 62 59.17 15.08 11.06
CA GLN C 62 59.84 14.52 9.88
C GLN C 62 59.94 13.01 9.77
N GLU C 63 60.16 12.31 10.89
CA GLU C 63 60.21 10.85 10.88
C GLU C 63 58.78 10.37 10.67
N ASP C 64 57.84 11.29 10.90
CA ASP C 64 56.43 11.06 10.64
C ASP C 64 56.12 11.17 9.13
N VAL C 65 56.75 12.14 8.45
CA VAL C 65 56.56 12.38 7.02
C VAL C 65 56.54 11.10 6.18
N ALA C 66 57.51 10.22 6.44
CA ALA C 66 57.53 8.90 5.82
C ALA C 66 56.49 7.98 6.47
N LYS C 67 56.69 7.69 7.75
CA LYS C 67 55.78 6.88 8.60
C LYS C 67 54.25 7.16 8.49
N VAL C 68 53.83 7.99 7.54
CA VAL C 68 52.41 8.31 7.39
C VAL C 68 51.76 7.33 6.41
N GLU C 69 52.51 6.93 5.39
CA GLU C 69 51.99 6.03 4.37
C GLU C 69 52.16 4.56 4.75
N THR C 70 52.44 4.31 6.03
CA THR C 70 52.41 2.97 6.53
C THR C 70 51.09 2.80 7.28
N ILE C 71 50.53 3.94 7.70
CA ILE C 71 49.25 3.97 8.42
C ILE C 71 48.07 3.50 7.57
N LEU C 72 47.89 4.12 6.41
CA LEU C 72 46.86 3.67 5.47
C LEU C 72 47.51 2.61 4.60
N PRO C 73 46.74 1.62 4.14
CA PRO C 73 45.28 1.45 4.28
C PRO C 73 44.94 0.76 5.56
N ARG C 74 43.75 0.99 6.08
CA ARG C 74 43.31 0.12 7.16
C ARG C 74 41.83 -0.09 7.17
N ILE C 75 41.41 -1.01 8.02
CA ILE C 75 40.01 -1.34 8.17
C ILE C 75 39.63 -1.25 9.62
N ASN C 76 38.56 -0.52 9.91
CA ASN C 76 38.03 -0.46 11.26
C ASN C 76 36.70 -1.19 11.27
N LEU C 77 36.46 -2.02 12.29
CA LEU C 77 35.20 -2.77 12.36
C LEU C 77 34.41 -2.39 13.61
N HIS C 78 33.09 -2.28 13.53
CA HIS C 78 32.30 -2.06 14.76
C HIS C 78 30.87 -2.56 14.75
N LEU C 79 30.33 -2.90 15.92
CA LEU C 79 28.90 -3.16 16.04
C LEU C 79 28.09 -1.86 16.15
N VAL C 80 26.96 -1.81 15.46
CA VAL C 80 26.18 -0.57 15.35
C VAL C 80 24.71 -0.79 15.64
N ASP C 81 24.27 -2.04 15.56
CA ASP C 81 22.90 -2.36 15.90
C ASP C 81 22.70 -3.86 16.15
N PHE C 82 21.67 -4.21 16.91
CA PHE C 82 21.25 -5.61 17.03
C PHE C 82 19.77 -5.68 17.35
N SER C 83 19.12 -6.80 17.03
CA SER C 83 17.70 -6.94 17.34
C SER C 83 17.36 -8.41 17.39
N TYR C 84 16.22 -8.76 17.97
CA TYR C 84 15.75 -10.14 17.94
C TYR C 84 15.43 -10.51 16.49
N ASN C 85 15.76 -11.76 16.14
CA ASN C 85 15.68 -12.21 14.75
C ASN C 85 14.44 -13.05 14.47
N ALA C 86 13.29 -12.40 14.37
CA ALA C 86 12.03 -13.09 14.08
C ALA C 86 12.12 -13.89 12.79
N PRO C 87 12.01 -15.22 12.88
CA PRO C 87 12.11 -16.07 11.69
C PRO C 87 10.83 -16.02 10.87
N VAL C 105 13.75 -26.06 27.50
CA VAL C 105 12.66 -25.19 27.93
C VAL C 105 13.16 -23.78 28.29
N VAL C 106 14.30 -23.70 28.97
CA VAL C 106 14.94 -22.44 29.32
C VAL C 106 15.74 -21.94 28.11
N SER C 107 16.63 -20.96 28.31
CA SER C 107 17.34 -20.37 27.18
C SER C 107 18.87 -20.40 27.31
N GLN C 108 19.46 -21.30 26.52
CA GLN C 108 20.86 -21.29 26.05
C GLN C 108 21.24 -22.66 25.53
N TYR C 109 21.48 -22.72 24.22
CA TYR C 109 21.64 -23.97 23.48
C TYR C 109 20.65 -25.07 23.95
N ASN C 110 19.37 -24.98 23.60
CA ASN C 110 18.77 -24.01 22.66
C ASN C 110 18.89 -22.49 22.99
N PRO C 111 19.45 -21.72 22.03
CA PRO C 111 19.75 -20.32 22.24
C PRO C 111 18.87 -19.41 21.39
N SER C 112 19.09 -18.11 21.50
CA SER C 112 18.18 -17.17 20.92
C SER C 112 18.70 -16.60 19.59
N PRO C 113 17.87 -16.65 18.55
CA PRO C 113 18.29 -16.13 17.27
C PRO C 113 18.37 -14.60 17.33
N ILE C 114 19.59 -14.09 17.25
CA ILE C 114 19.82 -12.66 17.33
C ILE C 114 20.30 -12.19 15.99
N LYS C 115 20.28 -10.89 15.78
CA LYS C 115 20.72 -10.33 14.53
C LYS C 115 21.56 -9.10 14.81
N MET C 116 22.79 -9.10 14.31
CA MET C 116 23.80 -8.10 14.65
C MET C 116 24.27 -7.33 13.42
N ILE C 117 24.45 -6.02 13.57
CA ILE C 117 24.77 -5.18 12.43
C ILE C 117 26.17 -4.60 12.58
N TYR C 118 27.01 -4.84 11.58
CA TYR C 118 28.41 -4.43 11.63
C TYR C 118 28.76 -3.41 10.53
N GLU C 119 29.45 -2.35 10.93
CA GLU C 119 30.02 -1.40 9.98
C GLU C 119 31.51 -1.70 9.79
N LEU C 120 31.87 -2.06 8.55
CA LEU C 120 33.24 -2.38 8.15
C LEU C 120 33.76 -1.21 7.35
N SER C 121 34.68 -0.44 7.91
CA SER C 121 35.05 0.83 7.28
C SER C 121 36.47 0.78 6.73
N ILE C 122 36.57 0.78 5.40
CA ILE C 122 37.84 0.71 4.68
C ILE C 122 38.37 2.10 4.37
N PHE C 123 39.61 2.36 4.76
CA PHE C 123 40.27 3.64 4.55
C PHE C 123 41.53 3.44 3.72
N THR C 124 41.83 4.41 2.87
CA THR C 124 42.79 4.18 1.81
C THR C 124 43.35 5.49 1.26
N ARG C 125 44.63 5.53 0.95
CA ARG C 125 45.17 6.73 0.28
C ARG C 125 45.01 6.69 -1.24
N TYR C 126 44.85 5.50 -1.80
CA TYR C 126 44.78 5.33 -3.24
C TYR C 126 43.57 4.53 -3.66
N GLU C 127 42.81 5.06 -4.61
CA GLU C 127 41.70 4.34 -5.23
C GLU C 127 42.01 2.87 -5.54
N ASP C 128 43.25 2.61 -5.98
CA ASP C 128 43.71 1.27 -6.35
C ASP C 128 43.72 0.30 -5.15
N ASP C 129 44.30 0.77 -4.06
CA ASP C 129 44.22 0.03 -2.79
C ASP C 129 42.77 -0.39 -2.45
N MET C 130 41.85 0.58 -2.58
CA MET C 130 40.46 0.31 -2.33
C MET C 130 39.94 -0.76 -3.27
N PHE C 131 40.23 -0.62 -4.55
CA PHE C 131 39.71 -1.55 -5.56
C PHE C 131 40.16 -2.98 -5.21
N GLN C 132 41.43 -3.10 -4.87
CA GLN C 132 42.01 -4.40 -4.53
C GLN C 132 41.29 -5.02 -3.34
N ILE C 133 41.25 -4.28 -2.22
CA ILE C 133 40.59 -4.78 -1.02
C ILE C 133 39.15 -5.21 -1.30
N VAL C 134 38.34 -4.27 -1.81
CA VAL C 134 36.91 -4.55 -1.93
C VAL C 134 36.63 -5.67 -2.91
N GLU C 135 37.44 -5.75 -3.97
CA GLU C 135 37.30 -6.85 -4.89
C GLU C 135 37.61 -8.16 -4.17
N GLN C 136 38.40 -8.08 -3.10
CA GLN C 136 38.62 -9.29 -2.28
C GLN C 136 37.47 -9.58 -1.30
N ILE C 137 36.62 -8.57 -1.03
CA ILE C 137 35.44 -8.81 -0.19
C ILE C 137 34.12 -9.13 -0.94
N LEU C 138 33.68 -8.16 -1.73
CA LEU C 138 32.39 -8.14 -2.45
C LEU C 138 31.87 -9.41 -3.17
N PRO C 139 32.77 -10.17 -3.82
CA PRO C 139 32.20 -11.28 -4.58
C PRO C 139 31.67 -12.41 -3.73
N TYR C 140 32.05 -12.42 -2.46
CA TYR C 140 31.63 -13.49 -1.55
C TYR C 140 30.28 -13.28 -0.85
N PHE C 141 29.57 -12.22 -1.21
CA PHE C 141 28.27 -11.94 -0.59
C PHE C 141 27.18 -11.80 -1.64
N GLN C 142 26.41 -12.86 -1.86
CA GLN C 142 25.48 -12.86 -2.98
C GLN C 142 23.98 -13.09 -2.65
N PRO C 143 23.37 -12.19 -1.86
CA PRO C 143 24.00 -11.08 -1.14
C PRO C 143 24.59 -11.61 0.16
N HIS C 144 24.41 -12.91 0.41
CA HIS C 144 24.77 -13.51 1.68
C HIS C 144 25.95 -14.47 1.57
N PHE C 145 26.61 -14.69 2.70
CA PHE C 145 27.73 -15.61 2.81
C PHE C 145 27.47 -16.46 4.05
N ASN C 146 27.42 -17.78 3.86
CA ASN C 146 27.18 -18.70 4.95
C ASN C 146 28.46 -19.12 5.65
N THR C 147 28.36 -19.34 6.95
CA THR C 147 29.45 -20.00 7.68
C THR C 147 28.91 -20.85 8.83
N THR C 148 29.38 -22.09 8.91
CA THR C 148 29.00 -22.95 10.01
C THR C 148 30.04 -22.78 11.10
N MET C 149 29.57 -22.47 12.30
CA MET C 149 30.47 -22.26 13.43
C MET C 149 30.31 -23.36 14.44
N TYR C 150 31.43 -23.83 14.98
CA TYR C 150 31.39 -24.89 15.98
C TYR C 150 31.92 -24.41 17.30
N GLU C 151 31.06 -24.37 18.31
CA GLU C 151 31.52 -23.95 19.61
C GLU C 151 31.39 -25.08 20.61
N GLN C 152 32.54 -25.58 21.05
CA GLN C 152 32.62 -26.69 21.97
C GLN C 152 32.84 -26.19 23.40
N PHE C 153 32.12 -26.79 24.34
CA PHE C 153 32.21 -26.39 25.73
C PHE C 153 33.09 -27.38 26.51
N GLY C 154 34.29 -26.94 26.89
CA GLY C 154 35.22 -27.81 27.58
C GLY C 154 35.59 -28.97 26.69
N ASN C 155 34.97 -30.13 26.93
CA ASN C 155 35.25 -31.30 26.12
C ASN C 155 34.00 -31.99 25.56
N ASP C 156 32.85 -31.34 25.75
CA ASP C 156 31.57 -31.88 25.29
C ASP C 156 31.52 -31.89 23.75
N ILE C 157 30.41 -32.35 23.20
CA ILE C 157 30.20 -32.25 21.75
C ILE C 157 30.04 -30.79 21.37
N PRO C 158 30.75 -30.35 20.32
CA PRO C 158 30.63 -28.94 19.95
C PRO C 158 29.21 -28.67 19.46
N PHE C 159 28.78 -27.42 19.56
CA PHE C 159 27.48 -27.00 19.05
C PHE C 159 27.66 -26.46 17.64
N LYS C 160 26.65 -26.69 16.80
CA LYS C 160 26.68 -26.28 15.40
C LYS C 160 25.73 -25.11 15.16
N ARG C 161 26.29 -23.90 15.07
CA ARG C 161 25.51 -22.70 14.85
C ARG C 161 25.68 -22.26 13.39
N ASP C 162 24.57 -22.21 12.67
CA ASP C 162 24.55 -21.74 11.29
C ASP C 162 24.49 -20.22 11.23
N ILE C 163 25.53 -19.62 10.67
CA ILE C 163 25.70 -18.18 10.66
C ILE C 163 25.54 -17.62 9.26
N LYS C 164 24.51 -16.81 9.05
CA LYS C 164 24.29 -16.15 7.77
C LYS C 164 24.74 -14.70 7.88
N ILE C 165 25.71 -14.31 7.05
CA ILE C 165 26.13 -12.91 7.03
C ILE C 165 25.68 -12.24 5.71
N VAL C 166 24.87 -11.19 5.82
CA VAL C 166 24.30 -10.59 4.61
C VAL C 166 24.85 -9.19 4.34
N LEU C 167 25.34 -8.97 3.13
CA LEU C 167 25.78 -7.64 2.75
C LEU C 167 24.58 -6.75 2.45
N MET C 168 24.42 -5.73 3.28
CA MET C 168 23.23 -4.89 3.24
C MET C 168 23.38 -3.64 2.36
N SER C 169 24.50 -2.94 2.47
CA SER C 169 24.72 -1.73 1.69
C SER C 169 26.18 -1.32 1.73
N ALA C 170 26.51 -0.37 0.86
CA ALA C 170 27.87 0.18 0.77
C ALA C 170 27.73 1.69 0.81
N ALA C 171 28.76 2.41 1.22
CA ALA C 171 28.70 3.87 1.22
C ALA C 171 30.07 4.47 0.96
N ILE C 172 30.16 5.27 -0.10
CA ILE C 172 31.43 5.83 -0.58
C ILE C 172 31.61 7.31 -0.17
N ASP C 173 32.81 7.65 0.31
CA ASP C 173 33.10 9.02 0.75
C ASP C 173 34.58 9.43 0.61
N GLU C 174 34.85 10.74 0.73
CA GLU C 174 36.22 11.24 0.83
C GLU C 174 36.49 12.08 2.10
N ALA C 175 37.65 12.75 2.12
CA ALA C 175 38.08 13.69 3.16
C ALA C 175 39.41 14.31 2.75
N ILE C 176 39.36 15.46 2.08
CA ILE C 176 40.50 15.97 1.29
C ILE C 176 41.41 16.96 2.04
N ASP C 177 42.60 17.19 1.46
CA ASP C 177 43.49 18.29 1.82
C ASP C 177 44.65 18.48 0.82
N GLY C 178 44.36 19.13 -0.31
CA GLY C 178 45.37 19.37 -1.32
C GLY C 178 45.38 18.30 -2.41
N ARG C 183 45.89 14.83 -0.08
CA ARG C 183 45.26 14.21 -1.25
C ARG C 183 43.73 14.00 -1.19
N ARG C 184 43.16 13.36 -0.15
CA ARG C 184 43.87 12.81 1.00
C ARG C 184 43.48 11.36 1.33
N ARG C 185 42.19 11.11 1.56
CA ARG C 185 41.76 9.82 2.12
C ARG C 185 40.42 9.28 1.62
N ILE C 186 40.44 8.07 1.07
CA ILE C 186 39.22 7.46 0.51
C ILE C 186 38.60 6.57 1.59
N GLU C 187 37.28 6.68 1.78
CA GLU C 187 36.60 5.87 2.80
C GLU C 187 35.38 5.18 2.24
N TRP C 188 35.40 3.85 2.15
CA TRP C 188 34.21 3.10 1.76
C TRP C 188 33.77 2.24 2.94
N SER C 189 32.48 2.26 3.28
CA SER C 189 31.99 1.46 4.40
C SER C 189 30.97 0.42 3.95
N LEU C 190 31.22 -0.84 4.26
CA LEU C 190 30.23 -1.88 4.04
C LEU C 190 29.39 -2.12 5.31
N THR C 191 28.11 -2.40 5.16
CA THR C 191 27.29 -2.73 6.32
C THR C 191 26.84 -4.18 6.19
N PHE C 192 27.01 -4.94 7.27
CA PHE C 192 26.74 -6.36 7.22
C PHE C 192 25.75 -6.79 8.29
N GLU C 193 24.80 -7.63 7.88
CA GLU C 193 23.87 -8.23 8.81
C GLU C 193 24.28 -9.67 9.13
N VAL C 194 24.75 -9.89 10.34
CA VAL C 194 25.08 -11.21 10.83
C VAL C 194 23.86 -11.82 11.52
N ASN C 195 23.38 -12.96 11.04
CA ASN C 195 22.26 -13.65 11.68
C ASN C 195 22.76 -14.79 12.59
N GLY C 196 22.91 -14.48 13.87
CA GLY C 196 23.62 -15.38 14.78
C GLY C 196 22.82 -15.80 15.99
N TRP C 197 23.54 -16.10 17.07
CA TRP C 197 22.91 -16.70 18.24
C TRP C 197 23.43 -16.14 19.57
N MET C 198 22.49 -15.77 20.44
CA MET C 198 22.78 -15.21 21.75
C MET C 198 22.33 -16.14 22.87
N TYR C 199 23.08 -16.13 23.96
CA TYR C 199 22.71 -16.84 25.19
C TYR C 199 23.39 -16.22 26.42
N PRO C 200 22.84 -16.46 27.62
CA PRO C 200 23.45 -15.90 28.84
C PRO C 200 24.93 -16.32 29.02
N PRO C 201 25.72 -15.45 29.69
CA PRO C 201 27.17 -15.63 29.85
C PRO C 201 27.50 -16.94 30.54
N VAL C 202 28.47 -17.67 29.99
CA VAL C 202 28.96 -18.86 30.62
C VAL C 202 30.35 -18.55 31.15
N ASP C 203 30.48 -18.47 32.46
CA ASP C 203 31.71 -18.04 33.13
C ASP C 203 32.98 -18.69 32.56
N ASP C 204 34.03 -17.89 32.44
CA ASP C 204 35.30 -18.35 31.92
C ASP C 204 35.83 -19.44 32.84
N ALA C 205 35.38 -19.41 34.09
CA ALA C 205 35.78 -20.39 35.11
C ALA C 205 35.21 -21.79 34.86
N GLU C 206 34.12 -21.86 34.11
CA GLU C 206 33.49 -23.13 33.75
C GLU C 206 34.22 -23.77 32.57
N GLY C 207 35.24 -23.08 32.07
CA GLY C 207 36.07 -23.58 30.98
C GLY C 207 35.94 -22.76 29.71
N LEU C 208 37.06 -22.48 29.04
CA LEU C 208 37.08 -21.64 27.84
C LEU C 208 36.53 -22.34 26.60
N ILE C 209 35.69 -21.62 25.87
CA ILE C 209 34.99 -22.16 24.72
C ILE C 209 35.90 -22.29 23.51
N ARG C 210 35.80 -23.43 22.82
CA ARG C 210 36.59 -23.65 21.63
C ARG C 210 35.74 -23.35 20.42
N THR C 211 36.24 -22.53 19.49
CA THR C 211 35.40 -22.08 18.39
C THR C 211 36.11 -22.31 17.04
N THR C 212 35.40 -22.92 16.09
CA THR C 212 35.89 -23.04 14.71
C THR C 212 34.87 -22.46 13.72
N TYR C 213 35.31 -22.20 12.49
CA TYR C 213 34.40 -21.70 11.45
C TYR C 213 34.90 -21.95 10.04
N THR C 214 33.99 -21.79 9.08
CA THR C 214 34.35 -21.99 7.69
C THR C 214 34.56 -20.62 7.05
N ASP C 215 35.74 -20.40 6.50
CA ASP C 215 36.06 -19.09 5.93
C ASP C 215 35.46 -18.91 4.56
N PHE C 216 35.93 -17.89 3.84
CA PHE C 216 35.38 -17.55 2.54
C PHE C 216 35.56 -18.65 1.50
N HIS C 217 36.36 -19.66 1.83
CA HIS C 217 36.58 -20.78 0.93
C HIS C 217 36.12 -22.08 1.54
N ALA C 218 35.27 -21.97 2.57
CA ALA C 218 34.73 -23.13 3.30
C ALA C 218 35.80 -23.92 4.01
N ASN C 219 36.97 -23.32 4.16
CA ASN C 219 38.05 -23.95 4.90
C ASN C 219 37.94 -23.67 6.40
N THR C 220 37.98 -24.73 7.18
CA THR C 220 37.69 -24.66 8.60
C THR C 220 38.86 -24.15 9.43
N ARG C 221 38.92 -22.84 9.62
CA ARG C 221 39.93 -22.27 10.50
C ARG C 221 39.34 -22.28 11.89
N ASP C 222 40.15 -22.19 12.93
CA ASP C 222 39.56 -22.01 14.25
C ASP C 222 39.77 -20.59 14.75
N LEU C 223 38.74 -20.04 15.39
CA LEU C 223 38.69 -18.64 15.79
C LEU C 223 39.80 -18.23 16.74
N PRO C 224 40.71 -17.38 16.27
CA PRO C 224 41.87 -16.91 17.02
C PRO C 224 41.44 -16.02 18.15
N ASP C 225 42.23 -15.87 19.21
CA ASP C 225 41.89 -14.93 20.28
C ASP C 225 41.86 -13.50 19.77
N GLY C 226 41.04 -12.67 20.42
CA GLY C 226 40.86 -11.28 20.04
C GLY C 226 42.14 -10.53 19.76
N GLU C 227 43.07 -10.59 20.72
CA GLU C 227 44.37 -9.94 20.63
C GLU C 227 45.12 -10.24 19.32
N GLY C 228 44.77 -11.36 18.69
CA GLY C 228 45.46 -11.81 17.50
C GLY C 228 44.92 -11.24 16.21
N VAL C 229 43.63 -10.92 16.21
CA VAL C 229 42.97 -10.44 14.98
C VAL C 229 43.13 -8.94 14.80
N PHE C 230 42.84 -8.19 15.85
CA PHE C 230 42.81 -6.74 15.80
C PHE C 230 44.05 -6.11 16.38
N GLU C 231 44.65 -5.19 15.64
CA GLU C 231 45.64 -4.31 16.21
C GLU C 231 44.91 -3.41 17.20
N SER C 232 45.61 -2.96 18.25
CA SER C 232 44.98 -2.16 19.29
C SER C 232 44.87 -0.70 18.88
N VAL C 233 43.68 -0.13 18.99
CA VAL C 233 43.54 1.30 18.74
C VAL C 233 44.14 2.08 19.90
N ASP C 234 44.15 1.49 21.09
CA ASP C 234 44.72 2.13 22.27
C ASP C 234 46.24 2.02 22.28
N GLY D 3 52.02 0.12 -11.40
CA GLY D 3 51.58 0.83 -10.21
C GLY D 3 50.07 0.87 -10.07
N TYR D 4 49.41 -0.18 -10.57
CA TYR D 4 48.00 -0.35 -10.35
C TYR D 4 47.59 -1.76 -10.75
N PHE D 5 46.58 -2.28 -10.04
CA PHE D 5 46.05 -3.60 -10.36
C PHE D 5 45.26 -3.53 -11.68
N TYR D 6 45.95 -3.88 -12.76
CA TYR D 6 45.46 -3.79 -14.13
C TYR D 6 44.16 -4.56 -14.38
N ASN D 7 44.06 -5.75 -13.81
CA ASN D 7 42.89 -6.58 -14.06
C ASN D 7 41.72 -6.31 -13.12
N SER D 8 41.85 -5.28 -12.28
CA SER D 8 40.77 -4.83 -11.41
C SER D 8 39.43 -4.75 -12.14
N SER D 9 38.41 -5.37 -11.55
CA SER D 9 37.06 -5.31 -12.10
C SER D 9 36.53 -3.87 -12.07
N PHE D 10 36.79 -3.18 -10.97
CA PHE D 10 36.35 -1.79 -10.87
C PHE D 10 37.01 -0.96 -11.95
N ARG D 11 38.33 -1.09 -12.10
CA ARG D 11 39.06 -0.35 -13.14
C ARG D 11 38.46 -0.56 -14.52
N ARG D 12 38.10 -1.80 -14.86
CA ARG D 12 37.49 -2.08 -16.16
C ARG D 12 36.15 -1.36 -16.27
N TYR D 13 35.33 -1.39 -15.24
CA TYR D 13 34.06 -0.66 -15.37
C TYR D 13 34.25 0.86 -15.49
N ALA D 14 35.19 1.42 -14.74
CA ALA D 14 35.57 2.83 -14.89
C ALA D 14 36.01 3.16 -16.33
N THR D 15 36.78 2.27 -16.93
CA THR D 15 37.33 2.52 -18.25
C THR D 15 36.29 2.33 -19.32
N LEU D 16 35.47 1.30 -19.16
CA LEU D 16 34.38 1.05 -20.08
C LEU D 16 33.47 2.26 -20.17
N MET D 17 32.95 2.67 -19.01
CA MET D 17 32.09 3.86 -18.95
C MET D 17 32.81 5.06 -19.52
N GLY D 18 34.04 5.32 -19.08
CA GLY D 18 34.78 6.47 -19.57
C GLY D 18 34.96 6.48 -21.10
N ASP D 19 35.03 5.30 -21.70
CA ASP D 19 35.41 5.19 -23.09
C ASP D 19 34.18 5.32 -23.98
N LEU D 20 33.03 4.91 -23.44
CA LEU D 20 31.79 5.15 -24.16
C LEU D 20 31.60 6.64 -24.38
N PHE D 21 32.02 7.43 -23.40
CA PHE D 21 31.84 8.87 -23.44
C PHE D 21 33.16 9.60 -23.73
N SER D 22 34.10 8.90 -24.33
CA SER D 22 35.41 9.50 -24.54
C SER D 22 35.46 10.34 -25.82
N ASN D 23 34.65 9.94 -26.78
CA ASN D 23 34.78 10.45 -28.12
C ASN D 23 33.57 11.28 -28.45
N ILE D 24 33.45 12.42 -27.76
CA ILE D 24 32.33 13.34 -27.89
C ILE D 24 32.90 14.69 -28.23
N GLN D 25 32.45 15.26 -29.34
CA GLN D 25 32.97 16.55 -29.73
C GLN D 25 31.86 17.56 -29.89
N ILE D 26 32.21 18.82 -29.68
CA ILE D 26 31.26 19.89 -29.94
C ILE D 26 31.79 20.75 -31.04
N LYS D 27 30.86 21.19 -31.91
CA LYS D 27 31.16 22.07 -33.01
C LYS D 27 31.19 23.51 -32.53
N ARG D 28 32.15 24.28 -33.00
CA ARG D 28 32.37 25.64 -32.53
C ARG D 28 32.67 26.51 -33.78
N GLN D 29 31.68 27.25 -34.30
CA GLN D 29 31.87 27.97 -35.59
C GLN D 29 32.83 29.18 -35.53
N LEU D 30 33.86 29.15 -36.36
CA LEU D 30 34.82 30.25 -36.39
C LEU D 30 34.85 31.03 -37.72
N GLU D 31 35.62 32.10 -37.75
CA GLU D 31 35.73 32.92 -38.94
C GLU D 31 36.38 32.13 -40.06
N SER D 32 37.49 31.47 -39.74
CA SER D 32 38.22 30.66 -40.69
C SER D 32 37.48 29.41 -41.11
N GLY D 33 36.60 28.92 -40.23
CA GLY D 33 35.81 27.73 -40.49
C GLY D 33 35.46 27.04 -39.18
N ASP D 34 34.60 26.03 -39.23
CA ASP D 34 34.19 25.29 -38.03
C ASP D 34 35.34 24.53 -37.34
N LYS D 35 35.44 24.69 -36.03
CA LYS D 35 36.40 23.93 -35.23
C LYS D 35 35.67 22.91 -34.36
N PHE D 36 36.11 21.67 -34.40
CA PHE D 36 35.52 20.63 -33.60
C PHE D 36 36.44 20.32 -32.42
N ILE D 37 35.92 20.40 -31.18
CA ILE D 37 36.78 20.11 -30.03
C ILE D 37 36.28 18.93 -29.21
N ARG D 38 37.22 18.06 -28.84
CA ARG D 38 36.92 16.89 -28.00
C ARG D 38 36.73 17.32 -26.54
N VAL D 39 35.73 16.72 -25.91
CA VAL D 39 35.51 16.94 -24.48
C VAL D 39 36.38 15.98 -23.66
N PRO D 40 37.41 16.51 -22.98
CA PRO D 40 38.29 15.72 -22.14
C PRO D 40 37.59 15.15 -20.90
N ILE D 41 37.86 13.88 -20.59
CA ILE D 41 37.10 13.23 -19.52
C ILE D 41 37.99 12.78 -18.37
N THR D 42 37.55 13.02 -17.13
CA THR D 42 38.31 12.59 -15.96
C THR D 42 37.56 11.64 -15.04
N TYR D 43 38.31 10.90 -14.22
CA TYR D 43 37.71 10.01 -13.22
C TYR D 43 38.15 10.41 -11.83
N ALA D 44 37.21 10.93 -11.07
CA ALA D 44 37.56 11.53 -9.82
C ALA D 44 36.36 11.77 -8.96
N SER D 45 36.62 11.83 -7.66
CA SER D 45 35.58 12.22 -6.75
C SER D 45 35.10 13.60 -7.22
N LYS D 46 33.81 13.81 -7.11
CA LYS D 46 33.23 15.03 -7.64
C LYS D 46 33.78 16.23 -6.88
N GLU D 47 33.78 16.15 -5.55
CA GLU D 47 34.26 17.25 -4.72
C GLU D 47 35.68 17.63 -5.14
N HIS D 48 36.52 16.61 -5.27
CA HIS D 48 37.89 16.71 -5.74
C HIS D 48 37.98 17.44 -7.07
N PHE D 49 37.23 16.94 -8.05
CA PHE D 49 37.20 17.52 -9.38
C PHE D 49 36.87 19.00 -9.33
N MET D 50 35.87 19.33 -8.52
CA MET D 50 35.40 20.70 -8.46
C MET D 50 36.43 21.60 -7.78
N MET D 51 37.10 21.06 -6.77
CA MET D 51 38.18 21.78 -6.11
C MET D 51 39.28 22.15 -7.13
N LYS D 52 39.83 21.12 -7.77
CA LYS D 52 40.90 21.35 -8.74
C LYS D 52 40.43 22.26 -9.89
N LEU D 53 39.15 22.17 -10.23
CA LEU D 53 38.57 22.99 -11.27
C LEU D 53 38.47 24.45 -10.85
N ASN D 54 38.20 24.70 -9.56
CA ASN D 54 38.21 26.08 -9.06
C ASN D 54 39.63 26.60 -8.96
N LYS D 55 40.58 25.69 -8.80
CA LYS D 55 41.99 26.08 -8.82
C LYS D 55 42.42 26.48 -10.24
N TRP D 56 41.98 25.71 -11.25
CA TRP D 56 42.30 26.00 -12.66
C TRP D 56 41.61 27.26 -13.17
N THR D 57 40.37 27.47 -12.73
CA THR D 57 39.53 28.54 -13.26
C THR D 57 39.96 29.90 -12.71
N SER D 58 40.90 29.88 -11.78
CA SER D 58 41.41 31.10 -11.19
C SER D 58 42.42 31.79 -12.13
N ILE D 59 42.20 33.08 -12.40
CA ILE D 59 43.06 33.88 -13.26
C ILE D 59 44.28 34.40 -12.51
N ASN D 60 45.38 33.65 -12.60
CA ASN D 60 46.61 33.95 -11.88
C ASN D 60 47.55 34.92 -12.60
N SER D 61 47.61 34.80 -13.93
CA SER D 61 48.45 35.67 -14.76
C SER D 61 47.69 36.04 -16.03
N GLN D 62 48.40 36.60 -17.00
CA GLN D 62 47.74 37.08 -18.24
C GLN D 62 47.44 35.98 -19.25
N GLU D 63 48.32 35.00 -19.34
CA GLU D 63 48.12 33.86 -20.22
C GLU D 63 47.01 32.92 -19.72
N ASP D 64 46.63 33.08 -18.45
CA ASP D 64 45.51 32.31 -17.89
C ASP D 64 44.16 32.83 -18.37
N VAL D 65 44.03 34.16 -18.43
CA VAL D 65 42.81 34.83 -18.90
C VAL D 65 42.25 34.21 -20.20
N ALA D 66 43.14 33.95 -21.16
CA ALA D 66 42.74 33.26 -22.39
C ALA D 66 42.50 31.76 -22.17
N LYS D 67 43.57 31.04 -21.84
CA LYS D 67 43.55 29.60 -21.50
C LYS D 67 42.47 29.13 -20.47
N VAL D 68 41.43 29.93 -20.24
CA VAL D 68 40.35 29.56 -19.31
C VAL D 68 39.23 28.85 -20.07
N GLU D 69 38.99 29.31 -21.28
CA GLU D 69 37.93 28.73 -22.09
C GLU D 69 38.45 27.57 -22.94
N THR D 70 39.62 27.08 -22.57
CA THR D 70 40.13 25.84 -23.13
C THR D 70 39.84 24.74 -22.12
N ILE D 71 39.68 25.18 -20.87
CA ILE D 71 39.39 24.27 -19.75
C ILE D 71 38.03 23.62 -19.89
N LEU D 72 36.99 24.43 -20.04
CA LEU D 72 35.65 23.94 -20.32
C LEU D 72 35.50 23.82 -21.81
N PRO D 73 34.71 22.84 -22.28
CA PRO D 73 33.85 21.93 -21.52
C PRO D 73 34.60 20.73 -21.04
N ARG D 74 34.16 20.09 -19.97
CA ARG D 74 34.71 18.79 -19.63
C ARG D 74 33.68 17.93 -18.96
N ILE D 75 34.05 16.67 -18.77
CA ILE D 75 33.20 15.69 -18.14
C ILE D 75 34.00 15.03 -17.06
N ASN D 76 33.43 14.96 -15.86
CA ASN D 76 34.04 14.20 -14.78
C ASN D 76 33.24 12.95 -14.49
N LEU D 77 33.91 11.81 -14.33
CA LEU D 77 33.17 10.57 -14.06
C LEU D 77 33.55 9.98 -12.70
N HIS D 78 32.59 9.43 -11.95
CA HIS D 78 32.96 8.69 -10.71
C HIS D 78 31.96 7.63 -10.31
N LEU D 79 32.47 6.60 -9.61
CA LEU D 79 31.59 5.62 -8.97
C LEU D 79 31.07 6.21 -7.65
N VAL D 80 29.78 6.02 -7.38
CA VAL D 80 29.12 6.65 -6.21
C VAL D 80 28.35 5.65 -5.38
N ASP D 81 28.04 4.48 -5.94
CA ASP D 81 27.38 3.42 -5.18
C ASP D 81 27.48 2.06 -5.88
N PHE D 82 27.36 0.98 -5.11
CA PHE D 82 27.21 -0.35 -5.69
C PHE D 82 26.47 -1.29 -4.73
N SER D 83 25.87 -2.34 -5.26
CA SER D 83 25.15 -3.29 -4.43
C SER D 83 25.02 -4.59 -5.17
N TYR D 84 24.72 -5.66 -4.46
CA TYR D 84 24.47 -6.95 -5.10
C TYR D 84 23.22 -6.86 -5.97
N ASN D 85 23.24 -7.52 -7.13
CA ASN D 85 22.14 -7.36 -8.10
C ASN D 85 21.19 -8.55 -8.06
N ALA D 86 20.36 -8.59 -7.02
CA ALA D 86 19.37 -9.65 -6.81
C ALA D 86 18.39 -9.80 -7.98
N PRO D 87 18.43 -10.96 -8.66
CA PRO D 87 17.53 -11.18 -9.80
C PRO D 87 16.11 -11.50 -9.34
N VAL D 105 30.47 -24.00 -7.87
CA VAL D 105 30.11 -23.68 -6.49
C VAL D 105 30.82 -22.42 -5.96
N VAL D 106 32.11 -22.26 -6.28
CA VAL D 106 32.87 -21.10 -5.85
C VAL D 106 32.55 -19.92 -6.77
N SER D 107 33.30 -18.82 -6.65
CA SER D 107 32.92 -17.63 -7.41
C SER D 107 34.05 -17.01 -8.21
N GLN D 108 33.96 -17.15 -9.54
CA GLN D 108 34.61 -16.29 -10.55
C GLN D 108 34.53 -16.94 -11.91
N TYR D 109 33.73 -16.34 -12.80
CA TYR D 109 33.33 -16.94 -14.08
C TYR D 109 33.06 -18.46 -14.00
N ASN D 110 31.94 -18.88 -13.43
CA ASN D 110 30.80 -18.05 -12.98
C ASN D 110 31.07 -16.95 -11.94
N PRO D 111 30.71 -15.71 -12.30
CA PRO D 111 30.96 -14.51 -11.49
C PRO D 111 29.68 -13.99 -10.83
N SER D 112 29.79 -12.88 -10.13
CA SER D 112 28.69 -12.39 -9.33
C SER D 112 27.98 -11.20 -9.98
N PRO D 113 26.64 -11.26 -10.07
CA PRO D 113 25.92 -10.14 -10.64
C PRO D 113 26.00 -8.95 -9.69
N ILE D 114 26.71 -7.91 -10.13
CA ILE D 114 26.89 -6.73 -9.30
C ILE D 114 26.17 -5.59 -10.02
N LYS D 115 26.01 -4.49 -9.31
CA LYS D 115 25.34 -3.34 -9.86
C LYS D 115 26.08 -2.10 -9.39
N MET D 116 26.50 -1.26 -10.33
CA MET D 116 27.38 -0.12 -10.04
C MET D 116 26.73 1.20 -10.47
N ILE D 117 26.85 2.22 -9.64
CA ILE D 117 26.18 3.49 -9.88
C ILE D 117 27.20 4.56 -10.23
N TYR D 118 27.07 5.17 -11.40
CA TYR D 118 28.05 6.13 -11.84
C TYR D 118 27.47 7.52 -12.03
N GLU D 119 28.19 8.53 -11.55
CA GLU D 119 27.85 9.92 -11.85
C GLU D 119 28.72 10.49 -12.98
N LEU D 120 28.06 10.85 -14.07
CA LEU D 120 28.69 11.43 -15.26
C LEU D 120 28.39 12.91 -15.21
N SER D 121 29.39 13.74 -14.92
CA SER D 121 29.15 15.17 -14.64
C SER D 121 29.67 16.11 -15.72
N ILE D 122 28.76 16.68 -16.48
CA ILE D 122 29.12 17.58 -17.59
C ILE D 122 29.14 19.04 -17.17
N PHE D 123 30.27 19.71 -17.40
CA PHE D 123 30.45 21.10 -17.06
C PHE D 123 30.76 21.84 -18.34
N THR D 124 30.24 23.05 -18.46
CA THR D 124 30.22 23.71 -19.75
C THR D 124 30.06 25.21 -19.54
N ARG D 125 30.69 26.03 -20.38
CA ARG D 125 30.49 27.47 -20.24
C ARG D 125 29.26 27.99 -21.00
N TYR D 126 28.78 27.20 -21.97
CA TYR D 126 27.70 27.61 -22.82
C TYR D 126 26.57 26.62 -22.90
N GLU D 127 25.34 27.08 -22.71
CA GLU D 127 24.20 26.23 -22.90
C GLU D 127 24.30 25.39 -24.19
N ASP D 128 24.82 26.00 -25.26
CA ASP D 128 24.98 25.34 -26.56
C ASP D 128 25.92 24.13 -26.51
N ASP D 129 27.07 24.32 -25.90
CA ASP D 129 27.99 23.19 -25.59
C ASP D 129 27.27 22.00 -24.90
N MET D 130 26.48 22.33 -23.87
CA MET D 130 25.73 21.32 -23.15
C MET D 130 24.78 20.60 -24.09
N PHE D 131 24.03 21.39 -24.85
CA PHE D 131 23.00 20.84 -25.75
C PHE D 131 23.61 19.84 -26.71
N GLN D 132 24.74 20.23 -27.29
CA GLN D 132 25.46 19.37 -28.21
C GLN D 132 25.88 18.05 -27.55
N ILE D 133 26.61 18.16 -26.43
CA ILE D 133 27.07 16.98 -25.74
C ILE D 133 25.90 16.02 -25.36
N VAL D 134 24.95 16.52 -24.58
CA VAL D 134 23.90 15.65 -24.03
C VAL D 134 23.07 15.09 -25.17
N GLU D 135 22.89 15.87 -26.23
CA GLU D 135 22.19 15.32 -27.37
C GLU D 135 22.97 14.17 -27.96
N GLN D 136 24.29 14.17 -27.75
CA GLN D 136 25.08 13.01 -28.18
C GLN D 136 25.04 11.83 -27.20
N ILE D 137 24.65 12.06 -25.94
CA ILE D 137 24.52 10.93 -25.00
C ILE D 137 23.09 10.35 -24.90
N LEU D 138 22.18 11.20 -24.43
CA LEU D 138 20.79 10.88 -24.10
C LEU D 138 19.96 9.93 -25.02
N PRO D 139 20.12 10.01 -26.35
CA PRO D 139 19.19 9.17 -27.13
C PRO D 139 19.46 7.66 -27.10
N TYR D 140 20.64 7.25 -26.64
CA TYR D 140 21.00 5.83 -26.62
C TYR D 140 20.56 5.07 -25.35
N PHE D 141 19.77 5.70 -24.50
CA PHE D 141 19.35 5.06 -23.25
C PHE D 141 17.82 5.08 -23.17
N GLN D 142 17.18 3.96 -23.49
CA GLN D 142 15.72 3.96 -23.59
C GLN D 142 14.95 2.95 -22.71
N PRO D 143 15.09 3.03 -21.36
CA PRO D 143 16.00 3.93 -20.65
C PRO D 143 17.38 3.29 -20.61
N HIS D 144 17.48 2.10 -21.19
CA HIS D 144 18.70 1.31 -21.08
C HIS D 144 19.44 1.14 -22.39
N PHE D 145 20.72 0.84 -22.25
CA PHE D 145 21.63 0.60 -23.38
C PHE D 145 22.40 -0.67 -23.12
N ASN D 146 22.28 -1.63 -24.03
CA ASN D 146 22.98 -2.89 -23.88
C ASN D 146 24.37 -2.81 -24.50
N THR D 147 25.32 -3.53 -23.91
CA THR D 147 26.63 -3.73 -24.52
C THR D 147 27.16 -5.12 -24.17
N THR D 148 27.64 -5.84 -25.20
CA THR D 148 28.24 -7.15 -24.99
C THR D 148 29.72 -6.96 -24.76
N MET D 149 30.23 -7.48 -23.65
CA MET D 149 31.64 -7.31 -23.38
C MET D 149 32.39 -8.65 -23.43
N TYR D 150 33.58 -8.64 -24.06
CA TYR D 150 34.37 -9.85 -24.14
C TYR D 150 35.69 -9.74 -23.42
N GLU D 151 35.85 -10.53 -22.36
CA GLU D 151 37.10 -10.51 -21.61
C GLU D 151 37.83 -11.83 -21.70
N GLN D 152 38.96 -11.81 -22.38
CA GLN D 152 39.78 -13.00 -22.63
C GLN D 152 40.96 -13.05 -21.68
N PHE D 153 41.21 -14.23 -21.13
CA PHE D 153 42.28 -14.39 -20.16
C PHE D 153 43.50 -15.02 -20.81
N GLY D 154 44.53 -14.21 -21.01
CA GLY D 154 45.72 -14.66 -21.71
C GLY D 154 45.35 -15.09 -23.12
N ASN D 155 45.21 -16.40 -23.30
CA ASN D 155 44.85 -16.93 -24.62
C ASN D 155 43.68 -17.91 -24.62
N ASP D 156 42.97 -18.00 -23.49
CA ASP D 156 41.80 -18.87 -23.41
C ASP D 156 40.68 -18.31 -24.29
N ILE D 157 39.55 -19.02 -24.32
CA ILE D 157 38.34 -18.51 -24.97
C ILE D 157 37.78 -17.35 -24.15
N PRO D 158 37.44 -16.23 -24.82
CA PRO D 158 36.97 -15.06 -24.07
C PRO D 158 35.66 -15.35 -23.34
N PHE D 159 35.40 -14.61 -22.26
CA PHE D 159 34.13 -14.72 -21.57
C PHE D 159 33.22 -13.65 -22.12
N LYS D 160 31.93 -13.99 -22.20
CA LYS D 160 30.91 -13.10 -22.74
C LYS D 160 30.02 -12.57 -21.62
N ARG D 161 30.24 -11.33 -21.20
CA ARG D 161 29.44 -10.73 -20.13
C ARG D 161 28.47 -9.73 -20.73
N ASP D 162 27.17 -9.95 -20.52
CA ASP D 162 26.13 -9.06 -20.97
C ASP D 162 25.97 -7.89 -20.00
N ILE D 163 26.24 -6.68 -20.49
CA ILE D 163 26.26 -5.51 -19.64
C ILE D 163 25.11 -4.56 -19.97
N LYS D 164 24.21 -4.34 -19.02
CA LYS D 164 23.11 -3.40 -19.19
C LYS D 164 23.39 -2.09 -18.48
N ILE D 165 23.42 -0.99 -19.23
CA ILE D 165 23.63 0.32 -18.62
C ILE D 165 22.35 1.17 -18.68
N VAL D 166 21.82 1.55 -17.54
CA VAL D 166 20.52 2.23 -17.47
C VAL D 166 20.65 3.68 -17.01
N LEU D 167 20.10 4.60 -17.81
CA LEU D 167 20.05 6.00 -17.39
C LEU D 167 19.00 6.18 -16.30
N MET D 168 19.44 6.56 -15.12
CA MET D 168 18.59 6.61 -13.95
C MET D 168 17.94 7.97 -13.69
N SER D 169 18.72 9.04 -13.78
CA SER D 169 18.19 10.39 -13.57
C SER D 169 19.19 11.43 -14.09
N ALA D 170 18.73 12.68 -14.16
CA ALA D 170 19.56 13.78 -14.62
C ALA D 170 19.39 14.87 -13.61
N ALA D 171 20.32 15.80 -13.47
CA ALA D 171 20.19 16.88 -12.50
C ALA D 171 20.86 18.13 -13.03
N ILE D 172 20.09 19.20 -13.20
CA ILE D 172 20.57 20.44 -13.83
C ILE D 172 20.89 21.52 -12.81
N ASP D 173 22.06 22.16 -12.92
CA ASP D 173 22.47 23.15 -11.93
C ASP D 173 23.40 24.23 -12.50
N GLU D 174 23.62 25.30 -11.74
CA GLU D 174 24.59 26.33 -12.11
C GLU D 174 25.65 26.59 -11.02
N ALA D 175 26.40 27.68 -11.20
CA ALA D 175 27.38 28.22 -10.25
C ALA D 175 27.96 29.51 -10.82
N ILE D 176 27.34 30.65 -10.48
CA ILE D 176 27.54 31.90 -11.21
C ILE D 176 28.62 32.83 -10.61
N ASP D 177 29.03 33.82 -11.41
CA ASP D 177 29.88 34.94 -11.00
C ASP D 177 29.87 36.07 -12.04
N GLY D 178 28.80 36.88 -12.01
CA GLY D 178 28.64 37.96 -12.95
C GLY D 178 27.77 37.59 -14.14
N ARG D 183 30.40 34.35 -15.91
CA ARG D 183 29.17 33.99 -16.62
C ARG D 183 28.16 33.09 -15.87
N ARG D 184 28.55 31.92 -15.34
CA ARG D 184 29.91 31.37 -15.43
C ARG D 184 29.95 29.92 -15.89
N ARG D 185 29.23 29.02 -15.21
CA ARG D 185 29.41 27.59 -15.46
C ARG D 185 28.16 26.73 -15.32
N ILE D 186 27.78 26.02 -16.38
CA ILE D 186 26.60 25.16 -16.36
C ILE D 186 27.03 23.76 -15.97
N GLU D 187 26.29 23.11 -15.10
CA GLU D 187 26.63 21.75 -14.67
C GLU D 187 25.42 20.83 -14.73
N TRP D 188 25.46 19.84 -15.62
CA TRP D 188 24.42 18.81 -15.66
C TRP D 188 25.00 17.45 -15.29
N SER D 189 24.37 16.69 -14.40
CA SER D 189 24.88 15.35 -14.06
C SER D 189 23.90 14.22 -14.40
N LEU D 190 24.35 13.27 -15.19
CA LEU D 190 23.59 12.06 -15.47
C LEU D 190 24.01 10.96 -14.48
N THR D 191 23.06 10.15 -14.03
CA THR D 191 23.35 9.05 -13.16
C THR D 191 23.04 7.75 -13.88
N PHE D 192 23.97 6.81 -13.84
CA PHE D 192 23.82 5.59 -14.62
C PHE D 192 23.93 4.36 -13.75
N GLU D 193 23.06 3.39 -14.02
CA GLU D 193 23.14 2.09 -13.39
C GLU D 193 23.75 1.07 -14.33
N VAL D 194 24.98 0.66 -14.05
CA VAL D 194 25.65 -0.41 -14.82
C VAL D 194 25.34 -1.74 -14.18
N ASN D 195 24.74 -2.65 -14.92
CA ASN D 195 24.49 -3.98 -14.39
C ASN D 195 25.57 -4.94 -14.84
N GLY D 196 26.57 -5.13 -13.98
CA GLY D 196 27.76 -5.82 -14.39
C GLY D 196 28.11 -7.05 -13.60
N TRP D 197 29.40 -7.34 -13.57
CA TRP D 197 29.88 -8.59 -13.01
C TRP D 197 31.15 -8.41 -12.20
N MET D 198 31.14 -8.96 -10.98
CA MET D 198 32.27 -8.92 -10.06
C MET D 198 32.86 -10.32 -9.79
N TYR D 199 34.17 -10.40 -9.59
CA TYR D 199 34.84 -11.65 -9.17
C TYR D 199 36.19 -11.35 -8.46
N PRO D 200 36.72 -12.30 -7.70
CA PRO D 200 37.99 -12.00 -7.03
C PRO D 200 39.14 -11.64 -7.98
N PRO D 201 40.09 -10.81 -7.51
CA PRO D 201 41.20 -10.29 -8.32
C PRO D 201 41.97 -11.42 -8.93
N VAL D 202 42.30 -11.30 -10.21
CA VAL D 202 43.18 -12.24 -10.88
C VAL D 202 44.50 -11.52 -11.11
N ASP D 203 45.53 -11.94 -10.37
CA ASP D 203 46.84 -11.27 -10.36
C ASP D 203 47.33 -10.92 -11.76
N ASP D 204 47.94 -9.74 -11.89
CA ASP D 204 48.43 -9.29 -13.19
C ASP D 204 49.52 -10.24 -13.64
N ALA D 205 50.17 -10.89 -12.68
CA ALA D 205 51.27 -11.82 -12.96
C ALA D 205 50.78 -13.08 -13.68
N GLU D 206 49.49 -13.36 -13.58
CA GLU D 206 48.89 -14.50 -14.24
C GLU D 206 48.49 -14.14 -15.67
N GLY D 207 48.76 -12.89 -16.08
CA GLY D 207 48.47 -12.44 -17.44
C GLY D 207 47.42 -11.35 -17.54
N LEU D 208 47.65 -10.38 -18.42
CA LEU D 208 46.76 -9.21 -18.59
C LEU D 208 45.48 -9.56 -19.35
N ILE D 209 44.36 -9.03 -18.87
CA ILE D 209 43.06 -9.33 -19.47
C ILE D 209 42.88 -8.55 -20.76
N ARG D 210 42.37 -9.23 -21.79
CA ARG D 210 42.08 -8.55 -23.03
C ARG D 210 40.60 -8.24 -23.01
N THR D 211 40.24 -7.00 -23.27
CA THR D 211 38.86 -6.57 -23.12
C THR D 211 38.36 -5.89 -24.39
N THR D 212 37.22 -6.36 -24.89
CA THR D 212 36.53 -5.70 -26.01
C THR D 212 35.07 -5.39 -25.63
N TYR D 213 34.43 -4.50 -26.40
CA TYR D 213 33.02 -4.19 -26.15
C TYR D 213 32.30 -3.55 -27.34
N THR D 214 30.97 -3.50 -27.26
CA THR D 214 30.19 -2.91 -28.35
C THR D 214 29.74 -1.49 -27.97
N ASP D 215 30.06 -0.51 -28.82
CA ASP D 215 29.77 0.89 -28.49
C ASP D 215 28.33 1.24 -28.77
N PHE D 216 28.03 2.54 -28.78
CA PHE D 216 26.65 3.00 -28.95
C PHE D 216 26.07 2.60 -30.29
N HIS D 217 26.92 2.12 -31.19
CA HIS D 217 26.51 1.71 -32.54
C HIS D 217 26.74 0.24 -32.80
N ALA D 218 26.92 -0.54 -31.73
CA ALA D 218 27.20 -1.97 -31.82
C ALA D 218 28.53 -2.22 -32.52
N ASN D 219 29.37 -1.18 -32.59
CA ASN D 219 30.70 -1.32 -33.15
C ASN D 219 31.70 -1.81 -32.12
N THR D 220 32.38 -2.91 -32.44
CA THR D 220 33.23 -3.60 -31.50
C THR D 220 34.58 -2.91 -31.36
N ARG D 221 34.69 -1.98 -30.42
CA ARG D 221 35.99 -1.40 -30.12
C ARG D 221 36.61 -2.29 -29.06
N ASP D 222 37.93 -2.24 -28.91
CA ASP D 222 38.49 -2.94 -27.75
C ASP D 222 38.94 -1.93 -26.71
N LEU D 223 38.70 -2.26 -25.44
CA LEU D 223 38.89 -1.35 -24.34
C LEU D 223 40.34 -0.88 -24.17
N PRO D 224 40.57 0.42 -24.33
CA PRO D 224 41.88 1.06 -24.21
C PRO D 224 42.36 1.01 -22.78
N ASP D 225 43.67 1.09 -22.54
CA ASP D 225 44.18 1.18 -21.17
C ASP D 225 43.67 2.43 -20.48
N GLY D 226 43.55 2.34 -19.16
CA GLY D 226 43.05 3.45 -18.36
C GLY D 226 43.70 4.77 -18.71
N GLU D 227 45.03 4.78 -18.70
CA GLU D 227 45.82 5.96 -19.01
C GLU D 227 45.42 6.68 -20.30
N GLY D 228 44.74 5.96 -21.19
CA GLY D 228 44.35 6.49 -22.47
C GLY D 228 43.00 7.21 -22.53
N VAL D 229 42.08 6.79 -21.69
CA VAL D 229 40.73 7.34 -21.71
C VAL D 229 40.63 8.62 -20.88
N PHE D 230 41.17 8.60 -19.67
CA PHE D 230 41.01 9.72 -18.75
C PHE D 230 42.19 10.63 -18.77
N GLU D 231 41.96 11.91 -18.92
CA GLU D 231 43.01 12.86 -18.63
C GLU D 231 43.19 12.80 -17.14
N SER D 232 44.41 12.99 -16.64
CA SER D 232 44.64 12.88 -15.21
C SER D 232 44.27 14.19 -14.55
N VAL D 233 43.48 14.13 -13.49
CA VAL D 233 43.16 15.34 -12.74
C VAL D 233 44.42 15.84 -12.05
N ASP D 234 45.35 14.92 -11.78
CA ASP D 234 46.63 15.25 -11.16
C ASP D 234 47.61 15.84 -12.16
N GLY E 3 26.92 30.35 -34.53
CA GLY E 3 27.53 30.27 -33.21
C GLY E 3 26.64 29.53 -32.23
N TYR E 4 25.87 28.59 -32.76
CA TYR E 4 25.07 27.69 -31.94
C TYR E 4 24.56 26.53 -32.78
N PHE E 5 24.41 25.36 -32.17
CA PHE E 5 23.90 24.21 -32.92
C PHE E 5 22.40 24.40 -33.26
N TYR E 6 22.15 24.94 -34.44
CA TYR E 6 20.82 25.32 -34.92
C TYR E 6 19.79 24.19 -34.84
N ASN E 7 20.18 22.98 -35.24
CA ASN E 7 19.26 21.87 -35.26
C ASN E 7 19.15 21.12 -33.90
N SER E 8 19.79 21.66 -32.87
CA SER E 8 19.63 21.12 -31.52
C SER E 8 18.18 20.83 -31.14
N SER E 9 17.90 19.60 -30.71
CA SER E 9 16.55 19.25 -30.27
C SER E 9 16.16 20.03 -29.00
N PHE E 10 17.11 20.24 -28.11
CA PHE E 10 16.80 21.03 -26.93
C PHE E 10 16.39 22.43 -27.33
N ARG E 11 17.19 23.06 -28.19
CA ARG E 11 16.86 24.39 -28.69
C ARG E 11 15.45 24.46 -29.28
N ARG E 12 15.08 23.45 -30.07
CA ARG E 12 13.75 23.43 -30.67
C ARG E 12 12.69 23.38 -29.58
N TYR E 13 12.85 22.53 -28.58
CA TYR E 13 11.84 22.52 -27.54
C TYR E 13 11.78 23.82 -26.73
N ALA E 14 12.94 24.41 -26.43
CA ALA E 14 13.01 25.73 -25.80
C ALA E 14 12.28 26.81 -26.60
N THR E 15 12.44 26.78 -27.93
CA THR E 15 11.87 27.81 -28.77
C THR E 15 10.37 27.59 -28.93
N LEU E 16 9.98 26.32 -29.11
CA LEU E 16 8.57 25.97 -29.20
C LEU E 16 7.82 26.45 -27.95
N MET E 17 8.32 26.04 -26.78
CA MET E 17 7.71 26.49 -25.52
C MET E 17 7.68 28.01 -25.45
N GLY E 18 8.82 28.66 -25.69
CA GLY E 18 8.85 30.11 -25.62
C GLY E 18 7.85 30.79 -26.57
N ASP E 19 7.60 30.18 -27.72
CA ASP E 19 6.85 30.85 -28.78
C ASP E 19 5.36 30.64 -28.55
N LEU E 20 5.02 29.55 -27.88
CA LEU E 20 3.64 29.38 -27.44
C LEU E 20 3.23 30.53 -26.50
N PHE E 21 4.18 31.00 -25.71
CA PHE E 21 3.94 32.05 -24.74
C PHE E 21 4.57 33.36 -25.17
N SER E 22 4.77 33.51 -26.47
CA SER E 22 5.43 34.70 -26.99
C SER E 22 4.39 35.82 -27.23
N ASN E 23 3.15 35.43 -27.49
CA ASN E 23 2.16 36.37 -27.95
C ASN E 23 1.10 36.60 -26.86
N ILE E 24 1.55 37.19 -25.76
CA ILE E 24 0.74 37.48 -24.58
C ILE E 24 0.81 38.95 -24.21
N GLN E 25 -0.35 39.60 -24.17
CA GLN E 25 -0.38 41.02 -23.84
C GLN E 25 -1.29 41.30 -22.67
N ILE E 26 -0.99 42.38 -21.95
CA ILE E 26 -1.91 42.86 -20.91
C ILE E 26 -2.44 44.24 -21.25
N LYS E 27 -3.70 44.46 -20.90
CA LYS E 27 -4.36 45.76 -21.09
C LYS E 27 -4.00 46.70 -19.94
N ARG E 28 -3.76 47.95 -20.28
CA ARG E 28 -3.29 48.94 -19.33
C ARG E 28 -4.02 50.26 -19.70
N GLN E 29 -5.08 50.63 -18.95
CA GLN E 29 -5.91 51.81 -19.30
C GLN E 29 -5.30 53.21 -19.06
N LEU E 30 -5.26 54.02 -20.10
CA LEU E 30 -4.80 55.40 -20.00
C LEU E 30 -5.95 56.38 -20.26
N GLU E 31 -5.71 57.67 -20.07
CA GLU E 31 -6.75 58.66 -20.35
C GLU E 31 -7.07 58.71 -21.83
N SER E 32 -6.03 58.78 -22.64
CA SER E 32 -6.18 58.86 -24.09
C SER E 32 -6.77 57.58 -24.65
N GLY E 33 -6.55 56.48 -23.95
CA GLY E 33 -7.08 55.20 -24.36
C GLY E 33 -6.29 53.99 -23.87
N ASP E 34 -6.85 52.82 -24.12
CA ASP E 34 -6.25 51.56 -23.73
C ASP E 34 -4.92 51.32 -24.43
N LYS E 35 -3.90 50.94 -23.67
CA LYS E 35 -2.62 50.51 -24.25
C LYS E 35 -2.41 49.03 -23.98
N PHE E 36 -2.08 48.25 -25.02
CA PHE E 36 -1.83 46.83 -24.82
C PHE E 36 -0.34 46.63 -24.87
N ILE E 37 0.24 46.00 -23.86
CA ILE E 37 1.70 45.79 -23.87
C ILE E 37 2.06 44.32 -23.89
N ARG E 38 3.02 43.96 -24.73
CA ARG E 38 3.51 42.58 -24.84
C ARG E 38 4.44 42.22 -23.68
N VAL E 39 4.29 40.99 -23.18
CA VAL E 39 5.17 40.50 -22.12
C VAL E 39 6.44 39.87 -22.72
N PRO E 40 7.60 40.52 -22.53
CA PRO E 40 8.89 40.04 -23.02
C PRO E 40 9.34 38.78 -22.28
N ILE E 41 9.82 37.80 -23.02
CA ILE E 41 10.12 36.51 -22.45
C ILE E 41 11.60 36.15 -22.63
N THR E 42 12.21 35.64 -21.58
CA THR E 42 13.61 35.24 -21.63
C THR E 42 13.82 33.77 -21.34
N TYR E 43 14.97 33.26 -21.76
CA TYR E 43 15.37 31.87 -21.47
C TYR E 43 16.66 31.83 -20.69
N ALA E 44 16.55 31.45 -19.43
CA ALA E 44 17.69 31.52 -18.55
C ALA E 44 17.43 30.71 -17.29
N SER E 45 18.52 30.28 -16.69
CA SER E 45 18.41 29.66 -15.38
C SER E 45 17.72 30.71 -14.50
N LYS E 46 16.88 30.25 -13.58
CA LYS E 46 16.09 31.16 -12.79
C LYS E 46 16.97 32.07 -11.93
N GLU E 47 17.97 31.49 -11.28
CA GLU E 47 18.86 32.27 -10.43
C GLU E 47 19.48 33.43 -11.20
N HIS E 48 20.02 33.11 -12.36
CA HIS E 48 20.63 34.07 -13.30
C HIS E 48 19.68 35.21 -13.60
N PHE E 49 18.53 34.84 -14.12
CA PHE E 49 17.48 35.78 -14.46
C PHE E 49 17.12 36.71 -13.32
N MET E 50 17.01 36.15 -12.11
CA MET E 50 16.61 36.93 -10.94
C MET E 50 17.71 37.88 -10.50
N MET E 51 18.95 37.45 -10.63
CA MET E 51 20.09 38.31 -10.35
C MET E 51 20.03 39.52 -11.27
N LYS E 52 19.98 39.27 -12.58
CA LYS E 52 19.93 40.33 -13.57
C LYS E 52 18.67 41.22 -13.42
N LEU E 53 17.58 40.62 -12.97
CA LEU E 53 16.34 41.34 -12.73
C LEU E 53 16.47 42.27 -11.54
N ASN E 54 17.25 41.85 -10.55
CA ASN E 54 17.55 42.72 -9.41
C ASN E 54 18.49 43.84 -9.85
N LYS E 55 19.31 43.57 -10.87
CA LYS E 55 20.19 44.59 -11.44
C LYS E 55 19.44 45.67 -12.24
N TRP E 56 18.45 45.25 -13.03
CA TRP E 56 17.69 46.21 -13.85
C TRP E 56 16.79 47.08 -12.97
N THR E 57 16.21 46.44 -11.94
CA THR E 57 15.22 47.08 -11.08
C THR E 57 15.87 48.01 -10.07
N SER E 58 17.21 48.03 -10.06
CA SER E 58 17.94 48.90 -9.15
C SER E 58 17.89 50.37 -9.58
N ILE E 59 17.51 51.23 -8.65
CA ILE E 59 17.42 52.67 -8.90
C ILE E 59 18.77 53.39 -8.71
N ASN E 60 19.53 53.51 -9.79
CA ASN E 60 20.86 54.15 -9.76
C ASN E 60 20.86 55.66 -10.00
N SER E 61 19.95 56.12 -10.87
CA SER E 61 19.85 57.55 -11.19
C SER E 61 18.40 58.00 -11.34
N GLN E 62 18.24 59.19 -11.90
CA GLN E 62 16.92 59.81 -12.04
C GLN E 62 16.16 59.26 -13.26
N GLU E 63 16.90 58.93 -14.33
CA GLU E 63 16.29 58.32 -15.51
C GLU E 63 15.83 56.89 -15.25
N ASP E 64 16.38 56.29 -14.19
CA ASP E 64 16.00 54.93 -13.81
C ASP E 64 14.64 54.91 -13.12
N VAL E 65 14.40 55.87 -12.24
CA VAL E 65 13.13 55.98 -11.51
C VAL E 65 11.91 55.73 -12.39
N ALA E 66 11.89 56.35 -13.58
CA ALA E 66 10.84 56.10 -14.57
C ALA E 66 11.04 54.73 -15.23
N LYS E 67 12.13 54.58 -15.98
CA LYS E 67 12.53 53.31 -16.62
C LYS E 67 12.39 52.02 -15.78
N VAL E 68 11.68 52.08 -14.67
CA VAL E 68 11.53 50.90 -13.79
C VAL E 68 10.29 50.09 -14.14
N GLU E 69 9.20 50.78 -14.49
CA GLU E 69 7.95 50.08 -14.77
C GLU E 69 7.82 49.64 -16.22
N THR E 70 8.94 49.62 -16.94
CA THR E 70 8.93 49.05 -18.28
C THR E 70 9.49 47.64 -18.19
N ILE E 71 10.26 47.41 -17.14
CA ILE E 71 10.88 46.11 -16.90
C ILE E 71 9.84 45.03 -16.60
N LEU E 72 9.01 45.25 -15.59
CA LEU E 72 7.91 44.34 -15.32
C LEU E 72 6.70 44.77 -16.12
N PRO E 73 5.89 43.82 -16.60
CA PRO E 73 5.87 42.37 -16.35
C PRO E 73 6.83 41.61 -17.27
N ARG E 74 7.33 40.46 -16.83
CA ARG E 74 8.04 39.60 -17.76
C ARG E 74 7.92 38.14 -17.44
N ILE E 75 8.37 37.32 -18.38
CA ILE E 75 8.28 35.90 -18.20
C ILE E 75 9.67 35.30 -18.45
N ASN E 76 10.13 34.48 -17.53
CA ASN E 76 11.39 33.79 -17.72
C ASN E 76 11.17 32.31 -17.94
N LEU E 77 11.88 31.70 -18.88
CA LEU E 77 11.64 30.28 -19.16
C LEU E 77 12.92 29.44 -18.97
N HIS E 78 12.80 28.24 -18.42
CA HIS E 78 13.98 27.37 -18.37
C HIS E 78 13.72 25.88 -18.32
N LEU E 79 14.65 25.09 -18.86
CA LEU E 79 14.60 23.63 -18.67
C LEU E 79 15.17 23.28 -17.27
N VAL E 80 14.52 22.37 -16.54
CA VAL E 80 14.90 22.07 -15.14
C VAL E 80 15.03 20.58 -14.88
N ASP E 81 14.44 19.76 -15.75
CA ASP E 81 14.60 18.32 -15.67
C ASP E 81 14.26 17.61 -17.00
N PHE E 82 14.79 16.39 -17.15
CA PHE E 82 14.35 15.53 -18.25
C PHE E 82 14.56 14.07 -17.88
N SER E 83 13.84 13.16 -18.53
CA SER E 83 14.00 11.75 -18.26
C SER E 83 13.45 11.02 -19.45
N TYR E 84 13.81 9.75 -19.60
CA TYR E 84 13.24 8.90 -20.64
C TYR E 84 11.75 8.68 -20.39
N ASN E 85 10.97 8.67 -21.48
CA ASN E 85 9.51 8.62 -21.36
C ASN E 85 8.93 7.23 -21.62
N ALA E 86 9.05 6.36 -20.61
CA ALA E 86 8.53 4.99 -20.68
C ALA E 86 7.03 4.95 -21.00
N PRO E 87 6.68 4.39 -22.17
CA PRO E 87 5.28 4.29 -22.60
C PRO E 87 4.52 3.17 -21.89
N VAL E 105 16.54 -0.30 -37.14
CA VAL E 105 17.28 -0.87 -36.03
C VAL E 105 17.91 0.20 -35.11
N VAL E 106 18.46 1.26 -35.72
CA VAL E 106 19.05 2.37 -34.97
C VAL E 106 18.01 3.39 -34.50
N SER E 107 18.51 4.51 -33.99
CA SER E 107 17.66 5.52 -33.37
C SER E 107 17.90 6.92 -33.92
N GLN E 108 16.91 7.39 -34.70
CA GLN E 108 16.65 8.82 -35.00
C GLN E 108 15.68 8.93 -36.18
N TYR E 109 14.44 9.28 -35.84
CA TYR E 109 13.30 9.19 -36.76
C TYR E 109 13.34 7.91 -37.60
N ASN E 110 12.99 6.76 -37.01
CA ASN E 110 12.43 6.60 -35.66
C ASN E 110 13.32 7.06 -34.47
N PRO E 111 12.77 7.96 -33.61
CA PRO E 111 13.50 8.60 -32.51
C PRO E 111 13.05 8.17 -31.11
N SER E 112 13.58 8.84 -30.09
CA SER E 112 13.38 8.40 -28.72
C SER E 112 12.35 9.24 -27.94
N PRO E 113 11.38 8.58 -27.29
CA PRO E 113 10.39 9.33 -26.51
C PRO E 113 11.02 9.91 -25.27
N ILE E 114 11.15 11.22 -25.24
CA ILE E 114 11.79 11.88 -24.10
C ILE E 114 10.73 12.71 -23.37
N LYS E 115 11.06 13.16 -22.17
CA LYS E 115 10.12 13.96 -21.40
C LYS E 115 10.88 15.08 -20.72
N MET E 116 10.43 16.31 -20.94
CA MET E 116 11.18 17.51 -20.56
C MET E 116 10.40 18.43 -19.62
N ILE E 117 11.07 18.96 -18.60
CA ILE E 117 10.36 19.73 -17.59
C ILE E 117 10.76 21.20 -17.64
N TYR E 118 9.79 22.08 -17.83
CA TYR E 118 10.07 23.49 -17.99
C TYR E 118 9.44 24.29 -16.86
N GLU E 119 10.19 25.26 -16.32
CA GLU E 119 9.66 26.25 -15.41
C GLU E 119 9.41 27.58 -16.12
N LEU E 120 8.13 27.98 -16.16
CA LEU E 120 7.66 29.22 -16.76
C LEU E 120 7.36 30.20 -15.61
N SER E 121 8.22 31.20 -15.46
CA SER E 121 8.17 32.08 -14.29
C SER E 121 7.68 33.48 -14.60
N ILE E 122 6.46 33.76 -14.17
CA ILE E 122 5.84 35.05 -14.42
C ILE E 122 6.07 36.03 -13.28
N PHE E 123 6.60 37.20 -13.63
CA PHE E 123 6.88 38.23 -12.65
C PHE E 123 6.11 39.50 -13.03
N THR E 124 5.58 40.19 -12.03
CA THR E 124 4.58 41.23 -12.28
C THR E 124 4.50 42.21 -11.09
N ARG E 125 4.33 43.49 -11.36
CA ARG E 125 4.20 44.40 -10.24
C ARG E 125 2.76 44.51 -9.73
N TYR E 126 1.79 44.07 -10.54
CA TYR E 126 0.40 44.20 -10.18
C TYR E 126 -0.36 42.88 -10.28
N GLU E 127 -1.07 42.53 -9.23
CA GLU E 127 -1.90 41.36 -9.23
C GLU E 127 -2.74 41.24 -10.51
N ASP E 128 -3.24 42.39 -10.99
CA ASP E 128 -4.08 42.45 -12.21
C ASP E 128 -3.30 41.99 -13.43
N ASP E 129 -2.08 42.49 -13.58
CA ASP E 129 -1.16 41.98 -14.61
C ASP E 129 -1.06 40.46 -14.61
N MET E 130 -0.85 39.89 -13.42
CA MET E 130 -0.75 38.46 -13.28
C MET E 130 -2.04 37.81 -13.74
N PHE E 131 -3.17 38.33 -13.27
CA PHE E 131 -4.47 37.74 -13.56
C PHE E 131 -4.70 37.66 -15.04
N GLN E 132 -4.38 38.76 -15.72
CA GLN E 132 -4.52 38.82 -17.19
C GLN E 132 -3.65 37.76 -17.86
N ILE E 133 -2.36 37.80 -17.55
CA ILE E 133 -1.44 36.83 -18.14
C ILE E 133 -1.89 35.37 -17.93
N VAL E 134 -2.06 34.96 -16.67
CA VAL E 134 -2.34 33.55 -16.39
C VAL E 134 -3.67 33.14 -16.96
N GLU E 135 -4.62 34.06 -16.96
CA GLU E 135 -5.88 33.78 -17.61
C GLU E 135 -5.66 33.54 -19.09
N GLN E 136 -4.59 34.11 -19.65
CA GLN E 136 -4.30 33.80 -21.05
C GLN E 136 -3.56 32.48 -21.22
N ILE E 137 -2.97 31.95 -20.13
CA ILE E 137 -2.35 30.59 -20.22
C ILE E 137 -3.22 29.41 -19.76
N LEU E 138 -3.52 29.43 -18.48
CA LEU E 138 -4.18 28.35 -17.75
C LEU E 138 -5.33 27.58 -18.42
N PRO E 139 -6.22 28.28 -19.16
CA PRO E 139 -7.36 27.49 -19.65
C PRO E 139 -7.02 26.50 -20.75
N TYR E 140 -5.85 26.64 -21.36
CA TYR E 140 -5.47 25.74 -22.46
C TYR E 140 -4.81 24.43 -21.96
N PHE E 141 -4.80 24.19 -20.66
CA PHE E 141 -4.18 22.96 -20.18
C PHE E 141 -5.15 22.15 -19.35
N GLN E 142 -5.76 21.13 -19.94
CA GLN E 142 -6.85 20.41 -19.28
C GLN E 142 -6.68 18.89 -19.11
N PRO E 143 -5.62 18.45 -18.38
CA PRO E 143 -4.51 19.24 -17.86
C PRO E 143 -3.45 19.38 -18.96
N HIS E 144 -3.73 18.76 -20.10
CA HIS E 144 -2.76 18.70 -21.19
C HIS E 144 -3.25 19.51 -22.38
N PHE E 145 -2.28 19.89 -23.20
CA PHE E 145 -2.48 20.63 -24.43
C PHE E 145 -1.66 19.93 -25.49
N ASN E 146 -2.34 19.47 -26.55
CA ASN E 146 -1.66 18.78 -27.64
C ASN E 146 -1.17 19.76 -28.68
N THR E 147 -0.04 19.45 -29.28
CA THR E 147 0.42 20.18 -30.46
C THR E 147 1.13 19.24 -31.43
N THR E 148 0.77 19.33 -32.70
CA THR E 148 1.43 18.54 -33.73
C THR E 148 2.59 19.34 -34.27
N MET E 149 3.77 18.76 -34.26
CA MET E 149 4.92 19.48 -34.80
C MET E 149 5.44 18.83 -36.08
N TYR E 150 5.76 19.64 -37.08
CA TYR E 150 6.29 19.13 -38.35
C TYR E 150 7.71 19.60 -38.57
N GLU E 151 8.64 18.64 -38.54
CA GLU E 151 10.03 18.99 -38.75
C GLU E 151 10.55 18.39 -40.04
N GLN E 152 10.84 19.27 -41.01
CA GLN E 152 11.29 18.83 -42.32
C GLN E 152 12.80 19.02 -42.50
N PHE E 153 13.43 17.99 -43.07
CA PHE E 153 14.87 17.94 -43.27
C PHE E 153 15.23 18.25 -44.72
N GLY E 154 15.80 19.43 -44.95
CA GLY E 154 16.12 19.86 -46.30
C GLY E 154 14.84 19.98 -47.11
N ASN E 155 14.58 18.98 -47.96
CA ASN E 155 13.36 18.99 -48.77
C ASN E 155 12.52 17.72 -48.72
N ASP E 156 12.86 16.83 -47.80
CA ASP E 156 12.16 15.56 -47.65
C ASP E 156 10.73 15.78 -47.12
N ILE E 157 9.97 14.70 -47.00
CA ILE E 157 8.67 14.78 -46.36
C ILE E 157 8.91 15.11 -44.90
N PRO E 158 8.15 16.09 -44.36
CA PRO E 158 8.36 16.49 -42.97
C PRO E 158 8.02 15.33 -42.04
N PHE E 159 8.58 15.36 -40.85
CA PHE E 159 8.24 14.37 -39.85
C PHE E 159 7.13 14.91 -38.97
N LYS E 160 6.26 14.01 -38.53
CA LYS E 160 5.10 14.32 -37.70
C LYS E 160 5.33 13.86 -36.26
N ARG E 161 5.68 14.79 -35.38
CA ARG E 161 5.93 14.48 -33.99
C ARG E 161 4.78 14.97 -33.13
N ASP E 162 4.12 14.04 -32.44
CA ASP E 162 3.03 14.37 -31.54
C ASP E 162 3.56 14.85 -30.20
N ILE E 163 3.29 16.11 -29.88
CA ILE E 163 3.85 16.72 -28.68
C ILE E 163 2.75 16.99 -27.64
N LYS E 164 2.81 16.33 -26.48
CA LYS E 164 1.84 16.59 -25.42
C LYS E 164 2.47 17.42 -24.32
N ILE E 165 1.90 18.59 -24.06
CA ILE E 165 2.40 19.45 -23.00
C ILE E 165 1.43 19.45 -21.79
N VAL E 166 1.93 19.05 -20.63
CA VAL E 166 1.07 18.91 -19.46
C VAL E 166 1.40 19.92 -18.37
N LEU E 167 0.36 20.62 -17.90
CA LEU E 167 0.53 21.51 -16.77
C LEU E 167 0.59 20.66 -15.50
N MET E 168 1.73 20.68 -14.83
CA MET E 168 1.95 19.80 -13.70
C MET E 168 1.59 20.44 -12.35
N SER E 169 1.99 21.69 -12.18
CA SER E 169 1.75 22.40 -10.94
C SER E 169 2.01 23.90 -11.09
N ALA E 170 1.56 24.66 -10.07
CA ALA E 170 1.70 26.11 -10.05
C ALA E 170 2.29 26.47 -8.71
N ALA E 171 2.92 27.63 -8.58
CA ALA E 171 3.52 28.02 -7.30
C ALA E 171 3.50 29.53 -7.12
N ILE E 172 2.80 30.01 -6.09
CA ILE E 172 2.61 31.45 -5.91
C ILE E 172 3.50 32.02 -4.81
N ASP E 173 4.16 33.15 -5.10
CA ASP E 173 5.09 33.74 -4.13
C ASP E 173 5.23 35.28 -4.28
N GLU E 174 5.86 35.90 -3.28
CA GLU E 174 6.17 37.33 -3.37
C GLU E 174 7.65 37.66 -3.18
N ALA E 175 7.93 38.95 -3.00
CA ALA E 175 9.26 39.47 -2.66
C ALA E 175 9.15 40.99 -2.45
N ILE E 176 8.95 41.40 -1.20
CA ILE E 176 8.48 42.76 -0.91
C ILE E 176 9.60 43.78 -0.61
N ASP E 177 9.23 45.06 -0.65
CA ASP E 177 10.04 46.20 -0.20
C ASP E 177 9.19 47.47 -0.09
N GLY E 178 8.41 47.58 0.99
CA GLY E 178 7.55 48.73 1.20
C GLY E 178 6.12 48.52 0.73
N ARG E 183 6.78 47.86 -3.26
CA ARG E 183 5.46 47.22 -3.25
C ARG E 183 5.39 45.70 -2.93
N ARG E 184 6.15 44.82 -3.60
CA ARG E 184 7.07 45.16 -4.70
C ARG E 184 6.88 44.30 -5.93
N ARG E 185 6.96 42.98 -5.79
CA ARG E 185 7.02 42.10 -6.98
C ARG E 185 6.32 40.74 -6.81
N ILE E 186 5.34 40.45 -7.67
CA ILE E 186 4.58 39.20 -7.59
C ILE E 186 5.21 38.15 -8.50
N GLU E 187 5.36 36.92 -8.01
CA GLU E 187 5.95 35.84 -8.82
C GLU E 187 5.15 34.55 -8.79
N TRP E 188 4.58 34.17 -9.91
CA TRP E 188 3.93 32.86 -10.00
C TRP E 188 4.69 31.96 -10.97
N SER E 189 4.97 30.70 -10.60
CA SER E 189 5.67 29.79 -11.53
C SER E 189 4.85 28.57 -11.92
N LEU E 190 4.67 28.40 -13.23
CA LEU E 190 4.04 27.19 -13.78
C LEU E 190 5.12 26.17 -14.16
N THR E 191 4.82 24.89 -13.95
CA THR E 191 5.73 23.83 -14.31
C THR E 191 5.08 22.99 -15.36
N PHE E 192 5.79 22.70 -16.44
CA PHE E 192 5.20 22.02 -17.57
C PHE E 192 5.98 20.79 -17.95
N GLU E 193 5.26 19.72 -18.24
CA GLU E 193 5.87 18.51 -18.77
C GLU E 193 5.64 18.37 -20.27
N VAL E 194 6.71 18.48 -21.07
CA VAL E 194 6.62 18.24 -22.52
C VAL E 194 6.95 16.78 -22.84
N ASN E 195 6.02 16.07 -23.47
CA ASN E 195 6.32 14.71 -23.90
C ASN E 195 6.77 14.74 -25.37
N GLY E 196 8.08 14.81 -25.58
CA GLY E 196 8.62 15.08 -26.89
C GLY E 196 9.56 14.00 -27.36
N TRP E 197 10.50 14.37 -28.21
CA TRP E 197 11.36 13.40 -28.90
C TRP E 197 12.80 13.85 -29.03
N MET E 198 13.72 12.94 -28.68
CA MET E 198 15.15 13.20 -28.76
C MET E 198 15.77 12.29 -29.83
N TYR E 199 16.80 12.79 -30.52
CA TYR E 199 17.62 11.99 -31.46
C TYR E 199 19.03 12.61 -31.60
N PRO E 200 20.02 11.83 -32.04
CA PRO E 200 21.36 12.42 -32.17
C PRO E 200 21.42 13.64 -33.11
N PRO E 201 22.37 14.57 -32.87
CA PRO E 201 22.46 15.86 -33.58
C PRO E 201 22.59 15.64 -35.06
N VAL E 202 21.85 16.40 -35.86
CA VAL E 202 22.00 16.36 -37.29
C VAL E 202 22.69 17.66 -37.70
N ASP E 203 23.96 17.57 -38.12
CA ASP E 203 24.79 18.76 -38.38
C ASP E 203 24.06 19.84 -39.17
N ASP E 204 24.32 21.10 -38.83
CA ASP E 204 23.72 22.23 -39.51
C ASP E 204 24.16 22.21 -40.97
N ALA E 205 25.33 21.61 -41.21
CA ALA E 205 25.92 21.51 -42.55
C ALA E 205 25.18 20.56 -43.48
N GLU E 206 24.43 19.63 -42.91
CA GLU E 206 23.58 18.70 -43.64
C GLU E 206 22.26 19.39 -43.98
N GLY E 207 22.11 20.64 -43.55
CA GLY E 207 20.90 21.40 -43.85
C GLY E 207 20.07 21.81 -42.65
N LEU E 208 19.51 23.03 -42.68
CA LEU E 208 18.73 23.60 -41.57
C LEU E 208 17.31 23.04 -41.48
N ILE E 209 16.90 22.67 -40.26
CA ILE E 209 15.61 22.03 -40.12
C ILE E 209 14.49 23.07 -40.23
N ARG E 210 13.44 22.73 -40.97
CA ARG E 210 12.29 23.60 -41.07
C ARG E 210 11.25 23.10 -40.09
N THR E 211 10.71 23.98 -39.26
CA THR E 211 9.80 23.50 -38.22
C THR E 211 8.51 24.28 -38.15
N THR E 212 7.38 23.56 -38.11
CA THR E 212 6.05 24.15 -37.85
C THR E 212 5.35 23.50 -36.64
N TYR E 213 4.33 24.16 -36.11
CA TYR E 213 3.54 23.63 -34.99
C TYR E 213 2.14 24.25 -34.89
N THR E 214 1.29 23.61 -34.10
CA THR E 214 -0.07 24.14 -33.94
C THR E 214 -0.18 24.87 -32.61
N ASP E 215 -0.61 26.13 -32.64
CA ASP E 215 -0.68 26.92 -31.40
C ASP E 215 -1.92 26.58 -30.60
N PHE E 216 -2.22 27.40 -29.59
CA PHE E 216 -3.29 27.10 -28.65
C PHE E 216 -4.66 27.03 -29.30
N HIS E 217 -4.74 27.50 -30.55
CA HIS E 217 -5.99 27.53 -31.32
C HIS E 217 -5.89 26.64 -32.57
N ALA E 218 -4.97 25.70 -32.54
CA ALA E 218 -4.73 24.79 -33.66
C ALA E 218 -4.30 25.52 -34.91
N ASN E 219 -3.85 26.77 -34.75
CA ASN E 219 -3.33 27.53 -35.88
C ASN E 219 -1.88 27.15 -36.12
N THR E 220 -1.61 26.78 -37.37
CA THR E 220 -0.33 26.23 -37.75
C THR E 220 0.65 27.36 -37.97
N ARG E 221 1.36 27.76 -36.93
CA ARG E 221 2.43 28.75 -37.08
C ARG E 221 3.68 27.97 -37.40
N ASP E 222 4.68 28.63 -37.97
CA ASP E 222 5.97 27.98 -38.14
C ASP E 222 6.99 28.55 -37.16
N LEU E 223 7.79 27.65 -36.60
CA LEU E 223 8.69 27.99 -35.50
C LEU E 223 9.73 29.03 -35.89
N PRO E 224 9.65 30.20 -35.26
CA PRO E 224 10.60 31.30 -35.50
C PRO E 224 11.98 30.91 -34.96
N ASP E 225 13.04 31.52 -35.48
CA ASP E 225 14.39 31.27 -34.97
C ASP E 225 14.48 31.74 -33.54
N GLY E 226 15.35 31.08 -32.78
CA GLY E 226 15.57 31.39 -31.36
C GLY E 226 15.76 32.87 -31.08
N GLU E 227 16.68 33.48 -31.80
CA GLU E 227 17.01 34.90 -31.66
C GLU E 227 15.79 35.82 -31.69
N GLY E 228 14.69 35.34 -32.25
CA GLY E 228 13.47 36.11 -32.39
C GLY E 228 12.45 36.05 -31.26
N VAL E 229 12.40 34.92 -30.55
CA VAL E 229 11.40 34.71 -29.49
C VAL E 229 11.84 35.27 -28.15
N PHE E 230 13.07 35.00 -27.75
CA PHE E 230 13.52 35.41 -26.43
C PHE E 230 14.28 36.69 -26.52
N GLU E 231 13.93 37.64 -25.68
CA GLU E 231 14.79 38.78 -25.50
C GLU E 231 16.04 38.29 -24.80
N SER E 232 17.18 38.92 -25.06
CA SER E 232 18.41 38.45 -24.47
C SER E 232 18.55 39.01 -23.06
N VAL E 233 18.81 38.14 -22.09
CA VAL E 233 19.11 38.56 -20.74
C VAL E 233 20.49 39.23 -20.77
N ASP E 234 21.29 38.83 -21.75
CA ASP E 234 22.64 39.36 -21.93
C ASP E 234 22.62 40.72 -22.63
N GLY F 3 -8.98 50.60 -14.35
CA GLY F 3 -7.58 50.35 -14.05
C GLY F 3 -7.37 48.93 -13.55
N TYR F 4 -8.21 48.03 -14.04
CA TYR F 4 -8.06 46.60 -13.76
C TYR F 4 -8.95 45.83 -14.73
N PHE F 5 -8.55 44.62 -15.07
CA PHE F 5 -9.35 43.78 -15.95
C PHE F 5 -10.64 43.31 -15.22
N TYR F 6 -11.71 44.08 -15.41
CA TYR F 6 -12.97 43.86 -14.68
C TYR F 6 -13.52 42.45 -14.80
N ASN F 7 -13.46 41.89 -16.01
CA ASN F 7 -14.00 40.54 -16.19
C ASN F 7 -13.01 39.40 -15.86
N SER F 8 -11.85 39.74 -15.29
CA SER F 8 -10.90 38.75 -14.77
C SER F 8 -11.59 37.66 -13.94
N SER F 9 -11.36 36.41 -14.31
CA SER F 9 -11.93 35.28 -13.59
C SER F 9 -11.36 35.14 -12.16
N PHE F 10 -10.07 35.38 -12.04
CA PHE F 10 -9.44 35.34 -10.73
C PHE F 10 -10.11 36.39 -9.86
N ARG F 11 -10.25 37.60 -10.41
CA ARG F 11 -10.96 38.67 -9.71
C ARG F 11 -12.36 38.27 -9.24
N ARG F 12 -13.10 37.60 -10.13
CA ARG F 12 -14.45 37.22 -9.73
C ARG F 12 -14.40 36.25 -8.56
N TYR F 13 -13.55 35.24 -8.63
CA TYR F 13 -13.48 34.31 -7.54
C TYR F 13 -13.00 34.96 -6.22
N ALA F 14 -12.03 35.85 -6.30
CA ALA F 14 -11.61 36.63 -5.14
C ALA F 14 -12.79 37.39 -4.51
N THR F 15 -13.64 37.93 -5.36
CA THR F 15 -14.76 38.71 -4.85
C THR F 15 -15.87 37.83 -4.32
N LEU F 16 -16.11 36.72 -5.01
CA LEU F 16 -17.09 35.75 -4.54
C LEU F 16 -16.74 35.30 -3.13
N MET F 17 -15.51 34.78 -2.98
CA MET F 17 -15.05 34.36 -1.66
C MET F 17 -15.11 35.50 -0.65
N GLY F 18 -14.57 36.66 -1.00
CA GLY F 18 -14.56 37.76 -0.06
C GLY F 18 -15.96 38.15 0.41
N ASP F 19 -16.95 38.01 -0.46
CA ASP F 19 -18.28 38.55 -0.22
C ASP F 19 -19.13 37.55 0.54
N LEU F 20 -18.85 36.26 0.38
CA LEU F 20 -19.51 35.28 1.26
C LEU F 20 -19.18 35.61 2.71
N PHE F 21 -17.96 36.08 2.92
CA PHE F 21 -17.44 36.41 4.25
C PHE F 21 -17.38 37.92 4.44
N SER F 22 -18.20 38.66 3.74
CA SER F 22 -18.14 40.11 3.85
C SER F 22 -18.97 40.61 5.04
N ASN F 23 -20.01 39.84 5.37
CA ASN F 23 -21.05 40.23 6.30
C ASN F 23 -21.04 39.42 7.59
N ILE F 24 -19.98 39.58 8.38
CA ILE F 24 -19.78 38.85 9.64
C ILE F 24 -19.60 39.84 10.76
N GLN F 25 -20.44 39.74 11.78
CA GLN F 25 -20.34 40.71 12.85
C GLN F 25 -20.09 40.05 14.18
N ILE F 26 -19.46 40.78 15.07
CA ILE F 26 -19.34 40.29 16.43
C ILE F 26 -20.07 41.22 17.40
N LYS F 27 -20.69 40.60 18.41
CA LYS F 27 -21.39 41.31 19.48
C LYS F 27 -20.37 41.74 20.54
N ARG F 28 -20.51 42.94 21.04
CA ARG F 28 -19.54 43.55 21.93
C ARG F 28 -20.34 44.32 23.00
N GLN F 29 -20.50 43.76 24.21
CA GLN F 29 -21.40 44.38 25.22
C GLN F 29 -20.91 45.69 25.87
N LEU F 30 -21.72 46.75 25.75
CA LEU F 30 -21.41 48.00 26.44
C LEU F 30 -22.45 48.30 27.51
N GLU F 31 -22.19 49.33 28.31
CA GLU F 31 -23.12 49.69 29.36
C GLU F 31 -24.39 50.25 28.73
N SER F 32 -24.21 51.11 27.74
CA SER F 32 -25.34 51.75 27.06
C SER F 32 -26.15 50.72 26.29
N GLY F 33 -25.49 49.65 25.89
CA GLY F 33 -26.13 48.56 25.17
C GLY F 33 -25.15 47.82 24.26
N ASP F 34 -25.61 46.69 23.72
CA ASP F 34 -24.80 45.86 22.86
C ASP F 34 -24.44 46.59 21.56
N LYS F 35 -23.15 46.55 21.19
CA LYS F 35 -22.73 47.09 19.91
C LYS F 35 -22.31 45.97 18.97
N PHE F 36 -22.80 45.97 17.75
CA PHE F 36 -22.42 44.95 16.77
C PHE F 36 -21.42 45.54 15.81
N ILE F 37 -20.24 44.93 15.69
CA ILE F 37 -19.26 45.49 14.76
C ILE F 37 -18.93 44.54 13.66
N ARG F 38 -18.92 45.07 12.44
CA ARG F 38 -18.62 44.27 11.25
C ARG F 38 -17.11 44.03 11.14
N VAL F 39 -16.76 42.80 10.79
CA VAL F 39 -15.36 42.42 10.58
C VAL F 39 -14.95 42.69 9.13
N PRO F 40 -14.05 43.67 8.91
CA PRO F 40 -13.45 44.15 7.67
C PRO F 40 -12.51 43.14 7.03
N ILE F 41 -12.61 43.00 5.72
CA ILE F 41 -11.88 41.94 5.04
C ILE F 41 -10.94 42.48 3.98
N THR F 42 -9.71 41.98 3.92
CA THR F 42 -8.77 42.45 2.89
C THR F 42 -8.30 41.33 1.99
N TYR F 43 -7.84 41.69 0.80
CA TYR F 43 -7.28 40.71 -0.11
C TYR F 43 -5.83 41.01 -0.40
N ALA F 44 -4.96 40.16 0.13
CA ALA F 44 -3.54 40.42 0.07
C ALA F 44 -2.75 39.16 0.37
N SER F 45 -1.54 39.11 -0.17
CA SER F 45 -0.64 38.05 0.21
C SER F 45 -0.54 38.17 1.72
N LYS F 46 -0.46 37.04 2.41
CA LYS F 46 -0.50 37.05 3.85
C LYS F 46 0.65 37.84 4.47
N GLU F 47 1.87 37.61 4.00
CA GLU F 47 3.04 38.30 4.54
C GLU F 47 2.84 39.81 4.51
N HIS F 48 2.39 40.31 3.34
CA HIS F 48 2.07 41.71 3.11
C HIS F 48 1.12 42.28 4.17
N PHE F 49 -0.01 41.60 4.29
CA PHE F 49 -1.02 41.97 5.26
C PHE F 49 -0.41 42.04 6.64
N MET F 50 0.44 41.08 6.98
CA MET F 50 1.01 41.03 8.31
C MET F 50 2.03 42.13 8.57
N MET F 51 2.83 42.47 7.57
CA MET F 51 3.76 43.58 7.67
C MET F 51 2.99 44.85 7.98
N LYS F 52 2.03 45.16 7.10
CA LYS F 52 1.22 46.37 7.26
C LYS F 52 0.42 46.36 8.59
N LEU F 53 0.03 45.17 9.05
CA LEU F 53 -0.69 45.01 10.30
C LEU F 53 0.22 45.33 11.48
N ASN F 54 1.49 44.97 11.35
CA ASN F 54 2.49 45.31 12.35
C ASN F 54 2.79 46.81 12.32
N LYS F 55 2.61 47.42 11.17
CA LYS F 55 2.76 48.87 11.03
C LYS F 55 1.62 49.63 11.72
N TRP F 56 0.39 49.14 11.59
CA TRP F 56 -0.78 49.74 12.22
C TRP F 56 -0.78 49.51 13.75
N THR F 57 -0.33 48.33 14.17
CA THR F 57 -0.40 47.90 15.58
C THR F 57 0.70 48.51 16.44
N SER F 58 1.62 49.23 15.82
CA SER F 58 2.70 49.85 16.57
C SER F 58 2.18 51.07 17.31
N ILE F 59 2.44 51.10 18.62
CA ILE F 59 2.00 52.22 19.45
C ILE F 59 3.01 53.37 19.39
N ASN F 60 2.79 54.30 18.46
CA ASN F 60 3.71 55.42 18.25
C ASN F 60 3.40 56.65 19.11
N SER F 61 2.12 56.92 19.35
CA SER F 61 1.70 58.06 20.14
C SER F 61 0.47 57.75 21.02
N GLN F 62 -0.12 58.80 21.59
CA GLN F 62 -1.29 58.61 22.47
C GLN F 62 -2.57 58.51 21.64
N GLU F 63 -2.58 59.17 20.49
CA GLU F 63 -3.67 59.08 19.53
C GLU F 63 -3.69 57.69 18.91
N ASP F 64 -2.55 57.00 19.01
CA ASP F 64 -2.43 55.62 18.57
C ASP F 64 -2.96 54.60 19.60
N VAL F 65 -2.66 54.82 20.87
CA VAL F 65 -3.06 53.95 21.99
C VAL F 65 -4.54 53.49 21.99
N ALA F 66 -5.46 54.41 21.76
CA ALA F 66 -6.88 54.07 21.64
C ALA F 66 -7.17 53.34 20.32
N LYS F 67 -6.97 54.02 19.20
CA LYS F 67 -7.08 53.46 17.84
C LYS F 67 -6.43 52.06 17.62
N VAL F 68 -6.22 51.29 18.68
CA VAL F 68 -5.58 49.99 18.59
C VAL F 68 -6.60 48.86 18.43
N GLU F 69 -7.70 48.99 19.18
CA GLU F 69 -8.73 47.96 19.18
C GLU F 69 -9.81 48.19 18.14
N THR F 70 -9.53 49.08 17.18
CA THR F 70 -10.42 49.25 16.05
C THR F 70 -9.84 48.49 14.86
N ILE F 71 -8.53 48.27 14.92
CA ILE F 71 -7.82 47.52 13.90
C ILE F 71 -8.28 46.05 13.90
N LEU F 72 -8.18 45.38 15.05
CA LEU F 72 -8.73 44.03 15.21
C LEU F 72 -10.17 44.08 15.70
N PRO F 73 -11.01 43.13 15.25
CA PRO F 73 -10.68 41.94 14.47
C PRO F 73 -10.64 42.19 12.97
N ARG F 74 -9.87 41.41 12.24
CA ARG F 74 -10.02 41.47 10.79
C ARG F 74 -9.74 40.16 10.12
N ILE F 75 -10.05 40.13 8.85
CA ILE F 75 -9.87 38.96 8.05
C ILE F 75 -9.07 39.33 6.81
N ASN F 76 -8.05 38.54 6.51
CA ASN F 76 -7.32 38.72 5.28
C ASN F 76 -7.56 37.55 4.35
N LEU F 77 -7.79 37.79 3.07
CA LEU F 77 -8.05 36.66 2.16
C LEU F 77 -7.02 36.59 1.04
N HIS F 78 -6.57 35.38 0.69
CA HIS F 78 -5.69 35.30 -0.47
C HIS F 78 -5.68 33.98 -1.23
N LEU F 79 -5.38 34.07 -2.52
CA LEU F 79 -5.16 32.88 -3.34
C LEU F 79 -3.73 32.35 -3.09
N VAL F 80 -3.62 31.03 -2.95
CA VAL F 80 -2.33 30.44 -2.56
C VAL F 80 -1.97 29.27 -3.48
N ASP F 81 -2.95 28.72 -4.18
CA ASP F 81 -2.68 27.65 -5.14
C ASP F 81 -3.82 27.42 -6.11
N PHE F 82 -3.52 26.84 -7.26
CA PHE F 82 -4.57 26.40 -8.19
C PHE F 82 -4.08 25.29 -9.09
N SER F 83 -5.01 24.52 -9.64
CA SER F 83 -4.63 23.42 -10.50
C SER F 83 -5.80 23.00 -11.33
N TYR F 84 -5.56 22.24 -12.39
CA TYR F 84 -6.67 21.71 -13.18
C TYR F 84 -7.48 20.74 -12.33
N ASN F 85 -8.80 20.75 -12.49
CA ASN F 85 -9.66 19.99 -11.62
C ASN F 85 -10.10 18.70 -12.27
N ALA F 86 -9.18 17.74 -12.33
CA ALA F 86 -9.43 16.44 -12.97
C ALA F 86 -10.67 15.77 -12.37
N PRO F 87 -11.71 15.57 -13.18
CA PRO F 87 -12.95 14.96 -12.70
C PRO F 87 -12.82 13.45 -12.49
N VAL F 105 -16.00 23.11 -29.43
CA VAL F 105 -14.72 22.43 -29.64
C VAL F 105 -13.54 23.17 -28.96
N VAL F 106 -13.52 24.50 -29.07
CA VAL F 106 -12.50 25.32 -28.39
C VAL F 106 -12.93 25.52 -26.94
N SER F 107 -12.25 26.41 -26.23
CA SER F 107 -12.52 26.54 -24.79
C SER F 107 -12.82 27.96 -24.32
N GLN F 108 -14.10 28.18 -24.00
CA GLN F 108 -14.60 29.24 -23.12
C GLN F 108 -16.11 29.28 -23.15
N TYR F 109 -16.71 28.82 -22.03
CA TYR F 109 -18.15 28.52 -21.91
C TYR F 109 -18.78 27.85 -23.15
N ASN F 110 -18.55 26.56 -23.37
CA ASN F 110 -17.88 25.61 -22.44
C ASN F 110 -16.45 25.94 -21.99
N PRO F 111 -16.24 25.98 -20.65
CA PRO F 111 -14.98 26.40 -20.04
C PRO F 111 -14.32 25.26 -19.24
N SER F 112 -13.22 25.59 -18.60
CA SER F 112 -12.37 24.57 -18.01
C SER F 112 -12.56 24.42 -16.49
N PRO F 113 -12.74 23.17 -16.01
CA PRO F 113 -12.87 22.94 -14.57
C PRO F 113 -11.56 23.19 -13.87
N ILE F 114 -11.52 24.25 -13.07
CA ILE F 114 -10.31 24.61 -12.35
C ILE F 114 -10.57 24.46 -10.84
N LYS F 115 -9.51 24.48 -10.06
CA LYS F 115 -9.62 24.34 -8.62
C LYS F 115 -8.68 25.37 -7.97
N MET F 116 -9.24 26.18 -7.08
CA MET F 116 -8.54 27.33 -6.52
C MET F 116 -8.47 27.21 -5.00
N ILE F 117 -7.31 27.55 -4.42
CA ILE F 117 -7.07 27.36 -2.99
C ILE F 117 -6.94 28.68 -2.27
N TYR F 118 -7.80 28.94 -1.28
CA TYR F 118 -7.81 30.23 -0.60
C TYR F 118 -7.48 30.10 0.88
N GLU F 119 -6.59 30.96 1.36
CA GLU F 119 -6.31 31.08 2.78
C GLU F 119 -7.08 32.29 3.33
N LEU F 120 -8.02 32.00 4.25
CA LEU F 120 -8.84 32.99 4.93
C LEU F 120 -8.29 33.15 6.34
N SER F 121 -7.64 34.27 6.62
CA SER F 121 -6.90 34.43 7.87
C SER F 121 -7.57 35.38 8.85
N ILE F 122 -8.13 34.82 9.92
CA ILE F 122 -8.83 35.60 10.93
C ILE F 122 -7.91 35.99 12.06
N PHE F 123 -7.84 37.27 12.35
CA PHE F 123 -6.99 37.80 13.41
C PHE F 123 -7.88 38.53 14.40
N THR F 124 -7.51 38.43 15.68
CA THR F 124 -8.43 38.81 16.74
C THR F 124 -7.65 39.06 18.04
N ARG F 125 -8.09 40.04 18.83
CA ARG F 125 -7.44 40.26 20.13
C ARG F 125 -8.05 39.39 21.24
N TYR F 126 -9.26 38.89 21.02
CA TYR F 126 -9.95 38.12 22.05
C TYR F 126 -10.47 36.79 21.53
N GLU F 127 -10.17 35.75 22.25
CA GLU F 127 -10.71 34.42 21.97
C GLU F 127 -12.20 34.45 21.66
N ASP F 128 -12.95 35.31 22.37
CA ASP F 128 -14.41 35.44 22.22
C ASP F 128 -14.74 35.93 20.82
N ASP F 129 -14.06 36.98 20.39
CA ASP F 129 -14.14 37.45 19.02
C ASP F 129 -13.95 36.31 18.01
N MET F 130 -12.89 35.51 18.20
CA MET F 130 -12.64 34.41 17.28
C MET F 130 -13.81 33.43 17.30
N PHE F 131 -14.25 33.06 18.48
CA PHE F 131 -15.32 32.09 18.63
C PHE F 131 -16.58 32.52 17.90
N GLN F 132 -16.93 33.81 18.05
CA GLN F 132 -18.10 34.39 17.38
C GLN F 132 -17.97 34.28 15.86
N ILE F 133 -16.86 34.83 15.35
CA ILE F 133 -16.59 34.77 13.92
C ILE F 133 -16.64 33.34 13.36
N VAL F 134 -15.78 32.45 13.90
CA VAL F 134 -15.65 31.11 13.28
C VAL F 134 -16.93 30.36 13.43
N GLU F 135 -17.64 30.58 14.52
CA GLU F 135 -18.94 29.94 14.63
C GLU F 135 -19.87 30.44 13.55
N GLN F 136 -19.65 31.65 13.04
CA GLN F 136 -20.47 32.10 11.92
C GLN F 136 -20.00 31.53 10.59
N ILE F 137 -18.78 31.03 10.53
CA ILE F 137 -18.32 30.38 9.28
C ILE F 137 -18.51 28.85 9.23
N LEU F 138 -17.78 28.17 10.10
CA LEU F 138 -17.64 26.72 10.17
C LEU F 138 -18.89 25.82 9.97
N PRO F 139 -20.06 26.23 10.49
CA PRO F 139 -21.14 25.24 10.36
C PRO F 139 -21.67 25.05 8.93
N TYR F 140 -21.39 25.98 8.02
CA TYR F 140 -21.90 25.86 6.65
C TYR F 140 -21.00 25.02 5.69
N PHE F 141 -19.97 24.35 6.22
CA PHE F 141 -19.09 23.56 5.36
C PHE F 141 -19.02 22.11 5.84
N GLN F 142 -19.77 21.22 5.19
CA GLN F 142 -19.93 19.86 5.70
C GLN F 142 -19.55 18.70 4.76
N PRO F 143 -18.28 18.62 4.33
CA PRO F 143 -17.21 19.60 4.55
C PRO F 143 -17.33 20.72 3.51
N HIS F 144 -18.30 20.57 2.61
CA HIS F 144 -18.46 21.45 1.46
C HIS F 144 -19.72 22.30 1.51
N PHE F 145 -19.69 23.40 0.77
CA PHE F 145 -20.79 24.35 0.63
C PHE F 145 -20.99 24.68 -0.84
N ASN F 146 -22.20 24.44 -1.34
CA ASN F 146 -22.53 24.68 -2.74
C ASN F 146 -23.03 26.11 -2.96
N THR F 147 -22.71 26.69 -4.10
CA THR F 147 -23.35 27.94 -4.52
C THR F 147 -23.50 27.99 -6.05
N THR F 148 -24.69 28.34 -6.51
CA THR F 148 -24.94 28.48 -7.95
C THR F 148 -24.66 29.91 -8.35
N MET F 149 -23.79 30.08 -9.33
CA MET F 149 -23.42 31.42 -9.75
C MET F 149 -23.96 31.70 -11.17
N TYR F 150 -24.48 32.91 -11.38
CA TYR F 150 -25.01 33.30 -12.68
C TYR F 150 -24.20 34.43 -13.27
N GLU F 151 -23.53 34.14 -14.39
CA GLU F 151 -22.75 35.19 -15.01
C GLU F 151 -23.30 35.54 -16.38
N GLN F 152 -23.83 36.74 -16.49
CA GLN F 152 -24.45 37.21 -17.72
C GLN F 152 -23.55 38.17 -18.49
N PHE F 153 -23.46 37.95 -19.80
CA PHE F 153 -22.57 38.73 -20.65
C PHE F 153 -23.33 39.80 -21.43
N GLY F 154 -23.14 41.05 -21.03
CA GLY F 154 -23.89 42.14 -21.64
C GLY F 154 -25.35 41.91 -21.34
N ASN F 155 -26.09 41.40 -22.32
CA ASN F 155 -27.51 41.12 -22.13
C ASN F 155 -27.92 39.71 -22.52
N ASP F 156 -26.94 38.87 -22.85
CA ASP F 156 -27.26 37.50 -23.27
C ASP F 156 -27.85 36.69 -22.14
N ILE F 157 -28.20 35.46 -22.47
CA ILE F 157 -28.69 34.49 -21.51
C ILE F 157 -27.55 34.15 -20.55
N PRO F 158 -27.82 34.15 -19.24
CA PRO F 158 -26.75 33.93 -18.27
C PRO F 158 -26.11 32.55 -18.38
N PHE F 159 -24.88 32.44 -17.90
CA PHE F 159 -24.26 31.15 -17.73
C PHE F 159 -24.45 30.69 -16.30
N LYS F 160 -24.65 29.39 -16.15
CA LYS F 160 -24.90 28.77 -14.87
C LYS F 160 -23.67 27.97 -14.45
N ARG F 161 -22.87 28.52 -13.54
CA ARG F 161 -21.68 27.81 -13.05
C ARG F 161 -21.91 27.29 -11.65
N ASP F 162 -21.84 25.97 -11.49
CA ASP F 162 -21.96 25.35 -10.17
C ASP F 162 -20.63 25.38 -9.41
N ILE F 163 -20.64 26.07 -8.27
CA ILE F 163 -19.43 26.30 -7.51
C ILE F 163 -19.45 25.52 -6.21
N LYS F 164 -18.53 24.59 -6.03
CA LYS F 164 -18.40 23.86 -4.78
C LYS F 164 -17.23 24.39 -4.00
N ILE F 165 -17.49 24.88 -2.79
CA ILE F 165 -16.40 25.37 -1.95
C ILE F 165 -16.16 24.40 -0.80
N VAL F 166 -14.96 23.86 -0.70
CA VAL F 166 -14.71 22.82 0.31
C VAL F 166 -13.76 23.31 1.38
N LEU F 167 -14.17 23.15 2.65
CA LEU F 167 -13.31 23.46 3.77
C LEU F 167 -12.28 22.34 3.92
N MET F 168 -11.01 22.65 3.72
CA MET F 168 -9.98 21.60 3.68
C MET F 168 -9.31 21.37 5.04
N SER F 169 -8.99 22.46 5.72
CA SER F 169 -8.30 22.39 6.99
C SER F 169 -8.30 23.75 7.71
N ALA F 170 -7.93 23.72 9.01
CA ALA F 170 -7.85 24.95 9.79
C ALA F 170 -6.52 24.95 10.50
N ALA F 171 -6.00 26.11 10.90
CA ALA F 171 -4.71 26.19 11.59
C ALA F 171 -4.65 27.30 12.62
N ILE F 172 -4.41 26.94 13.88
CA ILE F 172 -4.48 27.86 15.03
C ILE F 172 -3.10 28.34 15.53
N ASP F 173 -2.94 29.63 15.78
CA ASP F 173 -1.64 30.18 16.23
C ASP F 173 -1.75 31.47 17.07
N GLU F 174 -0.64 31.86 17.71
CA GLU F 174 -0.59 33.17 18.37
C GLU F 174 0.55 34.06 17.87
N ALA F 175 0.80 35.13 18.63
CA ALA F 175 1.92 36.06 18.43
C ALA F 175 1.90 37.07 19.57
N ILE F 176 2.65 36.79 20.63
CA ILE F 176 2.45 37.45 21.91
C ILE F 176 3.35 38.68 22.16
N ASP F 177 2.96 39.49 23.14
CA ASP F 177 3.79 40.55 23.72
C ASP F 177 3.16 41.07 25.02
N GLY F 178 3.35 40.33 26.12
CA GLY F 178 2.79 40.71 27.41
C GLY F 178 1.45 40.02 27.68
N ARG F 183 -0.79 41.38 24.69
CA ARG F 183 -1.66 40.22 24.96
C ARG F 183 -1.36 38.92 24.19
N ARG F 184 -1.26 38.92 22.85
CA ARG F 184 -1.44 40.09 22.00
C ARG F 184 -2.41 39.83 20.85
N ARG F 185 -2.18 38.79 20.06
CA ARG F 185 -2.97 38.61 18.83
C ARG F 185 -3.22 37.15 18.44
N ILE F 186 -4.50 36.76 18.33
CA ILE F 186 -4.86 35.39 18.00
C ILE F 186 -5.01 35.27 16.50
N GLU F 187 -4.46 34.20 15.91
CA GLU F 187 -4.58 34.04 14.46
C GLU F 187 -5.05 32.63 14.08
N TRP F 188 -6.26 32.51 13.52
CA TRP F 188 -6.75 31.22 13.00
C TRP F 188 -6.93 31.30 11.48
N SER F 189 -6.43 30.30 10.75
CA SER F 189 -6.54 30.31 9.28
C SER F 189 -7.32 29.12 8.69
N LEU F 190 -8.36 29.42 7.92
CA LEU F 190 -9.09 28.38 7.20
C LEU F 190 -8.57 28.26 5.75
N THR F 191 -8.53 27.04 5.25
CA THR F 191 -8.11 26.83 3.89
C THR F 191 -9.27 26.28 3.12
N PHE F 192 -9.52 26.86 1.94
CA PHE F 192 -10.70 26.52 1.16
C PHE F 192 -10.38 26.10 -0.26
N GLU F 193 -11.04 25.02 -0.68
CA GLU F 193 -10.95 24.57 -2.05
C GLU F 193 -12.20 24.96 -2.82
N VAL F 194 -12.06 25.94 -3.72
CA VAL F 194 -13.14 26.34 -4.60
C VAL F 194 -13.03 25.53 -5.89
N ASN F 195 -14.08 24.78 -6.21
CA ASN F 195 -14.12 24.05 -7.47
C ASN F 195 -14.88 24.83 -8.54
N GLY F 196 -14.13 25.58 -9.34
CA GLY F 196 -14.73 26.57 -10.22
C GLY F 196 -14.38 26.40 -11.68
N TRP F 197 -14.40 27.52 -12.41
CA TRP F 197 -14.28 27.49 -13.86
C TRP F 197 -13.41 28.60 -14.43
N MET F 198 -12.48 28.24 -15.32
CA MET F 198 -11.60 29.19 -15.96
C MET F 198 -11.87 29.27 -17.48
N TYR F 199 -11.67 30.43 -18.06
CA TYR F 199 -11.70 30.61 -19.53
C TYR F 199 -10.88 31.84 -19.97
N PRO F 200 -10.46 31.90 -21.25
CA PRO F 200 -9.65 33.07 -21.66
C PRO F 200 -10.37 34.41 -21.42
N PRO F 201 -9.61 35.50 -21.19
CA PRO F 201 -10.16 36.81 -20.84
C PRO F 201 -11.10 37.30 -21.90
N VAL F 202 -12.26 37.79 -21.46
CA VAL F 202 -13.22 38.42 -22.35
C VAL F 202 -13.18 39.93 -22.10
N ASP F 203 -12.65 40.68 -23.08
CA ASP F 203 -12.39 42.11 -22.92
C ASP F 203 -13.54 42.87 -22.25
N ASP F 204 -13.19 43.83 -21.38
CA ASP F 204 -14.19 44.63 -20.70
C ASP F 204 -14.96 45.47 -21.73
N ALA F 205 -14.28 45.75 -22.84
CA ALA F 205 -14.85 46.56 -23.94
C ALA F 205 -15.95 45.82 -24.69
N GLU F 206 -15.98 44.51 -24.57
CA GLU F 206 -17.00 43.65 -25.16
C GLU F 206 -18.25 43.60 -24.27
N GLY F 207 -18.22 44.33 -23.15
CA GLY F 207 -19.36 44.38 -22.26
C GLY F 207 -19.03 43.81 -20.89
N LEU F 208 -19.54 44.46 -19.83
CA LEU F 208 -19.27 44.08 -18.44
C LEU F 208 -20.08 42.88 -17.94
N ILE F 209 -19.42 41.99 -17.22
CA ILE F 209 -20.09 40.79 -16.76
C ILE F 209 -20.98 41.09 -15.54
N ARG F 210 -22.19 40.54 -15.55
CA ARG F 210 -23.11 40.65 -14.42
C ARG F 210 -23.07 39.35 -13.62
N THR F 211 -22.89 39.44 -12.32
CA THR F 211 -22.72 38.22 -11.57
C THR F 211 -23.62 38.15 -10.35
N THR F 212 -24.32 37.03 -10.18
CA THR F 212 -25.08 36.74 -8.96
C THR F 212 -24.62 35.41 -8.35
N TYR F 213 -24.97 35.18 -7.08
CA TYR F 213 -24.67 33.93 -6.41
C TYR F 213 -25.57 33.67 -5.23
N THR F 214 -25.58 32.43 -4.77
CA THR F 214 -26.43 32.10 -3.63
C THR F 214 -25.55 32.10 -2.39
N ASP F 215 -25.94 32.86 -1.37
CA ASP F 215 -25.09 32.97 -0.18
C ASP F 215 -25.28 31.75 0.71
N PHE F 216 -24.79 31.85 1.94
CA PHE F 216 -24.81 30.73 2.85
C PHE F 216 -26.23 30.27 3.17
N HIS F 217 -27.22 31.10 2.82
CA HIS F 217 -28.62 30.83 3.13
C HIS F 217 -29.46 30.67 1.86
N ALA F 218 -28.80 30.39 0.75
CA ALA F 218 -29.46 30.24 -0.55
C ALA F 218 -30.11 31.55 -0.98
N ASN F 219 -29.70 32.67 -0.37
CA ASN F 219 -30.17 33.98 -0.77
C ASN F 219 -29.36 34.47 -1.95
N THR F 220 -30.06 34.81 -3.02
CA THR F 220 -29.44 35.15 -4.26
C THR F 220 -29.02 36.60 -4.22
N ARG F 221 -27.83 36.87 -3.73
CA ARG F 221 -27.31 38.23 -3.75
C ARG F 221 -26.61 38.40 -5.06
N ASP F 222 -26.39 39.64 -5.48
CA ASP F 222 -25.55 39.83 -6.64
C ASP F 222 -24.18 40.37 -6.25
N LEU F 223 -23.17 39.84 -6.91
CA LEU F 223 -21.78 40.08 -6.58
C LEU F 223 -21.39 41.55 -6.71
N PRO F 224 -21.04 42.18 -5.60
CA PRO F 224 -20.64 43.58 -5.53
C PRO F 224 -19.34 43.74 -6.27
N ASP F 225 -19.03 44.95 -6.74
CA ASP F 225 -17.74 45.21 -7.35
C ASP F 225 -16.66 45.01 -6.32
N GLY F 226 -15.47 44.65 -6.81
CA GLY F 226 -14.31 44.44 -5.96
C GLY F 226 -14.12 45.54 -4.94
N GLU F 227 -14.10 46.78 -5.41
CA GLU F 227 -13.90 47.95 -4.56
C GLU F 227 -14.82 48.02 -3.33
N GLY F 228 -15.96 47.33 -3.36
CA GLY F 228 -16.90 47.36 -2.27
C GLY F 228 -16.69 46.34 -1.14
N VAL F 229 -16.13 45.18 -1.49
CA VAL F 229 -15.97 44.09 -0.54
C VAL F 229 -14.73 44.22 0.31
N PHE F 230 -13.61 44.51 -0.32
CA PHE F 230 -12.35 44.54 0.39
C PHE F 230 -11.97 45.96 0.73
N GLU F 231 -11.62 46.16 1.97
CA GLU F 231 -10.98 47.39 2.39
C GLU F 231 -9.60 47.42 1.75
N SER F 232 -9.05 48.60 1.50
CA SER F 232 -7.75 48.67 0.84
C SER F 232 -6.64 48.51 1.87
N VAL F 233 -5.73 47.58 1.61
CA VAL F 233 -4.54 47.44 2.46
C VAL F 233 -3.57 48.60 2.18
N ASP F 234 -3.65 49.17 0.98
CA ASP F 234 -2.79 50.28 0.60
C ASP F 234 -3.28 51.59 1.22
N ASN G 21 -68.65 35.14 12.40
CA ASN G 21 -69.68 34.59 11.53
C ASN G 21 -69.57 34.65 10.01
N ASN G 22 -68.39 34.31 9.52
CA ASN G 22 -67.56 34.80 8.43
C ASN G 22 -66.83 36.09 8.79
N SER G 23 -66.52 36.28 9.96
CA SER G 23 -66.02 37.53 10.57
C SER G 23 -67.17 38.47 10.90
N THR G 24 -68.25 38.03 11.32
CA THR G 24 -69.28 38.80 12.00
C THR G 24 -69.75 40.05 11.24
N GLY G 25 -70.26 39.83 10.03
CA GLY G 25 -70.68 40.93 9.19
C GLY G 25 -71.82 41.67 9.86
N THR G 26 -71.49 42.56 10.79
CA THR G 26 -72.51 43.30 11.52
C THR G 26 -72.56 44.60 10.75
N ALA G 27 -73.71 44.89 10.15
CA ALA G 27 -73.88 46.16 9.46
C ALA G 27 -74.36 47.21 10.45
N ALA G 28 -74.49 48.44 9.99
CA ALA G 28 -74.98 49.52 10.81
C ALA G 28 -75.64 50.53 9.91
N LEU G 29 -76.87 50.92 10.25
CA LEU G 29 -77.66 51.80 9.42
C LEU G 29 -78.46 52.75 10.28
N ALA G 30 -78.51 54.00 9.85
CA ALA G 30 -79.32 54.99 10.54
C ALA G 30 -80.00 55.86 9.51
N GLY G 31 -81.29 56.10 9.72
CA GLY G 31 -82.06 56.91 8.81
C GLY G 31 -83.52 57.01 9.19
N LYS G 32 -84.29 57.67 8.32
CA LYS G 32 -85.69 57.96 8.59
C LYS G 32 -86.58 56.77 8.24
N PHE G 33 -87.51 56.44 9.15
CA PHE G 33 -88.43 55.33 8.92
C PHE G 33 -89.88 55.66 9.25
N GLN G 34 -90.78 54.81 8.76
CA GLN G 34 -92.21 55.03 8.93
C GLN G 34 -92.64 54.68 10.35
N TRP G 35 -91.76 53.99 11.07
CA TRP G 35 -92.13 53.41 12.35
C TRP G 35 -90.91 53.28 13.28
N GLY G 36 -91.06 53.71 14.53
CA GLY G 36 -89.99 53.63 15.52
C GLY G 36 -89.71 52.19 15.86
N PRO G 37 -88.80 51.92 16.80
CA PRO G 37 -88.20 52.78 17.83
C PRO G 37 -87.40 53.94 17.30
N ALA G 38 -87.53 55.06 17.99
CA ALA G 38 -86.76 56.25 17.70
C ALA G 38 -85.51 56.27 18.57
N PHE G 39 -84.37 56.54 17.94
CA PHE G 39 -83.11 56.62 18.66
C PHE G 39 -82.90 55.41 19.57
N GLN G 40 -82.98 54.23 18.97
CA GLN G 40 -82.67 52.99 19.68
C GLN G 40 -81.95 52.05 18.73
N ILE G 41 -80.92 51.37 19.25
CA ILE G 41 -80.18 50.42 18.44
C ILE G 41 -80.91 49.09 18.36
N LYS G 42 -82.15 49.12 17.90
CA LYS G 42 -82.88 47.89 17.67
C LYS G 42 -82.20 47.09 16.57
N GLN G 43 -82.03 45.79 16.78
CA GLN G 43 -81.42 44.93 15.77
C GLN G 43 -82.45 44.29 14.86
N VAL G 44 -82.06 44.04 13.63
CA VAL G 44 -82.97 43.49 12.61
C VAL G 44 -82.30 42.36 11.86
N THR G 45 -83.04 41.29 11.57
CA THR G 45 -82.46 40.13 10.91
C THR G 45 -83.19 39.72 9.62
N ASN G 46 -84.50 39.84 9.61
CA ASN G 46 -85.29 39.50 8.42
C ASN G 46 -85.76 40.74 7.69
N GLU G 47 -86.33 40.54 6.50
CA GLU G 47 -87.00 41.62 5.81
C GLU G 47 -88.37 41.79 6.45
N VAL G 48 -89.13 40.69 6.47
CA VAL G 48 -90.46 40.65 7.06
C VAL G 48 -90.41 41.02 8.53
N ASP G 49 -89.19 41.14 9.06
CA ASP G 49 -88.98 41.50 10.45
C ASP G 49 -88.62 42.97 10.62
N LEU G 50 -88.15 43.59 9.54
CA LEU G 50 -87.92 45.03 9.60
C LEU G 50 -89.19 45.76 9.20
N VAL G 51 -89.95 45.20 8.26
CA VAL G 51 -91.26 45.75 7.94
C VAL G 51 -92.12 45.74 9.18
N ASN G 52 -92.19 44.60 9.84
CA ASN G 52 -92.86 44.52 11.12
C ASN G 52 -92.52 45.72 12.01
N THR G 53 -91.28 46.18 11.93
CA THR G 53 -90.75 47.11 12.92
C THR G 53 -90.54 48.53 12.40
N PHE G 54 -90.18 48.69 11.14
CA PHE G 54 -89.99 50.02 10.58
C PHE G 54 -90.55 50.00 9.17
N GLY G 55 -91.64 49.26 9.02
CA GLY G 55 -92.08 48.76 7.74
C GLY G 55 -92.31 48.74 6.25
N GLN G 56 -92.93 49.82 5.79
CA GLN G 56 -93.13 50.09 4.37
C GLN G 56 -92.29 51.32 4.07
N PRO G 57 -91.92 51.49 2.80
CA PRO G 57 -91.09 52.64 2.39
C PRO G 57 -91.96 53.79 1.91
N THR G 58 -92.01 54.89 2.65
CA THR G 58 -92.73 56.07 2.17
C THR G 58 -91.79 56.80 1.26
N ALA G 59 -92.30 57.75 0.48
CA ALA G 59 -91.48 58.51 -0.47
C ALA G 59 -90.48 59.40 0.24
N GLU G 60 -90.53 59.38 1.57
CA GLU G 60 -89.63 60.14 2.41
C GLU G 60 -88.75 59.16 3.17
N THR G 61 -89.10 57.88 3.07
CA THR G 61 -88.39 56.83 3.78
C THR G 61 -87.63 55.91 2.82
N ALA G 62 -88.20 55.73 1.64
CA ALA G 62 -87.69 54.79 0.63
C ALA G 62 -86.22 54.38 0.79
N ASP G 63 -85.32 55.31 0.53
CA ASP G 63 -83.91 54.97 0.41
C ASP G 63 -83.33 54.32 1.67
N TYR G 64 -84.06 54.34 2.78
CA TYR G 64 -83.56 53.72 4.01
C TYR G 64 -84.16 52.36 4.20
N PHE G 65 -85.43 52.20 3.83
CA PHE G 65 -86.02 50.88 3.84
C PHE G 65 -85.22 50.01 2.91
N MET G 66 -85.18 50.39 1.63
CA MET G 66 -84.36 49.70 0.64
C MET G 66 -82.98 49.42 1.19
N SER G 67 -82.31 50.48 1.63
CA SER G 67 -80.95 50.39 2.15
C SER G 67 -80.81 49.13 2.99
N ALA G 68 -81.69 48.97 3.96
CA ALA G 68 -81.74 47.76 4.76
C ALA G 68 -82.17 46.58 3.91
N MET G 69 -83.43 46.57 3.47
CA MET G 69 -83.97 45.42 2.74
C MET G 69 -82.95 44.77 1.82
N ASN G 70 -82.52 45.49 0.78
CA ASN G 70 -81.64 44.89 -0.21
C ASN G 70 -80.21 44.68 0.31
N PHE G 71 -80.05 44.79 1.62
CA PHE G 71 -78.81 44.37 2.27
C PHE G 71 -79.02 43.04 2.94
N LEU G 72 -80.15 42.89 3.63
CA LEU G 72 -80.48 41.63 4.29
C LEU G 72 -80.43 40.49 3.29
N GLN G 73 -80.22 40.81 2.01
CA GLN G 73 -80.05 39.80 0.97
C GLN G 73 -78.70 39.08 1.11
N TYR G 74 -77.69 39.83 1.59
CA TYR G 74 -76.39 39.26 1.94
C TYR G 74 -76.19 39.36 3.45
N GLY G 75 -77.26 39.70 4.16
CA GLY G 75 -77.13 40.14 5.53
C GLY G 75 -77.55 39.15 6.60
N ASN G 76 -76.74 39.10 7.67
CA ASN G 76 -77.07 38.34 8.85
C ASN G 76 -77.78 39.27 9.83
N ASP G 77 -77.01 40.21 10.38
CA ASP G 77 -77.55 41.14 11.35
C ASP G 77 -77.35 42.61 10.93
N LEU G 78 -78.35 43.43 11.20
CA LEU G 78 -78.32 44.83 10.91
C LEU G 78 -78.76 45.59 12.14
N ARG G 79 -77.99 46.58 12.55
CA ARG G 79 -78.38 47.38 13.68
C ARG G 79 -78.81 48.74 13.13
N VAL G 80 -80.04 49.17 13.46
CA VAL G 80 -80.57 50.43 12.96
C VAL G 80 -80.91 51.41 14.06
N VAL G 81 -81.07 52.67 13.68
CA VAL G 81 -81.49 53.72 14.60
C VAL G 81 -82.38 54.70 13.84
N ARG G 82 -83.66 54.78 14.22
CA ARG G 82 -84.58 55.64 13.51
C ARG G 82 -84.36 57.11 13.88
N ALA G 83 -84.21 57.95 12.85
CA ALA G 83 -84.12 59.39 13.07
C ALA G 83 -85.50 60.01 13.08
N VAL G 84 -85.86 60.59 14.22
CA VAL G 84 -87.11 61.30 14.37
C VAL G 84 -86.78 62.76 14.62
N ASP G 85 -87.72 63.67 14.33
CA ASP G 85 -87.47 65.06 14.69
C ASP G 85 -87.96 64.88 16.10
N ARG G 86 -87.19 65.39 17.06
CA ARG G 86 -87.48 65.22 18.49
C ARG G 86 -88.48 66.33 18.81
N ASP G 87 -88.46 67.39 18.01
CA ASP G 87 -89.27 68.57 18.28
C ASP G 87 -90.71 68.44 17.80
N THR G 88 -90.96 67.55 16.85
CA THR G 88 -92.29 67.47 16.27
C THR G 88 -92.77 66.06 15.96
N ALA G 89 -92.07 65.06 16.47
CA ALA G 89 -92.55 63.70 16.29
C ALA G 89 -93.58 63.49 17.37
N LYS G 90 -94.53 62.60 17.11
CA LYS G 90 -95.60 62.32 18.06
C LYS G 90 -96.02 60.85 18.07
N ASN G 91 -96.18 60.27 19.26
CA ASN G 91 -96.77 58.96 19.45
C ASN G 91 -98.26 59.12 19.57
N SER G 92 -99.03 58.39 18.78
CA SER G 92 -100.48 58.47 18.91
C SER G 92 -100.87 58.33 20.38
N SER G 93 -101.92 59.01 20.81
CA SER G 93 -102.34 59.00 22.21
C SER G 93 -103.84 59.22 22.40
N PRO G 94 -104.34 59.02 23.62
CA PRO G 94 -105.77 59.15 23.89
C PRO G 94 -106.15 60.59 24.15
N ILE G 95 -105.15 61.44 24.37
CA ILE G 95 -105.42 62.86 24.58
C ILE G 95 -105.88 63.51 23.28
N ALA G 96 -105.33 63.05 22.17
CA ALA G 96 -105.34 63.80 20.93
C ALA G 96 -106.66 63.77 20.16
N GLY G 97 -107.77 63.59 20.85
CA GLY G 97 -109.06 63.76 20.22
C GLY G 97 -109.94 64.77 20.95
N ASN G 98 -109.70 64.85 22.25
CA ASN G 98 -110.49 65.69 23.13
C ASN G 98 -110.59 67.10 22.62
N ILE G 99 -111.16 67.97 23.44
CA ILE G 99 -111.43 69.35 23.08
C ILE G 99 -111.06 70.30 24.21
N GLU G 100 -110.20 71.28 23.93
CA GLU G 100 -109.86 72.29 24.92
C GLU G 100 -111.10 72.67 25.70
N TYR G 101 -110.94 72.88 27.01
CA TYR G 101 -112.03 73.42 27.80
C TYR G 101 -111.54 73.82 29.18
N THR G 102 -112.08 74.91 29.70
CA THR G 102 -111.63 75.45 30.97
C THR G 102 -112.83 75.88 31.80
N ILE G 103 -113.01 75.27 32.96
CA ILE G 103 -114.12 75.61 33.83
C ILE G 103 -113.92 77.00 34.42
N SER G 104 -114.26 78.02 33.63
CA SER G 104 -114.06 79.42 34.00
C SER G 104 -114.66 79.75 35.35
N THR G 105 -115.84 79.20 35.62
CA THR G 105 -116.49 79.42 36.91
C THR G 105 -117.18 78.16 37.39
N PRO G 106 -116.59 77.51 38.40
CA PRO G 106 -117.20 76.31 38.96
C PRO G 106 -118.56 76.70 39.48
N GLY G 107 -119.59 75.95 39.13
CA GLY G 107 -120.92 76.27 39.64
C GLY G 107 -120.99 75.92 41.10
N SER G 108 -122.20 75.70 41.59
CA SER G 108 -122.41 75.11 42.89
C SER G 108 -123.61 74.20 42.74
N ASN G 109 -123.80 73.28 43.67
CA ASN G 109 -124.99 72.42 43.66
C ASN G 109 -125.22 71.66 42.35
N TYR G 110 -124.17 71.49 41.55
CA TYR G 110 -124.24 70.60 40.40
C TYR G 110 -124.01 69.17 40.88
N ALA G 111 -124.15 68.19 40.01
CA ALA G 111 -123.91 66.80 40.38
C ALA G 111 -123.15 66.12 39.24
N VAL G 112 -122.98 64.81 39.32
CA VAL G 112 -122.24 64.07 38.30
C VAL G 112 -122.50 63.52 36.90
N GLY G 113 -123.77 63.36 36.53
CA GLY G 113 -124.12 62.86 35.21
C GLY G 113 -125.09 63.94 34.73
N ASP G 114 -124.84 65.20 35.09
CA ASP G 114 -125.66 66.28 34.55
C ASP G 114 -125.09 66.46 33.16
N LYS G 115 -125.97 66.48 32.16
CA LYS G 115 -125.53 66.46 30.77
C LYS G 115 -125.13 67.83 30.25
N ILE G 116 -124.20 67.85 29.32
CA ILE G 116 -123.68 69.08 28.73
C ILE G 116 -123.98 69.10 27.25
N THR G 117 -124.18 70.29 26.71
CA THR G 117 -124.57 70.44 25.31
C THR G 117 -123.72 71.46 24.60
N VAL G 118 -123.11 71.05 23.49
CA VAL G 118 -122.27 71.94 22.71
C VAL G 118 -123.05 72.40 21.48
N LYS G 119 -123.23 73.70 21.36
CA LYS G 119 -124.02 74.25 20.27
C LYS G 119 -123.13 74.97 19.26
N TYR G 120 -123.53 74.95 18.00
CA TYR G 120 -122.88 75.75 16.97
C TYR G 120 -123.83 76.86 16.56
N VAL G 121 -123.59 78.05 17.08
CA VAL G 121 -124.47 79.18 16.84
C VAL G 121 -125.91 78.82 17.21
N SER G 122 -126.18 78.74 18.50
CA SER G 122 -127.51 78.43 19.01
C SER G 122 -128.15 77.24 18.30
N ASP G 123 -127.33 76.25 17.95
CA ASP G 123 -127.80 75.07 17.25
C ASP G 123 -127.11 73.83 17.82
N ASP G 124 -127.89 72.85 18.24
CA ASP G 124 -127.35 71.68 18.92
C ASP G 124 -126.52 70.75 18.02
N ILE G 125 -125.30 70.44 18.45
CA ILE G 125 -124.44 69.51 17.73
C ILE G 125 -124.21 68.26 18.56
N GLU G 126 -123.73 68.47 19.78
CA GLU G 126 -123.44 67.36 20.70
C GLU G 126 -124.23 67.55 21.98
N THR G 127 -124.81 66.47 22.49
CA THR G 127 -125.67 66.56 23.66
C THR G 127 -125.41 65.41 24.63
N GLU G 128 -124.24 64.81 24.54
CA GLU G 128 -123.91 63.67 25.38
C GLU G 128 -122.77 63.95 26.34
N GLY G 129 -122.33 65.20 26.36
CA GLY G 129 -121.35 65.63 27.33
C GLY G 129 -121.97 65.48 28.71
N LYS G 130 -121.14 65.52 29.75
CA LYS G 130 -121.65 65.36 31.10
C LYS G 130 -120.60 65.65 32.15
N ILE G 131 -120.96 66.49 33.12
CA ILE G 131 -120.14 66.71 34.29
C ILE G 131 -119.74 65.37 34.85
N THR G 132 -118.52 65.24 35.34
CA THR G 132 -118.03 63.94 35.78
C THR G 132 -117.33 63.97 37.13
N GLU G 133 -117.08 65.17 37.65
CA GLU G 133 -116.50 65.27 38.98
C GLU G 133 -116.85 66.59 39.64
N VAL G 134 -117.56 66.51 40.74
CA VAL G 134 -117.85 67.68 41.56
C VAL G 134 -117.27 67.44 42.95
N ASP G 135 -117.26 68.48 43.77
CA ASP G 135 -116.82 68.34 45.14
C ASP G 135 -118.02 68.23 46.08
N ALA G 136 -117.86 68.67 47.32
CA ALA G 136 -118.93 68.57 48.28
C ALA G 136 -120.01 69.61 48.07
N ASP G 137 -119.66 70.71 47.40
CA ASP G 137 -120.58 71.83 47.23
C ASP G 137 -121.22 71.83 45.85
N GLY G 138 -120.82 70.88 45.02
CA GLY G 138 -121.35 70.81 43.65
C GLY G 138 -120.53 71.65 42.69
N LYS G 139 -119.43 72.22 43.18
CA LYS G 139 -118.51 72.97 42.34
C LYS G 139 -118.00 72.05 41.26
N ILE G 140 -118.15 72.45 40.00
CA ILE G 140 -117.73 71.61 38.88
C ILE G 140 -116.21 71.48 38.77
N LYS G 141 -115.70 70.27 38.94
CA LYS G 141 -114.27 70.03 38.88
C LYS G 141 -113.82 69.38 37.57
N LYS G 142 -114.66 68.53 36.99
CA LYS G 142 -114.29 67.86 35.74
C LYS G 142 -115.49 67.45 34.89
N ILE G 143 -115.36 67.60 33.57
CA ILE G 143 -116.40 67.20 32.64
C ILE G 143 -115.82 66.33 31.53
N ASN G 144 -116.67 65.78 30.68
CA ASN G 144 -116.21 65.02 29.53
C ASN G 144 -117.12 65.18 28.31
N ILE G 145 -116.63 65.90 27.32
CA ILE G 145 -117.37 66.14 26.08
C ILE G 145 -116.85 65.28 24.94
N PRO G 146 -117.71 64.40 24.40
CA PRO G 146 -117.35 63.59 23.23
C PRO G 146 -117.21 64.48 21.99
N THR G 147 -116.22 64.22 21.14
CA THR G 147 -115.95 65.11 20.01
C THR G 147 -116.28 64.49 18.66
N ALA G 148 -116.83 63.29 18.65
CA ALA G 148 -117.18 62.65 17.40
C ALA G 148 -117.99 63.57 16.52
N LYS G 149 -119.11 64.05 17.06
CA LYS G 149 -120.04 64.87 16.31
C LYS G 149 -119.47 66.23 15.96
N ILE G 150 -118.78 66.85 16.91
CA ILE G 150 -118.33 68.22 16.71
C ILE G 150 -117.20 68.36 15.71
N ILE G 151 -116.18 67.52 15.79
CA ILE G 151 -115.08 67.61 14.82
C ILE G 151 -115.65 67.38 13.42
N ALA G 152 -116.70 66.58 13.34
CA ALA G 152 -117.39 66.37 12.08
C ALA G 152 -117.93 67.70 11.57
N LYS G 153 -118.92 68.23 12.28
CA LYS G 153 -119.49 69.53 11.95
C LYS G 153 -118.40 70.57 11.70
N ALA G 154 -117.34 70.53 12.52
CA ALA G 154 -116.28 71.52 12.44
C ALA G 154 -115.49 71.38 11.14
N LYS G 155 -115.10 70.15 10.81
CA LYS G 155 -114.44 69.90 9.54
C LYS G 155 -115.34 70.40 8.42
N GLU G 156 -116.63 70.14 8.59
CA GLU G 156 -117.61 70.44 7.58
C GLU G 156 -117.77 71.93 7.30
N VAL G 157 -117.29 72.78 8.20
CA VAL G 157 -117.45 74.23 8.04
C VAL G 157 -116.15 75.02 8.25
N GLY G 158 -115.02 74.43 7.87
CA GLY G 158 -113.75 75.13 7.88
C GLY G 158 -113.19 75.46 9.25
N GLU G 159 -114.02 75.31 10.29
CA GLU G 159 -113.60 75.61 11.64
C GLU G 159 -112.97 74.42 12.37
N TYR G 160 -111.98 73.79 11.74
CA TYR G 160 -111.29 72.68 12.35
C TYR G 160 -109.78 72.86 12.23
N PRO G 161 -109.05 72.77 13.35
CA PRO G 161 -109.58 72.62 14.71
C PRO G 161 -109.69 73.97 15.40
N THR G 162 -109.52 75.05 14.65
CA THR G 162 -109.67 76.39 15.20
C THR G 162 -110.80 76.48 16.25
N LEU G 163 -112.05 76.38 15.79
CA LEU G 163 -113.20 76.42 16.70
C LEU G 163 -113.36 77.75 17.44
N GLY G 164 -113.94 77.68 18.64
CA GLY G 164 -113.94 78.78 19.59
C GLY G 164 -115.02 79.84 19.47
N SER G 165 -115.15 80.44 18.28
CA SER G 165 -115.90 81.68 18.14
C SER G 165 -117.41 81.47 18.27
N ASN G 166 -117.94 80.55 17.47
CA ASN G 166 -119.37 80.30 17.44
C ASN G 166 -119.68 79.02 18.19
N TRP G 167 -118.63 78.43 18.77
CA TRP G 167 -118.78 77.18 19.50
C TRP G 167 -118.98 77.46 20.97
N THR G 168 -120.07 76.92 21.52
CA THR G 168 -120.46 77.23 22.89
C THR G 168 -120.91 76.00 23.65
N ALA G 169 -120.87 76.06 24.97
CA ALA G 169 -121.24 74.91 25.79
C ALA G 169 -122.11 75.33 26.95
N GLU G 170 -123.28 74.71 27.06
CA GLU G 170 -124.20 74.97 28.15
C GLU G 170 -124.51 73.68 28.90
N ILE G 171 -125.10 73.81 30.09
CA ILE G 171 -125.44 72.67 30.91
C ILE G 171 -126.86 72.16 30.63
N SER G 172 -127.26 71.09 31.32
CA SER G 172 -128.61 70.57 31.21
C SER G 172 -129.56 71.70 31.58
N SER G 173 -130.79 71.64 31.09
CA SER G 173 -131.80 72.63 31.45
C SER G 173 -132.94 71.99 32.24
N SER G 174 -132.67 71.64 33.50
CA SER G 174 -131.34 71.84 34.05
C SER G 174 -130.94 70.79 35.08
N SER G 175 -129.66 70.80 35.44
CA SER G 175 -129.18 70.03 36.56
C SER G 175 -129.78 70.64 37.82
N SER G 176 -129.60 69.97 38.95
CA SER G 176 -130.06 70.52 40.22
C SER G 176 -129.51 71.93 40.43
N GLY G 177 -128.21 72.10 40.19
CA GLY G 177 -127.51 73.32 40.55
C GLY G 177 -127.07 74.27 39.46
N LEU G 178 -126.69 75.48 39.89
CA LEU G 178 -126.46 76.61 38.98
C LEU G 178 -125.05 77.21 38.84
N ALA G 179 -124.99 78.43 38.28
CA ALA G 179 -123.79 79.27 38.28
C ALA G 179 -122.56 79.05 37.40
N ALA G 180 -122.51 77.94 36.67
CA ALA G 180 -121.28 77.49 36.04
C ALA G 180 -120.95 78.14 34.69
N VAL G 181 -119.67 78.02 34.30
CA VAL G 181 -119.17 78.62 33.05
C VAL G 181 -118.07 77.75 32.44
N ILE G 182 -118.43 76.94 31.44
CA ILE G 182 -117.42 76.16 30.73
C ILE G 182 -117.04 76.88 29.44
N THR G 183 -115.75 76.97 29.14
CA THR G 183 -115.28 77.73 27.98
C THR G 183 -114.50 76.87 26.98
N LEU G 184 -114.95 76.86 25.73
CA LEU G 184 -114.42 75.93 24.74
C LEU G 184 -113.28 76.47 23.89
N GLY G 185 -112.19 75.72 23.82
CA GLY G 185 -111.08 76.07 22.95
C GLY G 185 -111.08 75.25 21.67
N LYS G 186 -109.91 74.81 21.23
CA LYS G 186 -109.79 74.07 19.97
C LYS G 186 -109.74 72.57 20.18
N ILE G 187 -109.82 71.82 19.08
CA ILE G 187 -109.68 70.36 19.13
C ILE G 187 -108.21 70.04 19.27
N ILE G 188 -107.81 69.39 20.37
CA ILE G 188 -106.39 69.13 20.63
C ILE G 188 -105.86 68.16 19.60
N THR G 189 -104.84 68.58 18.87
CA THR G 189 -104.22 67.73 17.86
C THR G 189 -102.83 67.30 18.30
N ASP G 190 -102.36 67.84 19.41
CA ASP G 190 -101.06 67.45 19.95
C ASP G 190 -101.25 66.29 20.91
N SER G 191 -100.85 65.09 20.49
CA SER G 191 -100.95 63.91 21.31
C SER G 191 -100.29 64.17 22.66
N GLY G 192 -99.27 65.04 22.65
CA GLY G 192 -98.63 65.48 23.88
C GLY G 192 -97.65 64.48 24.45
N ILE G 193 -97.05 63.68 23.59
CA ILE G 193 -96.10 62.67 24.05
C ILE G 193 -95.24 62.12 22.93
N LEU G 194 -93.94 61.98 23.19
CA LEU G 194 -93.01 61.37 22.24
C LEU G 194 -92.06 60.43 22.99
N LEU G 195 -92.07 59.16 22.62
CA LEU G 195 -91.18 58.18 23.23
C LEU G 195 -89.98 57.87 22.33
N ALA G 196 -88.78 58.07 22.86
CA ALA G 196 -87.58 57.82 22.09
C ALA G 196 -86.79 56.72 22.78
N GLU G 197 -85.77 57.11 23.55
CA GLU G 197 -84.96 56.15 24.27
C GLU G 197 -85.79 55.59 25.41
N ILE G 198 -85.23 54.65 26.16
CA ILE G 198 -85.93 54.11 27.32
C ILE G 198 -85.38 54.71 28.61
N GLU G 199 -84.19 55.29 28.55
CA GLU G 199 -83.68 56.03 29.69
C GLU G 199 -84.69 57.11 30.07
N ASN G 200 -85.41 57.59 29.07
CA ASN G 200 -86.45 58.58 29.28
C ASN G 200 -87.83 57.96 29.30
N ALA G 201 -87.91 56.68 28.94
CA ALA G 201 -89.16 55.93 28.87
C ALA G 201 -90.38 56.57 29.54
N GLU G 202 -90.71 56.09 30.72
CA GLU G 202 -91.90 56.56 31.45
C GLU G 202 -91.70 57.95 32.04
N ALA G 203 -90.52 58.51 31.85
CA ALA G 203 -90.25 59.87 32.32
C ALA G 203 -90.96 60.89 31.44
N ALA G 204 -91.27 60.49 30.22
CA ALA G 204 -92.06 61.33 29.35
C ALA G 204 -93.52 61.01 29.61
N MET G 205 -93.76 59.77 30.03
CA MET G 205 -95.10 59.32 30.39
C MET G 205 -95.51 59.94 31.71
N THR G 206 -94.56 60.60 32.36
CA THR G 206 -94.82 61.21 33.66
C THR G 206 -94.33 62.65 33.66
N ALA G 207 -94.76 63.40 32.65
CA ALA G 207 -94.45 64.81 32.58
C ALA G 207 -95.66 65.58 33.03
N VAL G 208 -95.46 66.56 33.91
CA VAL G 208 -96.57 67.34 34.44
C VAL G 208 -97.58 67.68 33.34
N ASP G 209 -97.09 68.20 32.22
CA ASP G 209 -97.96 68.61 31.13
C ASP G 209 -98.80 67.46 30.58
N PHE G 210 -98.15 66.33 30.30
CA PHE G 210 -98.88 65.15 29.83
C PHE G 210 -99.84 64.64 30.87
N GLN G 211 -99.30 64.22 32.01
CA GLN G 211 -100.09 63.69 33.12
C GLN G 211 -101.24 64.61 33.49
N ALA G 212 -101.09 65.90 33.17
CA ALA G 212 -102.13 66.87 33.46
C ALA G 212 -103.42 66.50 32.76
N ASN G 213 -103.34 66.34 31.43
CA ASN G 213 -104.52 66.07 30.63
C ASN G 213 -105.09 64.68 30.88
N LEU G 214 -104.24 63.75 31.30
CA LEU G 214 -104.72 62.43 31.64
C LEU G 214 -105.74 62.55 32.78
N LYS G 215 -105.60 63.59 33.58
CA LYS G 215 -106.54 63.89 34.64
C LYS G 215 -107.73 64.62 34.06
N LYS G 216 -107.44 65.69 33.33
CA LYS G 216 -108.45 66.59 32.78
C LYS G 216 -109.53 65.85 32.00
N TYR G 217 -109.13 64.89 31.19
CA TYR G 217 -110.08 64.16 30.37
C TYR G 217 -110.28 62.74 30.87
N GLY G 218 -109.98 62.53 32.15
CA GLY G 218 -110.24 61.27 32.82
C GLY G 218 -109.98 60.00 32.05
N ILE G 219 -108.75 59.85 31.55
CA ILE G 219 -108.33 58.62 30.87
C ILE G 219 -106.97 58.18 31.37
N PRO G 220 -106.58 56.92 31.06
CA PRO G 220 -105.32 56.33 31.53
C PRO G 220 -104.17 56.77 30.64
N GLY G 221 -102.94 56.53 31.08
CA GLY G 221 -101.78 56.90 30.29
C GLY G 221 -101.35 55.80 29.34
N VAL G 222 -102.13 55.60 28.27
CA VAL G 222 -101.82 54.57 27.30
C VAL G 222 -101.56 55.16 25.92
N VAL G 223 -100.34 54.99 25.41
CA VAL G 223 -99.98 55.58 24.13
C VAL G 223 -99.36 54.55 23.20
N ALA G 224 -99.37 54.83 21.90
CA ALA G 224 -98.67 53.98 20.95
C ALA G 224 -97.18 53.99 21.25
N LEU G 225 -96.52 52.87 21.04
CA LEU G 225 -95.12 52.73 21.44
C LEU G 225 -94.15 53.51 20.56
N TYR G 226 -94.51 53.69 19.29
CA TYR G 226 -93.60 54.29 18.32
C TYR G 226 -94.18 55.53 17.68
N PRO G 227 -93.36 56.59 17.58
CA PRO G 227 -93.85 57.81 16.93
C PRO G 227 -94.36 57.43 15.56
N GLY G 228 -95.43 58.07 15.10
CA GLY G 228 -95.93 57.75 13.77
C GLY G 228 -97.43 57.71 13.64
N GLU G 229 -97.92 58.20 12.51
CA GLU G 229 -99.34 58.19 12.21
C GLU G 229 -99.83 56.75 12.11
N LEU G 230 -98.90 55.82 12.00
CA LEU G 230 -99.27 54.42 11.94
C LEU G 230 -99.86 53.98 13.26
N GLY G 231 -99.61 54.74 14.31
CA GLY G 231 -100.10 54.42 15.64
C GLY G 231 -101.58 54.72 15.80
N ASP G 232 -102.09 55.55 14.92
CA ASP G 232 -103.50 55.92 14.97
C ASP G 232 -104.39 54.72 14.74
N LYS G 233 -103.84 53.64 14.23
CA LYS G 233 -104.62 52.44 13.94
C LYS G 233 -104.83 51.56 15.16
N ILE G 234 -104.14 51.87 16.25
CA ILE G 234 -104.28 51.13 17.51
C ILE G 234 -105.50 51.58 18.32
N GLU G 235 -106.16 50.63 18.97
CA GLU G 235 -107.34 50.91 19.78
C GLU G 235 -107.37 50.03 21.01
N ILE G 236 -107.03 50.60 22.16
CA ILE G 236 -107.02 49.87 23.40
C ILE G 236 -108.42 49.67 23.99
N GLU G 237 -108.70 48.47 24.48
CA GLU G 237 -109.94 48.23 25.22
C GLU G 237 -109.57 47.91 26.66
N ILE G 238 -110.10 48.69 27.61
CA ILE G 238 -109.80 48.49 29.02
C ILE G 238 -111.02 48.11 29.84
N VAL G 239 -110.91 47.03 30.61
CA VAL G 239 -111.99 46.60 31.49
C VAL G 239 -111.42 46.23 32.85
N SER G 240 -112.07 46.70 33.92
CA SER G 240 -111.61 46.47 35.30
C SER G 240 -112.26 45.25 35.90
N LYS G 241 -111.75 44.83 37.06
CA LYS G 241 -112.34 43.69 37.75
C LYS G 241 -113.82 43.94 37.96
N ALA G 242 -114.19 45.22 37.92
CA ALA G 242 -115.57 45.63 38.12
C ALA G 242 -116.46 45.22 36.95
N ASP G 243 -116.28 45.88 35.82
CA ASP G 243 -117.11 45.64 34.65
C ASP G 243 -116.70 44.36 33.92
N TYR G 244 -115.89 43.54 34.57
CA TYR G 244 -115.42 42.31 33.94
C TYR G 244 -116.43 41.17 34.06
N ALA G 245 -117.09 41.10 35.20
CA ALA G 245 -118.15 40.10 35.41
C ALA G 245 -119.31 40.41 34.49
N LYS G 246 -119.70 41.68 34.45
CA LYS G 246 -120.68 42.14 33.48
C LYS G 246 -120.02 42.20 32.12
N GLY G 247 -118.83 41.61 32.01
CA GLY G 247 -118.02 41.67 30.81
C GLY G 247 -118.80 41.56 29.52
N ALA G 248 -119.93 40.87 29.56
CA ALA G 248 -120.75 40.73 28.36
C ALA G 248 -121.68 41.92 28.17
N SER G 249 -122.33 42.32 29.26
CA SER G 249 -123.32 43.40 29.21
C SER G 249 -122.65 44.76 29.25
N ALA G 250 -121.66 44.91 30.13
CA ALA G 250 -120.97 46.18 30.30
C ALA G 250 -120.75 46.91 28.99
N LEU G 251 -121.37 48.07 28.85
CA LEU G 251 -121.30 48.85 27.62
C LEU G 251 -120.19 49.90 27.65
N LEU G 252 -118.96 49.45 27.39
CA LEU G 252 -117.81 50.35 27.37
C LEU G 252 -118.05 51.58 26.49
N PRO G 253 -117.68 52.77 27.01
CA PRO G 253 -117.81 54.04 26.29
C PRO G 253 -116.57 54.23 25.47
N ILE G 254 -116.63 55.08 24.44
CA ILE G 254 -115.48 55.29 23.60
C ILE G 254 -114.93 56.71 23.71
N TYR G 255 -113.70 56.84 24.21
CA TYR G 255 -113.03 58.13 24.32
C TYR G 255 -112.10 58.33 23.14
N PRO G 256 -112.04 59.54 22.60
CA PRO G 256 -112.84 60.71 22.96
C PRO G 256 -114.04 60.84 22.03
N GLY G 257 -114.07 60.03 20.98
CA GLY G 257 -115.16 60.08 20.03
C GLY G 257 -116.50 60.20 20.70
N GLY G 258 -116.90 59.15 21.40
CA GLY G 258 -118.21 59.11 22.03
C GLY G 258 -118.85 57.74 21.80
N GLY G 259 -120.13 57.63 22.12
CA GLY G 259 -120.85 56.39 21.94
C GLY G 259 -120.24 55.25 22.74
N THR G 260 -120.92 54.10 22.74
CA THR G 260 -120.45 52.96 23.50
C THR G 260 -120.39 51.71 22.63
N ARG G 261 -119.99 50.60 23.24
CA ARG G 261 -119.81 49.35 22.53
C ARG G 261 -119.66 48.21 23.53
N ALA G 262 -120.48 47.19 23.39
CA ALA G 262 -120.44 46.05 24.30
C ALA G 262 -119.01 45.59 24.54
N SER G 263 -118.68 45.34 25.81
CA SER G 263 -117.37 44.84 26.18
C SER G 263 -117.09 43.49 25.52
N THR G 264 -115.88 42.98 25.69
CA THR G 264 -115.53 41.68 25.14
C THR G 264 -114.62 40.92 26.11
N ALA G 265 -114.20 41.59 27.17
CA ALA G 265 -113.21 41.04 28.12
C ALA G 265 -113.41 39.56 28.46
N LYS G 266 -114.48 39.25 29.16
CA LYS G 266 -114.75 37.89 29.61
C LYS G 266 -114.90 36.93 28.42
N ALA G 267 -115.08 37.50 27.24
CA ALA G 267 -115.21 36.71 26.01
C ALA G 267 -113.89 36.62 25.24
N VAL G 268 -112.79 36.86 25.94
CA VAL G 268 -111.46 36.76 25.36
C VAL G 268 -110.50 36.22 26.41
N PHE G 269 -110.82 36.48 27.67
CA PHE G 269 -109.97 36.06 28.77
C PHE G 269 -110.53 34.88 29.55
N GLY G 270 -109.65 33.94 29.91
CA GLY G 270 -110.00 32.93 30.87
C GLY G 270 -109.67 33.52 32.23
N TYR G 271 -108.37 33.61 32.50
CA TYR G 271 -107.86 34.23 33.73
C TYR G 271 -108.31 35.68 33.78
N GLY G 272 -109.37 35.97 34.52
CA GLY G 272 -109.90 37.32 34.62
C GLY G 272 -109.10 38.18 35.59
N PRO G 273 -109.42 39.49 35.64
CA PRO G 273 -108.75 40.42 36.56
C PRO G 273 -108.97 40.00 38.02
N GLN G 274 -107.89 39.80 38.74
CA GLN G 274 -107.97 39.28 40.10
C GLN G 274 -108.26 40.35 41.15
N THR G 275 -107.26 41.16 41.48
CA THR G 275 -107.47 42.22 42.45
C THR G 275 -108.30 43.34 41.80
N ASP G 276 -108.81 44.27 42.62
CA ASP G 276 -109.62 45.37 42.10
C ASP G 276 -108.76 46.39 41.36
N SER G 277 -107.45 46.29 41.55
CA SER G 277 -106.50 47.16 40.88
C SER G 277 -105.81 46.43 39.72
N GLN G 278 -106.47 45.41 39.17
CA GLN G 278 -106.01 44.73 37.98
C GLN G 278 -106.99 45.03 36.85
N TYR G 279 -106.48 45.16 35.64
CA TYR G 279 -107.33 45.50 34.50
C TYR G 279 -107.07 44.61 33.29
N ALA G 280 -108.11 44.37 32.50
CA ALA G 280 -108.00 43.63 31.27
C ALA G 280 -107.71 44.61 30.15
N ILE G 281 -106.63 44.37 29.42
CA ILE G 281 -106.26 45.23 28.30
C ILE G 281 -106.29 44.44 27.00
N ILE G 282 -106.99 44.96 26.00
CA ILE G 282 -107.06 44.28 24.71
C ILE G 282 -106.73 45.26 23.59
N VAL G 283 -105.55 45.13 22.99
CA VAL G 283 -105.09 46.05 21.96
C VAL G 283 -105.45 45.58 20.56
N ARG G 284 -105.99 46.49 19.75
CA ARG G 284 -106.45 46.15 18.42
C ARG G 284 -105.88 47.07 17.34
N ARG G 285 -105.42 46.49 16.24
CA ARG G 285 -105.08 47.29 15.08
C ARG G 285 -105.77 46.68 13.87
N ASN G 286 -106.71 47.41 13.29
CA ASN G 286 -107.47 46.91 12.14
C ASN G 286 -108.43 45.79 12.52
N ASP G 287 -109.10 45.95 13.66
CA ASP G 287 -110.06 44.95 14.14
C ASP G 287 -109.35 43.70 14.66
N ALA G 288 -108.04 43.65 14.46
CA ALA G 288 -107.24 42.51 14.90
C ALA G 288 -106.90 42.63 16.36
N ILE G 289 -107.11 41.56 17.13
CA ILE G 289 -106.77 41.56 18.53
C ILE G 289 -105.29 41.28 18.66
N VAL G 290 -104.49 42.31 18.40
CA VAL G 290 -103.04 42.21 18.36
C VAL G 290 -102.36 41.75 19.66
N GLN G 291 -102.94 42.11 20.80
CA GLN G 291 -102.40 41.70 22.10
C GLN G 291 -103.48 41.65 23.17
N SER G 292 -103.31 40.78 24.16
CA SER G 292 -104.29 40.62 25.23
C SER G 292 -103.59 40.29 26.53
N VAL G 293 -103.69 41.20 27.50
CA VAL G 293 -102.98 41.01 28.76
C VAL G 293 -103.78 41.54 29.93
N VAL G 294 -103.40 41.14 31.14
CA VAL G 294 -104.00 41.67 32.36
C VAL G 294 -102.92 42.27 33.24
N LEU G 295 -103.07 43.53 33.61
CA LEU G 295 -102.06 44.23 34.40
C LEU G 295 -102.63 44.87 35.65
N SER G 296 -101.75 45.26 36.56
CA SER G 296 -102.17 45.85 37.82
C SER G 296 -101.54 47.22 38.01
N THR G 297 -102.27 48.10 38.70
CA THR G 297 -101.77 49.42 39.01
C THR G 297 -101.09 49.45 40.36
N LYS G 298 -101.01 48.28 41.02
CA LYS G 298 -100.39 48.19 42.33
C LYS G 298 -99.07 47.42 42.27
N ARG G 299 -97.99 48.08 42.65
CA ARG G 299 -96.67 47.47 42.60
C ARG G 299 -96.66 46.12 43.30
N GLY G 300 -95.78 45.24 42.85
CA GLY G 300 -95.65 43.94 43.48
C GLY G 300 -96.57 42.89 42.88
N GLY G 301 -97.87 43.20 42.81
CA GLY G 301 -98.87 42.26 42.33
C GLY G 301 -98.40 41.47 41.13
N LYS G 302 -98.71 40.17 41.16
CA LYS G 302 -98.27 39.25 40.12
C LYS G 302 -99.43 38.40 39.64
N ASP G 303 -99.25 37.77 38.49
CA ASP G 303 -100.21 36.79 38.01
C ASP G 303 -99.95 35.49 38.75
N ILE G 304 -100.57 34.40 38.29
CA ILE G 304 -100.38 33.10 38.91
C ILE G 304 -99.02 32.49 38.58
N TYR G 305 -98.06 33.33 38.22
CA TYR G 305 -96.72 32.86 37.87
C TYR G 305 -95.65 33.74 38.51
N ASP G 306 -96.07 34.59 39.44
CA ASP G 306 -95.16 35.55 40.06
C ASP G 306 -94.44 36.43 39.03
N SER G 307 -95.10 36.65 37.89
CA SER G 307 -94.60 37.59 36.90
C SER G 307 -95.11 38.97 37.26
N ASN G 308 -94.18 39.87 37.60
CA ASN G 308 -94.55 41.23 37.97
C ASN G 308 -95.38 41.91 36.89
N ILE G 309 -96.70 41.99 37.14
CA ILE G 309 -97.61 42.58 36.18
C ILE G 309 -98.02 44.00 36.55
N TYR G 310 -97.16 44.69 37.31
CA TYR G 310 -97.38 46.10 37.56
C TYR G 310 -97.09 46.87 36.29
N ILE G 311 -98.08 47.61 35.80
CA ILE G 311 -97.98 48.32 34.54
C ILE G 311 -96.61 48.88 34.21
N ASP G 312 -96.20 49.91 34.95
CA ASP G 312 -94.95 50.60 34.66
C ASP G 312 -93.75 49.68 34.40
N ASP G 313 -93.70 48.56 35.10
CA ASP G 313 -92.60 47.63 34.94
C ASP G 313 -92.79 46.74 33.71
N PHE G 314 -93.97 46.14 33.60
CA PHE G 314 -94.30 45.30 32.47
C PHE G 314 -93.80 45.90 31.17
N PHE G 315 -94.16 47.15 30.92
CA PHE G 315 -93.76 47.83 29.68
C PHE G 315 -92.30 48.25 29.75
N ALA G 316 -91.82 48.52 30.95
CA ALA G 316 -90.45 48.94 31.16
C ALA G 316 -89.46 47.93 30.62
N LYS G 317 -89.94 46.72 30.39
CA LYS G 317 -89.10 45.62 29.94
C LYS G 317 -89.71 44.93 28.72
N GLY G 318 -89.60 45.57 27.56
CA GLY G 318 -90.10 45.03 26.31
C GLY G 318 -91.40 44.25 26.42
N GLY G 319 -92.28 44.70 27.32
CA GLY G 319 -93.50 43.98 27.59
C GLY G 319 -94.45 43.90 26.41
N SER G 320 -94.41 44.90 25.54
CA SER G 320 -95.36 44.96 24.44
C SER G 320 -94.80 45.66 23.21
N GLU G 321 -95.02 45.06 22.04
CA GLU G 321 -94.51 45.57 20.79
C GLU G 321 -95.26 46.80 20.31
N TYR G 322 -96.46 47.03 20.84
CA TYR G 322 -97.37 48.01 20.26
C TYR G 322 -97.58 49.28 21.08
N ILE G 323 -97.85 49.11 22.36
CA ILE G 323 -98.22 50.23 23.21
C ILE G 323 -97.27 50.40 24.39
N PHE G 324 -97.55 51.40 25.21
CA PHE G 324 -96.73 51.70 26.36
C PHE G 324 -97.63 52.48 27.31
N ALA G 325 -97.64 52.10 28.59
CA ALA G 325 -98.54 52.73 29.55
C ALA G 325 -97.89 53.04 30.89
N THR G 326 -98.65 53.70 31.77
CA THR G 326 -98.17 54.05 33.09
C THR G 326 -99.32 54.08 34.09
N ALA G 327 -99.12 53.46 35.25
CA ALA G 327 -100.17 53.38 36.26
C ALA G 327 -100.58 54.76 36.76
N GLN G 328 -99.70 55.72 36.54
CA GLN G 328 -99.91 57.07 37.05
C GLN G 328 -101.17 57.71 36.49
N ASN G 329 -102.01 58.22 37.39
CA ASN G 329 -103.26 58.87 37.03
C ASN G 329 -104.22 57.97 36.27
N TRP G 330 -103.96 56.67 36.31
CA TRP G 330 -104.88 55.69 35.76
C TRP G 330 -106.17 55.78 36.56
N PRO G 331 -107.28 56.17 35.92
CA PRO G 331 -108.54 56.32 36.64
C PRO G 331 -108.93 55.03 37.35
N GLU G 332 -109.28 55.12 38.64
CA GLU G 332 -109.69 53.93 39.37
C GLU G 332 -110.95 53.33 38.75
N GLY G 333 -110.94 52.00 38.60
CA GLY G 333 -112.08 51.29 38.04
C GLY G 333 -112.45 51.75 36.64
N PHE G 334 -111.52 52.41 35.97
CA PHE G 334 -111.77 52.87 34.61
C PHE G 334 -112.05 51.67 33.73
N SER G 335 -113.06 51.80 32.88
CA SER G 335 -113.30 50.83 31.82
C SER G 335 -113.80 51.60 30.60
N GLY G 336 -113.28 51.25 29.43
CA GLY G 336 -113.69 51.94 28.23
C GLY G 336 -112.85 51.61 27.01
N ILE G 337 -113.11 52.31 25.92
CA ILE G 337 -112.38 52.12 24.68
C ILE G 337 -111.55 53.36 24.42
N LEU G 338 -110.24 53.19 24.39
CA LEU G 338 -109.35 54.30 24.09
C LEU G 338 -109.06 54.37 22.59
N THR G 339 -109.17 55.58 22.04
CA THR G 339 -108.95 55.78 20.62
C THR G 339 -107.72 56.63 20.40
N LEU G 340 -106.63 55.98 19.98
CA LEU G 340 -105.37 56.66 19.72
C LEU G 340 -105.49 57.42 18.42
N SER G 341 -104.98 58.65 18.44
CA SER G 341 -104.98 59.53 17.27
C SER G 341 -103.97 60.66 17.47
N GLY G 342 -103.88 61.55 16.49
CA GLY G 342 -102.90 62.61 16.53
C GLY G 342 -101.47 62.07 16.41
N GLY G 343 -101.36 60.74 16.31
CA GLY G 343 -100.08 60.12 16.10
C GLY G 343 -99.39 60.78 14.94
N LEU G 344 -98.08 60.99 15.04
CA LEU G 344 -97.39 61.77 14.05
C LEU G 344 -95.90 61.57 14.01
N SER G 345 -95.43 60.65 13.18
CA SER G 345 -94.00 60.60 12.89
C SER G 345 -93.75 61.63 11.83
N SER G 346 -92.88 62.57 12.10
CA SER G 346 -92.56 63.51 11.05
C SER G 346 -91.15 63.22 10.65
N ASN G 347 -90.99 62.68 9.44
CA ASN G 347 -89.73 62.75 8.71
C ASN G 347 -89.80 64.06 7.97
N ALA G 348 -91.05 64.48 7.74
CA ALA G 348 -91.35 65.77 7.13
C ALA G 348 -90.14 66.66 7.23
N GLU G 349 -89.79 67.02 8.46
CA GLU G 349 -88.57 67.76 8.68
C GLU G 349 -87.67 67.18 9.73
N VAL G 350 -86.96 66.12 9.35
CA VAL G 350 -85.84 65.62 10.09
C VAL G 350 -84.59 66.32 9.57
N THR G 351 -84.05 67.24 10.36
CA THR G 351 -82.86 67.99 9.98
C THR G 351 -81.65 67.05 9.82
N ALA G 352 -80.73 67.45 8.95
CA ALA G 352 -79.51 66.66 8.73
C ALA G 352 -78.93 66.23 10.07
N GLY G 353 -78.78 67.19 10.98
CA GLY G 353 -78.23 66.93 12.29
C GLY G 353 -78.99 65.83 13.02
N ASP G 354 -80.32 65.86 12.90
CA ASP G 354 -81.16 64.87 13.53
C ASP G 354 -80.72 63.47 13.10
N LEU G 355 -80.08 63.39 11.93
CA LEU G 355 -79.52 62.13 11.47
C LEU G 355 -78.20 61.84 12.18
N MET G 356 -77.36 62.86 12.29
CA MET G 356 -76.05 62.72 12.90
C MET G 356 -76.17 62.37 14.39
N GLU G 357 -77.16 62.96 15.06
CA GLU G 357 -77.43 62.58 16.45
C GLU G 357 -77.66 61.09 16.52
N ALA G 358 -78.35 60.56 15.52
CA ALA G 358 -78.68 59.14 15.47
C ALA G 358 -77.45 58.30 15.23
N TRP G 359 -76.78 58.54 14.10
CA TRP G 359 -75.57 57.79 13.76
C TRP G 359 -74.62 57.68 14.95
N ASP G 360 -74.54 58.74 15.74
CA ASP G 360 -73.61 58.81 16.86
C ASP G 360 -73.74 57.61 17.79
N PHE G 361 -74.88 56.94 17.76
CA PHE G 361 -75.13 55.81 18.65
C PHE G 361 -74.13 54.67 18.45
N PHE G 362 -73.31 54.77 17.40
CA PHE G 362 -72.35 53.71 17.07
C PHE G 362 -70.90 54.10 17.32
N ALA G 363 -70.65 55.32 17.75
CA ALA G 363 -69.29 55.87 17.74
C ALA G 363 -68.40 55.50 18.93
N ASP G 364 -68.58 54.30 19.48
CA ASP G 364 -67.73 53.82 20.56
C ASP G 364 -67.70 52.29 20.68
N ARG G 365 -66.55 51.72 20.36
CA ARG G 365 -66.37 50.27 20.41
C ARG G 365 -66.71 49.68 21.78
N GLU G 366 -66.68 50.51 22.81
CA GLU G 366 -66.98 50.09 24.17
C GLU G 366 -68.38 49.51 24.04
N SER G 367 -69.21 50.18 23.26
CA SER G 367 -70.63 49.87 23.27
C SER G 367 -71.20 48.93 22.22
N VAL G 368 -70.97 49.25 20.95
CA VAL G 368 -71.53 48.45 19.88
C VAL G 368 -70.53 47.88 18.89
N ASP G 369 -70.51 46.56 18.78
CA ASP G 369 -69.64 45.88 17.83
C ASP G 369 -70.28 45.83 16.45
N VAL G 370 -69.98 46.85 15.64
CA VAL G 370 -70.56 46.94 14.30
C VAL G 370 -69.45 47.02 13.24
N GLN G 371 -69.42 46.05 12.33
CA GLN G 371 -68.31 45.92 11.39
C GLN G 371 -68.40 46.86 10.18
N LEU G 372 -69.58 46.99 9.61
CA LEU G 372 -69.73 47.77 8.39
C LEU G 372 -70.65 48.95 8.63
N PHE G 373 -70.57 49.96 7.77
CA PHE G 373 -71.36 51.17 7.93
C PHE G 373 -72.09 51.54 6.65
N ILE G 374 -73.39 51.30 6.60
CA ILE G 374 -74.16 51.72 5.43
C ILE G 374 -74.37 53.22 5.51
N ALA G 375 -73.82 53.96 4.57
CA ALA G 375 -73.83 55.41 4.69
C ALA G 375 -74.49 56.07 3.48
N GLY G 376 -74.28 55.50 2.31
CA GLY G 376 -74.82 56.06 1.08
C GLY G 376 -76.32 56.26 1.15
N SER G 377 -76.92 55.69 2.20
CA SER G 377 -78.36 55.76 2.40
C SER G 377 -78.90 57.18 2.39
N CYS G 378 -78.00 58.16 2.44
CA CYS G 378 -78.41 59.55 2.42
C CYS G 378 -78.30 60.14 1.03
N ALA G 379 -77.95 59.28 0.08
CA ALA G 379 -77.74 59.73 -1.30
C ALA G 379 -78.82 60.69 -1.77
N GLY G 380 -80.07 60.37 -1.46
CA GLY G 380 -81.20 61.14 -1.94
C GLY G 380 -81.43 62.49 -1.27
N GLU G 381 -81.05 62.61 -0.01
CA GLU G 381 -81.37 63.79 0.79
C GLU G 381 -80.82 65.11 0.21
N SER G 382 -81.23 66.22 0.81
CA SER G 382 -80.78 67.54 0.37
C SER G 382 -79.30 67.44 0.04
N LEU G 383 -78.91 67.76 -1.19
CA LEU G 383 -77.52 67.65 -1.58
C LEU G 383 -76.62 67.95 -0.39
N GLU G 384 -76.81 69.11 0.21
CA GLU G 384 -76.04 69.49 1.40
C GLU G 384 -75.93 68.30 2.32
N THR G 385 -77.04 67.96 2.97
CA THR G 385 -77.06 66.85 3.92
C THR G 385 -76.53 65.55 3.30
N ALA G 386 -76.77 65.35 2.00
CA ALA G 386 -76.23 64.18 1.31
C ALA G 386 -74.76 64.07 1.62
N SER G 387 -74.07 65.20 1.57
CA SER G 387 -72.64 65.25 1.81
C SER G 387 -72.31 65.32 3.29
N THR G 388 -72.84 66.33 3.96
CA THR G 388 -72.44 66.58 5.34
C THR G 388 -72.76 65.47 6.35
N VAL G 389 -73.77 64.67 6.09
CA VAL G 389 -74.07 63.54 6.97
C VAL G 389 -72.99 62.49 6.83
N GLN G 390 -72.91 61.89 5.64
CA GLN G 390 -71.87 60.92 5.31
C GLN G 390 -70.51 61.38 5.81
N LYS G 391 -70.10 62.57 5.36
CA LYS G 391 -68.84 63.16 5.76
C LYS G 391 -68.63 62.92 7.24
N HIS G 392 -69.66 63.19 8.03
CA HIS G 392 -69.61 62.98 9.47
C HIS G 392 -69.55 61.50 9.85
N VAL G 393 -70.30 60.66 9.16
CA VAL G 393 -70.30 59.23 9.43
C VAL G 393 -68.90 58.66 9.29
N VAL G 394 -68.17 59.15 8.29
CA VAL G 394 -66.77 58.77 8.10
C VAL G 394 -65.97 59.15 9.33
N SER G 395 -66.32 60.28 9.93
CA SER G 395 -65.61 60.79 11.09
C SER G 395 -66.07 60.10 12.37
N ILE G 396 -66.64 58.90 12.22
CA ILE G 396 -67.02 58.07 13.34
C ILE G 396 -66.22 56.78 13.25
N GLY G 397 -66.12 56.28 12.02
CA GLY G 397 -65.29 55.12 11.75
C GLY G 397 -63.84 55.52 11.88
N ASP G 398 -63.52 56.74 11.46
CA ASP G 398 -62.18 57.27 11.62
C ASP G 398 -61.74 57.21 13.07
N VAL G 399 -62.48 57.87 13.94
CA VAL G 399 -62.09 58.01 15.33
C VAL G 399 -62.18 56.69 16.07
N ARG G 400 -62.79 55.67 15.51
CA ARG G 400 -62.94 54.40 16.20
C ARG G 400 -62.13 53.28 15.55
N GLN G 401 -61.96 53.36 14.23
CA GLN G 401 -61.12 52.44 13.48
C GLN G 401 -61.40 50.96 13.71
N ASP G 402 -62.67 50.62 13.91
CA ASP G 402 -63.13 49.24 13.91
C ASP G 402 -64.38 49.18 13.04
N CYS G 403 -64.19 49.24 11.72
CA CYS G 403 -65.32 49.36 10.81
C CYS G 403 -64.91 49.63 9.37
N LEU G 404 -65.86 50.13 8.58
CA LEU G 404 -65.62 50.41 7.18
C LEU G 404 -66.82 51.34 7.15
N VAL G 405 -66.65 52.52 6.54
CA VAL G 405 -67.75 53.48 6.48
C VAL G 405 -67.62 53.33 4.97
N LEU G 406 -68.72 52.94 4.31
CA LEU G 406 -68.73 52.75 2.86
C LEU G 406 -69.78 53.83 2.55
N CYS G 407 -69.60 54.52 1.42
CA CYS G 407 -70.37 55.70 1.09
C CYS G 407 -70.57 55.88 -0.40
N SER G 408 -71.73 56.41 -0.77
CA SER G 408 -72.12 56.57 -2.19
C SER G 408 -72.51 58.00 -2.62
N PRO G 409 -72.36 58.30 -3.92
CA PRO G 409 -72.50 59.67 -4.46
C PRO G 409 -73.92 60.16 -4.38
N PRO G 410 -74.13 61.47 -4.50
CA PRO G 410 -75.47 62.08 -4.46
C PRO G 410 -76.21 61.87 -5.76
N ARG G 411 -77.48 61.48 -5.68
CA ARG G 411 -78.26 61.27 -6.90
C ARG G 411 -78.04 62.41 -7.88
N GLU G 412 -78.18 63.63 -7.40
CA GLU G 412 -78.01 64.81 -8.26
C GLU G 412 -76.94 64.57 -9.32
N THR G 413 -75.80 64.10 -8.84
CA THR G 413 -74.56 64.13 -9.59
C THR G 413 -74.39 63.04 -10.63
N VAL G 414 -75.21 62.00 -10.56
CA VAL G 414 -74.90 60.80 -11.32
C VAL G 414 -76.04 60.18 -12.13
N VAL G 415 -77.27 60.32 -11.68
CA VAL G 415 -78.40 59.64 -12.30
C VAL G 415 -79.01 60.34 -13.51
N GLY G 416 -79.26 61.64 -13.40
CA GLY G 416 -79.86 62.39 -14.49
C GLY G 416 -79.01 62.55 -15.75
N ILE G 417 -77.85 63.18 -15.59
CA ILE G 417 -76.99 63.52 -16.72
C ILE G 417 -76.33 62.31 -17.37
N PRO G 418 -75.73 62.51 -18.57
CA PRO G 418 -74.90 61.53 -19.26
C PRO G 418 -73.52 61.44 -18.61
N VAL G 419 -72.77 60.39 -18.90
CA VAL G 419 -71.48 60.17 -18.26
C VAL G 419 -70.46 61.28 -18.45
N THR G 420 -70.47 61.91 -19.62
CA THR G 420 -69.58 63.04 -19.90
C THR G 420 -69.59 64.00 -18.72
N ARG G 421 -70.70 64.69 -18.52
CA ARG G 421 -70.87 65.56 -17.36
C ARG G 421 -70.66 64.76 -16.08
N ALA G 422 -71.23 63.56 -16.05
CA ALA G 422 -71.27 62.74 -14.83
C ALA G 422 -69.95 62.74 -14.06
N VAL G 423 -68.89 62.29 -14.72
CA VAL G 423 -67.61 62.14 -14.02
C VAL G 423 -67.07 63.50 -13.57
N ASP G 424 -67.12 64.50 -14.45
CA ASP G 424 -66.71 65.84 -14.07
C ASP G 424 -67.26 66.14 -12.68
N ASN G 425 -68.57 65.95 -12.53
CA ASN G 425 -69.24 66.20 -11.27
C ASN G 425 -68.60 65.43 -10.12
N LEU G 426 -68.53 64.12 -10.27
CA LEU G 426 -67.98 63.26 -9.23
C LEU G 426 -66.62 63.72 -8.71
N VAL G 427 -65.72 64.07 -9.64
CA VAL G 427 -64.36 64.45 -9.28
C VAL G 427 -64.32 65.82 -8.60
N ASN G 428 -65.10 66.75 -9.11
CA ASN G 428 -65.26 68.03 -8.45
C ASN G 428 -65.68 67.85 -7.01
N TRP G 429 -66.67 66.98 -6.80
CA TRP G 429 -67.23 66.74 -5.47
C TRP G 429 -66.19 66.13 -4.53
N ARG G 430 -65.33 65.27 -5.07
CA ARG G 430 -64.31 64.60 -4.29
C ARG G 430 -63.17 65.52 -3.88
N THR G 431 -63.21 66.75 -4.41
CA THR G 431 -62.22 67.78 -4.06
C THR G 431 -62.85 69.11 -3.60
N ALA G 432 -63.47 69.83 -4.51
CA ALA G 432 -64.05 71.13 -4.20
C ALA G 432 -64.37 71.77 -5.54
N ALA G 433 -63.33 72.27 -6.18
CA ALA G 433 -63.39 72.69 -7.57
C ALA G 433 -64.63 73.50 -7.97
N GLY G 434 -65.41 72.94 -8.89
CA GLY G 434 -66.44 73.68 -9.59
C GLY G 434 -67.66 74.06 -8.78
N SER G 435 -68.71 73.24 -8.89
CA SER G 435 -69.99 73.56 -8.27
C SER G 435 -70.07 73.12 -6.81
N TYR G 436 -69.56 71.92 -6.56
CA TYR G 436 -69.54 71.38 -5.20
C TYR G 436 -68.25 71.73 -4.51
N THR G 437 -67.99 73.02 -4.34
CA THR G 437 -66.86 73.42 -3.52
C THR G 437 -67.28 73.33 -2.07
N ASP G 438 -68.53 73.71 -1.84
CA ASP G 438 -69.09 73.86 -0.49
C ASP G 438 -69.49 72.51 0.07
N ASN G 439 -70.45 71.89 -0.60
CA ASN G 439 -70.87 70.54 -0.25
C ASN G 439 -69.93 69.53 -0.89
N ASN G 440 -68.67 69.61 -0.53
CA ASN G 440 -67.69 68.65 -1.01
C ASN G 440 -67.70 67.44 -0.12
N PHE G 441 -67.03 66.40 -0.57
CA PHE G 441 -66.82 65.20 0.22
C PHE G 441 -65.31 65.04 0.35
N ASN G 442 -64.61 66.16 0.34
CA ASN G 442 -63.14 66.17 0.29
C ASN G 442 -62.47 65.69 1.57
N ILE G 443 -62.60 64.39 1.85
CA ILE G 443 -61.96 63.77 2.98
C ILE G 443 -61.15 62.60 2.46
N SER G 444 -60.36 61.98 3.31
CA SER G 444 -59.50 60.88 2.85
C SER G 444 -59.18 59.82 3.91
N SER G 445 -60.13 58.94 4.17
CA SER G 445 -59.92 57.89 5.15
C SER G 445 -59.66 56.54 4.51
N THR G 446 -58.80 55.77 5.17
CA THR G 446 -58.49 54.42 4.75
C THR G 446 -59.68 53.57 5.11
N TYR G 447 -60.57 54.17 5.89
CA TYR G 447 -61.82 53.53 6.30
C TYR G 447 -62.96 54.02 5.42
N ALA G 448 -62.67 55.04 4.63
CA ALA G 448 -63.67 55.62 3.74
C ALA G 448 -63.66 54.85 2.44
N ALA G 449 -64.81 54.26 2.10
CA ALA G 449 -64.95 53.55 0.83
C ALA G 449 -66.14 54.36 0.30
N ILE G 450 -65.93 55.06 -0.82
CA ILE G 450 -67.02 55.71 -1.54
C ILE G 450 -67.53 54.84 -2.68
N ASP G 451 -68.54 55.32 -3.38
CA ASP G 451 -69.60 54.45 -3.88
C ASP G 451 -70.35 55.10 -5.04
N GLY G 452 -70.31 54.45 -6.19
CA GLY G 452 -69.62 55.00 -7.36
C GLY G 452 -70.56 55.28 -8.51
N ASN G 453 -71.70 54.60 -8.52
CA ASN G 453 -72.93 55.19 -9.05
C ASN G 453 -74.12 54.96 -8.12
N TYR G 454 -75.30 54.80 -8.71
CA TYR G 454 -76.53 54.68 -7.93
C TYR G 454 -77.52 53.75 -8.61
N LYS G 455 -78.07 52.80 -7.85
CA LYS G 455 -78.70 51.62 -8.43
C LYS G 455 -80.17 51.89 -8.74
N TYR G 456 -80.70 51.15 -9.72
CA TYR G 456 -82.09 51.29 -10.11
C TYR G 456 -82.86 50.00 -9.81
N GLN G 457 -83.50 49.96 -8.65
CA GLN G 457 -84.18 48.75 -8.17
C GLN G 457 -85.67 48.78 -8.46
N TYR G 458 -86.37 47.70 -8.13
CA TYR G 458 -87.82 47.70 -8.20
C TYR G 458 -88.35 47.62 -6.78
N ASP G 459 -89.41 48.37 -6.50
CA ASP G 459 -89.91 48.48 -5.13
C ASP G 459 -91.18 47.67 -4.94
N LYS G 460 -91.02 46.42 -4.55
CA LYS G 460 -92.16 45.50 -4.44
C LYS G 460 -93.31 46.08 -3.61
N TYR G 461 -93.02 47.10 -2.82
CA TYR G 461 -94.03 47.67 -1.94
C TYR G 461 -94.89 48.71 -2.61
N ASN G 462 -94.31 49.83 -3.02
CA ASN G 462 -95.06 50.83 -3.75
C ASN G 462 -95.34 50.35 -5.17
N ASP G 463 -94.63 49.29 -5.56
CA ASP G 463 -94.74 48.73 -6.89
C ASP G 463 -94.22 49.69 -7.94
N VAL G 464 -93.02 50.22 -7.72
CA VAL G 464 -92.44 51.18 -8.65
C VAL G 464 -90.94 50.98 -8.78
N ASN G 465 -90.41 51.34 -9.94
CA ASN G 465 -88.96 51.32 -10.14
C ASN G 465 -88.35 52.58 -9.57
N ARG G 466 -87.22 52.45 -8.90
CA ARG G 466 -86.72 53.50 -8.04
C ARG G 466 -85.19 53.50 -7.99
N TRP G 467 -84.58 54.68 -7.92
CA TRP G 467 -83.13 54.77 -7.74
C TRP G 467 -82.78 54.71 -6.25
N VAL G 468 -81.84 53.85 -5.89
CA VAL G 468 -81.39 53.76 -4.51
C VAL G 468 -79.87 53.77 -4.40
N PRO G 469 -79.35 54.32 -3.30
CA PRO G 469 -77.91 54.35 -3.06
C PRO G 469 -77.34 52.95 -3.12
N LEU G 470 -76.26 52.77 -3.87
CA LEU G 470 -75.70 51.44 -4.07
C LEU G 470 -74.90 50.97 -2.87
N ALA G 471 -74.32 51.90 -2.13
CA ALA G 471 -73.52 51.56 -0.95
C ALA G 471 -74.21 50.56 -0.05
N ALA G 472 -75.45 50.86 0.32
CA ALA G 472 -76.25 49.96 1.15
C ALA G 472 -76.06 48.51 0.73
N ASP G 473 -75.95 48.29 -0.58
CA ASP G 473 -75.86 46.96 -1.12
C ASP G 473 -74.47 46.34 -0.95
N ILE G 474 -73.46 47.01 -1.51
CA ILE G 474 -72.08 46.50 -1.44
C ILE G 474 -71.68 46.12 -0.01
N ALA G 475 -72.25 46.81 0.96
CA ALA G 475 -71.95 46.54 2.37
C ALA G 475 -72.33 45.11 2.75
N GLY G 476 -73.49 44.66 2.30
CA GLY G 476 -73.90 43.29 2.53
C GLY G 476 -73.02 42.39 1.70
N LEU G 477 -72.62 42.89 0.54
CA LEU G 477 -71.74 42.16 -0.36
C LEU G 477 -70.38 41.95 0.29
N CYS G 478 -70.14 42.64 1.41
CA CYS G 478 -68.91 42.45 2.17
C CYS G 478 -69.09 41.43 3.28
N ALA G 479 -70.20 41.55 4.03
CA ALA G 479 -70.52 40.60 5.10
C ALA G 479 -70.36 39.21 4.53
N ARG G 480 -70.60 39.15 3.21
CA ARG G 480 -70.38 37.96 2.43
C ARG G 480 -68.89 37.77 2.25
N THR G 481 -68.45 38.01 1.01
CA THR G 481 -67.09 37.73 0.57
C THR G 481 -66.02 38.05 1.62
N ASP G 482 -65.17 37.05 1.87
CA ASP G 482 -64.15 37.11 2.91
C ASP G 482 -64.70 37.75 4.17
N ASN G 483 -63.84 38.35 4.97
CA ASN G 483 -64.32 39.05 6.15
C ASN G 483 -64.27 40.58 6.08
N VAL G 484 -64.98 41.18 7.03
CA VAL G 484 -65.46 42.53 6.87
C VAL G 484 -64.77 43.51 7.82
N ARG G 496 -67.69 43.50 -7.02
CA ARG G 496 -66.99 42.48 -6.26
C ARG G 496 -67.68 41.12 -6.36
N GLY G 497 -68.43 40.94 -7.44
CA GLY G 497 -69.32 39.81 -7.60
C GLY G 497 -70.71 40.40 -7.77
N GLN G 498 -71.35 40.13 -8.90
CA GLN G 498 -72.54 40.88 -9.28
C GLN G 498 -73.53 41.06 -8.14
N ILE G 499 -74.28 42.15 -8.21
CA ILE G 499 -75.29 42.48 -7.22
C ILE G 499 -76.61 41.90 -7.63
N LEU G 500 -77.47 41.68 -6.66
CA LEU G 500 -78.64 40.85 -6.85
C LEU G 500 -79.75 41.46 -7.71
N ASN G 501 -80.38 42.51 -7.20
CA ASN G 501 -81.67 42.93 -7.74
C ASN G 501 -81.61 44.17 -8.57
N VAL G 502 -80.42 44.57 -8.96
CA VAL G 502 -80.27 45.69 -9.89
C VAL G 502 -81.04 45.41 -11.16
N ILE G 503 -81.39 46.46 -11.88
CA ILE G 503 -82.07 46.28 -13.16
C ILE G 503 -81.58 47.36 -14.10
N LYS G 504 -80.55 48.05 -13.67
CA LYS G 504 -80.05 49.22 -14.39
C LYS G 504 -79.12 49.93 -13.43
N LEU G 505 -77.99 50.40 -13.94
CA LEU G 505 -77.13 51.27 -13.15
C LEU G 505 -76.92 52.64 -13.81
N ALA G 506 -76.68 53.66 -12.99
CA ALA G 506 -76.58 55.01 -13.53
C ALA G 506 -75.55 55.07 -14.64
N ILE G 507 -74.44 54.34 -14.47
CA ILE G 507 -73.42 54.23 -15.49
C ILE G 507 -72.94 52.80 -15.65
N GLU G 508 -72.59 52.43 -16.88
CA GLU G 508 -72.16 51.07 -17.17
C GLU G 508 -71.34 51.02 -18.46
N GLN G 511 -62.88 53.49 -20.20
CA GLN G 511 -61.73 52.84 -19.62
C GLN G 511 -60.89 53.85 -18.89
N ALA G 512 -60.69 55.04 -19.50
CA ALA G 512 -59.87 56.02 -18.84
C ALA G 512 -60.51 56.41 -17.56
N GLN G 513 -61.84 56.60 -17.58
CA GLN G 513 -62.54 57.02 -16.41
C GLN G 513 -62.45 55.94 -15.38
N ARG G 514 -62.59 54.67 -15.80
CA ARG G 514 -62.56 53.56 -14.90
C ARG G 514 -61.22 53.54 -14.21
N ASP G 515 -60.13 53.67 -14.98
CA ASP G 515 -58.85 53.61 -14.33
C ASP G 515 -58.78 54.77 -13.38
N ARG G 516 -59.37 55.91 -13.79
CA ARG G 516 -59.36 57.09 -12.97
C ARG G 516 -60.10 56.83 -11.70
N LEU G 517 -61.25 56.14 -11.77
CA LEU G 517 -62.05 55.90 -10.60
C LEU G 517 -61.28 55.01 -9.66
N TYR G 518 -60.65 53.95 -10.19
CA TYR G 518 -59.75 53.13 -9.42
C TYR G 518 -58.67 54.10 -9.06
N GLN G 519 -57.81 53.85 -8.06
CA GLN G 519 -56.77 54.80 -7.74
C GLN G 519 -57.37 55.88 -6.91
N GLU G 520 -58.56 56.38 -7.34
CA GLU G 520 -59.36 57.32 -6.63
C GLU G 520 -59.87 56.55 -5.45
N ALA G 521 -59.78 55.21 -5.57
CA ALA G 521 -60.31 54.33 -4.56
C ALA G 521 -61.79 54.45 -4.53
N ILE G 522 -62.41 54.35 -5.73
CA ILE G 522 -63.84 54.39 -5.74
C ILE G 522 -64.32 53.08 -6.31
N ASN G 523 -65.50 52.59 -5.84
CA ASN G 523 -66.04 51.32 -6.28
C ASN G 523 -66.95 51.54 -7.45
N PRO G 524 -66.54 51.05 -8.59
CA PRO G 524 -67.29 51.19 -9.81
C PRO G 524 -68.12 49.98 -10.11
N VAL G 525 -69.12 50.15 -11.00
CA VAL G 525 -69.87 49.03 -11.50
C VAL G 525 -69.83 49.18 -12.99
N THR G 526 -69.50 48.09 -13.71
CA THR G 526 -69.48 48.23 -15.14
C THR G 526 -70.30 47.13 -15.71
N GLY G 527 -70.87 47.39 -16.92
CA GLY G 527 -71.68 46.37 -17.52
C GLY G 527 -71.01 45.97 -18.79
N THR G 528 -70.81 44.65 -18.96
CA THR G 528 -70.18 44.22 -20.18
C THR G 528 -71.01 43.15 -20.79
N GLY G 529 -71.48 43.38 -22.04
CA GLY G 529 -72.19 42.37 -22.74
C GLY G 529 -73.40 42.01 -21.95
N GLY G 530 -73.90 42.95 -21.13
CA GLY G 530 -75.05 42.64 -20.33
C GLY G 530 -74.55 42.19 -19.00
N ASP G 531 -75.38 42.35 -17.96
CA ASP G 531 -75.01 41.98 -16.62
C ASP G 531 -73.92 42.89 -16.17
N GLY G 532 -74.11 43.54 -15.00
CA GLY G 532 -73.12 44.44 -14.52
C GLY G 532 -72.40 43.75 -13.40
N TYR G 533 -71.10 44.05 -13.23
CA TYR G 533 -70.33 43.42 -12.21
C TYR G 533 -69.47 44.47 -11.55
N VAL G 534 -68.94 44.14 -10.36
CA VAL G 534 -68.14 45.10 -9.65
C VAL G 534 -66.78 45.15 -10.28
N LEU G 535 -66.32 46.35 -10.64
CA LEU G 535 -65.04 46.50 -11.26
C LEU G 535 -63.97 46.15 -10.29
N TYR G 536 -64.04 46.73 -9.08
CA TYR G 536 -62.95 46.53 -8.17
C TYR G 536 -63.49 46.35 -6.79
N GLY G 537 -62.66 45.71 -5.97
CA GLY G 537 -62.93 45.24 -4.65
C GLY G 537 -63.34 46.29 -3.66
N ASP G 538 -62.86 47.58 -3.74
CA ASP G 538 -63.41 48.67 -2.92
C ASP G 538 -62.43 49.68 -2.40
N LYS G 539 -62.81 50.24 -1.22
CA LYS G 539 -62.15 51.15 -0.32
C LYS G 539 -61.65 52.41 -0.91
N THR G 540 -61.76 53.50 -0.10
CA THR G 540 -61.19 54.77 -0.43
C THR G 540 -59.90 54.83 0.33
N ALA G 541 -58.96 53.94 -0.06
CA ALA G 541 -57.73 53.70 0.67
C ALA G 541 -56.77 54.83 0.60
N THR G 542 -55.87 54.87 1.63
CA THR G 542 -54.86 55.88 1.83
C THR G 542 -53.52 55.22 2.08
N SER G 543 -52.63 55.87 2.88
CA SER G 543 -51.28 55.44 3.11
C SER G 543 -51.25 54.07 3.72
N VAL G 544 -51.00 53.10 2.84
CA VAL G 544 -50.86 51.69 3.10
C VAL G 544 -50.39 51.24 1.75
N PRO G 545 -49.98 50.02 1.57
CA PRO G 545 -49.66 49.64 0.24
C PRO G 545 -50.95 49.60 -0.50
N SER G 546 -50.91 49.60 -1.84
CA SER G 546 -52.13 49.65 -2.61
C SER G 546 -53.01 48.48 -2.33
N PRO G 547 -52.57 47.31 -1.96
CA PRO G 547 -53.53 46.25 -1.78
C PRO G 547 -54.52 46.43 -0.68
N ASN G 552 -59.66 43.32 0.04
CA ASN G 552 -59.46 41.97 0.45
C ASN G 552 -58.40 41.91 1.50
N VAL G 553 -57.25 42.58 1.26
CA VAL G 553 -56.17 42.55 2.20
C VAL G 553 -56.61 43.20 3.48
N ARG G 554 -57.40 44.29 3.35
CA ARG G 554 -57.86 45.05 4.48
C ARG G 554 -58.72 44.23 5.37
N ARG G 555 -59.66 43.47 4.78
CA ARG G 555 -60.60 42.75 5.58
C ARG G 555 -59.88 41.76 6.43
N LEU G 556 -58.80 41.16 5.91
CA LEU G 556 -58.08 40.21 6.70
C LEU G 556 -57.58 40.95 7.90
N PHE G 557 -56.90 42.10 7.67
CA PHE G 557 -56.33 42.80 8.79
C PHE G 557 -57.36 43.33 9.71
N ASN G 558 -58.44 43.95 9.20
CA ASN G 558 -59.40 44.53 10.08
C ASN G 558 -59.94 43.46 10.98
N MET G 559 -60.26 42.30 10.40
CA MET G 559 -60.86 41.27 11.19
C MET G 559 -59.91 40.85 12.27
N LEU G 560 -58.63 40.66 11.94
CA LEU G 560 -57.73 40.20 12.95
C LEU G 560 -57.66 41.19 14.07
N LYS G 561 -57.51 42.49 13.74
CA LYS G 561 -57.34 43.47 14.76
C LYS G 561 -58.55 43.50 15.64
N THR G 562 -59.75 43.41 15.06
CA THR G 562 -60.92 43.51 15.88
C THR G 562 -60.96 42.36 16.85
N ASN G 563 -60.69 41.14 16.36
CA ASN G 563 -60.76 39.98 17.21
C ASN G 563 -59.73 40.05 18.29
N ILE G 564 -58.51 40.55 17.97
CA ILE G 564 -57.47 40.50 18.94
C ILE G 564 -57.84 41.33 20.13
N GLY G 565 -58.43 42.51 19.90
CA GLY G 565 -58.76 43.45 20.95
C GLY G 565 -59.76 42.86 21.90
N ARG G 566 -60.75 42.11 21.38
CA ARG G 566 -61.80 41.59 22.21
C ARG G 566 -61.22 40.70 23.26
N SER G 567 -60.11 40.02 22.92
CA SER G 567 -59.48 39.09 23.83
C SER G 567 -58.99 39.82 25.04
N SER G 568 -59.12 41.17 25.07
CA SER G 568 -58.66 41.99 26.15
C SER G 568 -59.39 41.66 27.41
N LYS G 569 -60.57 41.04 27.31
CA LYS G 569 -61.32 40.76 28.50
C LYS G 569 -60.49 39.87 29.36
N TYR G 570 -59.69 39.01 28.73
CA TYR G 570 -58.88 38.03 29.40
C TYR G 570 -57.90 38.73 30.30
N ARG G 571 -57.38 39.90 29.90
CA ARG G 571 -56.35 40.55 30.67
C ARG G 571 -56.84 40.82 32.05
N LEU G 572 -58.09 41.27 32.19
CA LEU G 572 -58.57 41.61 33.49
C LEU G 572 -58.51 40.39 34.33
N PHE G 573 -58.75 39.22 33.72
CA PHE G 573 -58.83 37.99 34.45
C PHE G 573 -57.54 37.74 35.18
N GLU G 574 -56.37 37.86 34.50
CA GLU G 574 -55.17 37.52 35.22
C GLU G 574 -54.19 38.66 35.24
N LEU G 575 -53.10 38.45 36.00
CA LEU G 575 -52.03 39.39 36.18
C LEU G 575 -51.10 39.29 35.01
N ASN G 576 -50.12 40.21 34.91
CA ASN G 576 -49.18 40.24 33.82
C ASN G 576 -47.85 39.79 34.32
N ASN G 577 -47.21 38.84 33.58
CA ASN G 577 -45.91 38.33 33.93
C ASN G 577 -45.27 37.83 32.68
N ALA G 578 -44.09 37.20 32.81
CA ALA G 578 -43.42 36.66 31.66
C ALA G 578 -44.33 35.60 31.11
N PHE G 579 -44.95 34.83 32.02
CA PHE G 579 -45.82 33.77 31.65
C PHE G 579 -47.00 34.34 30.93
N THR G 580 -47.48 35.53 31.36
CA THR G 580 -48.63 36.11 30.75
C THR G 580 -48.31 36.44 29.33
N ARG G 581 -47.01 36.68 29.05
CA ARG G 581 -46.58 36.88 27.70
C ARG G 581 -46.99 35.64 26.98
N SER G 582 -46.64 34.47 27.55
CA SER G 582 -47.07 33.23 27.00
C SER G 582 -48.52 33.18 27.37
N SER G 583 -49.29 32.14 27.00
CA SER G 583 -50.67 32.17 27.38
C SER G 583 -51.38 33.15 26.48
N PHE G 584 -51.27 34.48 26.72
CA PHE G 584 -51.92 35.39 25.83
C PHE G 584 -51.35 35.16 24.47
N ARG G 585 -50.01 35.07 24.41
CA ARG G 585 -49.34 34.87 23.17
C ARG G 585 -49.80 33.58 22.57
N THR G 586 -49.88 32.52 23.40
CA THR G 586 -50.27 31.26 22.85
C THR G 586 -51.67 31.36 22.33
N GLU G 587 -52.56 32.07 23.06
CA GLU G 587 -53.93 32.13 22.65
C GLU G 587 -54.05 32.83 21.33
N THR G 588 -53.42 34.00 21.18
CA THR G 588 -53.55 34.73 19.96
C THR G 588 -52.87 33.95 18.86
N ALA G 589 -51.74 33.31 19.19
CA ALA G 589 -50.99 32.60 18.20
C ALA G 589 -51.86 31.51 17.65
N GLN G 590 -52.62 30.83 18.52
CA GLN G 590 -53.42 29.75 18.05
C GLN G 590 -54.40 30.31 17.07
N TYR G 591 -54.95 31.50 17.35
CA TYR G 591 -55.91 32.08 16.45
C TYR G 591 -55.24 32.38 15.15
N LEU G 592 -54.04 33.01 15.19
CA LEU G 592 -53.36 33.39 13.99
C LEU G 592 -52.99 32.19 13.19
N GLN G 593 -52.51 31.12 13.87
CA GLN G 593 -52.06 29.96 13.15
C GLN G 593 -53.23 29.37 12.43
N GLY G 594 -54.41 29.39 13.07
CA GLY G 594 -55.57 28.81 12.45
C GLY G 594 -55.83 29.52 11.17
N ASN G 595 -55.65 30.86 11.15
CA ASN G 595 -55.92 31.61 9.98
C ASN G 595 -55.01 31.13 8.88
N LYS G 596 -53.75 30.82 9.24
CA LYS G 596 -52.82 30.39 8.23
C LYS G 596 -53.22 29.05 7.68
N ALA G 597 -53.58 28.11 8.57
CA ALA G 597 -53.88 26.78 8.14
C ALA G 597 -55.07 26.79 7.22
N LEU G 598 -56.11 27.53 7.60
CA LEU G 598 -57.29 27.58 6.78
C LEU G 598 -56.89 28.20 5.51
N GLY G 599 -55.97 29.17 5.60
CA GLY G 599 -55.57 29.90 4.44
C GLY G 599 -56.13 31.26 4.65
N GLY G 600 -55.40 32.28 4.24
CA GLY G 600 -55.85 33.60 4.54
C GLY G 600 -54.66 34.33 5.03
N ILE G 601 -53.77 33.65 5.76
CA ILE G 601 -52.55 34.28 6.17
C ILE G 601 -51.47 33.33 5.79
N TYR G 602 -50.31 33.85 5.34
CA TYR G 602 -49.25 32.97 4.92
C TYR G 602 -47.97 33.45 5.53
N GLU G 603 -46.97 32.55 5.59
CA GLU G 603 -45.67 32.87 6.10
C GLU G 603 -45.80 33.54 7.44
N TYR G 604 -46.49 32.88 8.38
CA TYR G 604 -46.64 33.45 9.70
C TYR G 604 -45.63 32.79 10.57
N ARG G 605 -44.67 33.61 11.06
CA ARG G 605 -43.60 33.14 11.89
C ARG G 605 -43.96 33.48 13.29
N VAL G 606 -44.23 32.44 14.10
CA VAL G 606 -44.64 32.65 15.44
C VAL G 606 -43.53 33.33 16.16
N VAL G 607 -42.28 32.99 15.79
CA VAL G 607 -41.15 33.50 16.50
C VAL G 607 -41.10 35.01 16.47
N CYS G 608 -41.10 35.64 15.28
CA CYS G 608 -40.95 37.06 15.31
C CYS G 608 -42.08 37.74 14.62
N ASP G 609 -43.32 37.39 14.99
CA ASP G 609 -44.44 38.06 14.42
C ASP G 609 -45.45 38.22 15.52
N THR G 610 -44.99 38.04 16.78
CA THR G 610 -45.86 38.06 17.93
C THR G 610 -45.46 39.19 18.84
N THR G 611 -45.88 39.17 20.13
CA THR G 611 -45.73 40.33 20.99
C THR G 611 -44.77 40.21 22.14
N ASN G 612 -44.07 41.35 22.38
CA ASN G 612 -43.24 41.62 23.52
C ASN G 612 -43.32 43.11 23.67
N ASN G 613 -44.09 43.64 24.63
CA ASN G 613 -44.22 45.07 24.69
C ASN G 613 -42.94 45.69 25.06
N THR G 614 -42.28 45.15 26.09
CA THR G 614 -41.05 45.76 26.49
C THR G 614 -40.08 45.42 25.44
N PRO G 615 -39.01 46.15 25.40
CA PRO G 615 -38.01 45.84 24.44
C PRO G 615 -37.43 44.54 24.87
N SER G 616 -36.83 43.76 23.95
CA SER G 616 -36.33 42.51 24.40
C SER G 616 -35.29 42.79 25.42
N VAL G 617 -35.63 42.55 26.69
CA VAL G 617 -34.74 42.77 27.79
C VAL G 617 -35.32 42.03 28.94
N ILE G 618 -34.64 42.06 30.09
CA ILE G 618 -35.17 41.41 31.25
C ILE G 618 -36.44 42.13 31.61
N ASP G 619 -36.41 43.48 31.50
CA ASP G 619 -37.54 44.29 31.85
C ASP G 619 -38.63 44.05 30.86
N ARG G 620 -39.89 44.25 31.33
CA ARG G 620 -41.07 44.06 30.54
C ARG G 620 -42.10 45.00 31.04
N ASN G 621 -43.23 45.10 30.30
CA ASN G 621 -44.29 45.99 30.69
C ASN G 621 -45.57 45.29 30.36
N GLU G 622 -46.69 46.03 30.28
CA GLU G 622 -47.95 45.41 29.96
C GLU G 622 -47.85 44.96 28.55
N PHE G 623 -48.77 44.07 28.12
CA PHE G 623 -48.64 43.55 26.79
C PHE G 623 -49.52 44.29 25.84
N VAL G 624 -48.95 44.57 24.67
CA VAL G 624 -49.73 45.12 23.60
C VAL G 624 -49.60 44.10 22.53
N ALA G 625 -50.64 43.86 21.73
CA ALA G 625 -50.44 42.84 20.75
C ALA G 625 -50.02 43.50 19.48
N THR G 626 -48.78 43.19 19.04
CA THR G 626 -48.31 43.72 17.81
C THR G 626 -48.05 42.53 16.96
N PHE G 627 -48.48 42.58 15.69
CA PHE G 627 -48.27 41.42 14.88
C PHE G 627 -47.95 41.87 13.52
N TYR G 628 -47.17 41.04 12.81
CA TYR G 628 -46.86 41.34 11.44
C TYR G 628 -47.54 40.24 10.71
N ILE G 629 -48.60 40.55 9.94
CA ILE G 629 -49.29 39.48 9.28
C ILE G 629 -49.31 39.77 7.81
N GLN G 630 -49.39 38.71 6.99
CA GLN G 630 -49.39 38.91 5.57
C GLN G 630 -50.61 38.24 5.00
N PRO G 631 -51.37 38.96 4.22
CA PRO G 631 -52.55 38.40 3.62
C PRO G 631 -52.06 37.46 2.57
N ALA G 632 -52.86 36.43 2.23
CA ALA G 632 -52.33 35.41 1.37
C ALA G 632 -51.86 36.00 0.07
N ARG G 633 -52.69 36.81 -0.61
CA ARG G 633 -52.24 37.27 -1.89
C ARG G 633 -51.71 38.65 -1.78
N SER G 634 -50.43 38.76 -1.36
CA SER G 634 -49.78 40.04 -1.33
C SER G 634 -48.43 39.81 -0.72
N ILE G 635 -47.35 40.22 -1.40
CA ILE G 635 -46.08 39.95 -0.81
C ILE G 635 -45.70 41.15 0.00
N ASN G 636 -46.32 41.26 1.20
CA ASN G 636 -46.03 42.34 2.07
C ASN G 636 -46.54 41.96 3.42
N TYR G 637 -45.79 42.30 4.47
CA TYR G 637 -46.20 42.00 5.81
C TYR G 637 -46.58 43.32 6.38
N ILE G 638 -47.75 43.39 7.06
CA ILE G 638 -48.10 44.68 7.59
C ILE G 638 -47.98 44.61 9.07
N THR G 639 -47.57 45.73 9.67
CA THR G 639 -47.37 45.73 11.10
C THR G 639 -48.55 46.38 11.73
N LEU G 640 -49.21 45.66 12.65
CA LEU G 640 -50.32 46.24 13.33
C LEU G 640 -50.07 46.12 14.79
N ASN G 641 -50.40 47.18 15.55
CA ASN G 641 -50.20 47.10 16.97
C ASN G 641 -51.49 47.44 17.64
N PHE G 642 -51.90 46.62 18.61
CA PHE G 642 -53.08 46.92 19.37
C PHE G 642 -52.55 46.95 20.78
N VAL G 643 -53.07 47.84 21.64
CA VAL G 643 -52.40 47.85 22.92
C VAL G 643 -53.36 47.64 24.03
N ALA G 644 -52.97 46.78 24.98
CA ALA G 644 -53.72 46.65 26.19
C ALA G 644 -52.78 47.12 27.24
N THR G 645 -53.05 48.31 27.82
CA THR G 645 -52.13 48.79 28.80
C THR G 645 -52.82 49.81 29.65
N ALA G 646 -52.11 50.27 30.70
CA ALA G 646 -52.57 51.31 31.55
C ALA G 646 -52.11 52.60 30.93
N ASN H 21 -39.67 -12.21 66.58
CA ASN H 21 -40.97 -12.80 66.30
C ASN H 21 -42.01 -12.10 65.43
N ASN H 22 -41.54 -11.58 64.32
CA ASN H 22 -41.79 -10.37 63.57
C ASN H 22 -41.12 -9.15 64.19
N SER H 23 -40.06 -9.30 64.80
CA SER H 23 -39.37 -8.34 65.66
C SER H 23 -39.97 -8.30 67.05
N THR H 24 -40.38 -9.35 67.59
CA THR H 24 -40.62 -9.53 69.01
C THR H 24 -41.58 -8.50 69.62
N GLY H 25 -42.80 -8.45 69.09
CA GLY H 25 -43.77 -7.47 69.54
C GLY H 25 -44.11 -7.73 70.99
N THR H 26 -43.26 -7.26 71.89
CA THR H 26 -43.47 -7.47 73.32
C THR H 26 -44.15 -6.19 73.73
N ALA H 27 -45.39 -6.30 74.20
CA ALA H 27 -46.09 -5.12 74.71
C ALA H 27 -45.76 -4.95 76.18
N ALA H 28 -46.27 -3.88 76.77
CA ALA H 28 -46.08 -3.61 78.18
C ALA H 28 -47.25 -2.79 78.66
N LEU H 29 -47.86 -3.24 79.75
CA LEU H 29 -49.07 -2.62 80.27
C LEU H 29 -49.05 -2.62 81.78
N ALA H 30 -49.48 -1.51 82.37
CA ALA H 30 -49.58 -1.43 83.80
C ALA H 30 -50.85 -0.68 84.14
N GLY H 31 -51.59 -1.22 85.11
CA GLY H 31 -52.85 -0.60 85.53
C GLY H 31 -53.57 -1.41 86.59
N LYS H 32 -54.77 -0.95 86.92
CA LYS H 32 -55.55 -1.52 88.01
C LYS H 32 -56.33 -2.73 87.55
N PHE H 33 -56.28 -3.81 88.35
CA PHE H 33 -57.00 -5.03 88.02
C PHE H 33 -57.77 -5.63 89.19
N GLN H 34 -58.70 -6.53 88.86
CA GLN H 34 -59.56 -7.15 89.85
C GLN H 34 -58.80 -8.19 90.65
N TRP H 35 -57.63 -8.57 90.15
CA TRP H 35 -56.89 -9.71 90.70
C TRP H 35 -55.39 -9.58 90.48
N GLY H 36 -54.61 -9.82 91.54
CA GLY H 36 -53.15 -9.73 91.47
C GLY H 36 -52.62 -10.84 90.60
N PRO H 37 -51.29 -10.96 90.47
CA PRO H 37 -50.19 -10.42 91.25
C PRO H 37 -50.11 -8.92 91.27
N ALA H 38 -49.77 -8.38 92.43
CA ALA H 38 -49.53 -6.96 92.60
C ALA H 38 -48.04 -6.68 92.42
N PHE H 39 -47.74 -5.65 91.64
CA PHE H 39 -46.36 -5.27 91.42
C PHE H 39 -45.48 -6.44 91.05
N GLN H 40 -45.89 -7.16 90.01
CA GLN H 40 -45.09 -8.24 89.46
C GLN H 40 -45.22 -8.24 87.95
N ILE H 41 -44.11 -8.47 87.25
CA ILE H 41 -44.12 -8.51 85.81
C ILE H 41 -44.59 -9.87 85.32
N LYS H 42 -45.78 -10.27 85.74
CA LYS H 42 -46.36 -11.50 85.22
C LYS H 42 -46.65 -11.34 83.73
N GLN H 43 -46.30 -12.35 82.94
CA GLN H 43 -46.56 -12.31 81.50
C GLN H 43 -47.88 -12.95 81.16
N VAL H 44 -48.51 -12.47 80.08
CA VAL H 44 -49.81 -12.94 79.68
C VAL H 44 -49.84 -13.18 78.17
N THR H 45 -50.49 -14.27 77.74
CA THR H 45 -50.50 -14.61 76.32
C THR H 45 -51.90 -14.78 75.74
N ASN H 46 -52.83 -15.34 76.51
CA ASN H 46 -54.20 -15.52 76.05
C ASN H 46 -55.14 -14.50 76.69
N GLU H 47 -56.38 -14.47 76.20
CA GLU H 47 -57.41 -13.70 76.86
C GLU H 47 -57.89 -14.50 78.04
N VAL H 48 -58.32 -15.73 77.77
CA VAL H 48 -58.80 -16.65 78.80
C VAL H 48 -57.71 -16.92 79.82
N ASP H 49 -56.50 -16.44 79.54
CA ASP H 49 -55.37 -16.61 80.43
C ASP H 49 -55.10 -15.36 81.26
N LEU H 50 -55.60 -14.21 80.80
CA LEU H 50 -55.50 -13.02 81.60
C LEU H 50 -56.70 -12.93 82.54
N VAL H 51 -57.86 -13.37 82.06
CA VAL H 51 -59.03 -13.45 82.92
C VAL H 51 -58.72 -14.37 84.10
N ASN H 52 -58.21 -15.55 83.78
CA ASN H 52 -57.73 -16.46 84.80
C ASN H 52 -56.92 -15.72 85.87
N THR H 53 -56.16 -14.72 85.45
CA THR H 53 -55.14 -14.12 86.30
C THR H 53 -55.47 -12.71 86.81
N PHE H 54 -56.16 -11.91 85.99
CA PHE H 54 -56.52 -10.56 86.42
C PHE H 54 -57.93 -10.31 85.93
N GLY H 55 -58.73 -11.36 85.96
CA GLY H 55 -59.93 -11.46 85.15
C GLY H 55 -61.17 -11.00 84.44
N GLN H 56 -62.00 -10.28 85.20
CA GLN H 56 -63.18 -9.61 84.68
C GLN H 56 -62.91 -8.13 84.84
N PRO H 57 -63.59 -7.30 84.04
CA PRO H 57 -63.39 -5.86 84.09
C PRO H 57 -64.42 -5.20 85.00
N THR H 58 -63.99 -4.67 86.15
CA THR H 58 -64.90 -3.94 87.02
C THR H 58 -64.96 -2.52 86.45
N ALA H 59 -65.95 -1.74 86.90
CA ALA H 59 -66.13 -0.37 86.40
C ALA H 59 -64.98 0.54 86.82
N GLU H 60 -64.05 -0.03 87.59
CA GLU H 60 -62.88 0.68 88.04
C GLU H 60 -61.66 0.04 87.38
N THR H 61 -61.89 -1.07 86.70
CA THR H 61 -60.83 -1.83 86.06
C THR H 61 -60.95 -1.77 84.53
N ALA H 62 -62.18 -1.73 84.06
CA ALA H 62 -62.50 -1.81 82.64
C ALA H 62 -61.36 -1.46 81.67
N ASP H 63 -61.00 -0.19 81.62
CA ASP H 63 -60.09 0.28 80.59
C ASP H 63 -58.74 -0.41 80.56
N TYR H 64 -58.43 -1.20 81.60
CA TYR H 64 -57.16 -1.92 81.63
C TYR H 64 -57.34 -3.35 81.20
N PHE H 65 -58.46 -3.95 81.58
CA PHE H 65 -58.77 -5.28 81.07
C PHE H 65 -58.85 -5.18 79.56
N MET H 66 -59.78 -4.35 79.06
CA MET H 66 -59.89 -4.10 77.64
C MET H 66 -58.53 -3.84 77.04
N SER H 67 -57.82 -2.85 77.58
CA SER H 67 -56.52 -2.47 77.08
C SER H 67 -55.73 -3.70 76.68
N ALA H 68 -55.61 -4.65 77.60
CA ALA H 68 -54.98 -5.92 77.31
C ALA H 68 -55.82 -6.71 76.31
N MET H 69 -56.99 -7.17 76.74
CA MET H 69 -57.82 -8.04 75.91
C MET H 69 -57.76 -7.67 74.43
N ASN H 70 -58.26 -6.49 74.07
CA ASN H 70 -58.35 -6.12 72.66
C ASN H 70 -56.99 -5.78 72.06
N PHE H 71 -55.92 -6.14 72.76
CA PHE H 71 -54.58 -6.10 72.20
C PHE H 71 -54.15 -7.51 71.85
N LEU H 72 -54.41 -8.45 72.75
CA LEU H 72 -54.06 -9.85 72.50
C LEU H 72 -54.69 -10.32 71.19
N GLN H 73 -55.49 -9.46 70.58
CA GLN H 73 -56.06 -9.74 69.26
C GLN H 73 -54.99 -9.67 68.16
N TYR H 74 -54.01 -8.80 68.35
CA TYR H 74 -52.83 -8.72 67.49
C TYR H 74 -51.61 -9.14 68.28
N GLY H 75 -51.84 -9.69 69.48
CA GLY H 75 -50.78 -9.84 70.45
C GLY H 75 -50.22 -11.23 70.66
N ASN H 76 -48.90 -11.28 70.78
CA ASN H 76 -48.21 -12.51 71.15
C ASN H 76 -48.04 -12.52 72.65
N ASP H 77 -47.17 -11.65 73.15
CA ASP H 77 -46.88 -11.56 74.57
C ASP H 77 -47.15 -10.17 75.15
N LEU H 78 -47.69 -10.14 76.37
CA LEU H 78 -47.98 -8.92 77.07
C LEU H 78 -47.42 -9.04 78.47
N ARG H 79 -46.67 -8.05 78.91
CA ARG H 79 -46.17 -8.07 80.26
C ARG H 79 -46.95 -7.03 81.04
N VAL H 80 -47.57 -7.44 82.15
CA VAL H 80 -48.39 -6.52 82.95
C VAL H 80 -47.88 -6.38 84.39
N VAL H 81 -48.35 -5.32 85.04
CA VAL H 81 -48.03 -5.09 86.44
C VAL H 81 -49.25 -4.48 87.12
N ARG H 82 -49.84 -5.19 88.06
CA ARG H 82 -51.05 -4.70 88.71
C ARG H 82 -50.75 -3.61 89.72
N ALA H 83 -51.44 -2.48 89.60
CA ALA H 83 -51.29 -1.40 90.57
C ALA H 83 -52.28 -1.61 91.71
N VAL H 84 -51.73 -1.79 92.91
CA VAL H 84 -52.52 -1.93 94.12
C VAL H 84 -52.22 -0.73 95.00
N ASP H 85 -53.12 -0.38 95.92
CA ASP H 85 -52.78 0.69 96.86
C ASP H 85 -52.07 -0.26 97.81
N ARG H 86 -50.88 0.13 98.25
CA ARG H 86 -50.04 -0.71 99.09
C ARG H 86 -50.54 -0.46 100.51
N ASP H 87 -51.19 0.67 100.72
CA ASP H 87 -51.62 1.08 102.05
C ASP H 87 -52.95 0.47 102.47
N THR H 88 -53.75 0.02 101.51
CA THR H 88 -55.08 -0.47 101.84
C THR H 88 -55.54 -1.67 101.05
N ALA H 89 -54.62 -2.31 100.32
CA ALA H 89 -55.00 -3.52 99.62
C ALA H 89 -54.89 -4.63 100.65
N LYS H 90 -55.68 -5.68 100.47
CA LYS H 90 -55.69 -6.81 101.38
C LYS H 90 -55.88 -8.16 100.68
N ASN H 91 -55.08 -9.14 101.08
CA ASN H 91 -55.27 -10.52 100.67
C ASN H 91 -56.19 -11.20 101.64
N SER H 92 -57.26 -11.83 101.15
CA SER H 92 -58.15 -12.54 102.07
C SER H 92 -57.34 -13.42 102.99
N SER H 93 -57.79 -13.59 104.24
CA SER H 93 -57.05 -14.37 105.22
C SER H 93 -57.95 -15.01 106.28
N PRO H 94 -57.39 -15.90 107.12
CA PRO H 94 -58.19 -16.61 108.12
C PRO H 94 -58.34 -15.77 109.37
N ILE H 95 -57.55 -14.72 109.50
CA ILE H 95 -57.68 -13.83 110.65
C ILE H 95 -58.98 -13.04 110.58
N ALA H 96 -59.38 -12.69 109.37
CA ALA H 96 -60.35 -11.62 109.16
C ALA H 96 -61.80 -11.98 109.42
N GLY H 97 -62.04 -12.96 110.29
CA GLY H 97 -63.40 -13.21 110.73
C GLY H 97 -63.52 -13.16 112.25
N ASN H 98 -62.43 -13.50 112.91
CA ASN H 98 -62.38 -13.58 114.34
C ASN H 98 -62.91 -12.34 115.01
N ILE H 99 -62.75 -12.28 116.33
CA ILE H 99 -63.29 -11.20 117.13
C ILE H 99 -62.27 -10.75 118.17
N GLU H 100 -61.96 -9.45 118.18
CA GLU H 100 -61.08 -8.88 119.18
C GLU H 100 -61.37 -9.51 120.52
N TYR H 101 -60.33 -9.79 121.29
CA TYR H 101 -60.53 -10.23 122.67
C TYR H 101 -59.22 -10.22 123.44
N THR H 102 -59.29 -9.83 124.70
CA THR H 102 -58.08 -9.71 125.49
C THR H 102 -58.32 -10.29 126.89
N ILE H 103 -57.56 -11.32 127.24
CA ILE H 103 -57.70 -11.95 128.55
C ILE H 103 -57.23 -11.00 129.65
N SER H 104 -58.10 -10.08 130.04
CA SER H 104 -57.78 -9.05 131.01
C SER H 104 -57.24 -9.62 132.31
N THR H 105 -57.80 -10.74 132.74
CA THR H 105 -57.32 -11.40 133.94
C THR H 105 -57.36 -12.90 133.80
N PRO H 106 -56.18 -13.52 133.63
CA PRO H 106 -56.11 -14.97 133.51
C PRO H 106 -56.68 -15.54 134.78
N GLY H 107 -57.59 -16.49 134.67
CA GLY H 107 -58.15 -17.10 135.87
C GLY H 107 -57.11 -18.00 136.51
N SER H 108 -57.58 -18.96 137.28
CA SER H 108 -56.73 -20.02 137.76
C SER H 108 -57.60 -21.27 137.75
N ASN H 109 -56.99 -22.45 137.79
CA ASN H 109 -57.75 -23.69 137.87
C ASN H 109 -58.81 -23.88 136.78
N TYR H 110 -58.68 -23.17 135.67
CA TYR H 110 -59.50 -23.44 134.49
C TYR H 110 -58.90 -24.62 133.75
N ALA H 111 -59.57 -25.11 132.71
CA ALA H 111 -59.05 -26.21 131.91
C ALA H 111 -59.31 -25.90 130.44
N VAL H 112 -59.05 -26.86 129.56
CA VAL H 112 -59.24 -26.67 128.12
C VAL H 112 -60.41 -26.67 127.14
N GLY H 113 -61.53 -27.29 127.51
CA GLY H 113 -62.70 -27.32 126.65
C GLY H 113 -63.78 -26.77 127.57
N ASP H 114 -63.44 -25.82 128.44
CA ASP H 114 -64.45 -25.17 129.26
C ASP H 114 -65.09 -24.20 128.29
N LYS H 115 -66.41 -24.22 128.21
CA LYS H 115 -67.11 -23.47 127.19
C LYS H 115 -67.32 -22.00 127.55
N ILE H 116 -67.37 -21.16 126.54
CA ILE H 116 -67.51 -19.73 126.72
C ILE H 116 -68.80 -19.27 126.06
N THR H 117 -69.41 -18.23 126.61
CA THR H 117 -70.71 -17.77 126.13
C THR H 117 -70.71 -16.27 125.93
N VAL H 118 -71.08 -15.84 124.72
CA VAL H 118 -71.14 -14.43 124.39
C VAL H 118 -72.58 -13.98 124.41
N LYS H 119 -72.88 -13.01 125.26
CA LYS H 119 -74.24 -12.55 125.42
C LYS H 119 -74.41 -11.14 124.84
N TYR H 120 -75.61 -10.87 124.32
CA TYR H 120 -75.96 -9.53 123.91
C TYR H 120 -76.99 -8.97 124.88
N VAL H 121 -76.52 -8.13 125.81
CA VAL H 121 -77.37 -7.60 126.85
C VAL H 121 -78.07 -8.74 127.60
N SER H 122 -77.29 -9.45 128.43
CA SER H 122 -77.81 -10.55 129.23
C SER H 122 -78.69 -11.50 128.42
N ASP H 123 -78.33 -11.71 127.17
CA ASP H 123 -79.07 -12.60 126.28
C ASP H 123 -78.11 -13.43 125.44
N ASP H 124 -78.27 -14.75 125.48
CA ASP H 124 -77.34 -15.65 124.83
C ASP H 124 -77.36 -15.60 123.30
N ILE H 125 -76.20 -15.40 122.69
CA ILE H 125 -76.07 -15.41 121.24
C ILE H 125 -75.23 -16.60 120.80
N GLU H 126 -74.02 -16.69 121.34
CA GLU H 126 -73.10 -17.76 121.01
C GLU H 126 -72.71 -18.50 122.27
N THR H 127 -72.65 -19.83 122.18
CA THR H 127 -72.40 -20.66 123.35
C THR H 127 -71.45 -21.80 123.02
N GLU H 128 -70.66 -21.64 121.97
CA GLU H 128 -69.77 -22.69 121.54
C GLU H 128 -68.31 -22.29 121.64
N GLY H 129 -68.08 -21.11 122.22
CA GLY H 129 -66.72 -20.68 122.51
C GLY H 129 -66.14 -21.64 123.50
N LYS H 130 -64.82 -21.61 123.67
CA LYS H 130 -64.17 -22.53 124.60
C LYS H 130 -62.71 -22.20 124.80
N ILE H 131 -62.31 -22.11 126.07
CA ILE H 131 -60.89 -21.99 126.43
C ILE H 131 -60.13 -23.07 125.68
N THR H 132 -58.94 -22.74 125.21
CA THR H 132 -58.19 -23.69 124.38
C THR H 132 -56.74 -23.84 124.77
N GLU H 133 -56.27 -23.01 125.69
CA GLU H 133 -54.91 -23.16 126.18
C GLU H 133 -54.75 -22.58 127.57
N VAL H 134 -54.42 -23.43 128.53
CA VAL H 134 -54.10 -23.00 129.87
C VAL H 134 -52.68 -23.44 130.19
N ASP H 135 -52.15 -22.95 131.30
CA ASP H 135 -50.83 -23.39 131.74
C ASP H 135 -50.97 -24.44 132.84
N ALA H 136 -49.98 -24.50 133.73
CA ALA H 136 -49.99 -25.50 134.78
C ALA H 136 -50.97 -25.14 135.89
N ASP H 137 -51.28 -23.86 136.03
CA ASP H 137 -52.10 -23.38 137.13
C ASP H 137 -53.55 -23.16 136.70
N GLY H 138 -53.84 -23.36 135.42
CA GLY H 138 -55.16 -23.13 134.91
C GLY H 138 -55.37 -21.70 134.44
N LYS H 139 -54.29 -20.92 134.49
CA LYS H 139 -54.34 -19.54 134.01
C LYS H 139 -54.70 -19.57 132.54
N ILE H 140 -55.75 -18.83 132.17
CA ILE H 140 -56.23 -18.83 130.79
C ILE H 140 -55.26 -18.14 129.83
N LYS H 141 -54.72 -18.89 128.88
CA LYS H 141 -53.77 -18.34 127.93
C LYS H 141 -54.38 -18.09 126.55
N LYS H 142 -55.32 -18.93 126.14
CA LYS H 142 -55.93 -18.78 124.83
C LYS H 142 -57.35 -19.36 124.72
N ILE H 143 -58.22 -18.66 124.01
CA ILE H 143 -59.58 -19.12 123.80
C ILE H 143 -59.94 -19.06 122.32
N ASN H 144 -61.11 -19.57 121.95
CA ASN H 144 -61.57 -19.47 120.57
C ASN H 144 -63.08 -19.32 120.48
N ILE H 145 -63.53 -18.13 120.13
CA ILE H 145 -64.95 -17.82 119.98
C ILE H 145 -65.37 -17.77 118.52
N PRO H 146 -66.30 -18.66 118.13
CA PRO H 146 -66.85 -18.65 116.78
C PRO H 146 -67.71 -17.40 116.57
N THR H 147 -67.63 -16.78 115.40
CA THR H 147 -68.34 -15.51 115.17
C THR H 147 -69.51 -15.61 114.20
N ALA H 148 -69.81 -16.81 113.74
CA ALA H 148 -70.92 -16.98 112.81
C ALA H 148 -72.17 -16.32 113.35
N LYS H 149 -72.57 -16.72 114.55
CA LYS H 149 -73.81 -16.26 115.16
C LYS H 149 -73.76 -14.78 115.50
N ILE H 150 -72.64 -14.34 116.05
CA ILE H 150 -72.57 -12.98 116.56
C ILE H 150 -72.54 -11.91 115.48
N ILE H 151 -71.72 -12.09 114.44
CA ILE H 151 -71.69 -11.09 113.38
C ILE H 151 -73.08 -10.99 112.75
N ALA H 152 -73.80 -12.10 112.77
CA ALA H 152 -75.18 -12.11 112.30
C ALA H 152 -76.00 -11.15 113.15
N LYS H 153 -76.20 -11.50 114.41
CA LYS H 153 -76.91 -10.66 115.35
C LYS H 153 -76.41 -9.22 115.29
N ALA H 154 -75.10 -9.05 115.15
CA ALA H 154 -74.49 -7.71 115.14
C ALA H 154 -74.89 -6.92 113.92
N LYS H 155 -74.78 -7.54 112.75
CA LYS H 155 -75.24 -6.91 111.52
C LYS H 155 -76.69 -6.54 111.70
N GLU H 156 -77.44 -7.44 112.32
CA GLU H 156 -78.88 -7.29 112.48
C GLU H 156 -79.29 -6.11 113.34
N VAL H 157 -78.35 -5.57 114.12
CA VAL H 157 -78.66 -4.47 115.03
C VAL H 157 -77.68 -3.30 114.95
N GLY H 158 -77.15 -3.05 113.76
CA GLY H 158 -76.32 -1.87 113.53
C GLY H 158 -74.96 -1.88 114.20
N GLU H 159 -74.76 -2.82 115.12
CA GLU H 159 -73.51 -2.91 115.86
C GLU H 159 -72.47 -3.81 115.17
N TYR H 160 -72.22 -3.56 113.89
CA TYR H 160 -71.22 -4.31 113.16
C TYR H 160 -70.30 -3.38 112.38
N PRO H 161 -68.97 -3.53 112.57
CA PRO H 161 -68.34 -4.45 113.52
C PRO H 161 -67.99 -3.73 114.83
N THR H 162 -68.50 -2.52 115.00
CA THR H 162 -68.29 -1.78 116.22
C THR H 162 -68.31 -2.68 117.46
N LEU H 163 -69.47 -3.20 117.83
CA LEU H 163 -69.61 -4.08 118.98
C LEU H 163 -69.26 -3.43 120.32
N GLY H 164 -68.78 -4.26 121.26
CA GLY H 164 -68.16 -3.78 122.49
C GLY H 164 -69.05 -3.45 123.67
N SER H 165 -70.03 -2.57 123.45
CA SER H 165 -70.73 -1.93 124.56
C SER H 165 -71.65 -2.89 125.31
N ASN H 166 -72.55 -3.55 124.57
CA ASN H 166 -73.53 -4.45 125.15
C ASN H 166 -73.10 -5.89 124.93
N TRP H 167 -71.94 -6.04 124.33
CA TRP H 167 -71.43 -7.37 124.02
C TRP H 167 -70.51 -7.84 125.14
N THR H 168 -70.81 -9.02 125.68
CA THR H 168 -70.11 -9.51 126.86
C THR H 168 -69.78 -10.99 126.74
N ALA H 169 -68.79 -11.44 127.50
CA ALA H 169 -68.37 -12.83 127.43
C ALA H 169 -68.15 -13.41 128.82
N GLU H 170 -68.83 -14.51 129.11
CA GLU H 170 -68.67 -15.20 130.39
C GLU H 170 -68.25 -16.65 130.15
N ILE H 171 -67.81 -17.31 131.22
CA ILE H 171 -67.36 -18.69 131.14
C ILE H 171 -68.51 -19.67 131.43
N SER H 172 -68.20 -20.96 131.36
CA SER H 172 -69.18 -21.99 131.69
C SER H 172 -69.63 -21.73 133.11
N SER H 173 -70.82 -22.20 133.46
CA SER H 173 -71.30 -22.08 134.83
C SER H 173 -71.47 -23.46 135.49
N SER H 174 -70.35 -24.08 135.82
CA SER H 174 -69.04 -23.49 135.54
C SER H 174 -67.95 -24.51 135.24
N SER H 175 -66.82 -24.02 134.77
CA SER H 175 -65.63 -24.81 134.65
C SER H 175 -65.17 -25.14 136.05
N SER H 176 -64.17 -26.01 136.17
CA SER H 176 -63.60 -26.31 137.47
C SER H 176 -63.16 -25.04 138.19
N GLY H 177 -62.46 -24.16 137.45
CA GLY H 177 -61.80 -23.02 138.05
C GLY H 177 -62.35 -21.64 137.82
N LEU H 178 -61.86 -20.68 138.60
CA LEU H 178 -62.43 -19.34 138.69
C LEU H 178 -61.61 -18.12 138.23
N ALA H 179 -62.06 -16.93 138.65
CA ALA H 179 -61.30 -15.68 138.55
C ALA H 179 -61.09 -14.89 137.25
N ALA H 180 -61.51 -15.45 136.12
CA ALA H 180 -61.11 -14.92 134.80
C ALA H 180 -61.90 -13.73 134.29
N VAL H 181 -61.30 -13.02 133.31
CA VAL H 181 -61.91 -11.83 132.73
C VAL H 181 -61.56 -11.71 131.25
N ILE H 182 -62.46 -12.12 130.37
CA ILE H 182 -62.25 -11.93 128.93
C ILE H 182 -62.98 -10.69 128.46
N THR H 183 -62.31 -9.86 127.66
CA THR H 183 -62.89 -8.58 127.23
C THR H 183 -63.03 -8.45 125.71
N LEU H 184 -64.25 -8.20 125.25
CA LEU H 184 -64.55 -8.26 123.82
C LEU H 184 -64.43 -6.94 123.08
N GLY H 185 -63.69 -6.94 121.98
CA GLY H 185 -63.58 -5.78 121.12
C GLY H 185 -64.46 -5.91 119.89
N LYS H 186 -63.96 -5.50 118.73
CA LYS H 186 -64.74 -5.50 117.49
C LYS H 186 -64.46 -6.73 116.63
N ILE H 187 -65.27 -6.92 115.60
CA ILE H 187 -65.04 -7.99 114.64
C ILE H 187 -63.91 -7.57 113.70
N ILE H 188 -62.80 -8.31 113.71
CA ILE H 188 -61.63 -7.91 112.93
C ILE H 188 -61.95 -7.99 111.46
N THR H 189 -61.83 -6.86 110.75
CA THR H 189 -62.08 -6.82 109.33
C THR H 189 -60.77 -6.64 108.55
N ASP H 190 -59.68 -6.42 109.26
CA ASP H 190 -58.37 -6.29 108.62
C ASP H 190 -57.73 -7.67 108.51
N SER H 191 -57.69 -8.21 107.31
CA SER H 191 -57.07 -9.52 107.08
C SER H 191 -55.67 -9.51 107.65
N GLY H 192 -55.04 -8.34 107.64
CA GLY H 192 -53.74 -8.16 108.26
C GLY H 192 -52.58 -8.68 107.43
N ILE H 193 -52.74 -8.66 106.11
CA ILE H 193 -51.69 -9.15 105.23
C ILE H 193 -51.89 -8.71 103.79
N LEU H 194 -50.81 -8.27 103.16
CA LEU H 194 -50.81 -7.92 101.74
C LEU H 194 -49.56 -8.45 101.05
N LEU H 195 -49.75 -9.30 100.04
CA LEU H 195 -48.63 -9.86 99.30
C LEU H 195 -48.46 -9.15 97.95
N ALA H 196 -47.27 -8.60 97.72
CA ALA H 196 -46.98 -7.90 96.49
C ALA H 196 -45.88 -8.63 95.77
N GLU H 197 -44.65 -8.12 95.88
CA GLU H 197 -43.51 -8.75 95.25
C GLU H 197 -43.22 -10.05 95.97
N ILE H 198 -42.22 -10.80 95.50
CA ILE H 198 -41.82 -12.03 96.19
C ILE H 198 -40.54 -11.80 97.00
N GLU H 199 -39.82 -10.73 96.70
CA GLU H 199 -38.68 -10.35 97.52
C GLU H 199 -39.16 -10.17 98.96
N ASN H 200 -40.41 -9.76 99.09
CA ASN H 200 -41.03 -9.60 100.39
C ASN H 200 -41.93 -10.77 100.75
N ALA H 201 -42.15 -11.65 99.78
CA ALA H 201 -43.02 -12.83 99.94
C ALA H 201 -43.40 -13.20 101.37
N GLU H 202 -42.73 -14.21 101.91
CA GLU H 202 -43.04 -14.72 103.24
C GLU H 202 -42.57 -13.79 104.35
N ALA H 203 -41.95 -12.68 103.97
CA ALA H 203 -41.50 -11.70 104.94
C ALA H 203 -42.68 -10.90 105.47
N ALA H 204 -43.76 -10.88 104.71
CA ALA H 204 -45.00 -10.28 105.17
C ALA H 204 -45.78 -11.35 105.90
N MET H 205 -45.56 -12.60 105.48
CA MET H 205 -46.18 -13.75 106.11
C MET H 205 -45.54 -14.00 107.47
N THR H 206 -44.47 -13.27 107.74
CA THR H 206 -43.73 -13.44 108.99
C THR H 206 -43.48 -12.09 109.64
N ALA H 207 -44.56 -11.33 109.78
CA ALA H 207 -44.49 -10.06 110.47
C ALA H 207 -45.04 -10.25 111.86
N VAL H 208 -44.33 -9.73 112.85
CA VAL H 208 -44.75 -9.88 114.24
C VAL H 208 -46.26 -9.69 114.39
N ASP H 209 -46.77 -8.60 113.81
CA ASP H 209 -48.19 -8.28 113.94
C ASP H 209 -49.09 -9.38 113.36
N PHE H 210 -48.78 -9.82 112.14
CA PHE H 210 -49.55 -10.89 111.51
C PHE H 210 -49.41 -12.18 112.30
N GLN H 211 -48.17 -12.69 112.38
CA GLN H 211 -47.88 -13.93 113.09
C GLN H 211 -48.45 -13.93 114.49
N ALA H 212 -48.67 -12.74 115.04
CA ALA H 212 -49.23 -12.62 116.38
C ALA H 212 -50.60 -13.25 116.45
N ASN H 213 -51.49 -12.82 115.56
CA ASN H 213 -52.86 -13.30 115.58
C ASN H 213 -52.99 -14.75 115.15
N LEU H 214 -52.04 -15.22 114.35
CA LEU H 214 -52.03 -16.62 113.96
C LEU H 214 -51.90 -17.48 115.21
N LYS H 215 -51.29 -16.92 116.25
CA LYS H 215 -51.17 -17.57 117.54
C LYS H 215 -52.46 -17.36 118.31
N LYS H 216 -52.87 -16.10 118.42
CA LYS H 216 -54.02 -15.70 119.21
C LYS H 216 -55.27 -16.50 118.89
N TYR H 217 -55.53 -16.72 117.61
CA TYR H 217 -56.73 -17.42 117.21
C TYR H 217 -56.40 -18.82 116.71
N GLY H 218 -55.26 -19.34 117.14
CA GLY H 218 -54.86 -20.71 116.85
C GLY H 218 -55.16 -21.26 115.47
N ILE H 219 -54.67 -20.58 114.43
CA ILE H 219 -54.82 -21.04 113.06
C ILE H 219 -53.49 -20.91 112.32
N PRO H 220 -53.37 -21.57 111.17
CA PRO H 220 -52.13 -21.57 110.37
C PRO H 220 -52.03 -20.32 109.52
N GLY H 221 -50.84 -20.07 108.97
CA GLY H 221 -50.65 -18.89 108.13
C GLY H 221 -50.98 -19.15 106.67
N VAL H 222 -52.27 -19.28 106.37
CA VAL H 222 -52.70 -19.54 105.00
C VAL H 222 -53.57 -18.41 104.47
N VAL H 223 -53.11 -17.73 103.43
CA VAL H 223 -53.82 -16.59 102.88
C VAL H 223 -54.00 -16.71 101.38
N ALA H 224 -54.97 -15.98 100.84
CA ALA H 224 -55.15 -15.92 99.39
C ALA H 224 -53.91 -15.29 98.77
N LEU H 225 -53.54 -15.74 97.58
CA LEU H 225 -52.28 -15.31 96.97
C LEU H 225 -52.31 -13.88 96.45
N TYR H 226 -53.50 -13.42 96.03
CA TYR H 226 -53.61 -12.12 95.39
C TYR H 226 -54.55 -11.20 96.13
N PRO H 227 -54.15 -9.93 96.29
CA PRO H 227 -55.02 -8.97 96.97
C PRO H 227 -56.35 -8.98 96.24
N GLY H 228 -57.45 -8.83 96.95
CA GLY H 228 -58.74 -8.80 96.29
C GLY H 228 -59.87 -9.52 96.98
N GLU H 229 -61.06 -8.94 96.92
CA GLU H 229 -62.24 -9.54 97.52
C GLU H 229 -62.56 -10.85 96.82
N LEU H 230 -61.93 -11.07 95.68
CA LEU H 230 -62.14 -12.31 94.94
C LEU H 230 -61.56 -13.47 95.73
N GLY H 231 -60.66 -13.16 96.65
CA GLY H 231 -60.01 -14.18 97.46
C GLY H 231 -60.93 -14.75 98.53
N ASP H 232 -61.98 -14.01 98.84
CA ASP H 232 -62.92 -14.44 99.86
C ASP H 232 -63.61 -15.73 99.46
N LYS H 233 -63.54 -16.09 98.19
CA LYS H 233 -64.20 -17.28 97.69
C LYS H 233 -63.40 -18.55 97.93
N ILE H 234 -62.15 -18.40 98.38
CA ILE H 234 -61.29 -19.54 98.67
C ILE H 234 -61.56 -20.11 100.07
N GLU H 235 -61.47 -21.43 100.19
CA GLU H 235 -61.71 -22.13 101.46
C GLU H 235 -60.78 -23.30 101.61
N ILE H 236 -59.74 -23.14 102.43
CA ILE H 236 -58.78 -24.21 102.65
C ILE H 236 -59.31 -25.28 103.61
N GLU H 237 -59.05 -26.54 103.29
CA GLU H 237 -59.34 -27.63 104.20
C GLU H 237 -58.02 -28.28 104.61
N ILE H 238 -57.75 -28.31 105.92
CA ILE H 238 -56.50 -28.87 106.42
C ILE H 238 -56.71 -30.10 107.30
N VAL H 239 -56.02 -31.18 106.98
CA VAL H 239 -56.07 -32.39 107.79
C VAL H 239 -54.66 -32.94 108.01
N SER H 240 -54.37 -33.33 109.25
CA SER H 240 -53.04 -33.81 109.63
C SER H 240 -52.95 -35.31 109.55
N LYS H 241 -51.74 -35.86 109.66
CA LYS H 241 -51.57 -37.29 109.63
C LYS H 241 -52.44 -37.92 110.72
N ALA H 242 -52.80 -37.10 111.70
CA ALA H 242 -53.62 -37.55 112.82
C ALA H 242 -55.05 -37.84 112.37
N ASP H 243 -55.80 -36.79 112.06
CA ASP H 243 -57.21 -36.93 111.70
C ASP H 243 -57.37 -37.42 110.27
N TYR H 244 -56.29 -37.90 109.66
CA TYR H 244 -56.36 -38.39 108.28
C TYR H 244 -56.88 -39.81 108.18
N ALA H 245 -56.49 -40.65 109.13
CA ALA H 245 -57.00 -42.02 109.18
C ALA H 245 -58.49 -42.00 109.50
N LYS H 246 -58.86 -41.20 110.47
CA LYS H 246 -60.26 -40.95 110.75
C LYS H 246 -60.81 -40.02 109.67
N GLY H 247 -60.03 -39.85 108.61
CA GLY H 247 -60.36 -38.93 107.53
C GLY H 247 -61.83 -38.88 107.17
N ALA H 248 -62.53 -39.99 107.36
CA ALA H 248 -63.95 -40.04 107.03
C ALA H 248 -64.80 -39.50 108.19
N SER H 249 -64.49 -39.96 109.40
CA SER H 249 -65.26 -39.59 110.58
C SER H 249 -64.87 -38.21 111.10
N ALA H 250 -63.56 -37.96 111.17
CA ALA H 250 -63.04 -36.70 111.69
C ALA H 250 -63.90 -35.51 111.29
N LEU H 251 -64.50 -34.86 112.28
CA LEU H 251 -65.38 -33.74 112.05
C LEU H 251 -64.67 -32.40 112.12
N LEU H 252 -64.01 -32.02 111.04
CA LEU H 252 -63.28 -30.75 110.97
C LEU H 252 -64.16 -29.57 111.39
N PRO H 253 -63.62 -28.68 112.23
CA PRO H 253 -64.31 -27.48 112.70
C PRO H 253 -64.08 -26.38 111.70
N ILE H 254 -64.92 -25.35 111.69
CA ILE H 254 -64.76 -24.28 110.72
C ILE H 254 -64.40 -22.95 111.40
N TYR H 255 -63.21 -22.45 111.09
CA TYR H 255 -62.75 -21.16 111.61
C TYR H 255 -62.99 -20.08 110.57
N PRO H 256 -63.43 -18.89 111.00
CA PRO H 256 -63.78 -18.54 112.37
C PRO H 256 -65.28 -18.66 112.58
N GLY H 257 -66.02 -18.88 111.50
CA GLY H 257 -67.46 -19.00 111.58
C GLY H 257 -67.89 -19.85 112.76
N GLY H 258 -67.59 -21.14 112.70
CA GLY H 258 -68.02 -22.08 113.72
C GLY H 258 -68.54 -23.35 113.09
N GLY H 259 -69.16 -24.20 113.88
CA GLY H 259 -69.70 -25.45 113.38
C GLY H 259 -68.63 -26.35 112.78
N THR H 260 -69.02 -27.56 112.43
CA THR H 260 -68.08 -28.52 111.87
C THR H 260 -68.59 -29.10 110.57
N ARG H 261 -67.80 -30.00 109.99
CA ARG H 261 -68.11 -30.60 108.71
C ARG H 261 -67.20 -31.80 108.48
N ALA H 262 -67.81 -32.94 108.18
CA ALA H 262 -67.04 -34.16 107.96
C ALA H 262 -65.86 -33.91 107.04
N SER H 263 -64.70 -34.44 107.41
CA SER H 263 -63.50 -34.32 106.59
C SER H 263 -63.70 -34.97 105.23
N THR H 264 -62.72 -34.83 104.35
CA THR H 264 -62.79 -35.44 103.02
C THR H 264 -61.43 -35.97 102.61
N ALA H 265 -60.40 -35.66 103.39
CA ALA H 265 -59.02 -35.97 103.05
C ALA H 265 -58.79 -37.34 102.41
N LYS H 266 -58.99 -38.39 103.20
CA LYS H 266 -58.76 -39.76 102.72
C LYS H 266 -59.66 -40.10 101.53
N ALA H 267 -60.70 -39.28 101.33
CA ALA H 267 -61.63 -39.47 100.21
C ALA H 267 -61.28 -38.59 99.02
N VAL H 268 -60.03 -38.14 98.97
CA VAL H 268 -59.54 -37.32 97.87
C VAL H 268 -58.09 -37.66 97.59
N PHE H 269 -57.40 -38.11 98.63
CA PHE H 269 -55.99 -38.47 98.54
C PHE H 269 -55.73 -39.97 98.52
N GLY H 270 -54.82 -40.39 97.65
CA GLY H 270 -54.28 -41.73 97.75
C GLY H 270 -53.10 -41.65 98.69
N TYR H 271 -52.02 -41.05 98.22
CA TYR H 271 -50.83 -40.81 99.01
C TYR H 271 -51.19 -39.91 100.20
N GLY H 272 -51.39 -40.52 101.36
CA GLY H 272 -51.75 -39.78 102.57
C GLY H 272 -50.57 -39.09 103.22
N PRO H 273 -50.83 -38.27 104.24
CA PRO H 273 -49.77 -37.57 104.98
C PRO H 273 -48.84 -38.58 105.65
N GLN H 274 -47.55 -38.49 105.35
CA GLN H 274 -46.58 -39.47 105.82
C GLN H 274 -46.09 -39.20 107.24
N THR H 275 -45.21 -38.21 107.40
CA THR H 275 -44.73 -37.87 108.73
C THR H 275 -45.84 -37.17 109.51
N ASP H 276 -45.65 -37.03 110.83
CA ASP H 276 -46.65 -36.37 111.68
C ASP H 276 -46.67 -34.86 111.44
N SER H 277 -45.63 -34.37 110.78
CA SER H 277 -45.54 -32.96 110.44
C SER H 277 -45.85 -32.72 108.96
N GLN H 278 -46.63 -33.63 108.38
CA GLN H 278 -47.16 -33.44 107.03
C GLN H 278 -48.66 -33.25 107.11
N TYR H 279 -49.21 -32.42 106.23
CA TYR H 279 -50.63 -32.13 106.26
C TYR H 279 -51.28 -32.20 104.90
N ALA H 280 -52.54 -32.61 104.87
CA ALA H 280 -53.33 -32.63 103.64
C ALA H 280 -54.01 -31.28 103.48
N ILE H 281 -53.78 -30.63 102.35
CA ILE H 281 -54.40 -29.35 102.07
C ILE H 281 -55.31 -29.46 100.85
N ILE H 282 -56.56 -29.02 100.99
CA ILE H 282 -57.50 -29.06 99.90
C ILE H 282 -58.16 -27.70 99.69
N VAL H 283 -57.77 -26.98 98.63
CA VAL H 283 -58.26 -25.63 98.40
C VAL H 283 -59.51 -25.62 97.52
N ARG H 284 -60.52 -24.86 97.93
CA ARG H 284 -61.79 -24.83 97.20
C ARG H 284 -62.24 -23.40 96.88
N ARG H 285 -62.70 -23.19 95.65
CA ARG H 285 -63.35 -21.95 95.32
C ARG H 285 -64.66 -22.28 94.63
N ASN H 286 -65.78 -21.94 95.27
CA ASN H 286 -67.10 -22.26 94.73
C ASN H 286 -67.40 -23.76 94.76
N ASP H 287 -67.05 -24.42 95.85
CA ASP H 287 -67.29 -25.85 96.00
C ASP H 287 -66.35 -26.66 95.12
N ALA H 288 -65.59 -25.98 94.28
CA ALA H 288 -64.66 -26.64 93.38
C ALA H 288 -63.35 -26.95 94.09
N ILE H 289 -62.88 -28.19 93.95
CA ILE H 289 -61.63 -28.58 94.56
C ILE H 289 -60.50 -28.10 93.66
N VAL H 290 -60.22 -26.81 93.73
CA VAL H 290 -59.25 -26.15 92.86
C VAL H 290 -57.81 -26.69 92.94
N GLN H 291 -57.39 -27.15 94.11
CA GLN H 291 -56.05 -27.71 94.28
C GLN H 291 -56.01 -28.71 95.44
N SER H 292 -55.12 -29.69 95.34
CA SER H 292 -54.99 -30.72 96.37
C SER H 292 -53.54 -31.15 96.52
N VAL H 293 -52.95 -30.88 97.69
CA VAL H 293 -51.55 -31.17 97.89
C VAL H 293 -51.28 -31.62 99.31
N VAL H 294 -50.11 -32.22 99.53
CA VAL H 294 -49.68 -32.58 100.86
C VAL H 294 -48.33 -31.94 101.16
N LEU H 295 -48.25 -31.18 102.25
CA LEU H 295 -47.03 -30.45 102.58
C LEU H 295 -46.55 -30.73 104.00
N SER H 296 -45.31 -30.36 104.27
CA SER H 296 -44.73 -30.60 105.58
C SER H 296 -44.23 -29.32 106.23
N THR H 297 -44.28 -29.27 107.54
CA THR H 297 -43.82 -28.11 108.29
C THR H 297 -42.36 -28.31 108.70
N LYS H 298 -41.76 -29.41 108.29
CA LYS H 298 -40.37 -29.70 108.62
C LYS H 298 -39.47 -29.62 107.40
N ARG H 299 -38.49 -28.73 107.45
CA ARG H 299 -37.59 -28.52 106.32
C ARG H 299 -36.99 -29.84 105.85
N GLY H 300 -36.65 -29.92 104.58
CA GLY H 300 -36.03 -31.09 104.03
C GLY H 300 -37.03 -32.12 103.54
N GLY H 301 -37.97 -32.50 104.39
CA GLY H 301 -38.95 -33.53 104.07
C GLY H 301 -39.45 -33.43 102.64
N LYS H 302 -39.56 -34.60 102.00
CA LYS H 302 -39.95 -34.68 100.61
C LYS H 302 -41.04 -35.73 100.43
N ASP H 303 -41.71 -35.67 99.28
CA ASP H 303 -42.65 -36.72 98.91
C ASP H 303 -41.86 -37.89 98.37
N ILE H 304 -42.54 -38.84 97.75
CA ILE H 304 -41.87 -40.01 97.18
C ILE H 304 -41.15 -39.68 95.87
N TYR H 305 -40.81 -38.41 95.70
CA TYR H 305 -40.12 -37.97 94.49
C TYR H 305 -38.98 -37.02 94.83
N ASP H 306 -38.65 -36.92 96.11
CA ASP H 306 -37.64 -35.98 96.57
C ASP H 306 -37.95 -34.55 96.16
N SER H 307 -39.24 -34.24 96.01
CA SER H 307 -39.69 -32.88 95.78
C SER H 307 -39.86 -32.20 97.13
N ASN H 308 -39.04 -31.19 97.40
CA ASN H 308 -39.11 -30.46 98.65
C ASN H 308 -40.51 -29.93 98.93
N ILE H 309 -41.23 -30.60 99.82
CA ILE H 309 -42.60 -30.23 100.15
C ILE H 309 -42.68 -29.48 101.47
N TYR H 310 -41.60 -28.83 101.86
CA TYR H 310 -41.64 -27.94 103.02
C TYR H 310 -42.43 -26.70 102.63
N ILE H 311 -43.51 -26.44 103.38
CA ILE H 311 -44.41 -25.33 103.05
C ILE H 311 -43.74 -24.08 102.48
N ASP H 312 -42.99 -23.37 103.33
CA ASP H 312 -42.40 -22.11 102.94
C ASP H 312 -41.71 -22.13 101.57
N ASP H 313 -41.09 -23.24 101.22
CA ASP H 313 -40.40 -23.35 99.95
C ASP H 313 -41.37 -23.64 98.81
N PHE H 314 -42.21 -24.65 98.99
CA PHE H 314 -43.21 -25.02 98.01
C PHE H 314 -43.85 -23.79 97.39
N PHE H 315 -44.37 -22.90 98.23
CA PHE H 315 -45.03 -21.69 97.76
C PHE H 315 -44.02 -20.67 97.28
N ALA H 316 -42.83 -20.70 97.85
CA ALA H 316 -41.76 -19.77 97.51
C ALA H 316 -41.43 -19.85 96.02
N LYS H 317 -41.84 -20.94 95.40
CA LYS H 317 -41.53 -21.19 93.99
C LYS H 317 -42.78 -21.55 93.22
N GLY H 318 -43.59 -20.53 92.90
CA GLY H 318 -44.82 -20.71 92.13
C GLY H 318 -45.57 -22.00 92.40
N GLY H 319 -45.53 -22.45 93.66
CA GLY H 319 -46.13 -23.71 94.02
C GLY H 319 -47.63 -23.77 93.80
N SER H 320 -48.30 -22.64 93.94
CA SER H 320 -49.76 -22.63 93.87
C SER H 320 -50.32 -21.33 93.32
N GLU H 321 -51.28 -21.44 92.41
CA GLU H 321 -51.87 -20.29 91.76
C GLU H 321 -52.83 -19.52 92.66
N TYR H 322 -53.27 -20.15 93.74
CA TYR H 322 -54.38 -19.61 94.54
C TYR H 322 -54.00 -19.06 95.91
N ILE H 323 -53.24 -19.83 96.67
CA ILE H 323 -52.94 -19.48 98.05
C ILE H 323 -51.44 -19.35 98.30
N PHE H 324 -51.10 -19.03 99.54
CA PHE H 324 -49.72 -18.86 99.94
C PHE H 324 -49.70 -19.09 101.44
N ALA H 325 -48.75 -19.88 101.92
CA ALA H 325 -48.70 -20.22 103.34
C ALA H 325 -47.30 -20.19 103.95
N THR H 326 -47.23 -20.40 105.25
CA THR H 326 -45.95 -20.41 105.96
C THR H 326 -46.03 -21.36 107.16
N ALA H 327 -45.00 -22.20 107.30
CA ALA H 327 -44.98 -23.18 108.38
C ALA H 327 -44.97 -22.52 109.75
N GLN H 328 -44.61 -21.25 109.76
CA GLN H 328 -44.47 -20.51 111.01
C GLN H 328 -45.78 -20.42 111.79
N ASN H 329 -45.72 -20.80 113.06
CA ASN H 329 -46.88 -20.78 113.94
C ASN H 329 -48.03 -21.63 113.46
N TRP H 330 -47.74 -22.53 112.52
CA TRP H 330 -48.71 -23.53 112.09
C TRP H 330 -49.01 -24.43 113.28
N PRO H 331 -50.26 -24.41 113.77
CA PRO H 331 -50.60 -25.21 114.96
C PRO H 331 -50.25 -26.68 114.74
N GLU H 332 -49.58 -27.29 115.70
CA GLU H 332 -49.24 -28.71 115.59
C GLU H 332 -50.51 -29.55 115.53
N GLY H 333 -50.53 -30.51 114.62
CA GLY H 333 -51.67 -31.41 114.46
C GLY H 333 -52.97 -30.69 114.16
N PHE H 334 -52.87 -29.44 113.71
CA PHE H 334 -54.05 -28.68 113.38
C PHE H 334 -54.82 -29.39 112.28
N SER H 335 -56.13 -29.45 112.42
CA SER H 335 -57.01 -29.91 111.35
C SER H 335 -58.28 -29.09 111.41
N GLY H 336 -58.76 -28.63 110.26
CA GLY H 336 -59.96 -27.82 110.24
C GLY H 336 -60.24 -27.18 108.90
N ILE H 337 -61.27 -26.34 108.88
CA ILE H 337 -61.66 -25.62 107.67
C ILE H 337 -61.36 -24.15 107.86
N LEU H 338 -60.47 -23.62 107.03
CA LEU H 338 -60.17 -22.20 107.08
C LEU H 338 -61.06 -21.41 106.14
N THR H 339 -61.62 -20.32 106.64
CA THR H 339 -62.51 -19.48 105.86
C THR H 339 -61.88 -18.14 105.61
N LEU H 340 -61.41 -17.94 104.38
CA LEU H 340 -60.78 -16.68 103.99
C LEU H 340 -61.86 -15.64 103.81
N SER H 341 -61.58 -14.44 104.33
CA SER H 341 -62.48 -13.30 104.22
C SER H 341 -61.73 -12.00 104.51
N GLY H 342 -62.44 -10.88 104.48
CA GLY H 342 -61.79 -9.59 104.63
C GLY H 342 -60.88 -9.26 103.46
N GLY H 343 -60.79 -10.18 102.51
CA GLY H 343 -60.03 -9.95 101.31
C GLY H 343 -60.45 -8.63 100.70
N LEU H 344 -59.49 -7.87 100.20
CA LEU H 344 -59.81 -6.53 99.76
C LEU H 344 -58.79 -5.93 98.81
N SER H 345 -59.02 -6.07 97.51
CA SER H 345 -58.25 -5.30 96.56
C SER H 345 -58.93 -3.95 96.47
N SER H 346 -58.19 -2.90 96.74
CA SER H 346 -58.80 -1.61 96.58
C SER H 346 -58.11 -0.96 95.41
N ASN H 347 -58.86 -0.83 94.32
CA ASN H 347 -58.53 0.14 93.27
C ASN H 347 -59.20 1.40 93.72
N ALA H 348 -60.23 1.21 94.54
CA ALA H 348 -60.98 2.29 95.16
C ALA H 348 -60.13 3.54 95.13
N GLU H 349 -59.02 3.50 95.86
CA GLU H 349 -58.08 4.61 95.79
C GLU H 349 -56.66 4.18 95.52
N VAL H 350 -56.40 3.87 94.26
CA VAL H 350 -55.05 3.74 93.77
C VAL H 350 -54.63 5.11 93.24
N THR H 351 -53.75 5.78 93.97
CA THR H 351 -53.25 7.09 93.59
C THR H 351 -52.49 7.03 92.27
N ALA H 352 -52.52 8.14 91.53
CA ALA H 352 -51.79 8.22 90.26
C ALA H 352 -50.39 7.65 90.42
N GLY H 353 -49.69 8.11 91.46
CA GLY H 353 -48.35 7.65 91.73
C GLY H 353 -48.26 6.14 91.86
N ASP H 354 -49.25 5.56 92.52
CA ASP H 354 -49.31 4.11 92.70
C ASP H 354 -49.23 3.43 91.34
N LEU H 355 -49.64 4.14 90.30
CA LEU H 355 -49.50 3.63 88.94
C LEU H 355 -48.07 3.78 88.45
N MET H 356 -47.49 4.95 88.70
CA MET H 356 -46.14 5.24 88.25
C MET H 356 -45.12 4.33 88.92
N GLU H 357 -45.33 4.02 90.20
CA GLU H 357 -44.48 3.04 90.89
C GLU H 357 -44.49 1.75 90.11
N ALA H 358 -45.67 1.40 89.59
CA ALA H 358 -45.83 0.15 88.84
C ALA H 358 -45.10 0.22 87.51
N TRP H 359 -45.49 1.17 86.67
CA TRP H 359 -44.86 1.33 85.37
C TRP H 359 -43.34 1.25 85.44
N ASP H 360 -42.79 1.79 86.51
CA ASP H 360 -41.34 1.85 86.69
C ASP H 360 -40.66 0.51 86.52
N PHE H 361 -41.43 -0.57 86.69
CA PHE H 361 -40.88 -1.91 86.61
C PHE H 361 -40.26 -2.23 85.25
N PHE H 362 -40.47 -1.33 84.27
CA PHE H 362 -40.01 -1.55 82.91
C PHE H 362 -38.85 -0.62 82.52
N ALA H 363 -38.45 0.29 83.39
CA ALA H 363 -37.56 1.39 83.00
C ALA H 363 -36.07 1.07 82.95
N ASP H 364 -35.71 -0.17 82.60
CA ASP H 364 -34.31 -0.55 82.46
C ASP H 364 -34.10 -1.75 81.53
N ARG H 365 -33.50 -1.51 80.37
CA ARG H 365 -33.26 -2.56 79.39
C ARG H 365 -32.46 -3.73 79.96
N GLU H 366 -31.74 -3.47 81.06
CA GLU H 366 -30.93 -4.49 81.70
C GLU H 366 -31.93 -5.58 82.03
N SER H 367 -33.11 -5.17 82.46
CA SER H 367 -34.05 -6.10 83.02
C SER H 367 -35.14 -6.70 82.15
N VAL H 368 -35.94 -5.84 81.53
CA VAL H 368 -37.05 -6.32 80.71
C VAL H 368 -37.06 -5.86 79.27
N ASP H 369 -37.04 -6.83 78.36
CA ASP H 369 -37.08 -6.55 76.93
C ASP H 369 -38.53 -6.35 76.48
N VAL H 370 -38.98 -5.10 76.51
CA VAL H 370 -40.34 -4.79 76.11
C VAL H 370 -40.37 -3.77 74.98
N GLN H 371 -40.95 -4.13 73.84
CA GLN H 371 -40.87 -3.31 72.65
C GLN H 371 -41.87 -2.15 72.60
N LEU H 372 -43.11 -2.41 73.01
CA LEU H 372 -44.15 -1.41 72.89
C LEU H 372 -44.68 -1.04 74.26
N PHE H 373 -45.31 0.12 74.37
CA PHE H 373 -45.81 0.60 75.65
C PHE H 373 -47.26 1.05 75.57
N ILE H 374 -48.17 0.22 76.09
CA ILE H 374 -49.58 0.63 76.11
C ILE H 374 -49.76 1.65 77.22
N ALA H 375 -50.11 2.87 76.87
CA ALA H 375 -50.13 3.93 77.85
C ALA H 375 -51.49 4.60 77.94
N GLY H 376 -52.17 4.73 76.81
CA GLY H 376 -53.47 5.38 76.76
C GLY H 376 -54.46 4.76 77.73
N SER H 377 -54.08 3.62 78.29
CA SER H 377 -54.91 2.87 79.22
C SER H 377 -55.38 3.71 80.40
N CYS H 378 -54.79 4.88 80.56
CA CYS H 378 -55.18 5.76 81.66
C CYS H 378 -56.15 6.82 81.18
N ALA H 379 -56.55 6.73 79.92
CA ALA H 379 -57.44 7.71 79.32
C ALA H 379 -58.58 8.10 80.25
N GLY H 380 -59.19 7.12 80.89
CA GLY H 380 -60.36 7.35 81.72
C GLY H 380 -60.12 8.01 83.05
N GLU H 381 -58.94 7.77 83.64
CA GLU H 381 -58.66 8.22 85.01
C GLU H 381 -58.79 9.74 85.21
N SER H 382 -58.71 10.17 86.47
CA SER H 382 -58.80 11.58 86.82
C SER H 382 -58.03 12.37 85.77
N LEU H 383 -58.68 13.30 85.09
CA LEU H 383 -58.01 14.06 84.04
C LEU H 383 -56.54 14.26 84.41
N GLU H 384 -56.31 14.83 85.59
CA GLU H 384 -54.95 15.03 86.08
C GLU H 384 -54.12 13.80 85.79
N THR H 385 -54.38 12.73 86.52
CA THR H 385 -53.64 11.47 86.37
C THR H 385 -53.65 10.99 84.92
N ALA H 386 -54.74 11.23 84.20
CA ALA H 386 -54.80 10.86 82.78
C ALA H 386 -53.56 11.38 82.09
N SER H 387 -53.20 12.63 82.40
CA SER H 387 -52.06 13.27 81.80
C SER H 387 -50.76 12.91 82.50
N THR H 388 -50.69 13.15 83.79
CA THR H 388 -49.43 13.00 84.51
C THR H 388 -48.84 11.59 84.54
N VAL H 389 -49.68 10.57 84.43
CA VAL H 389 -49.17 9.21 84.38
C VAL H 389 -48.46 8.98 83.06
N GLN H 390 -49.23 9.03 81.97
CA GLN H 390 -48.69 8.93 80.61
C GLN H 390 -47.44 9.76 80.45
N LYS H 391 -47.57 11.05 80.73
CA LYS H 391 -46.46 11.98 80.65
C LYS H 391 -45.21 11.31 81.21
N HIS H 392 -45.35 10.71 82.39
CA HIS H 392 -44.26 9.99 83.04
C HIS H 392 -43.85 8.73 82.27
N VAL H 393 -44.81 7.98 81.76
CA VAL H 393 -44.52 6.77 81.01
C VAL H 393 -43.63 7.08 79.82
N VAL H 394 -43.89 8.22 79.18
CA VAL H 394 -43.05 8.69 78.08
C VAL H 394 -41.63 8.89 78.58
N SER H 395 -41.51 9.36 79.81
CA SER H 395 -40.21 9.64 80.41
C SER H 395 -39.55 8.37 80.94
N ILE H 396 -39.97 7.23 80.40
CA ILE H 396 -39.35 5.95 80.71
C ILE H 396 -38.81 5.38 79.41
N GLY H 397 -39.58 5.52 78.34
CA GLY H 397 -39.14 5.16 77.02
C GLY H 397 -38.09 6.13 76.56
N ASP H 398 -38.26 7.40 76.93
CA ASP H 398 -37.25 8.41 76.64
C ASP H 398 -35.89 8.01 77.17
N VAL H 399 -35.81 7.81 78.46
CA VAL H 399 -34.54 7.57 79.13
C VAL H 399 -33.98 6.20 78.76
N ARG H 400 -34.73 5.34 78.13
CA ARG H 400 -34.25 4.00 77.79
C ARG H 400 -34.10 3.79 76.28
N GLN H 401 -34.95 4.46 75.52
CA GLN H 401 -34.88 4.47 74.06
C GLN H 401 -34.80 3.09 73.40
N ASP H 402 -35.49 2.12 73.99
CA ASP H 402 -35.72 0.82 73.37
C ASP H 402 -37.19 0.50 73.51
N CYS H 403 -38.03 1.17 72.71
CA CYS H 403 -39.48 1.05 72.87
C CYS H 403 -40.27 2.04 72.03
N LEU H 404 -41.51 2.27 72.42
CA LEU H 404 -42.39 3.16 71.67
C LEU H 404 -43.29 3.30 72.90
N VAL H 405 -43.70 4.53 73.20
CA VAL H 405 -44.55 4.75 74.36
C VAL H 405 -45.55 5.30 73.35
N LEU H 406 -46.75 4.72 73.34
CA LEU H 406 -47.81 5.14 72.40
C LEU H 406 -48.82 5.57 73.47
N CYS H 407 -49.57 6.64 73.18
CA CYS H 407 -50.41 7.30 74.17
C CYS H 407 -51.65 7.94 73.54
N SER H 408 -52.75 7.91 74.30
CA SER H 408 -54.05 8.40 73.81
C SER H 408 -54.72 9.49 74.68
N PRO H 409 -55.59 10.32 74.07
CA PRO H 409 -56.17 11.51 74.71
C PRO H 409 -57.11 11.16 75.83
N PRO H 410 -57.42 12.12 76.69
CA PRO H 410 -58.34 11.90 77.81
C PRO H 410 -59.79 11.89 77.35
N ARG H 411 -60.58 10.92 77.83
CA ARG H 411 -61.97 10.85 77.45
C ARG H 411 -62.61 12.23 77.49
N GLU H 412 -62.44 12.92 78.61
CA GLU H 412 -63.03 14.25 78.78
C GLU H 412 -63.04 15.02 77.47
N THR H 413 -61.89 15.03 76.82
CA THR H 413 -61.59 15.98 75.74
C THR H 413 -62.17 15.62 74.39
N VAL H 414 -62.60 14.39 74.21
CA VAL H 414 -62.88 13.91 72.87
C VAL H 414 -64.20 13.18 72.62
N VAL H 415 -64.72 12.51 73.65
CA VAL H 415 -65.90 11.66 73.46
C VAL H 415 -67.24 12.39 73.56
N GLY H 416 -67.41 13.22 74.57
CA GLY H 416 -68.66 13.93 74.77
C GLY H 416 -69.01 14.97 73.70
N ILE H 417 -68.15 15.97 73.56
CA ILE H 417 -68.40 17.12 72.68
C ILE H 417 -68.35 16.76 71.20
N PRO H 418 -68.83 17.68 70.34
CA PRO H 418 -68.69 17.62 68.88
C PRO H 418 -67.28 17.98 68.46
N VAL H 419 -66.91 17.66 67.21
CA VAL H 419 -65.54 17.85 66.74
C VAL H 419 -65.07 19.30 66.80
N THR H 420 -65.97 20.25 66.54
CA THR H 420 -65.64 21.67 66.62
C THR H 420 -64.84 21.95 67.89
N ARG H 421 -65.49 21.84 69.05
CA ARG H 421 -64.82 21.97 70.33
C ARG H 421 -63.69 20.94 70.43
N ALA H 422 -63.99 19.73 69.99
CA ALA H 422 -63.08 18.61 70.18
C ALA H 422 -61.62 18.95 69.89
N VAL H 423 -61.34 19.38 68.67
CA VAL H 423 -59.96 19.64 68.29
C VAL H 423 -59.34 20.77 69.11
N ASP H 424 -60.07 21.87 69.27
CA ASP H 424 -59.61 22.96 70.10
C ASP H 424 -59.00 22.37 71.37
N ASN H 425 -59.76 21.51 72.03
CA ASN H 425 -59.33 20.87 73.26
C ASN H 425 -58.00 20.14 73.08
N LEU H 426 -57.98 19.22 72.12
CA LEU H 426 -56.79 18.41 71.87
C LEU H 426 -55.52 19.26 71.72
N VAL H 427 -55.60 20.33 70.94
CA VAL H 427 -54.43 21.15 70.66
C VAL H 427 -54.00 21.96 71.87
N ASN H 428 -54.97 22.49 72.59
CA ASN H 428 -54.68 23.16 73.86
C ASN H 428 -53.90 22.23 74.78
N TRP H 429 -54.36 20.98 74.87
CA TRP H 429 -53.76 19.99 75.75
C TRP H 429 -52.33 19.66 75.35
N ARG H 430 -52.08 19.64 74.04
CA ARG H 430 -50.76 19.30 73.51
C ARG H 430 -49.75 20.44 73.71
N THR H 431 -50.25 21.57 74.20
CA THR H 431 -49.39 22.72 74.52
C THR H 431 -49.56 23.25 75.95
N ALA H 432 -50.70 23.87 76.22
CA ALA H 432 -50.96 24.45 77.53
C ALA H 432 -52.18 25.33 77.38
N ALA H 433 -51.98 26.48 76.76
CA ALA H 433 -53.07 27.33 76.28
C ALA H 433 -54.24 27.50 77.23
N GLY H 434 -55.42 27.04 76.78
CA GLY H 434 -56.68 27.38 77.42
C GLY H 434 -56.94 26.74 78.77
N SER H 435 -57.68 25.63 78.75
CA SER H 435 -58.13 25.00 79.99
C SER H 435 -57.10 24.05 80.56
N TYR H 436 -56.48 23.27 79.69
CA TYR H 436 -55.45 22.32 80.09
C TYR H 436 -54.07 22.97 80.00
N THR H 437 -53.86 24.02 80.77
CA THR H 437 -52.52 24.56 80.87
C THR H 437 -51.75 23.71 81.86
N ASP H 438 -52.45 23.29 82.89
CA ASP H 438 -51.86 22.61 84.04
C ASP H 438 -51.64 21.15 83.72
N ASN H 439 -52.75 20.45 83.48
CA ASN H 439 -52.69 19.06 83.05
C ASN H 439 -52.46 19.00 81.54
N ASN H 440 -51.33 19.54 81.11
CA ASN H 440 -50.96 19.48 79.72
C ASN H 440 -50.23 18.18 79.45
N PHE H 441 -50.04 17.89 78.18
CA PHE H 441 -49.24 16.76 77.75
C PHE H 441 -48.11 17.33 76.90
N ASN H 442 -47.70 18.55 77.25
CA ASN H 442 -46.74 19.30 76.43
C ASN H 442 -45.31 18.74 76.48
N ILE H 443 -45.12 17.58 75.89
CA ILE H 443 -43.81 16.96 75.79
C ILE H 443 -43.57 16.66 74.32
N SER H 444 -42.36 16.24 73.98
CA SER H 444 -42.05 16.00 72.58
C SER H 444 -40.99 14.92 72.32
N SER H 445 -41.39 13.66 72.42
CA SER H 445 -40.47 12.57 72.20
C SER H 445 -40.67 11.91 70.85
N THR H 446 -39.56 11.48 70.27
CA THR H 446 -39.55 10.76 69.01
C THR H 446 -40.05 9.38 69.32
N TYR H 447 -40.13 9.08 70.61
CA TYR H 447 -40.64 7.81 71.11
C TYR H 447 -42.09 7.97 71.54
N ALA H 448 -42.54 9.21 71.58
CA ALA H 448 -43.91 9.52 71.98
C ALA H 448 -44.80 9.43 70.77
N ALA H 449 -45.78 8.55 70.81
CA ALA H 449 -46.76 8.44 69.74
C ALA H 449 -48.02 8.68 70.59
N ILE H 450 -48.73 9.77 70.29
CA ILE H 450 -50.03 10.01 70.88
C ILE H 450 -51.16 9.54 69.97
N ASP H 451 -52.39 9.69 70.43
CA ASP H 451 -53.43 8.68 70.18
C ASP H 451 -54.82 9.28 70.33
N GLY H 452 -55.60 9.25 69.26
CA GLY H 452 -56.00 10.48 68.59
C GLY H 452 -57.50 10.68 68.62
N ASN H 453 -58.25 9.60 68.81
CA ASN H 453 -59.51 9.65 69.54
C ASN H 453 -59.63 8.52 70.56
N TYR H 454 -60.85 8.04 70.76
CA TYR H 454 -61.12 7.03 71.77
C TYR H 454 -62.23 6.09 71.33
N LYS H 455 -61.99 4.79 71.46
CA LYS H 455 -62.76 3.79 70.73
C LYS H 455 -64.01 3.38 71.51
N TYR H 456 -65.04 2.95 70.78
CA TYR H 456 -66.28 2.52 71.41
C TYR H 456 -66.50 1.02 71.18
N GLN H 457 -66.09 0.20 72.14
CA GLN H 457 -66.12 -1.26 72.01
C GLN H 457 -67.36 -1.85 72.67
N TYR H 458 -67.52 -3.17 72.55
CA TYR H 458 -68.57 -3.85 73.29
C TYR H 458 -67.88 -4.75 74.31
N ASP H 459 -68.45 -4.81 75.52
CA ASP H 459 -67.80 -5.50 76.62
C ASP H 459 -68.48 -6.83 76.90
N LYS H 460 -68.01 -7.88 76.24
CA LYS H 460 -68.65 -9.20 76.33
C LYS H 460 -68.86 -9.65 77.77
N TYR H 461 -68.15 -9.03 78.72
CA TYR H 461 -68.24 -9.44 80.11
C TYR H 461 -69.40 -8.79 80.85
N ASN H 462 -69.36 -7.48 81.02
CA ASN H 462 -70.47 -6.78 81.64
C ASN H 462 -71.66 -6.74 80.70
N ASP H 463 -71.38 -7.06 79.43
CA ASP H 463 -72.39 -7.02 78.39
C ASP H 463 -72.87 -5.59 78.13
N VAL H 464 -71.93 -4.67 77.94
CA VAL H 464 -72.27 -3.28 77.71
C VAL H 464 -71.32 -2.65 76.71
N ASN H 465 -71.82 -1.63 75.99
CA ASN H 465 -71.00 -0.86 75.11
C ASN H 465 -70.24 0.21 75.88
N ARG H 466 -68.97 0.39 75.56
CA ARG H 466 -68.08 1.11 76.44
C ARG H 466 -66.99 1.85 75.65
N TRP H 467 -66.60 3.03 76.11
CA TRP H 467 -65.49 3.74 75.49
C TRP H 467 -64.15 3.30 76.09
N VAL H 468 -63.20 2.95 75.24
CA VAL H 468 -61.88 2.56 75.71
C VAL H 468 -60.76 3.28 74.97
N PRO H 469 -59.64 3.52 75.66
CA PRO H 469 -58.49 4.17 75.04
C PRO H 469 -58.05 3.39 73.81
N LEU H 470 -57.85 4.09 72.69
CA LEU H 470 -57.54 3.42 71.44
C LEU H 470 -56.08 2.96 71.39
N ALA H 471 -55.20 3.68 72.08
CA ALA H 471 -53.78 3.36 72.10
C ALA H 471 -53.52 1.87 72.34
N ALA H 472 -54.12 1.35 73.40
CA ALA H 472 -54.01 -0.07 73.73
C ALA H 472 -54.09 -0.94 72.48
N ASP H 473 -54.95 -0.53 71.56
CA ASP H 473 -55.20 -1.30 70.36
C ASP H 473 -54.09 -1.16 69.31
N ILE H 474 -53.84 0.08 68.88
CA ILE H 474 -52.82 0.35 67.86
C ILE H 474 -51.49 -0.31 68.19
N ALA H 475 -51.22 -0.46 69.48
CA ALA H 475 -49.96 -1.07 69.94
C ALA H 475 -49.85 -2.51 69.45
N GLY H 476 -50.94 -3.26 69.55
CA GLY H 476 -50.97 -4.61 69.02
C GLY H 476 -50.91 -4.55 67.52
N LEU H 477 -51.52 -3.49 66.97
CA LEU H 477 -51.52 -3.27 65.54
C LEU H 477 -50.11 -3.01 65.04
N CYS H 478 -49.18 -2.81 65.96
CA CYS H 478 -47.77 -2.64 65.61
C CYS H 478 -47.01 -3.97 65.70
N ALA H 479 -47.24 -4.71 66.77
CA ALA H 479 -46.62 -6.03 66.95
C ALA H 479 -46.85 -6.79 65.67
N ARG H 480 -47.94 -6.44 65.03
CA ARG H 480 -48.29 -6.94 63.72
C ARG H 480 -47.40 -6.28 62.69
N THR H 481 -48.01 -5.39 61.92
CA THR H 481 -47.38 -4.75 60.76
C THR H 481 -45.92 -4.40 60.97
N ASP H 482 -45.09 -4.84 60.03
CA ASP H 482 -43.64 -4.70 60.10
C ASP H 482 -43.14 -4.99 61.50
N ASN H 483 -42.00 -4.40 61.87
CA ASN H 483 -41.52 -4.57 63.22
C ASN H 483 -41.63 -3.34 64.12
N VAL H 484 -41.47 -3.60 65.41
CA VAL H 484 -41.99 -2.73 66.44
C VAL H 484 -40.89 -2.01 67.23
N ARG H 496 -53.70 2.41 60.49
CA ARG H 496 -52.60 1.66 59.89
C ARG H 496 -53.06 0.32 59.34
N GLY H 497 -54.35 0.23 59.03
CA GLY H 497 -55.00 -1.02 58.71
C GLY H 497 -56.10 -1.19 59.72
N GLN H 498 -57.34 -1.26 59.26
CA GLN H 498 -58.47 -1.13 60.17
C GLN H 498 -58.35 -1.93 61.45
N ILE H 499 -58.97 -1.43 62.51
CA ILE H 499 -58.95 -2.07 63.81
C ILE H 499 -60.13 -3.00 63.92
N LEU H 500 -59.98 -3.99 64.78
CA LEU H 500 -60.87 -5.14 64.79
C LEU H 500 -62.29 -4.87 65.29
N ASN H 501 -62.43 -4.57 66.57
CA ASN H 501 -63.72 -4.69 67.23
C ASN H 501 -64.37 -3.36 67.52
N VAL H 502 -63.87 -2.30 66.91
CA VAL H 502 -64.51 -1.00 67.02
C VAL H 502 -65.94 -1.09 66.55
N ILE H 503 -66.78 -0.17 66.98
CA ILE H 503 -68.16 -0.15 66.53
C ILE H 503 -68.58 1.31 66.41
N LYS H 504 -67.61 2.19 66.54
CA LYS H 504 -67.87 3.61 66.61
C LYS H 504 -66.58 4.26 67.09
N LEU H 505 -66.21 5.38 66.50
CA LEU H 505 -65.10 6.16 67.03
C LEU H 505 -65.52 7.59 67.40
N ALA H 506 -64.84 8.17 68.38
CA ALA H 506 -65.24 9.47 68.87
C ALA H 506 -65.35 10.48 67.74
N ILE H 507 -64.43 10.38 66.79
CA ILE H 507 -64.48 11.23 65.59
C ILE H 507 -64.17 10.41 64.35
N GLU H 508 -64.81 10.78 63.23
CA GLU H 508 -64.63 10.06 61.98
C GLU H 508 -65.00 10.94 60.78
N GLN H 511 -60.66 17.72 56.83
CA GLN H 511 -59.42 17.57 56.12
C GLN H 511 -58.38 18.47 56.72
N ALA H 512 -58.75 19.73 57.02
CA ALA H 512 -57.79 20.64 57.56
C ALA H 512 -57.31 20.11 58.88
N GLN H 513 -58.24 19.62 59.70
CA GLN H 513 -57.90 19.13 60.98
C GLN H 513 -57.01 17.93 60.84
N ARG H 514 -57.33 17.05 59.87
CA ARG H 514 -56.57 15.85 59.67
C ARG H 514 -55.16 16.22 59.33
N ASP H 515 -54.98 17.17 58.38
CA ASP H 515 -53.64 17.51 58.03
C ASP H 515 -52.98 18.06 59.24
N ARG H 516 -53.75 18.80 60.05
CA ARG H 516 -53.23 19.40 61.25
C ARG H 516 -52.78 18.33 62.19
N LEU H 517 -53.59 17.26 62.33
CA LEU H 517 -53.26 16.20 63.28
C LEU H 517 -52.00 15.54 62.83
N TYR H 518 -51.88 15.24 61.52
CA TYR H 518 -50.65 14.75 60.94
C TYR H 518 -49.71 15.88 61.18
N GLN H 519 -48.38 15.72 61.12
CA GLN H 519 -47.50 16.84 61.33
C GLN H 519 -47.38 17.06 62.81
N GLU H 520 -48.52 17.02 63.52
CA GLU H 520 -48.63 17.07 64.96
C GLU H 520 -48.08 15.77 65.38
N ALA H 521 -48.01 14.81 64.43
CA ALA H 521 -47.57 13.47 64.72
C ALA H 521 -48.57 12.82 65.61
N ILE H 522 -49.85 12.90 65.21
CA ILE H 522 -50.85 12.23 66.00
C ILE H 522 -51.50 11.21 65.11
N ASN H 523 -51.93 10.07 65.70
CA ASN H 523 -52.54 8.98 64.95
C ASN H 523 -54.02 9.16 64.92
N PRO H 524 -54.54 9.44 63.74
CA PRO H 524 -55.95 9.65 63.57
C PRO H 524 -56.66 8.43 63.07
N VAL H 525 -58.00 8.42 63.22
CA VAL H 525 -58.80 7.38 62.64
C VAL H 525 -59.87 8.10 61.87
N THR H 526 -60.11 7.71 60.60
CA THR H 526 -61.14 8.40 59.88
C THR H 526 -62.05 7.37 59.31
N GLY H 527 -63.33 7.75 59.10
CA GLY H 527 -64.26 6.81 58.56
C GLY H 527 -64.70 7.33 57.23
N THR H 528 -64.60 6.48 56.20
CA THR H 528 -65.03 6.95 54.92
C THR H 528 -65.97 5.94 54.34
N GLY H 529 -67.20 6.38 54.04
CA GLY H 529 -68.14 5.52 53.40
C GLY H 529 -68.37 4.33 54.25
N GLY H 530 -68.17 4.48 55.58
CA GLY H 530 -68.36 3.36 56.45
C GLY H 530 -67.02 2.74 56.63
N ASP H 531 -66.83 2.04 57.76
CA ASP H 531 -65.58 1.40 58.08
C ASP H 531 -64.57 2.47 58.33
N GLY H 532 -63.90 2.42 59.49
CA GLY H 532 -62.92 3.41 59.80
C GLY H 532 -61.58 2.79 59.59
N TYR H 533 -60.59 3.60 59.18
CA TYR H 533 -59.27 3.09 58.95
C TYR H 533 -58.28 4.07 59.51
N VAL H 534 -57.02 3.61 59.69
CA VAL H 534 -56.02 4.47 60.26
C VAL H 534 -55.55 5.42 59.21
N LEU H 535 -55.59 6.72 59.53
CA LEU H 535 -55.17 7.73 58.58
C LEU H 535 -53.71 7.60 58.33
N TYR H 536 -52.91 7.54 59.41
CA TYR H 536 -51.50 7.56 59.20
C TYR H 536 -50.86 6.61 60.14
N GLY H 537 -49.64 6.20 59.75
CA GLY H 537 -48.83 5.18 60.34
C GLY H 537 -48.47 5.39 61.79
N ASP H 538 -48.28 6.66 62.30
CA ASP H 538 -48.12 6.91 63.73
C ASP H 538 -47.14 7.96 64.14
N LYS H 539 -46.58 7.74 65.36
CA LYS H 539 -45.53 8.41 66.08
C LYS H 539 -45.70 9.88 66.28
N THR H 540 -45.25 10.34 67.47
CA THR H 540 -45.19 11.74 67.79
C THR H 540 -43.77 12.13 67.55
N ALA H 541 -43.34 12.05 66.27
CA ALA H 541 -41.96 12.18 65.87
C ALA H 541 -41.43 13.57 66.03
N THR H 542 -40.07 13.65 66.14
CA THR H 542 -39.29 14.84 66.35
C THR H 542 -38.16 14.89 65.35
N SER H 543 -37.02 15.53 65.74
CA SER H 543 -35.91 15.77 64.86
C SER H 543 -35.35 14.48 64.33
N VAL H 544 -35.75 14.21 63.08
CA VAL H 544 -35.38 13.10 62.26
C VAL H 544 -36.00 13.51 60.97
N PRO H 545 -35.78 12.82 59.88
CA PRO H 545 -36.51 13.22 58.72
C PRO H 545 -37.93 12.84 58.98
N SER H 546 -38.88 13.39 58.21
CA SER H 546 -40.27 13.14 58.47
C SER H 546 -40.59 11.68 58.36
N PRO H 547 -39.94 10.85 57.59
CA PRO H 547 -40.39 9.49 57.53
C PRO H 547 -40.29 8.70 58.80
N ASN H 552 -43.06 3.45 60.00
CA ASN H 552 -42.54 2.35 59.26
C ASN H 552 -41.05 2.42 59.25
N VAL H 553 -40.49 3.60 58.92
CA VAL H 553 -39.06 3.75 58.85
C VAL H 553 -38.47 3.52 60.21
N ARG H 554 -39.18 4.02 61.25
CA ARG H 554 -38.72 3.94 62.61
C ARG H 554 -38.61 2.52 63.06
N ARG H 555 -39.62 1.69 62.75
CA ARG H 555 -39.63 0.36 63.24
C ARG H 555 -38.46 -0.38 62.72
N LEU H 556 -38.08 -0.11 61.45
CA LEU H 556 -36.94 -0.79 60.92
C LEU H 556 -35.77 -0.45 61.79
N PHE H 557 -35.54 0.85 62.02
CA PHE H 557 -34.39 1.24 62.78
C PHE H 557 -34.45 0.79 64.19
N ASN H 558 -35.61 0.92 64.87
CA ASN H 558 -35.65 0.55 66.24
C ASN H 558 -35.31 -0.89 66.36
N MET H 559 -35.86 -1.73 65.47
CA MET H 559 -35.63 -3.14 65.59
C MET H 559 -34.17 -3.41 65.44
N LEU H 560 -33.53 -2.78 64.43
CA LEU H 560 -32.15 -3.11 64.22
C LEU H 560 -31.34 -2.75 65.42
N LYS H 561 -31.57 -1.55 65.98
CA LYS H 561 -30.77 -1.10 67.09
C LYS H 561 -30.96 -2.03 68.24
N THR H 562 -32.20 -2.46 68.51
CA THR H 562 -32.40 -3.29 69.66
C THR H 562 -31.66 -4.58 69.50
N ASN H 563 -31.73 -5.20 68.30
CA ASN H 563 -31.10 -6.46 68.09
C ASN H 563 -29.61 -6.32 68.19
N ILE H 564 -29.05 -5.21 67.67
CA ILE H 564 -27.62 -5.11 67.61
C ILE H 564 -27.06 -5.12 69.02
N GLY H 565 -27.71 -4.40 69.95
CA GLY H 565 -27.23 -4.27 71.29
C GLY H 565 -27.19 -5.60 72.00
N ARG H 566 -28.19 -6.46 71.76
CA ARG H 566 -28.27 -7.71 72.46
C ARG H 566 -27.05 -8.52 72.17
N SER H 567 -26.50 -8.38 70.97
CA SER H 567 -25.35 -9.13 70.55
C SER H 567 -24.17 -8.80 71.42
N SER H 568 -24.33 -7.84 72.36
CA SER H 568 -23.29 -7.40 73.23
C SER H 568 -22.85 -8.52 74.12
N LYS H 569 -23.68 -9.55 74.32
CA LYS H 569 -23.32 -10.60 75.21
C LYS H 569 -22.06 -11.22 74.68
N TYR H 570 -21.92 -11.24 73.35
CA TYR H 570 -20.81 -11.86 72.67
C TYR H 570 -19.53 -11.19 73.09
N ARG H 571 -19.55 -9.86 73.32
CA ARG H 571 -18.32 -9.16 73.61
C ARG H 571 -17.67 -9.75 74.82
N LEU H 572 -18.45 -10.07 75.86
CA LEU H 572 -17.85 -10.56 77.06
C LEU H 572 -17.12 -11.81 76.72
N PHE H 573 -17.65 -12.59 75.77
CA PHE H 573 -17.09 -13.86 75.45
C PHE H 573 -15.67 -13.70 75.00
N GLU H 574 -15.36 -12.77 74.07
CA GLU H 574 -14.00 -12.71 73.60
C GLU H 574 -13.39 -11.36 73.82
N LEU H 575 -12.08 -11.29 73.52
CA LEU H 575 -11.28 -10.09 73.64
C LEU H 575 -11.50 -9.25 72.42
N ASN H 576 -10.95 -8.01 72.42
CA ASN H 576 -11.12 -7.09 71.33
C ASN H 576 -9.81 -6.97 70.60
N ASN H 577 -9.85 -7.10 69.26
CA ASN H 577 -8.68 -7.00 68.43
C ASN H 577 -9.13 -6.56 67.07
N ALA H 578 -8.19 -6.52 66.11
CA ALA H 578 -8.54 -6.15 64.76
C ALA H 578 -9.48 -7.19 64.27
N PHE H 579 -9.19 -8.46 64.62
CA PHE H 579 -9.98 -9.57 64.23
C PHE H 579 -11.35 -9.43 64.82
N THR H 580 -11.44 -8.91 66.06
CA THR H 580 -12.72 -8.80 66.71
C THR H 580 -13.54 -7.82 65.95
N ARG H 581 -12.89 -6.88 65.25
CA ARG H 581 -13.59 -5.98 64.39
C ARG H 581 -14.31 -6.86 63.42
N SER H 582 -13.56 -7.81 62.82
CA SER H 582 -14.20 -8.76 61.95
C SER H 582 -14.90 -9.67 62.90
N SER H 583 -15.63 -10.70 62.45
CA SER H 583 -16.30 -11.52 63.43
C SER H 583 -17.50 -10.76 63.93
N PHE H 584 -17.34 -9.77 64.84
CA PHE H 584 -18.49 -9.03 65.27
C PHE H 584 -19.08 -8.40 64.07
N ARG H 585 -18.21 -7.78 63.24
CA ARG H 585 -18.64 -7.11 62.07
C ARG H 585 -19.29 -8.10 61.17
N THR H 586 -18.67 -9.29 61.00
CA THR H 586 -19.27 -10.23 60.10
C THR H 586 -20.61 -10.64 60.62
N GLU H 587 -20.73 -10.83 61.95
CA GLU H 587 -21.97 -11.30 62.50
C GLU H 587 -23.05 -10.29 62.27
N THR H 588 -22.81 -9.02 62.60
CA THR H 588 -23.84 -8.03 62.44
C THR H 588 -24.12 -7.86 60.97
N ALA H 589 -23.07 -7.93 60.15
CA ALA H 589 -23.23 -7.72 58.74
C ALA H 589 -24.15 -8.77 58.20
N GLN H 590 -24.00 -10.01 58.68
CA GLN H 590 -24.81 -11.07 58.16
C GLN H 590 -26.23 -10.73 58.49
N TYR H 591 -26.48 -10.20 59.70
CA TYR H 591 -27.83 -9.86 60.08
C TYR H 591 -28.34 -8.78 59.18
N LEU H 592 -27.52 -7.72 58.96
CA LEU H 592 -27.96 -6.61 58.16
C LEU H 592 -28.21 -7.04 56.74
N GLN H 593 -27.33 -7.89 56.19
CA GLN H 593 -27.47 -8.28 54.82
C GLN H 593 -28.75 -9.03 54.67
N GLY H 594 -29.09 -9.86 55.69
CA GLY H 594 -30.29 -10.64 55.59
C GLY H 594 -31.45 -9.71 55.46
N ASN H 595 -31.42 -8.59 56.21
CA ASN H 595 -32.52 -7.66 56.16
C ASN H 595 -32.66 -7.15 54.77
N LYS H 596 -31.53 -6.92 54.08
CA LYS H 596 -31.60 -6.38 52.75
C LYS H 596 -32.18 -7.40 51.81
N ALA H 597 -31.72 -8.66 51.91
CA ALA H 597 -32.16 -9.67 50.99
C ALA H 597 -33.63 -9.88 51.12
N LEU H 598 -34.12 -9.98 52.37
CA LEU H 598 -35.52 -10.20 52.58
C LEU H 598 -36.22 -9.01 52.03
N GLY H 599 -35.58 -7.85 52.21
CA GLY H 599 -36.20 -6.63 51.79
C GLY H 599 -36.52 -5.95 53.08
N GLY H 600 -36.38 -4.62 53.09
CA GLY H 600 -36.56 -3.96 54.34
C GLY H 600 -35.44 -2.99 54.44
N ILE H 601 -34.25 -3.36 53.93
CA ILE H 601 -33.17 -2.43 53.90
C ILE H 601 -32.65 -2.48 52.51
N TYR H 602 -32.21 -1.33 51.96
CA TYR H 602 -31.74 -1.32 50.60
C TYR H 602 -30.45 -0.55 50.57
N GLU H 603 -29.67 -0.77 49.49
CA GLU H 603 -28.43 -0.09 49.29
C GLU H 603 -27.59 -0.16 50.52
N TYR H 604 -27.33 -1.39 51.01
CA TYR H 604 -26.51 -1.52 52.18
C TYR H 604 -25.14 -1.89 51.72
N ARG H 605 -24.19 -0.98 51.98
CA ARG H 605 -22.82 -1.14 51.58
C ARG H 605 -22.07 -1.60 52.77
N VAL H 606 -21.60 -2.85 52.71
CA VAL H 606 -20.90 -3.45 53.82
C VAL H 606 -19.67 -2.64 54.05
N VAL H 607 -19.06 -2.14 52.96
CA VAL H 607 -17.82 -1.46 53.07
C VAL H 607 -17.91 -0.27 53.98
N CYS H 608 -18.81 0.69 53.71
CA CYS H 608 -18.76 1.85 54.54
C CYS H 608 -20.08 2.09 55.20
N ASP H 609 -20.65 1.06 55.84
CA ASP H 609 -21.87 1.25 56.55
C ASP H 609 -21.77 0.43 57.80
N THR H 610 -20.53 0.02 58.17
CA THR H 610 -20.28 -0.85 59.29
C THR H 610 -19.42 -0.13 60.28
N THR H 611 -18.76 -0.87 61.22
CA THR H 611 -18.12 -0.23 62.35
C THR H 611 -16.62 -0.31 62.41
N ASN H 612 -16.04 0.83 62.88
CA ASN H 612 -14.66 1.00 63.24
C ASN H 612 -14.70 2.05 64.31
N ASN H 613 -14.55 1.69 65.60
CA ASN H 613 -14.69 2.71 66.60
C ASN H 613 -13.59 3.68 66.51
N THR H 614 -12.35 3.19 66.39
CA THR H 614 -11.28 4.10 66.35
C THR H 614 -11.35 4.74 65.01
N PRO H 615 -10.70 5.85 64.88
CA PRO H 615 -10.70 6.49 63.61
C PRO H 615 -9.90 5.61 62.72
N SER H 616 -10.11 5.66 61.39
CA SER H 616 -9.35 4.76 60.57
C SER H 616 -7.92 5.10 60.77
N VAL H 617 -7.21 4.24 61.52
CA VAL H 617 -5.82 4.41 61.80
C VAL H 617 -5.34 3.09 62.28
N ILE H 618 -4.03 3.00 62.57
CA ILE H 618 -3.51 1.78 63.10
C ILE H 618 -4.16 1.57 64.44
N ASP H 619 -4.31 2.67 65.20
CA ASP H 619 -4.87 2.60 66.53
C ASP H 619 -6.32 2.26 66.41
N ARG H 620 -6.84 1.60 67.47
CA ARG H 620 -8.21 1.18 67.53
C ARG H 620 -8.62 1.20 68.97
N ASN H 621 -9.93 1.01 69.23
CA ASN H 621 -10.43 1.02 70.57
C ASN H 621 -11.49 -0.04 70.63
N GLU H 622 -12.37 0.02 71.66
CA GLU H 622 -13.41 -0.96 71.77
C GLU H 622 -14.35 -0.70 70.64
N PHE H 623 -15.23 -1.67 70.32
CA PHE H 623 -16.07 -1.48 69.19
C PHE H 623 -17.42 -0.98 69.59
N VAL H 624 -17.91 -0.01 68.81
CA VAL H 624 -19.25 0.44 68.99
C VAL H 624 -19.87 0.15 67.67
N ALA H 625 -21.15 -0.23 67.63
CA ALA H 625 -21.67 -0.54 66.34
C ALA H 625 -22.35 0.68 65.81
N THR H 626 -21.79 1.24 64.71
CA THR H 626 -22.42 2.37 64.09
C THR H 626 -22.77 1.91 62.73
N PHE H 627 -24.00 2.23 62.28
CA PHE H 627 -24.35 1.76 60.99
C PHE H 627 -25.17 2.81 60.33
N TYR H 628 -25.10 2.85 58.99
CA TYR H 628 -25.90 3.77 58.25
C TYR H 628 -26.83 2.86 57.50
N ILE H 629 -28.13 2.88 57.84
CA ILE H 629 -29.01 1.97 57.18
C ILE H 629 -30.11 2.78 56.55
N GLN H 630 -30.70 2.25 55.46
CA GLN H 630 -31.75 2.96 54.80
C GLN H 630 -32.94 2.06 54.71
N PRO H 631 -34.08 2.55 55.13
CA PRO H 631 -35.29 1.76 55.07
C PRO H 631 -35.66 1.69 53.63
N ALA H 632 -36.39 0.63 53.22
CA ALA H 632 -36.59 0.46 51.81
C ALA H 632 -37.26 1.66 51.21
N ARG H 633 -38.37 2.14 51.78
CA ARG H 633 -39.03 3.23 51.12
C ARG H 633 -38.66 4.51 51.76
N SER H 634 -37.50 5.06 51.39
CA SER H 634 -37.10 6.36 51.85
C SER H 634 -35.73 6.61 51.33
N ILE H 635 -35.51 7.74 50.62
CA ILE H 635 -34.20 7.92 50.10
C ILE H 635 -33.43 8.71 51.12
N ASN H 636 -33.00 8.02 52.18
CA ASN H 636 -32.23 8.66 53.19
C ASN H 636 -31.57 7.58 53.98
N TYR H 637 -30.31 7.79 54.38
CA TYR H 637 -29.60 6.82 55.16
C TYR H 637 -29.53 7.43 56.52
N ILE H 638 -29.82 6.65 57.57
CA ILE H 638 -29.77 7.25 58.87
C ILE H 638 -28.61 6.68 59.58
N THR H 639 -27.96 7.51 60.41
CA THR H 639 -26.79 7.05 61.10
C THR H 639 -27.17 6.71 62.50
N LEU H 640 -26.90 5.46 62.92
CA LEU H 640 -27.21 5.09 64.27
C LEU H 640 -25.96 4.54 64.87
N ASN H 641 -25.70 4.88 66.14
CA ASN H 641 -24.53 4.37 66.78
C ASN H 641 -24.95 3.74 68.06
N PHE H 642 -24.47 2.51 68.30
CA PHE H 642 -24.73 1.86 69.56
C PHE H 642 -23.35 1.59 70.07
N VAL H 643 -23.13 1.67 71.39
CA VAL H 643 -21.75 1.50 71.76
C VAL H 643 -21.58 0.43 72.76
N ALA H 644 -20.56 -0.43 72.55
CA ALA H 644 -20.18 -1.37 73.55
C ALA H 644 -18.81 -0.95 73.92
N THR H 645 -18.65 -0.40 75.14
CA THR H 645 -17.34 0.05 75.50
C THR H 645 -17.26 0.16 76.98
N ALA H 646 -16.03 0.44 77.48
CA ALA H 646 -15.80 0.69 78.86
C ALA H 646 -16.03 2.14 79.09
N ASN I 21 22.66 -55.72 50.43
CA ASN I 21 21.61 -56.72 50.61
C ASN I 21 20.23 -56.33 51.15
N ASN I 22 19.70 -55.24 50.61
CA ASN I 22 18.91 -54.13 51.11
C ASN I 22 19.77 -53.12 51.85
N SER I 23 20.94 -52.95 51.52
CA SER I 23 21.98 -52.21 52.22
C SER I 23 22.60 -53.04 53.33
N THR I 24 22.78 -54.27 53.19
CA THR I 24 23.67 -55.11 53.99
C THR I 24 23.40 -55.02 55.49
N GLY I 25 22.19 -55.37 55.89
CA GLY I 25 21.81 -55.28 57.29
C GLY I 25 22.66 -56.23 58.10
N THR I 26 23.87 -55.80 58.44
CA THR I 26 24.79 -56.65 59.20
C THR I 26 24.56 -56.17 60.62
N ALA I 27 24.07 -57.05 61.49
CA ALA I 27 23.90 -56.69 62.89
C ALA I 27 25.19 -56.98 63.62
N ALA I 28 25.23 -56.64 64.90
CA ALA I 28 26.38 -56.92 65.74
C ALA I 28 25.89 -57.06 67.16
N LEU I 29 26.31 -58.14 67.80
CA LEU I 29 25.83 -58.47 69.14
C LEU I 29 26.95 -59.06 69.97
N ALA I 30 27.04 -58.65 71.22
CA ALA I 30 28.01 -59.22 72.11
C ALA I 30 27.36 -59.41 73.47
N GLY I 31 27.60 -60.59 74.07
CA GLY I 31 27.02 -60.89 75.36
C GLY I 31 27.36 -62.29 75.83
N LYS I 32 26.77 -62.67 76.96
CA LYS I 32 27.07 -63.93 77.61
C LYS I 32 26.26 -65.08 77.02
N PHE I 33 26.93 -66.19 76.74
CA PHE I 33 26.27 -67.36 76.17
C PHE I 33 26.63 -68.67 76.86
N GLN I 34 25.83 -69.70 76.60
CA GLN I 34 26.00 -71.00 77.23
C GLN I 34 27.16 -71.75 76.60
N TRP I 35 27.61 -71.25 75.45
CA TRP I 35 28.57 -72.00 74.63
C TRP I 35 29.42 -71.06 73.77
N GLY I 36 30.73 -71.27 73.77
CA GLY I 36 31.66 -70.47 73.00
C GLY I 36 31.45 -70.72 71.52
N PRO I 37 32.25 -70.09 70.65
CA PRO I 37 33.55 -69.44 70.83
C PRO I 37 33.53 -68.25 71.74
N ALA I 38 34.59 -68.14 72.55
CA ALA I 38 34.80 -66.98 73.40
C ALA I 38 35.66 -65.96 72.68
N PHE I 39 35.24 -64.71 72.73
CA PHE I 39 35.99 -63.63 72.12
C PHE I 39 36.37 -63.96 70.67
N GLN I 40 35.37 -64.30 69.87
CA GLN I 40 35.57 -64.52 68.45
C GLN I 40 34.37 -63.98 67.69
N ILE I 41 34.63 -63.32 66.56
CA ILE I 41 33.56 -62.77 65.75
C ILE I 41 32.95 -63.85 64.86
N LYS I 42 32.48 -64.93 65.50
CA LYS I 42 31.78 -65.96 64.75
C LYS I 42 30.48 -65.38 64.19
N GLN I 43 30.19 -65.68 62.93
CA GLN I 43 28.96 -65.19 62.31
C GLN I 43 27.84 -66.20 62.42
N VAL I 44 26.61 -65.71 62.49
CA VAL I 44 25.44 -66.55 62.67
C VAL I 44 24.33 -66.15 61.72
N THR I 45 23.64 -67.14 61.15
CA THR I 45 22.60 -66.84 60.15
C THR I 45 21.23 -67.43 60.48
N ASN I 46 21.21 -68.62 61.05
CA ASN I 46 19.95 -69.26 61.43
C ASN I 46 19.72 -69.19 62.94
N GLU I 47 18.53 -69.59 63.37
CA GLU I 47 18.26 -69.76 64.78
C GLU I 47 18.86 -71.10 65.18
N VAL I 48 18.43 -72.15 64.49
CA VAL I 48 18.91 -73.50 64.72
C VAL I 48 20.42 -73.59 64.53
N ASP I 49 21.00 -72.50 64.01
CA ASP I 49 22.43 -72.44 63.80
C ASP I 49 23.15 -71.67 64.89
N LEU I 50 22.42 -70.85 65.63
CA LEU I 50 23.02 -70.20 66.77
C LEU I 50 22.88 -71.11 68.00
N VAL I 51 21.77 -71.82 68.09
CA VAL I 51 21.61 -72.82 69.15
C VAL I 51 22.73 -73.83 69.03
N ASN I 52 22.91 -74.37 67.83
CA ASN I 52 24.03 -75.24 67.56
C ASN I 52 25.32 -74.70 68.18
N THR I 53 25.47 -73.38 68.18
CA THR I 53 26.76 -72.76 68.47
C THR I 53 26.83 -72.04 69.81
N PHE I 54 25.73 -71.44 70.25
CA PHE I 54 25.73 -70.75 71.53
C PHE I 54 24.40 -71.05 72.19
N GLY I 55 23.94 -72.27 71.97
CA GLY I 55 22.54 -72.62 72.13
C GLY I 55 21.14 -72.60 72.70
N GLN I 56 21.10 -72.75 74.02
CA GLN I 56 19.89 -72.62 74.80
C GLN I 56 20.11 -71.41 75.69
N PRO I 57 19.01 -70.78 76.13
CA PRO I 57 19.11 -69.60 76.98
C PRO I 57 19.05 -69.95 78.46
N THR I 58 20.16 -69.79 79.20
CA THR I 58 20.13 -70.01 80.63
C THR I 58 19.60 -68.74 81.25
N ALA I 59 19.21 -68.81 82.53
CA ALA I 59 18.66 -67.65 83.22
C ALA I 59 19.70 -66.54 83.39
N GLU I 60 20.91 -66.83 82.95
CA GLU I 60 22.01 -65.88 83.02
C GLU I 60 22.38 -65.50 81.59
N THR I 61 21.79 -66.21 80.64
CA THR I 61 22.08 -66.00 79.22
C THR I 61 20.88 -65.39 78.49
N ALA I 62 19.69 -65.79 78.92
CA ALA I 62 18.43 -65.44 78.27
C ALA I 62 18.48 -64.23 77.35
N ASP I 63 18.62 -63.04 77.93
CA ASP I 63 18.45 -61.82 77.16
C ASP I 63 19.38 -61.67 75.97
N TYR I 64 20.39 -62.55 75.88
CA TYR I 64 21.32 -62.48 74.74
C TYR I 64 20.95 -63.51 73.69
N PHE I 65 20.50 -64.66 74.13
CA PHE I 65 19.99 -65.64 73.19
C PHE I 65 18.82 -64.99 72.46
N MET I 66 17.79 -64.62 73.22
CA MET I 66 16.66 -63.90 72.65
C MET I 66 17.12 -62.79 71.74
N SER I 67 17.95 -61.91 72.29
CA SER I 67 18.45 -60.76 71.55
C SER I 67 18.74 -61.16 70.11
N ALA I 68 19.55 -62.20 69.95
CA ALA I 68 19.84 -62.76 68.64
C ALA I 68 18.58 -63.38 68.04
N MET I 69 18.12 -64.48 68.63
CA MET I 69 16.99 -65.22 68.07
C MET I 69 15.93 -64.32 67.47
N ASN I 70 15.27 -63.51 68.29
CA ASN I 70 14.16 -62.70 67.79
C ASN I 70 14.61 -61.53 66.95
N PHE I 71 15.87 -61.57 66.53
CA PHE I 71 16.37 -60.64 65.51
C PHE I 71 16.48 -61.38 64.19
N LEU I 72 17.01 -62.59 64.22
CA LEU I 72 17.13 -63.39 63.02
C LEU I 72 15.78 -63.54 62.34
N GLN I 73 14.73 -63.03 62.99
CA GLN I 73 13.40 -63.01 62.40
C GLN I 73 13.31 -61.99 61.26
N TYR I 74 14.07 -60.90 61.37
CA TYR I 74 14.24 -59.91 60.31
C TYR I 74 15.67 -59.95 59.82
N GLY I 75 16.42 -60.96 60.25
CA GLY I 75 17.86 -60.94 60.11
C GLY I 75 18.46 -61.82 59.03
N ASN I 76 19.45 -61.26 58.36
CA ASN I 76 20.24 -62.01 57.39
C ASN I 76 21.48 -62.54 58.11
N ASP I 77 22.37 -61.63 58.48
CA ASP I 77 23.61 -62.00 59.16
C ASP I 77 23.77 -61.29 60.51
N LEU I 78 24.31 -62.03 61.48
CA LEU I 78 24.56 -61.50 62.81
C LEU I 78 25.97 -61.88 63.18
N ARG I 79 26.75 -60.92 63.64
CA ARG I 79 28.08 -61.24 64.10
C ARG I 79 28.07 -61.14 65.62
N VAL I 80 28.48 -62.19 66.31
CA VAL I 80 28.47 -62.22 67.77
C VAL I 80 29.85 -62.42 68.38
N VAL I 81 29.97 -62.11 69.66
CA VAL I 81 31.20 -62.34 70.40
C VAL I 81 30.83 -62.74 71.83
N ARG I 82 31.17 -63.96 72.20
CA ARG I 82 30.79 -64.43 73.54
C ARG I 82 31.68 -63.84 74.61
N ALA I 83 31.07 -63.27 75.64
CA ALA I 83 31.82 -62.76 76.79
C ALA I 83 32.00 -63.87 77.82
N VAL I 84 33.27 -64.22 78.05
CA VAL I 84 33.62 -65.20 79.06
C VAL I 84 34.41 -64.48 80.14
N ASP I 85 34.45 -65.02 81.36
CA ASP I 85 35.31 -64.42 82.37
C ASP I 85 36.54 -65.16 81.89
N ARG I 86 37.66 -64.45 81.74
CA ARG I 86 38.89 -65.02 81.20
C ARG I 86 39.58 -65.66 82.42
N ASP I 87 39.23 -65.19 83.61
CA ASP I 87 39.89 -65.61 84.83
C ASP I 87 39.34 -66.92 85.39
N THR I 88 38.11 -67.27 85.01
CA THR I 88 37.49 -68.43 85.62
C THR I 88 36.65 -69.27 84.66
N ALA I 89 36.77 -69.02 83.37
CA ALA I 89 36.07 -69.86 82.42
C ALA I 89 36.95 -71.07 82.21
N LYS I 90 36.34 -72.19 81.86
CA LYS I 90 37.07 -73.45 81.67
C LYS I 90 36.50 -74.29 80.54
N ASN I 91 37.38 -74.82 79.69
CA ASN I 91 37.02 -75.81 78.69
C ASN I 91 37.14 -77.18 79.31
N SER I 92 36.11 -78.00 79.21
CA SER I 92 36.20 -79.35 79.74
C SER I 92 37.49 -80.00 79.25
N SER I 93 38.10 -80.85 80.07
CA SER I 93 39.37 -81.47 79.71
C SER I 93 39.56 -82.85 80.38
N PRO I 94 40.61 -83.59 79.97
CA PRO I 94 40.83 -84.92 80.50
C PRO I 94 41.61 -84.87 81.80
N ILE I 95 42.18 -83.71 82.12
CA ILE I 95 42.90 -83.55 83.37
C ILE I 95 41.93 -83.57 84.54
N ALA I 96 40.74 -83.00 84.32
CA ALA I 96 39.88 -82.57 85.41
C ALA I 96 39.10 -83.69 86.11
N GLY I 97 39.62 -84.90 86.10
CA GLY I 97 39.04 -85.95 86.93
C GLY I 97 40.06 -86.58 87.87
N ASN I 98 41.31 -86.56 87.41
CA ASN I 98 42.40 -87.17 88.12
C ASN I 98 42.47 -86.75 89.57
N ILE I 99 43.54 -87.15 90.24
CA ILE I 99 43.71 -86.91 91.66
C ILE I 99 45.14 -86.45 91.96
N GLU I 100 45.27 -85.31 92.61
CA GLU I 100 46.58 -84.84 93.04
C GLU I 100 47.41 -86.01 93.55
N TYR I 101 48.69 -86.02 93.22
CA TYR I 101 49.59 -87.02 93.80
C TYR I 101 51.04 -86.65 93.52
N THR I 102 51.90 -86.90 94.49
CA THR I 102 53.30 -86.54 94.35
C THR I 102 54.19 -87.65 94.87
N ILE I 103 55.01 -88.21 94.00
CA ILE I 103 55.91 -89.29 94.40
C ILE I 103 56.99 -88.77 95.34
N SER I 104 56.63 -88.65 96.61
CA SER I 104 57.50 -88.09 97.64
C SER I 104 58.86 -88.77 97.68
N THR I 105 58.86 -90.09 97.52
CA THR I 105 60.10 -90.84 97.49
C THR I 105 60.05 -91.96 96.48
N PRO I 106 60.76 -91.79 95.36
CA PRO I 106 60.79 -92.83 94.33
C PRO I 106 61.37 -94.06 94.98
N GLY I 107 60.72 -95.20 94.80
CA GLY I 107 61.25 -96.43 95.38
C GLY I 107 62.47 -96.85 94.60
N SER I 108 62.79 -98.13 94.67
CA SER I 108 63.77 -98.73 93.78
C SER I 108 63.23 -100.12 93.47
N ASN I 109 63.73 -100.74 92.41
CA ASN I 109 63.35 -102.11 92.08
C ASN I 109 61.83 -102.34 91.95
N TYR I 110 61.07 -101.28 91.70
CA TYR I 110 59.67 -101.43 91.34
C TYR I 110 59.59 -101.73 89.85
N ALA I 111 58.40 -102.03 89.34
CA ALA I 111 58.23 -102.30 87.92
C ALA I 111 56.95 -101.60 87.45
N VAL I 112 56.53 -101.86 86.22
CA VAL I 112 55.34 -101.23 85.65
C VAL I 112 53.83 -101.41 85.75
N GLY I 113 53.38 -102.59 86.18
CA GLY I 113 51.94 -102.85 86.32
C GLY I 113 51.87 -103.33 87.76
N ASP I 114 52.68 -102.77 88.65
CA ASP I 114 52.56 -103.11 90.06
C ASP I 114 51.37 -102.29 90.49
N LYS I 115 50.42 -102.92 91.15
CA LYS I 115 49.15 -102.29 91.46
C LYS I 115 49.20 -101.41 92.71
N ILE I 116 48.38 -100.37 92.71
CA ILE I 116 48.34 -99.41 93.80
C ILE I 116 46.95 -99.44 94.42
N THR I 117 46.89 -99.16 95.72
CA THR I 117 45.64 -99.24 96.45
C THR I 117 45.41 -98.00 97.30
N VAL I 118 44.24 -97.38 97.10
CA VAL I 118 43.89 -96.19 97.85
C VAL I 118 42.91 -96.56 98.94
N LYS I 119 43.28 -96.30 100.18
CA LYS I 119 42.44 -96.68 101.31
C LYS I 119 41.83 -95.46 101.97
N TYR I 120 40.63 -95.63 102.51
CA TYR I 120 40.01 -94.61 103.33
C TYR I 120 40.01 -95.07 104.77
N VAL I 121 40.95 -94.56 105.55
CA VAL I 121 41.11 -95.00 106.94
C VAL I 121 41.25 -96.52 106.99
N SER I 122 42.42 -97.01 106.58
CA SER I 122 42.71 -98.44 106.61
C SER I 122 41.58 -99.29 106.03
N ASP I 123 40.92 -98.76 105.01
CA ASP I 123 39.81 -99.46 104.37
C ASP I 123 39.89 -99.28 102.87
N ASP I 124 39.88 -100.39 102.13
CA ASP I 124 40.09 -100.38 100.69
C ASP I 124 38.94 -99.74 99.91
N ILE I 125 39.27 -98.76 99.07
CA ILE I 125 38.29 -98.13 98.18
C ILE I 125 38.60 -98.45 96.73
N GLU I 126 39.82 -98.13 96.33
CA GLU I 126 40.26 -98.36 94.95
C GLU I 126 41.48 -99.26 94.95
N THR I 127 41.53 -100.21 94.04
CA THR I 127 42.60 -101.20 94.02
C THR I 127 43.08 -101.48 92.60
N GLU I 128 42.81 -100.54 91.70
CA GLU I 128 43.17 -100.75 90.30
C GLU I 128 44.22 -99.75 89.82
N GLY I 129 44.72 -98.95 90.75
CA GLY I 129 45.83 -98.07 90.45
C GLY I 129 47.02 -98.92 90.07
N LYS I 130 48.03 -98.31 89.47
CA LYS I 130 49.20 -99.07 89.04
C LYS I 130 50.32 -98.18 88.56
N ILE I 131 51.52 -98.42 89.09
CA ILE I 131 52.72 -97.76 88.60
C ILE I 131 52.74 -97.91 87.08
N THR I 132 53.20 -96.89 86.38
CA THR I 132 53.14 -96.92 84.93
C THR I 132 54.43 -96.48 84.26
N GLU I 133 55.37 -95.95 85.02
CA GLU I 133 56.66 -95.60 84.46
C GLU I 133 57.76 -95.63 85.51
N VAL I 134 58.73 -96.52 85.31
CA VAL I 134 59.90 -96.56 86.14
C VAL I 134 61.12 -96.32 85.27
N ASP I 135 62.28 -96.12 85.90
CA ASP I 135 63.51 -95.99 85.15
C ASP I 135 64.29 -97.31 85.16
N ALA I 136 65.61 -97.22 85.07
CA ALA I 136 66.42 -98.41 85.02
C ALA I 136 66.56 -99.08 86.39
N ASP I 137 66.38 -98.29 87.44
CA ASP I 137 66.61 -98.77 88.80
C ASP I 137 65.30 -99.15 89.50
N GLY I 138 64.19 -98.93 88.82
CA GLY I 138 62.89 -99.21 89.41
C GLY I 138 62.34 -98.01 90.17
N LYS I 139 63.06 -96.89 90.12
CA LYS I 139 62.60 -95.67 90.74
C LYS I 139 61.27 -95.28 90.11
N ILE I 140 60.26 -95.09 90.96
CA ILE I 140 58.92 -94.76 90.46
C ILE I 140 58.84 -93.36 89.84
N LYS I 141 58.54 -93.30 88.55
CA LYS I 141 58.47 -92.02 87.85
C LYS I 141 57.02 -91.58 87.59
N LYS I 142 56.13 -92.52 87.34
CA LYS I 142 54.74 -92.18 87.04
C LYS I 142 53.75 -93.29 87.40
N ILE I 143 52.60 -92.90 87.94
CA ILE I 143 51.53 -93.84 88.26
C ILE I 143 50.21 -93.38 87.68
N ASN I 144 49.17 -94.21 87.79
CA ASN I 144 47.84 -93.82 87.36
C ASN I 144 46.74 -94.41 88.22
N ILE I 145 46.11 -93.56 89.03
CA ILE I 145 45.03 -93.96 89.92
C ILE I 145 43.66 -93.55 89.38
N PRO I 146 42.80 -94.55 89.12
CA PRO I 146 41.43 -94.26 88.67
C PRO I 146 40.63 -93.65 89.81
N THR I 147 39.79 -92.65 89.52
CA THR I 147 39.08 -91.95 90.59
C THR I 147 37.58 -92.21 90.63
N ALA I 148 37.11 -93.10 89.77
CA ALA I 148 35.68 -93.40 89.76
C ALA I 148 35.19 -93.73 91.16
N LYS I 149 35.83 -94.72 91.78
CA LYS I 149 35.40 -95.22 93.08
C LYS I 149 35.61 -94.20 94.18
N ILE I 150 36.76 -93.52 94.16
CA ILE I 150 37.12 -92.64 95.27
C ILE I 150 36.28 -91.36 95.33
N ILE I 151 36.07 -90.69 94.20
CA ILE I 151 35.26 -89.47 94.23
C ILE I 151 33.86 -89.83 94.71
N ALA I 152 33.44 -91.06 94.41
CA ALA I 152 32.17 -91.55 94.90
C ALA I 152 32.17 -91.56 96.42
N LYS I 153 32.99 -92.43 96.99
CA LYS I 153 33.14 -92.51 98.44
C LYS I 153 33.37 -91.12 99.04
N ALA I 154 34.14 -90.30 98.36
CA ALA I 154 34.48 -88.97 98.87
C ALA I 154 33.27 -88.05 98.92
N LYS I 155 32.52 -88.02 97.82
CA LYS I 155 31.28 -87.26 97.80
C LYS I 155 30.40 -87.77 98.93
N GLU I 156 30.40 -89.08 99.11
CA GLU I 156 29.53 -89.74 100.06
C GLU I 156 29.83 -89.38 101.52
N VAL I 157 31.00 -88.81 101.77
CA VAL I 157 31.40 -88.48 103.15
C VAL I 157 31.94 -87.05 103.31
N GLY I 158 31.41 -86.13 102.52
CA GLY I 158 31.75 -84.72 102.69
C GLY I 158 33.16 -84.32 102.31
N GLU I 159 34.03 -85.32 102.11
CA GLU I 159 35.42 -85.06 101.77
C GLU I 159 35.66 -84.97 100.27
N TYR I 160 34.87 -84.13 99.59
CA TYR I 160 35.05 -83.93 98.17
C TYR I 160 35.07 -82.44 97.83
N PRO I 161 36.11 -81.98 97.12
CA PRO I 161 37.28 -82.75 96.71
C PRO I 161 38.43 -82.56 97.70
N THR I 162 38.15 -81.93 98.83
CA THR I 162 39.16 -81.75 99.86
C THR I 162 40.11 -82.95 99.97
N LEU I 163 39.60 -84.08 100.49
CA LEU I 163 40.41 -85.29 100.63
C LEU I 163 41.60 -85.15 101.58
N GLY I 164 42.65 -85.93 101.31
CA GLY I 164 43.95 -85.74 101.94
C GLY I 164 44.18 -86.41 103.30
N SER I 165 43.32 -86.13 104.26
CA SER I 165 43.62 -86.42 105.66
C SER I 165 43.59 -87.92 105.96
N ASN I 166 42.49 -88.57 105.62
CA ASN I 166 42.30 -89.98 105.91
C ASN I 166 42.50 -90.79 104.64
N TRP I 167 42.86 -90.10 103.58
CA TRP I 167 43.06 -90.74 102.29
C TRP I 167 44.52 -91.10 102.11
N THR I 168 44.77 -92.37 101.82
CA THR I 168 46.14 -92.88 101.78
C THR I 168 46.35 -93.81 100.59
N ALA I 169 47.61 -93.97 100.18
CA ALA I 169 47.91 -94.81 99.03
C ALA I 169 49.10 -95.70 99.31
N GLU I 170 48.92 -97.00 99.13
CA GLU I 170 50.00 -97.96 99.32
C GLU I 170 50.19 -98.79 98.04
N ILE I 171 51.31 -99.50 97.96
CA ILE I 171 51.63 -100.31 96.79
C ILE I 171 51.11 -101.75 96.95
N SER I 172 51.34 -102.57 95.93
CA SER I 172 50.99 -103.97 95.99
C SER I 172 51.70 -104.57 97.19
N SER I 173 51.18 -105.67 97.72
CA SER I 173 51.85 -106.36 98.82
C SER I 173 52.29 -107.76 98.39
N SER I 174 53.33 -107.82 97.57
CA SER I 174 53.98 -106.61 97.08
C SER I 174 54.55 -106.74 95.68
N SER I 175 54.94 -105.60 95.11
CA SER I 175 55.71 -105.57 93.88
C SER I 175 57.07 -106.18 94.20
N SER I 176 57.88 -106.39 93.17
CA SER I 176 59.23 -106.87 93.39
C SER I 176 59.99 -105.94 94.34
N GLY I 177 59.88 -104.64 94.11
CA GLY I 177 60.70 -103.67 94.81
C GLY I 177 60.08 -102.78 95.86
N LEU I 178 60.95 -102.12 96.63
CA LEU I 178 60.55 -101.40 97.84
C LEU I 178 60.69 -99.87 97.93
N ALA I 179 60.64 -99.34 99.14
CA ALA I 179 61.00 -97.96 99.48
C ALA I 179 60.16 -96.72 99.14
N ALA I 180 59.07 -96.91 98.40
CA ALA I 180 58.36 -95.78 97.80
C ALA I 180 57.38 -95.05 98.71
N VAL I 181 57.02 -93.81 98.29
CA VAL I 181 56.12 -92.96 99.05
C VAL I 181 55.26 -92.10 98.13
N ILE I 182 54.01 -92.51 97.88
CA ILE I 182 53.11 -91.69 97.09
C ILE I 182 52.21 -90.90 98.02
N THR I 183 52.02 -89.61 97.75
CA THR I 183 51.26 -88.74 98.65
C THR I 183 50.03 -88.10 97.96
N LEU I 184 48.85 -88.32 98.53
CA LEU I 184 47.61 -87.95 97.88
C LEU I 184 47.08 -86.56 98.24
N GLY I 185 46.77 -85.77 97.22
CA GLY I 185 46.15 -84.47 97.43
C GLY I 185 44.66 -84.52 97.16
N LYS I 186 44.13 -83.48 96.51
CA LYS I 186 42.69 -83.38 96.26
C LYS I 186 42.31 -83.84 94.85
N ILE I 187 41.01 -83.96 94.61
CA ILE I 187 40.52 -84.29 93.28
C ILE I 187 40.58 -83.03 92.41
N ILE I 188 41.37 -83.06 91.35
CA ILE I 188 41.57 -81.86 90.53
C ILE I 188 40.28 -81.49 89.85
N THR I 189 39.79 -80.28 90.11
CA THR I 189 38.57 -79.79 89.49
C THR I 189 38.87 -78.70 88.47
N ASP I 190 40.13 -78.28 88.40
CA ASP I 190 40.53 -77.27 87.42
C ASP I 190 40.97 -77.97 86.15
N SER I 191 40.14 -77.90 85.11
CA SER I 191 40.46 -78.50 83.84
C SER I 191 41.82 -78.03 83.38
N GLY I 192 42.19 -76.81 83.77
CA GLY I 192 43.51 -76.27 83.52
C GLY I 192 43.70 -75.77 82.11
N ILE I 193 42.64 -75.31 81.48
CA ILE I 193 42.72 -74.80 80.11
C ILE I 193 41.51 -73.98 79.71
N LEU I 194 41.75 -72.86 79.06
CA LEU I 194 40.68 -72.02 78.50
C LEU I 194 41.06 -71.55 77.10
N LEU I 195 40.24 -71.89 76.12
CA LEU I 195 40.47 -71.47 74.74
C LEU I 195 39.57 -70.29 74.36
N ALA I 196 40.17 -69.19 73.94
CA ALA I 196 39.42 -68.01 73.55
C ALA I 196 39.69 -67.73 72.09
N GLU I 197 40.58 -66.79 71.82
CA GLU I 197 40.92 -66.46 70.44
C GLU I 197 41.72 -67.60 69.85
N ILE I 198 42.09 -67.48 68.58
CA ILE I 198 42.92 -68.51 67.95
C ILE I 198 44.37 -68.03 67.84
N GLU I 199 44.57 -66.73 67.96
CA GLU I 199 45.94 -66.21 68.04
C GLU I 199 46.65 -66.88 69.21
N ASN I 200 45.88 -67.23 70.22
CA ASN I 200 46.41 -67.94 71.38
C ASN I 200 46.13 -69.43 71.32
N ALA I 201 45.32 -69.84 70.35
CA ALA I 201 44.90 -71.23 70.16
C ALA I 201 45.72 -72.27 70.91
N GLU I 202 46.63 -72.94 70.20
CA GLU I 202 47.41 -74.03 70.79
C GLU I 202 48.50 -73.52 71.72
N ALA I 203 48.59 -72.19 71.87
CA ALA I 203 49.55 -71.61 72.79
C ALA I 203 49.09 -71.80 74.23
N ALA I 204 47.80 -72.01 74.41
CA ALA I 204 47.27 -72.34 75.72
C ALA I 204 47.34 -73.85 75.87
N MET I 205 47.24 -74.54 74.73
CA MET I 205 47.34 -75.99 74.68
C MET I 205 48.79 -76.40 74.93
N THR I 206 49.69 -75.42 74.94
CA THR I 206 51.10 -75.68 75.11
C THR I 206 51.68 -74.79 76.20
N ALA I 207 51.01 -74.78 77.34
CA ALA I 207 51.48 -74.04 78.49
C ALA I 207 52.14 -75.02 79.43
N VAL I 208 53.32 -74.67 79.93
CA VAL I 208 54.06 -75.55 80.81
C VAL I 208 53.15 -76.20 81.84
N ASP I 209 52.32 -75.40 82.49
CA ASP I 209 51.44 -75.90 83.54
C ASP I 209 50.46 -76.95 83.01
N PHE I 210 49.80 -76.65 81.90
CA PHE I 210 48.88 -77.61 81.29
C PHE I 210 49.62 -78.85 80.82
N GLN I 211 50.54 -78.66 79.87
CA GLN I 211 51.32 -79.76 79.31
C GLN I 211 51.97 -80.61 80.39
N ALA I 212 52.17 -80.02 81.56
CA ALA I 212 52.76 -80.74 82.69
C ALA I 212 51.91 -81.94 83.07
N ASN I 213 50.64 -81.69 83.34
CA ASN I 213 49.74 -82.73 83.79
C ASN I 213 49.42 -83.74 82.70
N LEU I 214 49.50 -83.31 81.45
CA LEU I 214 49.29 -84.24 80.35
C LEU I 214 50.35 -85.35 80.42
N LYS I 215 51.49 -85.01 81.02
CA LYS I 215 52.55 -85.98 81.24
C LYS I 215 52.23 -86.77 82.50
N LYS I 216 51.97 -86.04 83.58
CA LYS I 216 51.75 -86.62 84.90
C LYS I 216 50.72 -87.72 84.89
N TYR I 217 49.62 -87.52 84.19
CA TYR I 217 48.54 -88.48 84.17
C TYR I 217 48.47 -89.20 82.83
N GLY I 218 49.58 -89.21 82.11
CA GLY I 218 49.72 -89.95 80.87
C GLY I 218 48.53 -89.97 79.92
N ILE I 219 48.06 -88.79 79.53
CA ILE I 219 46.98 -88.66 78.56
C ILE I 219 47.34 -87.61 77.51
N PRO I 220 46.61 -87.59 76.40
CA PRO I 220 46.86 -86.66 75.29
C PRO I 220 46.24 -85.30 75.55
N GLY I 221 46.61 -84.29 74.77
CA GLY I 221 46.07 -82.96 74.95
C GLY I 221 44.80 -82.75 74.17
N VAL I 222 43.71 -83.36 74.63
CA VAL I 222 42.42 -83.23 73.95
C VAL I 222 41.38 -82.56 74.85
N VAL I 223 40.90 -81.40 74.45
CA VAL I 223 39.94 -80.65 75.27
C VAL I 223 38.73 -80.23 74.46
N ALA I 224 37.63 -79.93 75.15
CA ALA I 224 36.45 -79.40 74.50
C ALA I 224 36.80 -78.04 73.88
N LEU I 225 36.21 -77.73 72.73
CA LEU I 225 36.59 -76.54 71.99
C LEU I 225 36.10 -75.25 72.64
N TYR I 226 34.98 -75.31 73.35
CA TYR I 226 34.36 -74.11 73.88
C TYR I 226 34.21 -74.16 75.39
N PRO I 227 34.54 -73.04 76.05
CA PRO I 227 34.39 -73.01 77.51
C PRO I 227 32.96 -73.37 77.83
N GLY I 228 32.72 -74.10 78.92
CA GLY I 228 31.36 -74.44 79.27
C GLY I 228 31.16 -75.84 79.80
N GLU I 229 30.26 -75.96 80.79
CA GLU I 229 29.94 -77.23 81.38
C GLU I 229 29.28 -78.12 80.34
N LEU I 230 28.87 -77.53 79.22
CA LEU I 230 28.26 -78.30 78.16
C LEU I 230 29.29 -79.21 77.53
N GLY I 231 30.57 -78.91 77.75
CA GLY I 231 31.65 -79.69 77.20
C GLY I 231 31.85 -81.01 77.92
N ASP I 232 31.33 -81.09 79.13
CA ASP I 232 31.46 -82.29 79.93
C ASP I 232 30.76 -83.46 79.26
N LYS I 233 29.90 -83.19 78.29
CA LYS I 233 29.15 -84.25 77.63
C LYS I 233 29.94 -84.93 76.51
N ILE I 234 31.10 -84.37 76.18
CA ILE I 234 31.96 -84.94 75.15
C ILE I 234 32.84 -86.07 75.71
N GLU I 235 33.05 -87.11 74.88
CA GLU I 235 33.86 -88.26 75.27
C GLU I 235 34.67 -88.77 74.09
N ILE I 236 35.96 -88.46 74.08
CA ILE I 236 36.83 -88.89 73.00
C ILE I 236 37.23 -90.36 73.12
N GLU I 237 37.23 -91.08 72.02
CA GLU I 237 37.77 -92.43 71.97
C GLU I 237 38.99 -92.44 71.08
N ILE I 238 40.14 -92.86 71.62
CA ILE I 238 41.39 -92.87 70.87
C ILE I 238 41.95 -94.27 70.69
N VAL I 239 42.25 -94.64 69.45
CA VAL I 239 42.87 -95.91 69.14
C VAL I 239 44.02 -95.73 68.16
N SER I 240 45.15 -96.38 68.43
CA SER I 240 46.35 -96.24 67.60
C SER I 240 46.43 -97.34 66.55
N LYS I 241 47.36 -97.19 65.61
CA LYS I 241 47.54 -98.21 64.59
C LYS I 241 47.78 -99.55 65.26
N ALA I 242 48.21 -99.50 66.52
CA ALA I 242 48.48 -100.70 67.30
C ALA I 242 47.22 -101.45 67.64
N ASP I 243 46.42 -100.89 68.55
CA ASP I 243 45.21 -101.54 69.04
C ASP I 243 44.07 -101.43 68.03
N TYR I 244 44.39 -101.03 66.79
CA TYR I 244 43.36 -100.87 65.78
C TYR I 244 43.00 -102.19 65.09
N ALA I 245 44.01 -103.03 64.87
CA ALA I 245 43.78 -104.35 64.30
C ALA I 245 42.99 -105.20 65.31
N LYS I 246 43.42 -105.17 66.54
CA LYS I 246 42.66 -105.77 67.62
C LYS I 246 41.45 -104.91 67.92
N GLY I 247 41.19 -103.96 67.01
CA GLY I 247 40.12 -102.98 67.19
C GLY I 247 38.86 -103.52 67.82
N ALA I 248 38.59 -104.80 67.61
CA ALA I 248 37.39 -105.42 68.17
C ALA I 248 37.62 -105.88 69.61
N SER I 249 38.75 -106.56 69.81
CA SER I 249 39.08 -107.14 71.11
C SER I 249 39.66 -106.09 72.06
N ALA I 250 40.57 -105.27 71.54
CA ALA I 250 41.24 -104.25 72.34
C ALA I 250 40.30 -103.59 73.35
N LEU I 251 40.60 -103.80 74.63
CA LEU I 251 39.75 -103.28 75.70
C LEU I 251 40.22 -101.93 76.21
N LEU I 252 39.86 -100.86 75.49
CA LEU I 252 40.23 -99.50 75.87
C LEU I 252 39.89 -99.20 77.31
N PRO I 253 40.83 -98.57 78.06
CA PRO I 253 40.63 -98.18 79.44
C PRO I 253 40.00 -96.82 79.47
N ILE I 254 39.37 -96.44 80.57
CA ILE I 254 38.71 -95.14 80.63
C ILE I 254 39.38 -94.21 81.65
N TYR I 255 39.93 -93.11 81.16
CA TYR I 255 40.56 -92.10 82.00
C TYR I 255 39.58 -90.97 82.25
N PRO I 256 39.53 -90.45 83.49
CA PRO I 256 40.27 -90.89 84.66
C PRO I 256 39.42 -91.83 85.51
N GLY I 257 38.14 -91.92 85.17
CA GLY I 257 37.23 -92.76 85.92
C GLY I 257 37.85 -94.09 86.27
N GLY I 258 38.07 -94.92 85.26
CA GLY I 258 38.59 -96.26 85.46
C GLY I 258 37.84 -97.24 84.58
N GLY I 259 38.04 -98.53 84.82
CA GLY I 259 37.37 -99.55 84.03
C GLY I 259 37.71 -99.48 82.56
N THR I 260 37.24 -100.47 81.81
CA THR I 260 37.52 -100.51 80.38
C THR I 260 36.25 -100.69 79.58
N ARG I 261 36.41 -100.77 78.25
CA ARG I 261 35.30 -100.87 77.34
C ARG I 261 35.80 -101.25 75.97
N ALA I 262 35.24 -102.31 75.41
CA ALA I 262 35.65 -102.78 74.09
C ALA I 262 35.77 -101.64 73.09
N SER I 263 36.86 -101.62 72.33
CA SER I 263 37.06 -100.61 71.31
C SER I 263 35.96 -100.66 70.26
N THR I 264 35.97 -99.71 69.34
CA THR I 264 34.99 -99.69 68.25
C THR I 264 35.62 -99.24 66.94
N ALA I 265 36.88 -98.82 67.01
CA ALA I 265 37.59 -98.23 65.89
C ALA I 265 37.34 -98.93 64.53
N LYS I 266 37.83 -100.15 64.40
CA LYS I 266 37.71 -100.89 63.15
C LYS I 266 36.25 -101.14 62.79
N ALA I 267 35.36 -100.92 63.76
CA ALA I 267 33.93 -101.09 63.52
C ALA I 267 33.23 -99.75 63.24
N VAL I 268 34.01 -98.77 62.82
CA VAL I 268 33.49 -97.46 62.47
C VAL I 268 34.31 -96.89 61.30
N PHE I 269 35.55 -97.32 61.22
CA PHE I 269 36.46 -96.85 60.18
C PHE I 269 36.70 -97.87 59.07
N GLY I 270 36.71 -97.40 57.84
CA GLY I 270 37.21 -98.20 56.73
C GLY I 270 38.70 -97.94 56.67
N TYR I 271 39.04 -96.75 56.20
CA TYR I 271 40.43 -96.29 56.14
C TYR I 271 41.00 -96.26 57.55
N GLY I 272 41.76 -97.29 57.92
CA GLY I 272 42.35 -97.38 59.24
C GLY I 272 43.59 -96.53 59.39
N PRO I 273 44.13 -96.43 60.62
CA PRO I 273 45.35 -95.67 60.89
C PRO I 273 46.52 -96.25 60.11
N GLN I 274 47.18 -95.42 59.30
CA GLN I 274 48.22 -95.89 58.40
C GLN I 274 49.58 -96.01 59.10
N THR I 275 50.24 -94.88 59.34
CA THR I 275 51.54 -94.91 60.02
C THR I 275 51.33 -95.22 61.49
N ASP I 276 52.40 -95.55 62.20
CA ASP I 276 52.32 -95.88 63.62
C ASP I 276 52.05 -94.64 64.46
N SER I 277 52.25 -93.47 63.85
CA SER I 277 51.99 -92.20 64.51
C SER I 277 50.67 -91.58 64.03
N GLN I 278 49.76 -92.44 63.55
CA GLN I 278 48.41 -92.00 63.21
C GLN I 278 47.44 -92.64 64.19
N TYR I 279 46.39 -91.92 64.55
CA TYR I 279 45.41 -92.41 65.52
C TYR I 279 43.98 -92.23 65.07
N ALA I 280 43.13 -93.16 65.50
CA ALA I 280 41.70 -93.08 65.22
C ALA I 280 41.05 -92.31 66.36
N ILE I 281 40.33 -91.25 66.03
CA ILE I 281 39.63 -90.45 67.03
C ILE I 281 38.14 -90.50 66.80
N ILE I 282 37.38 -90.84 67.83
CA ILE I 282 35.93 -90.89 67.71
C ILE I 282 35.26 -90.09 68.82
N VAL I 283 34.72 -88.91 68.48
CA VAL I 283 34.13 -88.03 69.48
C VAL I 283 32.64 -88.28 69.69
N ARG I 284 32.22 -88.37 70.95
CA ARG I 284 30.83 -88.68 71.26
C ARG I 284 30.22 -87.67 72.23
N ARG I 285 28.99 -87.24 71.94
CA ARG I 285 28.23 -86.47 72.90
C ARG I 285 26.85 -87.10 73.03
N ASN I 286 26.55 -87.66 74.20
CA ASN I 286 25.28 -88.34 74.42
C ASN I 286 25.17 -89.64 73.65
N ASP I 287 26.25 -90.41 73.63
CA ASP I 287 26.28 -91.70 72.95
C ASP I 287 26.30 -91.51 71.43
N ALA I 288 26.16 -90.27 70.98
CA ALA I 288 26.17 -89.95 69.57
C ALA I 288 27.59 -89.84 69.04
N ILE I 289 27.88 -90.50 67.93
CA ILE I 289 29.20 -90.42 67.34
C ILE I 289 29.27 -89.14 66.53
N VAL I 290 29.44 -88.03 67.24
CA VAL I 290 29.44 -86.69 66.65
C VAL I 290 30.49 -86.43 65.57
N GLN I 291 31.66 -87.05 65.70
CA GLN I 291 32.72 -86.88 64.71
C GLN I 291 33.65 -88.09 64.68
N SER I 292 34.24 -88.37 63.52
CA SER I 292 35.13 -89.51 63.36
C SER I 292 36.25 -89.19 62.39
N VAL I 293 37.48 -89.16 62.87
CA VAL I 293 38.61 -88.77 62.03
C VAL I 293 39.86 -89.55 62.38
N VAL I 294 40.84 -89.52 61.48
CA VAL I 294 42.13 -90.13 61.75
C VAL I 294 43.22 -89.08 61.58
N LEU I 295 44.04 -88.89 62.62
CA LEU I 295 45.06 -87.85 62.60
C LEU I 295 46.44 -88.41 62.94
N SER I 296 47.47 -87.61 62.66
CA SER I 296 48.83 -88.04 62.89
C SER I 296 49.57 -87.07 63.80
N THR I 297 50.51 -87.59 64.58
CA THR I 297 51.30 -86.75 65.46
C THR I 297 52.60 -86.34 64.78
N LYS I 298 52.76 -86.73 63.52
CA LYS I 298 53.97 -86.40 62.77
C LYS I 298 53.67 -85.41 61.65
N ARG I 299 54.32 -84.25 61.72
CA ARG I 299 54.10 -83.20 60.73
C ARG I 299 54.24 -83.73 59.33
N GLY I 300 53.53 -83.10 58.38
CA GLY I 300 53.61 -83.49 56.99
C GLY I 300 52.63 -84.58 56.62
N GLY I 301 52.64 -85.67 57.36
CA GLY I 301 51.80 -86.83 57.06
C GLY I 301 50.41 -86.44 56.62
N LYS I 302 49.93 -87.13 55.57
CA LYS I 302 48.63 -86.82 54.98
C LYS I 302 47.82 -88.10 54.80
N ASP I 303 46.53 -87.94 54.58
CA ASP I 303 45.67 -89.06 54.23
C ASP I 303 45.87 -89.35 52.75
N ILE I 304 45.01 -90.17 52.18
CA ILE I 304 45.11 -90.51 50.76
C ILE I 304 44.62 -89.37 49.86
N TYR I 305 44.65 -88.16 50.38
CA TYR I 305 44.21 -86.99 49.62
C TYR I 305 45.17 -85.83 49.79
N ASP I 306 46.33 -86.10 50.38
CA ASP I 306 47.32 -85.06 50.68
C ASP I 306 46.72 -83.94 51.54
N SER I 307 45.72 -84.30 52.35
CA SER I 307 45.18 -83.37 53.34
C SER I 307 46.02 -83.47 54.61
N ASN I 308 46.71 -82.39 54.94
CA ASN I 308 47.55 -82.37 56.13
C ASN I 308 46.78 -82.76 57.37
N ILE I 309 46.98 -84.00 57.83
CA ILE I 309 46.26 -84.52 59.00
C ILE I 309 47.15 -84.52 60.25
N TYR I 310 48.13 -83.63 60.28
CA TYR I 310 48.90 -83.43 61.50
C TYR I 310 48.02 -82.71 62.51
N ILE I 311 47.82 -83.33 63.68
CA ILE I 311 46.91 -82.81 64.69
C ILE I 311 46.88 -81.29 64.81
N ASP I 312 47.97 -80.70 65.31
CA ASP I 312 48.02 -79.28 65.57
C ASP I 312 47.47 -78.40 64.44
N ASP I 313 47.70 -78.81 63.21
CA ASP I 313 47.24 -78.04 62.06
C ASP I 313 45.76 -78.29 61.77
N PHE I 314 45.39 -79.56 61.69
CA PHE I 314 44.01 -79.95 61.46
C PHE I 314 43.05 -79.07 62.26
N PHE I 315 43.27 -78.98 63.56
CA PHE I 315 42.41 -78.19 64.43
C PHE I 315 42.68 -76.69 64.26
N ALA I 316 43.92 -76.38 63.91
CA ALA I 316 44.35 -74.99 63.74
C ALA I 316 43.48 -74.29 62.69
N LYS I 317 42.81 -75.08 61.87
CA LYS I 317 42.00 -74.56 60.79
C LYS I 317 40.60 -75.14 60.81
N GLY I 318 39.76 -74.64 61.72
CA GLY I 318 38.38 -75.07 61.85
C GLY I 318 38.14 -76.55 61.59
N GLY I 319 39.10 -77.37 61.97
CA GLY I 319 39.04 -78.79 61.69
C GLY I 319 37.87 -79.49 62.36
N SER I 320 37.44 -79.00 63.52
CA SER I 320 36.41 -79.69 64.28
C SER I 320 35.56 -78.73 65.10
N GLU I 321 34.25 -78.94 65.06
CA GLU I 321 33.31 -78.07 65.76
C GLU I 321 33.28 -78.32 67.25
N TYR I 322 33.81 -79.47 67.69
CA TYR I 322 33.61 -79.92 69.07
C TYR I 322 34.85 -79.86 69.97
N ILE I 323 35.96 -80.38 69.48
CA ILE I 323 37.15 -80.51 70.30
C ILE I 323 38.34 -79.77 69.71
N PHE I 324 39.47 -79.86 70.40
CA PHE I 324 40.69 -79.20 69.98
C PHE I 324 41.82 -79.96 70.65
N ALA I 325 42.86 -80.30 69.89
CA ALA I 325 43.95 -81.11 70.43
C ALA I 325 45.34 -80.64 70.01
N THR I 326 46.36 -81.28 70.55
CA THR I 326 47.74 -80.94 70.24
C THR I 326 48.62 -82.19 70.33
N ALA I 327 49.48 -82.39 69.33
CA ALA I 327 50.32 -83.57 69.28
C ALA I 327 51.29 -83.60 70.45
N GLN I 328 51.49 -82.45 71.07
CA GLN I 328 52.46 -82.30 72.14
C GLN I 328 52.14 -83.20 73.33
N ASN I 329 53.13 -83.98 73.76
CA ASN I 329 52.99 -84.89 74.89
C ASN I 329 51.91 -85.93 74.71
N TRP I 330 51.46 -86.10 73.47
CA TRP I 330 50.54 -87.17 73.12
C TRP I 330 51.27 -88.48 73.38
N PRO I 331 50.78 -89.29 74.33
CA PRO I 331 51.45 -90.55 74.65
C PRO I 331 51.60 -91.43 73.43
N GLU I 332 52.80 -91.94 73.19
CA GLU I 332 53.02 -92.82 72.04
C GLU I 332 52.16 -94.08 72.17
N GLY I 333 51.53 -94.47 71.07
CA GLY I 333 50.70 -95.65 71.03
C GLY I 333 49.57 -95.63 72.04
N PHE I 334 49.22 -94.44 72.53
CA PHE I 334 48.13 -94.30 73.47
C PHE I 334 46.85 -94.78 72.83
N SER I 335 46.06 -95.54 73.59
CA SER I 335 44.71 -95.90 73.19
C SER I 335 43.86 -95.92 74.44
N GLY I 336 42.67 -95.34 74.36
CA GLY I 336 41.79 -95.30 75.51
C GLY I 336 40.58 -94.42 75.33
N ILE I 337 39.82 -94.26 76.41
CA ILE I 337 38.64 -93.43 76.43
C ILE I 337 38.91 -92.22 77.29
N LEU I 338 38.87 -91.04 76.70
CA LEU I 338 39.04 -89.81 77.47
C LEU I 338 37.69 -89.26 77.93
N THR I 339 37.63 -88.90 79.20
CA THR I 339 36.41 -88.39 79.80
C THR I 339 36.58 -86.93 80.17
N LEU I 340 35.99 -86.06 79.35
CA LEU I 340 36.06 -84.62 79.61
C LEU I 340 35.14 -84.27 80.75
N SER I 341 35.64 -83.42 81.64
CA SER I 341 34.90 -82.95 82.81
C SER I 341 35.55 -81.69 83.37
N GLY I 342 34.99 -81.16 84.45
CA GLY I 342 35.46 -79.91 85.01
C GLY I 342 35.21 -78.74 84.08
N GLY I 343 34.61 -79.03 82.93
CA GLY I 343 34.24 -77.98 82.00
C GLY I 343 33.44 -76.93 82.73
N LEU I 344 33.68 -75.66 82.41
CA LEU I 344 33.07 -74.61 83.20
C LEU I 344 33.03 -73.26 82.49
N SER I 345 31.92 -72.97 81.83
CA SER I 345 31.70 -71.61 81.38
C SER I 345 31.12 -70.88 82.54
N SER I 346 31.76 -69.80 82.97
CA SER I 346 31.16 -69.04 84.03
C SER I 346 30.74 -67.74 83.42
N ASN I 347 29.42 -67.56 83.31
CA ASN I 347 28.82 -66.24 83.17
C ASN I 347 28.63 -65.77 84.59
N ALA I 348 28.54 -66.77 85.48
CA ALA I 348 28.43 -66.55 86.91
C ALA I 348 28.91 -65.16 87.23
N GLU I 349 30.20 -64.93 87.00
CA GLU I 349 30.73 -63.59 87.15
C GLU I 349 31.54 -63.11 85.95
N VAL I 350 30.79 -62.71 84.93
CA VAL I 350 31.34 -61.94 83.84
C VAL I 350 31.18 -60.46 84.20
N THR I 351 32.28 -59.81 84.53
CA THR I 351 32.26 -58.39 84.89
C THR I 351 31.81 -57.54 83.71
N ALA I 352 31.19 -56.40 84.03
CA ALA I 352 30.75 -55.47 82.98
C ALA I 352 31.85 -55.28 81.95
N GLY I 353 33.05 -54.99 82.44
CA GLY I 353 34.19 -54.79 81.55
C GLY I 353 34.42 -55.95 80.62
N ASP I 354 34.26 -57.16 81.15
CA ASP I 354 34.44 -58.38 80.37
C ASP I 354 33.53 -58.33 79.14
N LEU I 355 32.45 -57.56 79.24
CA LEU I 355 31.57 -57.34 78.11
C LEU I 355 32.17 -56.32 77.15
N MET I 356 32.69 -55.23 77.71
CA MET I 356 33.26 -54.16 76.92
C MET I 356 34.49 -54.62 76.16
N GLU I 357 35.30 -55.48 76.77
CA GLU I 357 36.43 -56.09 76.07
C GLU I 357 35.91 -56.78 74.82
N ALA I 358 34.77 -57.43 74.95
CA ALA I 358 34.17 -58.18 73.84
C ALA I 358 33.68 -57.22 72.75
N TRP I 359 32.75 -56.34 73.10
CA TRP I 359 32.21 -55.39 72.15
C TRP I 359 33.30 -54.72 71.32
N ASP I 360 34.44 -54.47 71.95
CA ASP I 360 35.54 -53.77 71.31
C ASP I 360 35.95 -54.41 69.99
N PHE I 361 35.60 -55.68 69.80
CA PHE I 361 36.00 -56.41 68.61
C PHE I 361 35.42 -55.80 67.33
N PHE I 362 34.53 -54.82 67.49
CA PHE I 362 33.86 -54.21 66.34
C PHE I 362 34.29 -52.77 66.07
N ALA I 363 35.17 -52.22 66.92
CA ALA I 363 35.42 -50.78 66.92
C ALA I 363 36.42 -50.27 65.89
N ASP I 364 36.45 -50.89 64.70
CA ASP I 364 37.32 -50.44 63.62
C ASP I 364 36.85 -50.90 62.24
N ARG I 365 36.39 -49.95 61.44
CA ARG I 365 35.89 -50.24 60.09
C ARG I 365 36.92 -50.99 59.24
N GLU I 366 38.19 -50.86 59.61
CA GLU I 366 39.28 -51.50 58.88
C GLU I 366 38.89 -52.97 58.91
N SER I 367 38.38 -53.41 60.04
CA SER I 367 38.21 -54.83 60.26
C SER I 367 36.87 -55.48 60.01
N VAL I 368 35.82 -54.95 60.63
CA VAL I 368 34.49 -55.54 60.49
C VAL I 368 33.40 -54.61 60.00
N ASP I 369 32.80 -54.98 58.88
CA ASP I 369 31.71 -54.23 58.29
C ASP I 369 30.39 -54.60 58.96
N VAL I 370 30.03 -53.88 60.02
CA VAL I 370 28.81 -54.15 60.74
C VAL I 370 27.91 -52.92 60.79
N GLN I 371 26.70 -53.04 60.24
CA GLN I 371 25.83 -51.89 60.07
C GLN I 371 25.07 -51.47 61.33
N LEU I 372 24.53 -52.44 62.05
CA LEU I 372 23.69 -52.14 63.20
C LEU I 372 24.32 -52.67 64.47
N PHE I 373 23.90 -52.12 65.61
CA PHE I 373 24.48 -52.52 66.89
C PHE I 373 23.41 -52.87 67.91
N ILE I 374 23.21 -54.16 68.17
CA ILE I 374 22.27 -54.55 69.21
C ILE I 374 22.90 -54.29 70.56
N ALA I 375 22.33 -53.38 71.34
CA ALA I 375 22.99 -52.97 72.56
C ALA I 375 22.10 -53.16 73.77
N GLY I 376 20.79 -52.95 73.60
CA GLY I 376 19.86 -53.07 74.70
C GLY I 376 19.93 -54.43 75.37
N SER I 377 20.66 -55.35 74.75
CA SER I 377 20.81 -56.71 75.24
C SER I 377 21.31 -56.76 76.67
N CYS I 378 21.77 -55.64 77.18
CA CYS I 378 22.26 -55.59 78.55
C CYS I 378 21.20 -55.06 79.49
N ALA I 379 20.01 -54.84 78.95
CA ALA I 379 18.92 -54.27 79.73
C ALA I 379 18.80 -54.91 81.12
N GLY I 380 18.92 -56.22 81.18
CA GLY I 380 18.72 -56.96 82.42
C GLY I 380 19.84 -56.86 83.44
N GLU I 381 21.07 -56.70 82.97
CA GLU I 381 22.23 -56.75 83.85
C GLU I 381 22.22 -55.74 85.00
N SER I 382 23.18 -55.87 85.91
CA SER I 382 23.29 -54.96 87.04
C SER I 382 23.01 -53.55 86.55
N LEU I 383 22.02 -52.89 87.13
CA LEU I 383 21.66 -51.55 86.67
C LEU I 383 22.91 -50.82 86.19
N GLU I 384 23.90 -50.74 87.08
CA GLU I 384 25.17 -50.11 86.74
C GLU I 384 25.59 -50.53 85.35
N THR I 385 26.00 -51.78 85.20
CA THR I 385 26.46 -52.31 83.93
C THR I 385 25.42 -52.10 82.83
N ALA I 386 24.13 -52.18 83.18
CA ALA I 386 23.08 -51.92 82.20
C ALA I 386 23.38 -50.63 81.48
N SER I 387 23.79 -49.62 82.25
CA SER I 387 24.09 -48.31 81.70
C SER I 387 25.49 -48.23 81.14
N THR I 388 26.48 -48.53 81.97
CA THR I 388 27.87 -48.30 81.58
C THR I 388 28.37 -49.12 80.39
N VAL I 389 27.78 -50.28 80.13
CA VAL I 389 28.15 -51.05 78.96
C VAL I 389 27.67 -50.34 77.71
N GLN I 390 26.35 -50.26 77.57
CA GLN I 390 25.73 -49.52 76.47
C GLN I 390 26.41 -48.19 76.22
N LYS I 391 26.46 -47.38 77.26
CA LYS I 391 27.11 -46.07 77.21
C LYS I 391 28.40 -46.20 76.41
N HIS I 392 29.19 -47.21 76.73
CA HIS I 392 30.44 -47.47 76.05
C HIS I 392 30.24 -47.95 74.61
N VAL I 393 29.24 -48.79 74.38
CA VAL I 393 28.96 -49.27 73.03
C VAL I 393 28.68 -48.12 72.10
N VAL I 394 27.97 -47.13 72.61
CA VAL I 394 27.71 -45.90 71.85
C VAL I 394 29.02 -45.24 71.48
N SER I 395 29.99 -45.31 72.40
CA SER I 395 31.28 -44.69 72.18
C SER I 395 32.19 -45.55 71.31
N ILE I 396 31.57 -46.43 70.52
CA ILE I 396 32.28 -47.24 69.54
C ILE I 396 31.73 -46.88 68.16
N GLY I 397 30.42 -46.72 68.10
CA GLY I 397 29.76 -46.26 66.90
C GLY I 397 30.09 -44.80 66.69
N ASP I 398 30.18 -44.06 67.78
CA ASP I 398 30.58 -42.66 67.72
C ASP I 398 31.92 -42.51 67.03
N VAL I 399 32.93 -43.14 67.58
CA VAL I 399 34.30 -42.97 67.08
C VAL I 399 34.47 -43.59 65.70
N ARG I 400 33.55 -44.38 65.23
CA ARG I 400 33.70 -45.04 63.93
C ARG I 400 32.71 -44.52 62.89
N GLN I 401 31.54 -44.11 63.35
CA GLN I 401 30.51 -43.49 62.50
C GLN I 401 30.16 -44.25 61.23
N ASP I 402 30.17 -45.58 61.32
CA ASP I 402 29.61 -46.44 60.28
C ASP I 402 28.74 -47.47 60.96
N CYS I 403 27.55 -47.05 61.39
CA CYS I 403 26.71 -47.92 62.21
C CYS I 403 25.50 -47.21 62.79
N LEU I 404 24.92 -47.81 63.83
CA LEU I 404 23.74 -47.27 64.46
C LEU I 404 24.02 -48.09 65.72
N VAL I 405 23.91 -47.46 66.89
CA VAL I 405 24.16 -48.18 68.13
C VAL I 405 22.71 -47.86 68.46
N LEU I 406 21.92 -48.89 68.74
CA LEU I 406 20.50 -48.71 69.08
C LEU I 406 20.58 -49.30 70.49
N CYS I 407 19.79 -48.74 71.41
CA CYS I 407 19.92 -49.03 72.83
C CYS I 407 18.60 -48.90 73.56
N SER I 408 18.39 -49.78 74.56
CA SER I 408 17.14 -49.86 75.31
C SER I 408 17.27 -49.69 76.84
N PRO I 409 16.18 -49.24 77.51
CA PRO I 409 16.19 -48.86 78.92
C PRO I 409 16.39 -50.05 79.83
N PRO I 410 16.77 -49.81 81.09
CA PRO I 410 16.98 -50.89 82.06
C PRO I 410 15.66 -51.42 82.59
N ARG I 411 15.53 -52.74 82.67
CA ARG I 411 14.31 -53.34 83.17
C ARG I 411 13.84 -52.61 84.42
N GLU I 412 14.73 -52.44 85.38
CA GLU I 412 14.39 -51.78 86.63
C GLU I 412 13.37 -50.67 86.41
N THR I 413 13.68 -49.82 85.44
CA THR I 413 13.05 -48.52 85.28
C THR I 413 11.68 -48.53 84.63
N VAL I 414 11.32 -49.63 83.99
CA VAL I 414 10.17 -49.60 83.10
C VAL I 414 9.13 -50.71 83.22
N VAL I 415 9.56 -51.90 83.63
CA VAL I 415 8.68 -53.06 83.64
C VAL I 415 7.80 -53.21 84.89
N GLY I 416 8.39 -53.05 86.06
CA GLY I 416 7.65 -53.20 87.30
C GLY I 416 6.58 -52.14 87.56
N ILE I 417 7.00 -50.89 87.66
CA ILE I 417 6.13 -49.78 88.03
C ILE I 417 5.09 -49.44 86.97
N PRO I 418 4.08 -48.62 87.35
CA PRO I 418 3.11 -48.02 86.42
C PRO I 418 3.73 -46.87 85.65
N VAL I 419 3.09 -46.44 84.58
CA VAL I 419 3.66 -45.42 83.70
C VAL I 419 3.94 -44.09 84.38
N THR I 420 3.10 -43.70 85.34
CA THR I 420 3.31 -42.48 86.10
C THR I 420 4.77 -42.37 86.54
N ARG I 421 5.17 -43.24 87.46
CA ARG I 421 6.56 -43.32 87.88
C ARG I 421 7.45 -43.59 86.68
N ALA I 422 7.00 -44.50 85.82
CA ALA I 422 7.80 -45.00 84.71
C ALA I 422 8.57 -43.90 83.99
N VAL I 423 7.84 -42.93 83.44
CA VAL I 423 8.48 -41.90 82.63
C VAL I 423 9.45 -41.05 83.46
N ASP I 424 9.00 -40.63 84.65
CA ASP I 424 9.88 -39.90 85.55
C ASP I 424 11.25 -40.55 85.54
N ASN I 425 11.26 -41.86 85.77
CA ASN I 425 12.50 -42.63 85.79
C ASN I 425 13.29 -42.47 84.52
N LEU I 426 12.66 -42.78 83.39
CA LEU I 426 13.32 -42.70 82.09
C LEU I 426 14.03 -41.38 81.85
N VAL I 427 13.34 -40.27 82.16
CA VAL I 427 13.89 -38.94 81.88
C VAL I 427 15.03 -38.60 82.83
N ASN I 428 14.87 -38.95 84.10
CA ASN I 428 15.95 -38.81 85.04
C ASN I 428 17.21 -39.51 84.53
N TRP I 429 17.03 -40.73 84.05
CA TRP I 429 18.14 -41.55 83.58
C TRP I 429 18.83 -40.94 82.37
N ARG I 430 18.04 -40.31 81.50
CA ARG I 430 18.55 -39.69 80.28
C ARG I 430 19.32 -38.41 80.56
N THR I 431 19.30 -37.97 81.82
CA THR I 431 20.05 -36.79 82.25
C THR I 431 20.95 -37.04 83.47
N ALA I 432 20.35 -37.25 84.62
CA ALA I 432 21.11 -37.43 85.85
C ALA I 432 20.11 -37.30 86.99
N ALA I 433 19.74 -36.07 87.28
CA ALA I 433 18.61 -35.76 88.14
C ALA I 433 18.50 -36.60 89.42
N GLY I 434 17.40 -37.34 89.51
CA GLY I 434 17.00 -37.98 90.77
C GLY I 434 17.83 -39.13 91.24
N SER I 435 17.39 -40.34 90.93
CA SER I 435 18.02 -41.55 91.46
C SER I 435 19.20 -42.01 90.61
N TYR I 436 19.01 -41.95 89.29
CA TYR I 436 20.06 -42.32 88.35
C TYR I 436 20.89 -41.11 87.97
N THR I 437 21.54 -40.51 88.94
CA THR I 437 22.49 -39.46 88.61
C THR I 437 23.78 -40.14 88.18
N ASP I 438 24.09 -41.23 88.88
CA ASP I 438 25.36 -41.92 88.75
C ASP I 438 25.35 -42.81 87.52
N ASN I 439 24.47 -43.80 87.56
CA ASN I 439 24.26 -44.66 86.40
C ASN I 439 23.32 -44.00 85.42
N ASN I 440 23.74 -42.85 84.91
CA ASN I 440 22.98 -42.15 83.90
C ASN I 440 23.34 -42.69 82.54
N PHE I 441 22.55 -42.30 81.54
CA PHE I 441 22.84 -42.60 80.15
C PHE I 441 22.96 -41.28 79.44
N ASN I 442 23.41 -40.27 80.18
CA ASN I 442 23.43 -38.88 79.69
C ASN I 442 24.46 -38.62 78.59
N ILE I 443 24.23 -39.20 77.42
CA ILE I 443 25.07 -38.98 76.26
C ILE I 443 24.16 -38.49 75.13
N SER I 444 24.76 -38.09 74.02
CA SER I 444 23.95 -37.55 72.92
C SER I 444 24.54 -37.75 71.52
N SER I 445 24.42 -38.97 71.00
CA SER I 445 24.94 -39.26 69.68
C SER I 445 23.84 -39.33 68.63
N THR I 446 24.19 -38.88 67.44
CA THR I 446 23.30 -38.93 66.30
C THR I 446 23.27 -40.37 65.85
N TYR I 447 24.18 -41.15 66.42
CA TYR I 447 24.27 -42.59 66.16
C TYR I 447 23.59 -43.35 67.29
N ALA I 448 23.26 -42.64 68.34
CA ALA I 448 22.60 -43.23 69.50
C ALA I 448 21.11 -43.24 69.26
N ALA I 449 20.52 -44.45 69.27
CA ALA I 449 19.09 -44.58 69.14
C ALA I 449 18.84 -45.36 70.45
N ILE I 450 18.08 -44.76 71.36
CA ILE I 450 17.62 -45.45 72.55
C ILE I 450 16.21 -46.00 72.36
N ASP I 451 15.71 -46.69 73.37
CA ASP I 451 14.88 -47.87 73.16
C ASP I 451 14.01 -48.16 74.38
N GLY I 452 12.71 -48.14 74.21
CA GLY I 452 11.87 -47.13 74.82
C GLY I 452 10.87 -47.71 75.80
N ASN I 453 10.55 -48.99 75.61
CA ASN I 453 10.24 -49.87 76.73
C ASN I 453 10.97 -51.21 76.64
N TYR I 454 10.30 -52.27 77.12
CA TYR I 454 10.93 -53.59 77.17
C TYR I 454 9.90 -54.70 76.94
N LYS I 455 10.22 -55.62 76.05
CA LYS I 455 9.22 -56.48 75.44
C LYS I 455 8.97 -57.72 76.28
N TYR I 456 7.77 -58.28 76.17
CA TYR I 456 7.40 -59.48 76.92
C TYR I 456 7.16 -60.64 75.95
N GLN I 457 8.19 -61.46 75.75
CA GLN I 457 8.15 -62.54 74.76
C GLN I 457 7.82 -63.88 75.42
N TYR I 458 7.70 -64.93 74.61
CA TYR I 458 7.57 -66.27 75.14
C TYR I 458 8.83 -67.03 74.77
N ASP I 459 9.34 -67.84 75.70
CA ASP I 459 10.63 -68.50 75.52
C ASP I 459 10.44 -69.97 75.19
N LYS I 460 10.34 -70.28 73.91
CA LYS I 460 10.04 -71.65 73.48
C LYS I 460 10.98 -72.68 74.10
N TYR I 461 12.11 -72.22 74.62
CA TYR I 461 13.10 -73.14 75.17
C TYR I 461 12.83 -73.52 76.60
N ASN I 462 12.91 -72.56 77.52
CA ASN I 462 12.57 -72.83 78.90
C ASN I 462 11.07 -72.99 79.05
N ASP I 463 10.34 -72.60 78.02
CA ASP I 463 8.89 -72.64 78.01
C ASP I 463 8.30 -71.68 79.04
N VAL I 464 8.76 -70.43 79.01
CA VAL I 464 8.28 -69.43 79.95
C VAL I 464 8.15 -68.08 79.30
N ASN I 465 7.24 -67.26 79.81
CA ASN I 465 7.09 -65.88 79.36
C ASN I 465 8.12 -65.02 80.07
N ARG I 466 8.74 -64.11 79.31
CA ARG I 466 9.96 -63.46 79.76
C ARG I 466 10.08 -62.05 79.21
N TRP I 467 10.60 -61.12 80.00
CA TRP I 467 10.87 -59.77 79.50
C TRP I 467 12.24 -59.70 78.82
N VAL I 468 12.28 -59.16 77.61
CA VAL I 468 13.54 -59.00 76.91
C VAL I 468 13.71 -57.59 76.35
N PRO I 469 14.96 -57.12 76.27
CA PRO I 469 15.25 -55.80 75.72
C PRO I 469 14.69 -55.70 74.30
N LEU I 470 13.97 -54.61 74.03
CA LEU I 470 13.30 -54.47 72.74
C LEU I 470 14.27 -54.07 71.63
N ALA I 471 15.33 -53.36 71.99
CA ALA I 471 16.33 -52.92 71.03
C ALA I 471 16.76 -54.04 70.08
N ALA I 472 17.15 -55.16 70.64
CA ALA I 472 17.55 -56.33 69.87
C ALA I 472 16.63 -56.54 68.68
N ASP I 473 15.34 -56.27 68.89
CA ASP I 473 14.34 -56.51 67.89
C ASP I 473 14.31 -55.42 66.80
N ILE I 474 14.10 -54.18 67.20
CA ILE I 474 14.02 -53.07 66.27
C ILE I 474 15.21 -53.05 65.31
N ALA I 475 16.36 -53.54 65.77
CA ALA I 475 17.57 -53.58 64.95
C ALA I 475 17.37 -54.43 63.71
N GLY I 476 16.73 -55.58 63.87
CA GLY I 476 16.41 -56.43 62.75
C GLY I 476 15.33 -55.75 61.92
N LEU I 477 14.47 -55.02 62.62
CA LEU I 477 13.40 -54.29 61.99
C LEU I 477 13.97 -53.18 61.11
N CYS I 478 15.27 -52.93 61.25
CA CYS I 478 15.96 -51.97 60.39
C CYS I 478 16.61 -52.64 59.18
N ALA I 479 17.29 -53.76 59.42
CA ALA I 479 17.90 -54.54 58.35
C ALA I 479 16.86 -54.73 57.28
N ARG I 480 15.61 -54.74 57.76
CA ARG I 480 14.45 -54.79 56.90
C ARG I 480 14.26 -53.42 56.27
N THR I 481 13.23 -52.73 56.75
CA THR I 481 12.77 -51.46 56.18
C THR I 481 13.90 -50.54 55.72
N ASP I 482 13.79 -50.10 54.48
CA ASP I 482 14.83 -49.30 53.82
C ASP I 482 16.21 -49.84 54.13
N ASN I 483 17.21 -48.97 54.08
CA ASN I 483 18.55 -49.40 54.44
C ASN I 483 19.07 -48.87 55.78
N VAL I 484 20.13 -49.51 56.24
CA VAL I 484 20.49 -49.51 57.65
C VAL I 484 21.76 -48.71 57.93
N ARG I 496 7.91 -48.95 64.02
CA ARG I 496 8.26 -48.74 62.61
C ARG I 496 7.62 -49.79 61.70
N GLY I 497 6.52 -50.36 62.18
CA GLY I 497 5.90 -51.52 61.56
C GLY I 497 5.92 -52.61 62.62
N GLN I 498 4.75 -53.10 63.00
CA GLN I 498 4.63 -53.92 64.20
C GLN I 498 5.71 -54.98 64.32
N ILE I 499 6.03 -55.33 65.56
CA ILE I 499 7.03 -56.33 65.86
C ILE I 499 6.36 -57.68 65.96
N LEU I 500 7.15 -58.72 65.72
CA LEU I 500 6.61 -60.04 65.48
C LEU I 500 6.01 -60.74 66.71
N ASN I 501 6.84 -61.10 67.67
CA ASN I 501 6.45 -62.08 68.65
C ASN I 501 6.14 -61.50 70.01
N VAL I 502 6.00 -60.19 70.08
CA VAL I 502 5.57 -59.54 71.31
C VAL I 502 4.25 -60.14 71.77
N ILE I 503 3.95 -60.02 73.06
CA ILE I 503 2.69 -60.50 73.58
C ILE I 503 2.24 -59.55 74.66
N LYS I 504 2.95 -58.44 74.76
CA LYS I 504 2.76 -57.50 75.84
C LYS I 504 3.95 -56.56 75.82
N LEU I 505 3.70 -55.27 76.00
CA LEU I 505 4.79 -54.33 76.18
C LEU I 505 4.71 -53.59 77.53
N ALA I 506 5.86 -53.19 78.06
CA ALA I 506 5.87 -52.60 79.38
C ALA I 506 4.91 -51.41 79.45
N ILE I 507 4.84 -50.64 78.37
CA ILE I 507 3.90 -49.54 78.27
C ILE I 507 3.23 -49.51 76.89
N GLU I 508 1.96 -49.09 76.87
CA GLU I 508 1.19 -49.07 75.64
C GLU I 508 0.02 -48.08 75.74
N GLN I 511 -0.30 -39.12 75.51
CA GLN I 511 0.04 -38.34 74.35
C GLN I 511 1.12 -37.36 74.69
N ALA I 512 1.02 -36.71 75.86
CA ALA I 512 2.03 -35.75 76.20
C ALA I 512 3.34 -36.44 76.33
N GLN I 513 3.34 -37.62 76.97
CA GLN I 513 4.55 -38.35 77.19
C GLN I 513 5.10 -38.77 75.87
N ARG I 514 4.22 -39.22 74.95
CA ARG I 514 4.65 -39.68 73.66
C ARG I 514 5.34 -38.56 72.94
N ASP I 515 4.71 -37.37 72.93
CA ASP I 515 5.34 -36.30 72.21
C ASP I 515 6.65 -36.04 72.87
N ARG I 516 6.69 -36.17 74.22
CA ARG I 516 7.88 -35.92 74.96
C ARG I 516 8.94 -36.92 74.56
N LEU I 517 8.56 -38.20 74.39
CA LEU I 517 9.52 -39.21 74.06
C LEU I 517 10.08 -38.93 72.71
N TYR I 518 9.23 -38.58 71.74
CA TYR I 518 9.66 -38.11 70.43
C TYR I 518 10.41 -36.87 70.77
N GLN I 519 11.27 -36.31 69.90
CA GLN I 519 11.96 -35.10 70.26
C GLN I 519 13.11 -35.46 71.14
N GLU I 520 12.86 -36.35 72.14
CA GLU I 520 13.84 -36.93 73.01
C GLU I 520 14.61 -37.83 72.11
N ALA I 521 14.00 -38.15 70.95
CA ALA I 521 14.58 -39.09 70.02
C ALA I 521 14.59 -40.44 70.64
N ILE I 522 13.44 -40.85 71.18
CA ILE I 522 13.36 -42.18 71.72
C ILE I 522 12.32 -42.93 70.94
N ASN I 523 12.52 -44.27 70.76
CA ASN I 523 11.62 -45.09 70.00
C ASN I 523 10.59 -45.69 70.91
N PRO I 524 9.37 -45.25 70.72
CA PRO I 524 8.26 -45.72 71.53
C PRO I 524 7.48 -46.81 70.87
N VAL I 525 6.69 -47.55 71.66
CA VAL I 525 5.77 -48.50 71.12
C VAL I 525 4.45 -48.17 71.74
N THR I 526 3.38 -48.08 70.93
CA THR I 526 2.12 -47.79 71.54
C THR I 526 1.13 -48.79 71.06
N GLY I 527 0.09 -49.04 71.88
CA GLY I 527 -0.88 -50.01 71.49
C GLY I 527 -2.17 -49.30 71.33
N THR I 528 -2.84 -49.49 70.17
CA THR I 528 -4.09 -48.83 70.01
C THR I 528 -5.10 -49.84 69.56
N GLY I 529 -6.17 -49.99 70.35
CA GLY I 529 -7.24 -50.86 69.96
C GLY I 529 -6.69 -52.24 69.80
N GLY I 530 -5.60 -52.55 70.50
CA GLY I 530 -5.03 -53.85 70.38
C GLY I 530 -3.95 -53.74 69.35
N ASP I 531 -2.96 -54.66 69.42
CA ASP I 531 -1.85 -54.65 68.52
C ASP I 531 -1.04 -53.42 68.78
N GLY I 532 0.28 -53.60 69.02
CA GLY I 532 1.11 -52.47 69.29
C GLY I 532 1.91 -52.21 68.05
N TYR I 533 2.22 -50.92 67.80
CA TYR I 533 2.98 -50.56 66.64
C TYR I 533 4.00 -49.55 67.02
N VAL I 534 5.01 -49.34 66.15
CA VAL I 534 6.07 -48.43 66.45
C VAL I 534 5.56 -47.04 66.23
N LEU I 535 5.70 -46.17 67.25
CA LEU I 535 5.23 -44.82 67.14
C LEU I 535 6.04 -44.09 66.13
N TYR I 536 7.38 -44.18 66.24
CA TYR I 536 8.19 -43.38 65.37
C TYR I 536 9.37 -44.18 64.94
N GLY I 537 9.92 -43.73 63.82
CA GLY I 537 10.96 -44.35 63.04
C GLY I 537 12.25 -44.58 63.78
N ASP I 538 12.69 -43.72 64.75
CA ASP I 538 13.83 -44.02 65.62
C ASP I 538 14.75 -42.90 65.97
N LYS I 539 16.02 -43.27 66.19
CA LYS I 539 17.22 -42.53 66.45
C LYS I 539 17.18 -41.55 67.57
N THR I 540 18.33 -41.45 68.28
CA THR I 540 18.53 -40.48 69.30
C THR I 540 19.31 -39.37 68.64
N ALA I 541 18.67 -38.71 67.67
CA ALA I 541 19.28 -37.76 66.78
C ALA I 541 19.69 -36.49 67.45
N THR I 542 20.69 -35.81 66.83
CA THR I 542 21.31 -34.60 67.27
C THR I 542 21.35 -33.58 66.14
N SER I 543 22.36 -32.69 66.14
CA SER I 543 22.47 -31.61 65.21
C SER I 543 22.52 -32.10 63.80
N VAL I 544 21.34 -32.02 63.15
CA VAL I 544 21.05 -32.36 61.80
C VAL I 544 19.66 -31.83 61.69
N PRO I 545 19.05 -31.81 60.54
CA PRO I 545 17.69 -31.41 60.55
C PRO I 545 16.93 -32.50 61.22
N SER I 546 15.69 -32.24 61.67
CA SER I 546 14.96 -33.22 62.40
C SER I 546 14.73 -34.46 61.60
N PRO I 547 14.66 -34.47 60.29
CA PRO I 547 14.38 -35.73 59.64
C PRO I 547 15.43 -36.78 59.77
N ASN I 552 14.70 -42.69 58.63
CA ASN I 552 14.58 -42.98 57.22
C ASN I 552 15.57 -42.19 56.45
N VAL I 553 15.65 -40.87 56.72
CA VAL I 553 16.56 -40.02 55.99
C VAL I 553 17.96 -40.45 56.28
N ARG I 554 18.22 -40.83 57.54
CA ARG I 554 19.54 -41.21 57.98
C ARG I 554 20.01 -42.43 57.27
N ARG I 555 19.15 -43.44 57.14
CA ARG I 555 19.57 -44.68 56.56
C ARG I 555 20.02 -44.45 55.16
N LEU I 556 19.34 -43.55 54.44
CA LEU I 556 19.76 -43.29 53.09
C LEU I 556 21.16 -42.80 53.16
N PHE I 557 21.42 -41.77 53.99
CA PHE I 557 22.73 -41.20 54.02
C PHE I 557 23.75 -42.16 54.53
N ASN I 558 23.46 -42.89 55.62
CA ASN I 558 24.46 -43.75 56.17
C ASN I 558 24.86 -44.75 55.13
N MET I 559 23.87 -45.32 54.41
CA MET I 559 24.20 -46.33 53.45
C MET I 559 25.08 -45.75 52.39
N LEU I 560 24.74 -44.55 51.89
CA LEU I 560 25.54 -44.04 50.82
C LEU I 560 26.95 -43.84 51.28
N LYS I 561 27.15 -43.25 52.47
CA LYS I 561 28.47 -42.96 52.93
C LYS I 561 29.25 -44.23 53.07
N THR I 562 28.63 -45.28 53.62
CA THR I 562 29.38 -46.48 53.83
C THR I 562 29.84 -47.04 52.52
N ASN I 563 28.93 -47.08 51.52
CA ASN I 563 29.27 -47.66 50.25
C ASN I 563 30.35 -46.85 49.58
N ILE I 564 30.28 -45.50 49.69
CA ILE I 564 31.21 -44.70 48.96
C ILE I 564 32.61 -44.98 49.40
N GLY I 565 32.82 -45.14 50.73
CA GLY I 565 34.13 -45.33 51.29
C GLY I 565 34.74 -46.61 50.81
N ARG I 566 33.94 -47.68 50.68
CA ARG I 566 34.47 -48.97 50.32
C ARG I 566 35.12 -48.88 48.98
N SER I 567 34.60 -48.00 48.11
CA SER I 567 35.11 -47.85 46.77
C SER I 567 36.53 -47.36 46.81
N SER I 568 37.06 -47.07 48.02
CA SER I 568 38.39 -46.57 48.21
C SER I 568 39.40 -47.56 47.75
N LYS I 569 39.02 -48.85 47.66
CA LYS I 569 39.98 -49.84 47.28
C LYS I 569 40.49 -49.49 45.92
N TYR I 570 39.60 -48.90 45.10
CA TYR I 570 39.89 -48.55 43.73
C TYR I 570 41.03 -47.58 43.68
N ARG I 571 41.12 -46.65 44.66
CA ARG I 571 42.12 -45.63 44.61
C ARG I 571 43.48 -46.23 44.55
N LEU I 572 43.73 -47.29 45.33
CA LEU I 572 45.04 -47.85 45.36
C LEU I 572 45.35 -48.31 43.97
N PHE I 573 44.34 -48.79 43.25
CA PHE I 573 44.55 -49.37 41.96
C PHE I 573 45.17 -48.37 41.03
N GLU I 574 44.65 -47.12 40.95
CA GLU I 574 45.23 -46.21 40.00
C GLU I 574 45.73 -44.96 40.65
N LEU I 575 46.40 -44.13 39.82
CA LEU I 575 46.96 -42.86 40.20
C LEU I 575 45.87 -41.84 40.19
N ASN I 576 46.18 -40.61 40.68
CA ASN I 576 45.21 -39.54 40.74
C ASN I 576 45.55 -38.51 39.71
N ASN I 577 44.55 -38.09 38.92
CA ASN I 577 44.74 -37.10 37.89
C ASN I 577 43.41 -36.44 37.65
N ALA I 578 43.34 -35.56 36.65
CA ALA I 578 42.09 -34.91 36.33
C ALA I 578 41.16 -35.99 35.93
N PHE I 579 41.68 -36.96 35.15
CA PHE I 579 40.89 -38.05 34.66
C PHE I 579 40.40 -38.85 35.83
N THR I 580 41.23 -39.00 36.87
CA THR I 580 40.83 -39.79 38.00
C THR I 580 39.66 -39.15 38.66
N ARG I 581 39.54 -37.81 38.50
CA ARG I 581 38.39 -37.13 39.00
C ARG I 581 37.24 -37.77 38.29
N SER I 582 37.35 -37.89 36.96
CA SER I 582 36.34 -38.60 36.22
C SER I 582 36.61 -40.03 36.55
N SER I 583 35.83 -41.00 36.04
CA SER I 583 36.15 -42.36 36.44
C SER I 583 35.65 -42.57 37.84
N PHE I 584 36.38 -42.09 38.86
CA PHE I 584 35.89 -42.26 40.20
C PHE I 584 34.56 -41.58 40.26
N ARG I 585 34.52 -40.34 39.73
CA ARG I 585 33.32 -39.56 39.75
C ARG I 585 32.27 -40.29 38.99
N THR I 586 32.63 -40.83 37.80
CA THR I 586 31.62 -41.49 37.02
C THR I 586 31.13 -42.69 37.78
N GLU I 587 32.03 -43.43 38.46
CA GLU I 587 31.62 -44.62 39.15
C GLU I 587 30.65 -44.29 40.25
N THR I 588 31.00 -43.32 41.11
CA THR I 588 30.12 -43.00 42.19
C THR I 588 28.85 -42.43 41.65
N ALA I 589 28.97 -41.62 40.59
CA ALA I 589 27.80 -40.98 40.04
C ALA I 589 26.84 -42.02 39.58
N GLN I 590 27.36 -43.10 38.96
CA GLN I 590 26.49 -44.11 38.45
C GLN I 590 25.74 -44.68 39.63
N TYR I 591 26.44 -44.88 40.76
CA TYR I 591 25.78 -45.44 41.91
C TYR I 591 24.72 -44.49 42.38
N LEU I 592 25.05 -43.20 42.49
CA LEU I 592 24.11 -42.23 42.99
C LEU I 592 22.94 -42.12 42.09
N GLN I 593 23.17 -42.12 40.76
CA GLN I 593 22.09 -41.94 39.83
C GLN I 593 21.15 -43.09 39.98
N GLY I 594 21.70 -44.30 40.20
CA GLY I 594 20.88 -45.46 40.30
C GLY I 594 19.94 -45.27 41.45
N ASN I 595 20.44 -44.68 42.56
CA ASN I 595 19.63 -44.50 43.71
C ASN I 595 18.48 -43.62 43.35
N LYS I 596 18.72 -42.59 42.52
CA LYS I 596 17.67 -41.69 42.16
C LYS I 596 16.65 -42.38 41.31
N ALA I 597 17.09 -43.17 40.32
CA ALA I 597 16.17 -43.79 39.40
C ALA I 597 15.29 -44.74 40.15
N LEU I 598 15.87 -45.55 41.05
CA LEU I 598 15.09 -46.50 41.77
C LEU I 598 14.16 -45.72 42.61
N GLY I 599 14.64 -44.57 43.10
CA GLY I 599 13.87 -43.78 43.98
C GLY I 599 14.56 -43.92 45.29
N GLY I 600 14.59 -42.84 46.07
CA GLY I 600 15.34 -42.90 47.27
C GLY I 600 16.13 -41.66 47.34
N ILE I 601 16.58 -41.15 46.17
CA ILE I 601 17.25 -39.88 46.15
C ILE I 601 16.57 -39.09 45.07
N TYR I 602 16.41 -37.78 45.27
CA TYR I 602 15.74 -36.99 44.28
C TYR I 602 16.53 -35.75 44.03
N GLU I 603 16.29 -35.10 42.89
CA GLU I 603 16.94 -33.88 42.53
C GLU I 603 18.42 -34.01 42.70
N TYR I 604 19.02 -35.01 42.04
CA TYR I 604 20.44 -35.19 42.16
C TYR I 604 21.05 -34.60 40.93
N ARG I 605 21.83 -33.53 41.13
CA ARG I 605 22.47 -32.82 40.06
C ARG I 605 23.88 -33.29 40.02
N VAL I 606 24.23 -34.01 38.94
CA VAL I 606 25.54 -34.56 38.78
C VAL I 606 26.50 -33.42 38.75
N VAL I 607 26.08 -32.29 38.15
CA VAL I 607 26.98 -31.20 37.96
C VAL I 607 27.52 -30.69 39.25
N CYS I 608 26.66 -30.28 40.21
CA CYS I 608 27.24 -29.70 41.38
C CYS I 608 26.81 -30.44 42.61
N ASP I 609 26.96 -31.78 42.61
CA ASP I 609 26.64 -32.51 43.79
C ASP I 609 27.67 -33.59 43.90
N THR I 610 28.80 -33.44 43.16
CA THR I 610 29.83 -34.44 43.09
C THR I 610 31.12 -33.85 43.63
N THR I 611 32.29 -34.47 43.32
CA THR I 611 33.52 -34.12 43.97
C THR I 611 34.58 -33.46 43.15
N ASN I 612 35.25 -32.49 43.81
CA ASN I 612 36.45 -31.83 43.38
C ASN I 612 37.15 -31.45 44.65
N ASN I 613 38.22 -32.17 45.04
CA ASN I 613 38.80 -31.87 46.32
C ASN I 613 39.43 -30.53 46.29
N THR I 614 40.21 -30.26 45.23
CA THR I 614 40.85 -28.99 45.20
C THR I 614 39.79 -28.00 44.92
N PRO I 615 40.08 -26.78 45.19
CA PRO I 615 39.11 -25.77 44.91
C PRO I 615 39.05 -25.70 43.42
N SER I 616 37.93 -25.22 42.85
CA SER I 616 37.89 -25.23 41.41
C SER I 616 38.98 -24.33 40.95
N VAL I 617 40.06 -24.95 40.43
CA VAL I 617 41.19 -24.24 39.93
C VAL I 617 41.95 -25.20 39.10
N ILE I 618 43.05 -24.74 38.49
CA ILE I 618 43.86 -25.65 37.73
C ILE I 618 44.41 -26.67 38.68
N ASP I 619 44.81 -26.20 39.88
CA ASP I 619 45.40 -27.06 40.87
C ASP I 619 44.35 -27.99 41.37
N ARG I 620 44.82 -29.18 41.82
CA ARG I 620 43.96 -30.20 42.33
C ARG I 620 44.73 -30.97 43.37
N ASN I 621 44.05 -31.87 44.10
CA ASN I 621 44.69 -32.66 45.11
C ASN I 621 44.07 -34.01 45.05
N GLU I 622 44.24 -34.82 46.12
CA GLU I 622 43.66 -36.14 46.13
C GLU I 622 42.18 -35.95 46.18
N PHE I 623 41.40 -37.01 45.88
CA PHE I 623 39.99 -36.82 45.83
C PHE I 623 39.36 -37.25 47.10
N VAL I 624 38.39 -36.44 47.56
CA VAL I 624 37.59 -36.82 48.67
C VAL I 624 36.22 -36.83 48.10
N ALA I 625 35.34 -37.73 48.53
CA ALA I 625 34.06 -37.71 47.91
C ALA I 625 33.15 -36.89 48.77
N THR I 626 32.68 -35.76 48.22
CA THR I 626 31.75 -34.94 48.93
C THR I 626 30.53 -34.93 48.09
N PHE I 627 29.37 -35.11 48.72
CA PHE I 627 28.19 -35.13 47.90
C PHE I 627 27.10 -34.46 48.64
N TYR I 628 26.16 -33.86 47.90
CA TYR I 628 25.03 -33.25 48.51
C TYR I 628 23.90 -34.11 48.03
N ILE I 629 23.26 -34.86 48.94
CA ILE I 629 22.23 -35.74 48.48
C ILE I 629 20.98 -35.42 49.25
N GLN I 630 19.81 -35.68 48.63
CA GLN I 630 18.57 -35.39 49.29
C GLN I 630 17.74 -36.63 49.32
N PRO I 631 17.27 -36.99 50.48
CA PRO I 631 16.45 -38.16 50.61
C PRO I 631 15.14 -37.84 49.98
N ALA I 632 14.40 -38.84 49.48
CA ALA I 632 13.24 -38.51 48.70
C ALA I 632 12.28 -37.68 49.49
N ARG I 633 11.92 -38.08 50.72
CA ARG I 633 10.93 -37.30 51.39
C ARG I 633 11.59 -36.39 52.37
N SER I 634 12.06 -35.24 51.89
CA SER I 634 12.60 -34.23 52.75
C SER I 634 13.13 -33.14 51.87
N ILE I 635 12.70 -31.89 52.10
CA ILE I 635 13.21 -30.88 51.20
C ILE I 635 14.42 -30.30 51.84
N ASN I 636 15.54 -31.04 51.75
CA ASN I 636 16.77 -30.58 52.29
C ASN I 636 17.85 -31.41 51.68
N TYR I 637 19.00 -30.77 51.35
CA TYR I 637 20.10 -31.48 50.78
C TYR I 637 21.11 -31.53 51.86
N ILE I 638 21.71 -32.70 52.10
CA ILE I 638 22.67 -32.72 53.17
C ILE I 638 24.02 -32.88 52.56
N THR I 639 25.02 -32.25 53.20
CA THR I 639 26.35 -32.30 52.65
C THR I 639 27.13 -33.32 53.41
N LEU I 640 27.68 -34.31 52.69
CA LEU I 640 28.48 -35.29 53.37
C LEU I 640 29.80 -35.34 52.67
N ASN I 641 30.90 -35.45 53.45
CA ASN I 641 32.18 -35.52 52.82
C ASN I 641 32.88 -36.73 53.36
N PHE I 642 33.44 -37.54 52.46
CA PHE I 642 34.22 -38.67 52.87
C PHE I 642 35.54 -38.41 52.23
N VAL I 643 36.66 -38.77 52.88
CA VAL I 643 37.86 -38.35 52.22
C VAL I 643 38.78 -39.50 52.01
N ALA I 644 39.35 -39.56 50.78
CA ALA I 644 40.39 -40.51 50.53
C ALA I 644 41.59 -39.66 50.25
N THR I 645 42.55 -39.63 51.18
CA THR I 645 43.68 -38.80 50.95
C THR I 645 44.82 -39.26 51.80
N ALA I 646 45.99 -38.63 51.58
CA ALA I 646 47.16 -38.89 52.36
C ALA I 646 47.09 -37.96 53.53
N ASN J 21 55.41 -51.67 -19.76
CA ASN J 21 54.89 -53.03 -19.72
C ASN J 21 54.34 -53.64 -18.42
N ASN J 22 53.51 -52.86 -17.75
CA ASN J 22 53.28 -52.59 -16.33
C ASN J 22 54.35 -51.66 -15.75
N SER J 23 54.87 -50.82 -16.48
CA SER J 23 56.05 -50.00 -16.19
C SER J 23 57.34 -50.77 -16.43
N THR J 24 57.42 -51.56 -17.39
CA THR J 24 58.66 -52.08 -17.97
C THR J 24 59.59 -52.74 -16.94
N GLY J 25 59.09 -53.78 -16.27
CA GLY J 25 59.86 -54.45 -15.24
C GLY J 25 61.09 -55.08 -15.87
N THR J 26 62.14 -54.28 -16.06
CA THR J 26 63.35 -54.77 -16.69
C THR J 26 64.23 -55.06 -15.47
N ALA J 27 64.58 -56.32 -15.29
CA ALA J 27 65.48 -56.69 -14.20
C ALA J 27 66.92 -56.55 -14.69
N ALA J 28 67.85 -56.79 -13.78
CA ALA J 28 69.27 -56.74 -14.12
C ALA J 28 69.99 -57.65 -13.16
N LEU J 29 70.82 -58.54 -13.72
CA LEU J 29 71.50 -59.55 -12.94
C LEU J 29 72.90 -59.77 -13.47
N ALA J 30 73.85 -59.90 -12.56
CA ALA J 30 75.21 -60.20 -12.96
C ALA J 30 75.78 -61.21 -11.99
N GLY J 31 76.44 -62.23 -12.53
CA GLY J 31 77.03 -63.26 -11.70
C GLY J 31 77.68 -64.36 -12.51
N LYS J 32 78.15 -65.39 -11.80
CA LYS J 32 78.91 -66.46 -12.41
C LYS J 32 78.00 -67.52 -13.02
N PHE J 33 78.32 -67.94 -14.25
CA PHE J 33 77.52 -68.95 -14.93
C PHE J 33 78.36 -70.05 -15.59
N GLN J 34 77.68 -71.14 -15.93
CA GLN J 34 78.34 -72.31 -16.51
C GLN J 34 78.70 -72.06 -17.96
N TRP J 35 78.12 -71.00 -18.53
CA TRP J 35 78.21 -70.77 -19.97
C TRP J 35 78.09 -69.29 -20.31
N GLY J 36 78.99 -68.80 -21.16
CA GLY J 36 79.00 -67.41 -21.58
C GLY J 36 77.78 -67.12 -22.43
N PRO J 37 77.64 -65.90 -22.97
CA PRO J 37 78.61 -64.82 -23.16
C PRO J 37 79.20 -64.27 -21.89
N ALA J 38 80.49 -63.97 -21.96
CA ALA J 38 81.19 -63.31 -20.87
C ALA J 38 81.18 -61.80 -21.09
N PHE J 39 80.86 -61.07 -20.03
CA PHE J 39 80.84 -59.62 -20.10
C PHE J 39 80.05 -59.12 -21.31
N GLN J 40 78.82 -59.57 -21.42
CA GLN J 40 77.91 -59.08 -22.45
C GLN J 40 76.51 -58.96 -21.88
N ILE J 41 75.82 -57.88 -22.22
CA ILE J 41 74.46 -57.67 -21.73
C ILE J 41 73.47 -58.47 -22.58
N LYS J 42 73.68 -59.78 -22.65
CA LYS J 42 72.72 -60.63 -23.33
C LYS J 42 71.40 -60.62 -22.56
N GLN J 43 70.29 -60.49 -23.29
CA GLN J 43 68.98 -60.48 -22.65
C GLN J 43 68.37 -61.88 -22.62
N VAL J 44 67.56 -62.13 -21.60
CA VAL J 44 66.96 -63.45 -21.40
C VAL J 44 65.48 -63.31 -21.07
N THR J 45 64.65 -64.19 -21.62
CA THR J 45 63.20 -64.09 -21.42
C THR J 45 62.56 -65.36 -20.86
N ASN J 46 63.05 -66.53 -21.29
CA ASN J 46 62.52 -67.79 -20.81
C ASN J 46 63.47 -68.45 -19.80
N GLU J 47 63.00 -69.52 -19.17
CA GLU J 47 63.89 -70.34 -18.35
C GLU J 47 64.66 -71.23 -19.30
N VAL J 48 63.92 -71.99 -20.11
CA VAL J 48 64.50 -72.88 -21.12
C VAL J 48 65.38 -72.12 -22.10
N ASP J 49 65.32 -70.79 -22.00
CA ASP J 49 66.11 -69.93 -22.87
C ASP J 49 67.37 -69.40 -22.17
N LEU J 50 67.37 -69.45 -20.84
CA LEU J 50 68.59 -69.09 -20.12
C LEU J 50 69.44 -70.32 -19.95
N VAL J 51 68.81 -71.48 -19.75
CA VAL J 51 69.54 -72.74 -19.71
C VAL J 51 70.27 -72.91 -21.04
N ASN J 52 69.54 -72.77 -22.12
CA ASN J 52 70.14 -72.77 -23.44
C ASN J 52 71.44 -71.95 -23.45
N THR J 53 71.46 -70.85 -22.70
CA THR J 53 72.50 -69.85 -22.86
C THR J 53 73.50 -69.78 -21.71
N PHE J 54 73.04 -70.04 -20.48
CA PHE J 54 73.94 -70.01 -19.34
C PHE J 54 73.55 -71.18 -18.44
N GLY J 55 73.15 -72.26 -19.08
CA GLY J 55 72.34 -73.29 -18.45
C GLY J 55 71.83 -74.20 -17.37
N GLN J 56 72.78 -74.85 -16.72
CA GLN J 56 72.54 -75.67 -15.53
C GLN J 56 73.27 -74.97 -14.41
N PRO J 57 72.82 -75.20 -13.17
CA PRO J 57 73.43 -74.57 -12.00
C PRO J 57 74.51 -75.46 -11.39
N THR J 58 75.78 -75.07 -11.48
CA THR J 58 76.83 -75.83 -10.82
C THR J 58 76.86 -75.36 -9.39
N ALA J 59 77.54 -76.09 -8.51
CA ALA J 59 77.61 -75.75 -7.09
C ALA J 59 78.38 -74.45 -6.86
N GLU J 60 78.88 -73.88 -7.95
CA GLU J 60 79.61 -72.63 -7.92
C GLU J 60 78.79 -71.59 -8.65
N THR J 61 77.72 -72.05 -9.31
CA THR J 61 76.86 -71.19 -10.11
C THR J 61 75.48 -71.05 -9.48
N ALA J 62 75.02 -72.11 -8.84
CA ALA J 62 73.67 -72.21 -8.30
C ALA J 62 72.95 -70.88 -8.06
N ASP J 63 73.40 -70.14 -7.07
CA ASP J 63 72.65 -68.98 -6.62
C ASP J 63 72.39 -67.93 -7.69
N TYR J 64 73.05 -68.06 -8.85
CA TYR J 64 72.84 -67.10 -9.93
C TYR J 64 71.87 -67.66 -10.96
N PHE J 65 71.96 -68.96 -11.21
CA PHE J 65 70.99 -69.60 -12.06
C PHE J 65 69.63 -69.39 -11.42
N MET J 66 69.47 -69.92 -10.21
CA MET J 66 68.24 -69.72 -9.45
C MET J 66 67.81 -68.26 -9.50
N SER J 67 68.72 -67.38 -9.09
CA SER J 67 68.44 -65.95 -9.03
C SER J 67 67.61 -65.55 -10.25
N ALA J 68 68.10 -65.89 -11.43
CA ALA J 68 67.36 -65.66 -12.65
C ALA J 68 66.12 -66.54 -12.69
N MET J 69 66.31 -67.85 -12.82
CA MET J 69 65.17 -68.76 -12.98
C MET J 69 63.95 -68.35 -12.17
N ASN J 70 64.08 -68.40 -10.84
CA ASN J 70 62.91 -68.13 -10.00
C ASN J 70 62.52 -66.66 -9.97
N PHE J 71 63.06 -65.89 -10.90
CA PHE J 71 62.59 -64.54 -11.14
C PHE J 71 61.73 -64.53 -12.40
N LEU J 72 62.18 -65.21 -13.44
CA LEU J 72 61.44 -65.30 -14.68
C LEU J 72 60.03 -65.82 -14.41
N GLN J 73 59.77 -66.20 -13.16
CA GLN J 73 58.43 -66.62 -12.74
C GLN J 73 57.47 -65.43 -12.68
N TYR J 74 58.00 -64.26 -12.33
CA TYR J 74 57.27 -62.99 -12.39
C TYR J 74 57.88 -62.12 -13.46
N GLY J 75 58.75 -62.69 -14.27
CA GLY J 75 59.63 -61.91 -15.12
C GLY J 75 59.29 -61.85 -16.60
N ASN J 76 59.43 -60.66 -17.15
CA ASN J 76 59.29 -60.46 -18.60
C ASN J 76 60.69 -60.54 -19.20
N ASP J 77 61.51 -59.53 -18.92
CA ASP J 77 62.86 -59.47 -19.45
C ASP J 77 63.92 -59.37 -18.35
N LEU J 78 65.04 -60.05 -18.56
CA LEU J 78 66.15 -60.03 -17.65
C LEU J 78 67.41 -59.78 -18.45
N ARG J 79 68.21 -58.83 -18.01
CA ARG J 79 69.46 -58.58 -18.68
C ARG J 79 70.57 -59.10 -17.78
N VAL J 80 71.42 -59.99 -18.30
CA VAL J 80 72.49 -60.58 -17.50
C VAL J 80 73.87 -60.29 -18.05
N VAL J 81 74.88 -60.49 -17.21
CA VAL J 81 76.28 -60.34 -17.62
C VAL J 81 77.10 -61.39 -16.88
N ARG J 82 77.68 -62.32 -17.63
CA ARG J 82 78.44 -63.39 -17.00
C ARG J 82 79.80 -62.92 -16.51
N ALA J 83 80.11 -63.19 -15.26
CA ALA J 83 81.42 -62.86 -14.72
C ALA J 83 82.38 -64.04 -14.95
N VAL J 84 83.43 -63.77 -15.72
CA VAL J 84 84.47 -64.74 -15.99
C VAL J 84 85.74 -64.21 -15.37
N ASP J 85 86.70 -65.09 -15.07
CA ASP J 85 87.99 -64.59 -14.59
C ASP J 85 88.52 -64.37 -16.00
N ARG J 86 89.11 -63.20 -16.23
CA ARG J 86 89.58 -62.81 -17.56
C ARG J 86 90.98 -63.44 -17.67
N ASP J 87 91.59 -63.71 -16.52
CA ASP J 87 92.96 -64.19 -16.49
C ASP J 87 93.08 -65.69 -16.71
N THR J 88 92.00 -66.43 -16.46
CA THR J 88 92.10 -67.88 -16.54
C THR J 88 90.88 -68.56 -17.13
N ALA J 89 89.99 -67.81 -17.76
CA ALA J 89 88.87 -68.43 -18.42
C ALA J 89 89.39 -68.85 -19.77
N LYS J 90 88.79 -69.89 -20.34
CA LYS J 90 89.21 -70.41 -21.64
C LYS J 90 88.04 -70.90 -22.49
N ASN J 91 88.04 -70.53 -23.78
CA ASN J 91 87.12 -71.08 -24.76
C ASN J 91 87.74 -72.32 -25.36
N SER J 92 87.03 -73.44 -25.36
CA SER J 92 87.57 -74.64 -25.96
C SER J 92 88.12 -74.30 -27.35
N SER J 93 89.18 -74.98 -27.77
CA SER J 93 89.81 -74.70 -29.06
C SER J 93 90.51 -75.91 -29.67
N PRO J 94 90.95 -75.79 -30.93
CA PRO J 94 91.59 -76.92 -31.61
C PRO J 94 93.06 -76.99 -31.29
N ILE J 95 93.61 -75.95 -30.69
CA ILE J 95 95.01 -75.96 -30.29
C ILE J 95 95.22 -76.92 -29.12
N ALA J 96 94.22 -76.99 -28.25
CA ALA J 96 94.42 -77.52 -26.89
C ALA J 96 94.48 -79.04 -26.79
N GLY J 97 94.90 -79.71 -27.85
CA GLY J 97 95.18 -81.13 -27.74
C GLY J 97 96.60 -81.48 -28.18
N ASN J 98 97.09 -80.65 -29.11
CA ASN J 98 98.39 -80.87 -29.69
C ASN J 98 99.47 -81.06 -28.67
N ILE J 99 100.72 -81.11 -29.12
CA ILE J 99 101.87 -81.40 -28.28
C ILE J 99 103.03 -80.46 -28.62
N GLU J 100 103.53 -79.75 -27.61
CA GLU J 100 104.70 -78.90 -27.79
C GLU J 100 105.69 -79.60 -28.71
N TYR J 101 106.33 -78.83 -29.58
CA TYR J 101 107.41 -79.37 -30.39
C TYR J 101 108.15 -78.26 -31.10
N THR J 102 109.47 -78.41 -31.20
CA THR J 102 110.29 -77.37 -31.80
C THR J 102 111.33 -77.99 -32.71
N ILE J 103 111.28 -77.66 -34.00
CA ILE J 103 112.24 -78.21 -34.94
C ILE J 103 113.64 -77.64 -34.67
N SER J 104 114.32 -78.22 -33.70
CA SER J 104 115.63 -77.75 -33.27
C SER J 104 116.62 -77.63 -34.41
N THR J 105 116.58 -78.58 -35.34
CA THR J 105 117.44 -78.53 -36.51
C THR J 105 116.73 -79.02 -37.74
N PRO J 106 116.37 -78.09 -38.64
CA PRO J 106 115.70 -78.47 -39.88
C PRO J 106 116.63 -79.39 -40.62
N GLY J 107 116.14 -80.53 -41.08
CA GLY J 107 117.00 -81.43 -41.83
C GLY J 107 117.27 -80.84 -43.19
N SER J 108 117.60 -81.70 -44.14
CA SER J 108 117.66 -81.34 -45.54
C SER J 108 117.14 -82.55 -46.29
N ASN J 109 116.75 -82.36 -47.54
CA ASN J 109 116.32 -83.47 -48.37
C ASN J 109 115.22 -84.36 -47.78
N TYR J 110 114.46 -83.82 -46.83
CA TYR J 110 113.26 -84.50 -46.35
C TYR J 110 112.13 -84.19 -47.32
N ALA J 111 110.97 -84.81 -47.14
CA ALA J 111 109.82 -84.55 -48.00
C ALA J 111 108.58 -84.46 -47.12
N VAL J 112 107.41 -84.39 -47.74
CA VAL J 112 106.14 -84.28 -46.99
C VAL J 112 105.21 -85.21 -46.22
N GLY J 113 105.29 -86.52 -46.49
CA GLY J 113 104.45 -87.49 -45.80
C GLY J 113 105.49 -88.46 -45.27
N ASP J 114 106.66 -87.97 -44.88
CA ASP J 114 107.64 -88.84 -44.25
C ASP J 114 107.11 -88.97 -42.84
N LYS J 115 107.00 -90.21 -42.37
CA LYS J 115 106.32 -90.48 -41.10
C LYS J 115 107.22 -90.26 -39.90
N ILE J 116 106.61 -89.86 -38.78
CA ILE J 116 107.33 -89.57 -37.55
C ILE J 116 106.85 -90.53 -36.46
N THR J 117 107.75 -90.86 -35.54
CA THR J 117 107.46 -91.83 -34.51
C THR J 117 107.84 -91.33 -33.14
N VAL J 118 106.88 -91.35 -32.22
CA VAL J 118 107.12 -90.90 -30.85
C VAL J 118 107.28 -92.11 -29.97
N LYS J 119 108.43 -92.21 -29.30
CA LYS J 119 108.73 -93.37 -28.48
C LYS J 119 108.72 -92.99 -27.01
N TYR J 120 108.33 -93.93 -26.16
CA TYR J 120 108.45 -93.77 -24.73
C TYR J 120 109.54 -94.70 -24.22
N VAL J 121 110.72 -94.14 -23.99
CA VAL J 121 111.88 -94.94 -23.60
C VAL J 121 112.11 -96.06 -24.60
N SER J 122 112.62 -95.70 -25.77
CA SER J 122 112.92 -96.67 -26.83
C SER J 122 111.79 -97.66 -27.06
N ASP J 123 110.56 -97.18 -26.93
CA ASP J 123 109.39 -98.03 -27.12
C ASP J 123 108.32 -97.26 -27.88
N ASP J 124 107.84 -97.84 -28.98
CA ASP J 124 106.92 -97.15 -29.87
C ASP J 124 105.51 -96.93 -29.28
N ILE J 125 105.06 -95.68 -29.30
CA ILE J 125 103.72 -95.33 -28.84
C ILE J 125 102.87 -94.85 -30.02
N GLU J 126 103.37 -93.84 -30.71
CA GLU J 126 102.68 -93.26 -31.85
C GLU J 126 103.56 -93.35 -33.08
N THR J 127 102.97 -93.70 -34.21
CA THR J 127 103.74 -93.91 -35.43
C THR J 127 103.03 -93.33 -36.65
N GLU J 128 102.13 -92.38 -36.41
CA GLU J 128 101.35 -91.81 -37.50
C GLU J 128 101.64 -90.33 -37.69
N GLY J 129 102.62 -89.83 -36.97
CA GLY J 129 103.08 -88.47 -37.17
C GLY J 129 103.65 -88.39 -38.57
N LYS J 130 103.85 -87.18 -39.06
CA LYS J 130 104.37 -87.01 -40.41
C LYS J 130 104.73 -85.57 -40.72
N ILE J 131 105.94 -85.36 -41.24
CA ILE J 131 106.35 -84.07 -41.76
C ILE J 131 105.26 -83.58 -42.70
N THR J 132 104.98 -82.28 -42.68
CA THR J 132 103.86 -81.76 -43.46
C THR J 132 104.21 -80.51 -44.26
N GLU J 133 105.38 -79.95 -44.02
CA GLU J 133 105.81 -78.80 -44.81
C GLU J 133 107.32 -78.68 -44.85
N VAL J 134 107.87 -78.81 -46.05
CA VAL J 134 109.29 -78.58 -46.26
C VAL J 134 109.45 -77.45 -47.25
N ASP J 135 110.68 -76.96 -47.41
CA ASP J 135 110.95 -75.95 -48.42
C ASP J 135 111.55 -76.58 -49.66
N ALA J 136 112.37 -75.82 -50.38
CA ALA J 136 112.95 -76.32 -51.61
C ALA J 136 114.10 -77.29 -51.34
N ASP J 137 114.71 -77.18 -50.17
CA ASP J 137 115.90 -77.99 -49.84
C ASP J 137 115.55 -79.19 -49.00
N GLY J 138 114.29 -79.31 -48.62
CA GLY J 138 113.86 -80.40 -47.77
C GLY J 138 114.00 -80.08 -46.29
N LYS J 139 114.36 -78.83 -46.01
CA LYS J 139 114.44 -78.34 -44.64
C LYS J 139 113.06 -78.47 -44.01
N ILE J 140 112.99 -79.16 -42.87
CA ILE J 140 111.69 -79.39 -42.22
C ILE J 140 111.10 -78.10 -41.62
N LYS J 141 109.95 -77.69 -42.13
CA LYS J 141 109.31 -76.48 -41.65
C LYS J 141 108.11 -76.75 -40.74
N LYS J 142 107.39 -77.83 -41.00
CA LYS J 142 106.21 -78.15 -40.17
C LYS J 142 105.87 -79.63 -40.14
N ILE J 143 105.47 -80.12 -38.98
CA ILE J 143 105.05 -81.51 -38.81
C ILE J 143 103.71 -81.58 -38.12
N ASN J 144 103.14 -82.79 -38.01
CA ASN J 144 101.90 -82.97 -37.28
C ASN J 144 101.83 -84.33 -36.58
N ILE J 145 101.95 -84.30 -35.26
CA ILE J 145 101.91 -85.51 -34.44
C ILE J 145 100.56 -85.65 -33.73
N PRO J 146 99.84 -86.75 -34.03
CA PRO J 146 98.58 -87.04 -33.35
C PRO J 146 98.84 -87.41 -31.89
N THR J 147 98.01 -86.96 -30.96
CA THR J 147 98.27 -87.18 -29.54
C THR J 147 97.31 -88.14 -28.87
N ALA J 148 96.41 -88.74 -29.64
CA ALA J 148 95.46 -89.68 -29.06
C ALA J 148 96.18 -90.74 -28.23
N LYS J 149 97.13 -91.42 -28.87
CA LYS J 149 97.84 -92.53 -28.24
C LYS J 149 98.73 -92.07 -27.10
N ILE J 150 99.44 -90.95 -27.31
CA ILE J 150 100.43 -90.54 -26.34
C ILE J 150 99.85 -90.00 -25.04
N ILE J 151 98.84 -89.13 -25.13
CA ILE J 151 98.24 -88.61 -23.90
C ILE J 151 97.66 -89.78 -23.09
N ALA J 152 97.24 -90.82 -23.80
CA ALA J 152 96.77 -92.04 -23.15
C ALA J 152 97.90 -92.63 -22.32
N LYS J 153 98.93 -93.13 -23.01
CA LYS J 153 100.10 -93.67 -22.36
C LYS J 153 100.61 -92.73 -21.27
N ALA J 154 100.58 -91.43 -21.53
CA ALA J 154 101.10 -90.44 -20.60
C ALA J 154 100.26 -90.36 -19.33
N LYS J 155 98.95 -90.28 -19.51
CA LYS J 155 98.04 -90.30 -18.36
C LYS J 155 98.32 -91.58 -17.59
N GLU J 156 98.53 -92.65 -18.32
CA GLU J 156 98.70 -93.98 -17.74
C GLU J 156 99.95 -94.11 -16.87
N VAL J 157 100.89 -93.20 -17.00
CA VAL J 157 102.15 -93.28 -16.27
C VAL J 157 102.55 -91.98 -15.57
N GLY J 158 101.56 -91.21 -15.12
CA GLY J 158 101.82 -90.03 -14.31
C GLY J 158 102.46 -88.87 -15.05
N GLU J 159 102.96 -89.12 -16.26
CA GLU J 159 103.64 -88.09 -17.04
C GLU J 159 102.67 -87.31 -17.93
N TYR J 160 101.59 -86.80 -17.36
CA TYR J 160 100.65 -85.98 -18.12
C TYR J 160 100.32 -84.70 -17.36
N PRO J 161 100.47 -83.53 -18.02
CA PRO J 161 101.00 -83.39 -19.38
C PRO J 161 102.49 -83.04 -19.35
N THR J 162 103.11 -83.15 -18.17
CA THR J 162 104.54 -82.91 -18.04
C THR J 162 105.34 -83.41 -19.25
N LEU J 163 105.44 -84.73 -19.40
CA LEU J 163 106.16 -85.32 -20.54
C LEU J 163 107.66 -84.99 -20.58
N GLY J 164 108.22 -84.97 -21.78
CA GLY J 164 109.53 -84.42 -22.02
C GLY J 164 110.74 -85.33 -21.83
N SER J 165 110.85 -85.94 -20.65
CA SER J 165 112.10 -86.56 -20.24
C SER J 165 112.40 -87.85 -21.00
N ASN J 166 111.44 -88.78 -20.99
CA ASN J 166 111.62 -90.08 -21.62
C ASN J 166 110.86 -90.10 -22.95
N TRP J 167 110.28 -88.96 -23.29
CA TRP J 167 109.50 -88.86 -24.52
C TRP J 167 110.37 -88.32 -25.64
N THR J 168 110.41 -89.07 -26.74
CA THR J 168 111.32 -88.76 -27.83
C THR J 168 110.65 -88.90 -29.19
N ALA J 169 111.20 -88.24 -30.19
CA ALA J 169 110.61 -88.28 -31.53
C ALA J 169 111.68 -88.48 -32.58
N GLU J 170 111.50 -89.52 -33.41
CA GLU J 170 112.42 -89.80 -34.51
C GLU J 170 111.65 -89.83 -35.83
N ILE J 171 112.40 -89.78 -36.94
CA ILE J 171 111.80 -89.80 -38.26
C ILE J 171 111.66 -91.22 -38.80
N SER J 172 111.11 -91.35 -40.01
CA SER J 172 111.00 -92.63 -40.67
C SER J 172 112.40 -93.20 -40.78
N SER J 173 112.51 -94.52 -40.89
CA SER J 173 113.81 -95.14 -41.10
C SER J 173 113.88 -95.85 -42.46
N SER J 174 113.98 -95.05 -43.52
CA SER J 174 113.98 -93.59 -43.37
C SER J 174 113.34 -92.86 -44.55
N SER J 175 113.11 -91.57 -44.34
CA SER J 175 112.72 -90.68 -45.42
C SER J 175 113.91 -90.58 -46.36
N SER J 176 113.71 -89.94 -47.50
CA SER J 176 114.81 -89.72 -48.44
C SER J 176 115.97 -89.00 -47.73
N GLY J 177 115.65 -87.96 -46.97
CA GLY J 177 116.65 -87.07 -46.42
C GLY J 177 116.95 -87.11 -44.94
N LEU J 178 118.06 -86.47 -44.57
CA LEU J 178 118.64 -86.59 -43.24
C LEU J 178 118.70 -85.37 -42.30
N ALA J 179 119.54 -85.46 -41.27
CA ALA J 179 119.94 -84.34 -40.41
C ALA J 179 119.06 -83.69 -39.35
N ALA J 180 117.79 -84.08 -39.27
CA ALA J 180 116.79 -83.33 -38.52
C ALA J 180 116.76 -83.61 -37.01
N VAL J 181 116.14 -82.67 -36.27
CA VAL J 181 116.03 -82.77 -34.81
C VAL J 181 114.73 -82.17 -34.31
N ILE J 182 113.74 -83.01 -34.03
CA ILE J 182 112.49 -82.52 -33.44
C ILE J 182 112.52 -82.73 -31.95
N THR J 183 112.12 -81.72 -31.18
CA THR J 183 112.20 -81.78 -29.72
C THR J 183 110.85 -81.63 -29.03
N LEU J 184 110.49 -82.61 -28.21
CA LEU J 184 109.13 -82.70 -27.65
C LEU J 184 108.96 -82.03 -26.30
N GLY J 185 107.96 -81.17 -26.17
CA GLY J 185 107.61 -80.57 -24.89
C GLY J 185 106.42 -81.24 -24.27
N LYS J 186 105.52 -80.45 -23.68
CA LYS J 186 104.35 -80.98 -22.98
C LYS J 186 103.10 -80.98 -23.82
N ILE J 187 102.05 -81.63 -23.34
CA ILE J 187 100.76 -81.61 -24.01
C ILE J 187 100.08 -80.28 -23.72
N ILE J 188 99.83 -79.47 -24.75
CA ILE J 188 99.29 -78.13 -24.54
C ILE J 188 97.89 -78.21 -23.99
N THR J 189 97.69 -77.63 -22.81
CA THR J 189 96.38 -77.62 -22.18
C THR J 189 95.76 -76.23 -22.22
N ASP J 190 96.52 -75.25 -22.67
CA ASP J 190 96.02 -73.89 -22.79
C ASP J 190 95.41 -73.70 -24.17
N SER J 191 94.09 -73.66 -24.24
CA SER J 191 93.40 -73.46 -25.51
C SER J 191 93.95 -72.23 -26.20
N GLY J 192 94.41 -71.28 -25.40
CA GLY J 192 95.08 -70.10 -25.93
C GLY J 192 94.14 -69.05 -26.49
N ILE J 193 92.93 -68.98 -25.97
CA ILE J 193 91.96 -68.02 -26.44
C ILE J 193 90.79 -67.84 -25.48
N LEU J 194 90.40 -66.58 -25.27
CA LEU J 194 89.22 -66.25 -24.46
C LEU J 194 88.42 -65.15 -25.14
N LEU J 195 87.16 -65.45 -25.44
CA LEU J 195 86.28 -64.47 -26.05
C LEU J 195 85.31 -63.85 -25.03
N ALA J 196 85.35 -62.53 -24.90
CA ALA J 196 84.48 -61.85 -23.96
C ALA J 196 83.57 -60.93 -24.72
N GLU J 197 83.90 -59.64 -24.76
CA GLU J 197 83.09 -58.68 -25.50
C GLU J 197 83.28 -58.93 -26.99
N ILE J 198 82.58 -58.16 -27.81
CA ILE J 198 82.74 -58.28 -29.26
C ILE J 198 83.60 -57.14 -29.80
N GLU J 199 83.75 -56.08 -29.02
CA GLU J 199 84.69 -55.03 -29.40
C GLU J 199 86.08 -55.65 -29.57
N ASN J 200 86.32 -56.71 -28.81
CA ASN J 200 87.57 -57.44 -28.91
C ASN J 200 87.44 -58.71 -29.74
N ALA J 201 86.20 -59.05 -30.09
CA ALA J 201 85.86 -60.25 -30.84
C ALA J 201 87.04 -60.95 -31.54
N GLU J 202 87.16 -60.74 -32.84
CA GLU J 202 88.19 -61.42 -33.63
C GLU J 202 89.59 -60.83 -33.39
N ALA J 203 89.67 -59.84 -32.52
CA ALA J 203 90.96 -59.26 -32.17
C ALA J 203 91.72 -60.20 -31.26
N ALA J 204 91.00 -61.08 -30.57
CA ALA J 204 91.62 -62.12 -29.78
C ALA J 204 91.87 -63.30 -30.69
N MET J 205 91.01 -63.43 -31.70
CA MET J 205 91.14 -64.48 -32.69
C MET J 205 92.31 -64.17 -33.62
N THR J 206 92.87 -62.98 -33.48
CA THR J 206 93.97 -62.54 -34.32
C THR J 206 95.09 -61.99 -33.46
N ALA J 207 95.49 -62.76 -32.47
CA ALA J 207 96.61 -62.41 -31.63
C ALA J 207 97.80 -63.20 -32.09
N VAL J 208 98.94 -62.54 -32.24
CA VAL J 208 100.15 -63.19 -32.71
C VAL J 208 100.33 -64.56 -32.06
N ASP J 209 100.21 -64.61 -30.74
CA ASP J 209 100.41 -65.84 -30.00
C ASP J 209 99.43 -66.94 -30.43
N PHE J 210 98.15 -66.61 -30.50
CA PHE J 210 97.14 -67.57 -30.93
C PHE J 210 97.36 -67.97 -32.38
N GLN J 211 97.28 -66.99 -33.27
CA GLN J 211 97.45 -67.23 -34.71
C GLN J 211 98.74 -67.98 -35.00
N ALA J 212 99.70 -67.89 -34.08
CA ALA J 212 100.96 -68.59 -34.25
C ALA J 212 100.74 -70.09 -34.34
N ASN J 213 100.08 -70.64 -33.33
CA ASN J 213 99.87 -72.07 -33.26
C ASN J 213 98.92 -72.58 -34.33
N LEU J 214 98.02 -71.72 -34.78
CA LEU J 214 97.13 -72.11 -35.86
C LEU J 214 97.95 -72.45 -37.10
N LYS J 215 99.14 -71.87 -37.19
CA LYS J 215 100.07 -72.17 -38.26
C LYS J 215 100.83 -73.43 -37.89
N LYS J 216 101.42 -73.42 -36.69
CA LYS J 216 102.28 -74.50 -36.21
C LYS J 216 101.65 -75.87 -36.35
N TYR J 217 100.37 -75.98 -36.00
CA TYR J 217 99.70 -77.27 -36.04
C TYR J 217 98.70 -77.32 -37.20
N GLY J 218 98.92 -76.49 -38.20
CA GLY J 218 98.14 -76.50 -39.42
C GLY J 218 96.66 -76.75 -39.32
N ILE J 219 95.97 -75.91 -38.52
CA ILE J 219 94.52 -75.97 -38.38
C ILE J 219 93.93 -74.57 -38.49
N PRO J 220 92.60 -74.49 -38.69
CA PRO J 220 91.90 -73.21 -38.86
C PRO J 220 91.61 -72.57 -37.51
N GLY J 221 91.22 -71.30 -37.51
CA GLY J 221 90.90 -70.61 -36.27
C GLY J 221 89.45 -70.78 -35.87
N VAL J 222 89.09 -71.97 -35.41
CA VAL J 222 87.72 -72.25 -35.00
C VAL J 222 87.64 -72.61 -33.52
N VAL J 223 86.95 -71.79 -32.74
CA VAL J 223 86.87 -72.01 -31.30
C VAL J 223 85.43 -71.98 -30.81
N ALA J 224 85.18 -72.58 -29.64
CA ALA J 224 83.87 -72.49 -29.02
C ALA J 224 83.57 -71.03 -28.69
N LEU J 225 82.31 -70.64 -28.80
CA LEU J 225 81.94 -69.24 -28.67
C LEU J 225 82.01 -68.73 -27.23
N TYR J 226 81.79 -69.61 -26.27
CA TYR J 226 81.68 -69.22 -24.88
C TYR J 226 82.70 -69.91 -24.00
N PRO J 227 83.35 -69.16 -23.10
CA PRO J 227 84.32 -69.77 -22.20
C PRO J 227 83.61 -70.91 -21.47
N GLY J 228 84.30 -72.00 -21.21
CA GLY J 228 83.66 -73.09 -20.49
C GLY J 228 84.00 -74.48 -20.97
N GLU J 229 84.13 -75.40 -20.02
CA GLU J 229 84.43 -76.78 -20.32
C GLU J 229 83.27 -77.40 -21.09
N LEU J 230 82.15 -76.70 -21.10
CA LEU J 230 81.00 -77.18 -21.85
C LEU J 230 81.28 -77.12 -23.33
N GLY J 231 82.28 -76.33 -23.71
CA GLY J 231 82.65 -76.18 -25.12
C GLY J 231 83.39 -77.38 -25.65
N ASP J 232 83.95 -78.17 -24.75
CA ASP J 232 84.69 -79.35 -25.14
C ASP J 232 83.81 -80.36 -25.88
N LYS J 233 82.50 -80.19 -25.76
CA LYS J 233 81.57 -81.13 -26.39
C LYS J 233 81.32 -80.81 -27.87
N ILE J 234 81.81 -79.67 -28.33
CA ILE J 234 81.68 -79.28 -29.72
C ILE J 234 82.74 -79.93 -30.63
N GLU J 235 82.33 -80.29 -31.84
CA GLU J 235 83.24 -80.93 -32.79
C GLU J 235 82.95 -80.45 -34.21
N ILE J 236 83.79 -79.58 -34.72
CA ILE J 236 83.61 -79.05 -36.06
C ILE J 236 84.06 -80.03 -37.14
N GLU J 237 83.28 -80.15 -38.21
CA GLU J 237 83.70 -80.90 -39.38
C GLU J 237 83.87 -79.94 -40.55
N ILE J 238 85.07 -79.90 -41.13
CA ILE J 238 85.34 -79.00 -42.23
C ILE J 238 85.68 -79.73 -43.53
N VAL J 239 84.99 -79.36 -44.60
CA VAL J 239 85.26 -79.94 -45.92
C VAL J 239 85.29 -78.83 -46.97
N SER J 240 86.29 -78.87 -47.84
CA SER J 240 86.48 -77.84 -48.87
C SER J 240 85.83 -78.23 -50.18
N LYS J 241 85.76 -77.29 -51.11
CA LYS J 241 85.18 -77.58 -52.42
C LYS J 241 85.92 -78.76 -53.03
N ALA J 242 87.13 -79.00 -52.53
CA ALA J 242 87.97 -80.09 -53.02
C ALA J 242 87.42 -81.44 -52.61
N ASP J 243 87.51 -81.76 -51.33
CA ASP J 243 87.10 -83.06 -50.82
C ASP J 243 85.57 -83.15 -50.68
N TYR J 244 84.86 -82.20 -51.28
CA TYR J 244 83.41 -82.20 -51.18
C TYR J 244 82.75 -83.12 -52.19
N ALA J 245 83.31 -83.18 -53.40
CA ALA J 245 82.82 -84.10 -54.42
C ALA J 245 83.07 -85.52 -53.98
N LYS J 246 84.28 -85.77 -53.50
CA LYS J 246 84.60 -87.04 -52.88
C LYS J 246 83.95 -87.10 -51.51
N GLY J 247 83.05 -86.14 -51.26
CA GLY J 247 82.40 -85.99 -49.97
C GLY J 247 82.05 -87.29 -49.27
N ALA J 248 81.78 -88.32 -50.06
CA ALA J 248 81.43 -89.62 -49.48
C ALA J 248 82.68 -90.42 -49.12
N SER J 249 83.62 -90.46 -50.04
CA SER J 249 84.84 -91.25 -49.88
C SER J 249 85.86 -90.54 -49.00
N ALA J 250 86.04 -89.25 -49.26
CA ALA J 250 87.03 -88.43 -48.55
C ALA J 250 87.09 -88.80 -47.06
N LEU J 251 88.25 -89.30 -46.66
CA LEU J 251 88.44 -89.75 -45.28
C LEU J 251 89.05 -88.65 -44.39
N LEU J 252 88.21 -87.74 -43.93
CA LEU J 252 88.65 -86.65 -43.05
C LEU J 252 89.48 -87.16 -41.87
N PRO J 253 90.61 -86.51 -41.59
CA PRO J 253 91.48 -86.84 -40.47
C PRO J 253 90.99 -86.11 -39.24
N ILE J 254 91.35 -86.57 -38.06
CA ILE J 254 90.88 -85.93 -36.84
C ILE J 254 92.01 -85.27 -36.05
N TYR J 255 91.96 -83.95 -35.93
CA TYR J 255 92.95 -83.20 -35.17
C TYR J 255 92.40 -82.91 -33.78
N PRO J 256 93.25 -83.01 -32.75
CA PRO J 256 94.63 -83.44 -32.80
C PRO J 256 94.75 -84.91 -32.45
N GLY J 257 93.64 -85.51 -32.00
CA GLY J 257 93.64 -86.90 -31.62
C GLY J 257 94.39 -87.76 -32.61
N GLY J 258 93.84 -87.88 -33.81
CA GLY J 258 94.42 -88.74 -34.83
C GLY J 258 93.33 -89.53 -35.52
N GLY J 259 93.72 -90.52 -36.32
CA GLY J 259 92.76 -91.34 -37.03
C GLY J 259 91.89 -90.53 -37.98
N THR J 260 91.08 -91.23 -38.76
CA THR J 260 90.22 -90.56 -39.73
C THR J 260 88.79 -91.02 -39.60
N ARG J 261 87.93 -90.47 -40.46
CA ARG J 261 86.50 -90.77 -40.41
C ARG J 261 85.85 -90.26 -41.69
N ALA J 262 85.13 -91.14 -42.37
CA ALA J 262 84.46 -90.77 -43.62
C ALA J 262 83.75 -89.45 -43.49
N SER J 263 83.91 -88.59 -44.50
CA SER J 263 83.23 -87.31 -44.53
C SER J 263 81.73 -87.48 -44.54
N THR J 264 80.99 -86.38 -44.45
CA THR J 264 79.53 -86.44 -44.49
C THR J 264 78.96 -85.26 -45.30
N ALA J 265 79.84 -84.33 -45.66
CA ALA J 265 79.44 -83.08 -46.29
C ALA J 265 78.32 -83.21 -47.34
N LYS J 266 78.63 -83.86 -48.45
CA LYS J 266 77.68 -84.00 -49.55
C LYS J 266 76.43 -84.77 -49.11
N ALA J 267 76.53 -85.44 -47.96
CA ALA J 267 75.41 -86.19 -47.42
C ALA J 267 74.65 -85.40 -46.34
N VAL J 268 74.81 -84.08 -46.38
CA VAL J 268 74.12 -83.19 -45.46
C VAL J 268 73.78 -81.89 -46.18
N PHE J 269 74.58 -81.57 -47.18
CA PHE J 269 74.38 -80.33 -47.95
C PHE J 269 73.80 -80.57 -49.33
N GLY J 270 72.86 -79.72 -49.73
CA GLY J 270 72.44 -79.65 -51.11
C GLY J 270 73.37 -78.68 -51.79
N TYR J 271 73.19 -77.40 -51.48
CA TYR J 271 74.05 -76.35 -51.97
C TYR J 271 75.48 -76.58 -51.49
N GLY J 272 76.32 -77.15 -52.36
CA GLY J 272 77.70 -77.43 -52.00
C GLY J 272 78.59 -76.21 -52.06
N PRO J 273 79.85 -76.35 -51.61
CA PRO J 273 80.83 -75.25 -51.65
C PRO J 273 81.08 -74.82 -53.10
N GLN J 274 80.87 -73.53 -53.37
CA GLN J 274 80.95 -73.02 -54.72
C GLN J 274 82.37 -72.70 -55.16
N THR J 275 82.92 -71.59 -54.68
CA THR J 275 84.30 -71.24 -55.02
C THR J 275 85.26 -72.16 -54.30
N ASP J 276 86.53 -72.15 -54.70
CA ASP J 276 87.54 -73.01 -54.09
C ASP J 276 87.90 -72.52 -52.68
N SER J 277 87.52 -71.28 -52.39
CA SER J 277 87.75 -70.68 -51.08
C SER J 277 86.47 -70.68 -50.24
N GLN J 278 85.56 -71.60 -50.54
CA GLN J 278 84.37 -71.82 -49.73
C GLN J 278 84.48 -73.18 -49.05
N TYR J 279 83.98 -73.27 -47.83
CA TYR J 279 84.08 -74.53 -47.08
C TYR J 279 82.78 -74.93 -46.44
N ALA J 280 82.57 -76.25 -46.32
CA ALA J 280 81.41 -76.79 -45.65
C ALA J 280 81.77 -76.97 -44.17
N ILE J 281 80.97 -76.37 -43.29
CA ILE J 281 81.19 -76.50 -41.86
C ILE J 281 80.01 -77.19 -41.21
N ILE J 282 80.27 -78.24 -40.43
CA ILE J 282 79.22 -78.96 -39.74
C ILE J 282 79.54 -79.11 -38.26
N VAL J 283 78.85 -78.35 -37.41
CA VAL J 283 79.14 -78.35 -35.97
C VAL J 283 78.31 -79.36 -35.22
N ARG J 284 78.95 -80.13 -34.35
CA ARG J 284 78.27 -81.19 -33.62
C ARG J 284 78.51 -81.11 -32.11
N ARG J 285 77.45 -81.27 -31.34
CA ARG J 285 77.60 -81.44 -29.90
C ARG J 285 76.80 -82.67 -29.47
N ASN J 286 77.50 -83.70 -29.01
CA ASN J 286 76.85 -84.95 -28.63
C ASN J 286 76.28 -85.71 -29.82
N ASP J 287 77.04 -85.76 -30.91
CA ASP J 287 76.63 -86.47 -32.12
C ASP J 287 75.53 -85.71 -32.85
N ALA J 288 75.03 -84.64 -32.22
CA ALA J 288 73.97 -83.85 -32.81
C ALA J 288 74.54 -82.85 -33.80
N ILE J 289 73.95 -82.77 -34.99
CA ILE J 289 74.39 -81.82 -35.98
C ILE J 289 73.76 -80.47 -35.66
N VAL J 290 74.33 -79.81 -34.66
CA VAL J 290 73.81 -78.56 -34.14
C VAL J 290 73.71 -77.39 -35.14
N GLN J 291 74.63 -77.34 -36.09
CA GLN J 291 74.60 -76.29 -37.12
C GLN J 291 75.29 -76.75 -38.40
N SER J 292 74.85 -76.22 -39.53
CA SER J 292 75.39 -76.59 -40.84
C SER J 292 75.40 -75.40 -41.77
N VAL J 293 76.59 -74.94 -42.16
CA VAL J 293 76.70 -73.76 -42.99
C VAL J 293 77.85 -73.87 -43.97
N VAL J 294 77.85 -73.01 -44.98
CA VAL J 294 78.96 -72.94 -45.92
C VAL J 294 79.50 -71.51 -45.95
N LEU J 295 80.80 -71.37 -45.69
CA LEU J 295 81.42 -70.04 -45.62
C LEU J 295 82.62 -69.91 -46.53
N SER J 296 83.06 -68.68 -46.73
CA SER J 296 84.19 -68.41 -47.62
C SER J 296 85.28 -67.64 -46.91
N THR J 297 86.52 -67.89 -47.31
CA THR J 297 87.66 -67.20 -46.74
C THR J 297 88.00 -65.96 -47.56
N LYS J 298 87.21 -65.69 -48.60
CA LYS J 298 87.45 -64.54 -49.45
C LYS J 298 86.36 -63.48 -49.27
N ARG J 299 86.78 -62.28 -48.86
CA ARG J 299 85.84 -61.19 -48.61
C ARG J 299 84.92 -60.99 -49.79
N GLY J 300 83.72 -60.48 -49.53
CA GLY J 300 82.77 -60.20 -50.59
C GLY J 300 81.90 -61.38 -50.95
N GLY J 301 82.52 -62.52 -51.23
CA GLY J 301 81.80 -63.71 -51.68
C GLY J 301 80.51 -63.92 -50.91
N LYS J 302 79.47 -64.29 -51.66
CA LYS J 302 78.14 -64.46 -51.10
C LYS J 302 77.54 -65.79 -51.55
N ASP J 303 76.49 -66.23 -50.87
CA ASP J 303 75.73 -67.38 -51.31
C ASP J 303 74.80 -66.92 -52.42
N ILE J 304 73.85 -67.77 -52.78
CA ILE J 304 72.88 -67.42 -53.83
C ILE J 304 71.83 -66.43 -53.34
N TYR J 305 72.16 -65.68 -52.30
CA TYR J 305 71.22 -64.71 -51.73
C TYR J 305 71.93 -63.39 -51.43
N ASP J 306 73.16 -63.26 -51.92
CA ASP J 306 73.98 -62.08 -51.63
C ASP J 306 74.14 -61.85 -50.12
N SER J 307 74.09 -62.94 -49.35
CA SER J 307 74.39 -62.88 -47.94
C SER J 307 75.90 -63.05 -47.75
N ASN J 308 76.54 -62.00 -47.26
CA ASN J 308 77.99 -62.02 -47.06
C ASN J 308 78.41 -63.21 -46.19
N ILE J 309 78.96 -64.24 -46.84
CA ILE J 309 79.37 -65.45 -46.14
C ILE J 309 80.87 -65.50 -45.93
N TYR J 310 81.52 -64.33 -45.88
CA TYR J 310 82.93 -64.28 -45.51
C TYR J 310 83.03 -64.56 -44.02
N ILE J 311 83.78 -65.59 -43.66
CA ILE J 311 83.89 -66.05 -42.27
C ILE J 311 83.87 -64.92 -41.24
N ASP J 312 84.94 -64.14 -41.18
CA ASP J 312 85.08 -63.11 -40.16
C ASP J 312 83.82 -62.26 -39.93
N ASP J 313 83.09 -61.98 -40.99
CA ASP J 313 81.87 -61.17 -40.90
C ASP J 313 80.70 -61.99 -40.40
N PHE J 314 80.46 -63.13 -41.04
CA PHE J 314 79.39 -64.02 -40.65
C PHE J 314 79.28 -64.13 -39.15
N PHE J 315 80.38 -64.46 -38.49
CA PHE J 315 80.39 -64.62 -37.05
C PHE J 315 80.36 -63.27 -36.34
N ALA J 316 80.92 -62.27 -37.00
CA ALA J 316 80.99 -60.92 -36.46
C ALA J 316 79.59 -60.39 -36.12
N LYS J 317 78.58 -61.02 -36.70
CA LYS J 317 77.20 -60.59 -36.52
C LYS J 317 76.31 -61.76 -36.11
N GLY J 318 76.39 -62.14 -34.83
CA GLY J 318 75.58 -63.22 -34.29
C GLY J 318 75.32 -64.38 -35.24
N GLY J 319 76.31 -64.69 -36.07
CA GLY J 319 76.14 -65.70 -37.09
C GLY J 319 75.89 -67.10 -36.54
N SER J 320 76.42 -67.39 -35.35
CA SER J 320 76.33 -68.73 -34.80
C SER J 320 76.31 -68.74 -33.28
N GLU J 321 75.40 -69.54 -32.72
CA GLU J 321 75.24 -69.61 -31.28
C GLU J 321 76.34 -70.41 -30.60
N TYR J 322 77.08 -71.20 -31.37
CA TYR J 322 78.00 -72.18 -30.79
C TYR J 322 79.48 -71.87 -30.93
N ILE J 323 79.91 -71.52 -32.13
CA ILE J 323 81.32 -71.36 -32.43
C ILE J 323 81.64 -69.97 -32.93
N PHE J 324 82.91 -69.73 -33.21
CA PHE J 324 83.39 -68.45 -33.69
C PHE J 324 84.68 -68.73 -34.42
N ALA J 325 84.85 -68.17 -35.63
CA ALA J 325 86.03 -68.47 -36.43
C ALA J 325 86.62 -67.24 -37.11
N THR J 326 87.75 -67.44 -37.78
CA THR J 326 88.43 -66.37 -38.50
C THR J 326 89.17 -66.93 -39.71
N ALA J 327 89.02 -66.26 -40.85
CA ALA J 327 89.62 -66.73 -42.09
C ALA J 327 91.13 -66.73 -42.00
N GLN J 328 91.65 -65.98 -41.04
CA GLN J 328 93.09 -65.81 -40.88
C GLN J 328 93.81 -67.13 -40.61
N ASN J 329 94.84 -67.39 -41.42
CA ASN J 329 95.63 -68.60 -41.29
C ASN J 329 94.83 -69.88 -41.46
N TRP J 330 93.63 -69.76 -42.00
CA TRP J 330 92.82 -70.91 -42.38
C TRP J 330 93.57 -71.65 -43.47
N PRO J 331 93.99 -72.90 -43.18
CA PRO J 331 94.77 -73.66 -44.17
C PRO J 331 94.01 -73.78 -45.48
N GLU J 332 94.68 -73.49 -46.59
CA GLU J 332 94.04 -73.61 -47.89
C GLU J 332 93.63 -75.05 -48.16
N GLY J 333 92.42 -75.23 -48.67
CA GLY J 333 91.90 -76.55 -48.98
C GLY J 333 91.87 -77.49 -47.79
N PHE J 334 91.93 -76.94 -46.59
CA PHE J 334 91.88 -77.75 -45.38
C PHE J 334 90.58 -78.52 -45.34
N SER J 335 90.66 -79.79 -44.97
CA SER J 335 89.48 -80.58 -44.68
C SER J 335 89.83 -81.52 -43.55
N GLY J 336 88.94 -81.64 -42.58
CA GLY J 336 89.20 -82.49 -41.44
C GLY J 336 88.19 -82.35 -40.31
N ILE J 337 88.47 -83.03 -39.21
CA ILE J 337 87.62 -82.98 -38.03
C ILE J 337 88.37 -82.27 -36.94
N LEU J 338 87.83 -81.14 -36.50
CA LEU J 338 88.44 -80.40 -35.39
C LEU J 338 87.85 -80.84 -34.05
N THR J 339 88.72 -81.08 -33.09
CA THR J 339 88.30 -81.54 -31.77
C THR J 339 88.60 -80.47 -30.74
N LEU J 340 87.56 -79.78 -30.31
CA LEU J 340 87.69 -78.73 -29.31
C LEU J 340 87.90 -79.37 -27.96
N SER J 341 88.84 -78.81 -27.20
CA SER J 341 89.17 -79.28 -25.85
C SER J 341 89.94 -78.19 -25.09
N GLY J 342 90.34 -78.50 -23.87
CA GLY J 342 90.99 -77.52 -23.03
C GLY J 342 90.06 -76.38 -22.66
N GLY J 343 88.83 -76.44 -23.15
CA GLY J 343 87.82 -75.45 -22.80
C GLY J 343 87.76 -75.33 -21.29
N LEU J 344 87.61 -74.11 -20.79
CA LEU J 344 87.71 -73.91 -19.37
C LEU J 344 87.09 -72.62 -18.88
N SER J 345 85.84 -72.68 -18.46
CA SER J 345 85.27 -71.56 -17.72
C SER J 345 85.70 -71.74 -16.30
N SER J 346 86.38 -70.76 -15.73
CA SER J 346 86.70 -70.89 -14.35
C SER J 346 85.89 -69.86 -13.63
N ASN J 347 84.91 -70.34 -12.85
CA ASN J 347 84.32 -69.56 -11.77
C ASN J 347 85.22 -69.85 -10.58
N ALA J 348 85.87 -71.01 -10.66
CA ALA J 348 86.84 -71.46 -9.70
C ALA J 348 87.31 -70.28 -8.90
N GLU J 349 87.99 -69.36 -9.58
CA GLU J 349 88.39 -68.13 -8.94
C GLU J 349 88.01 -66.88 -9.72
N VAL J 350 86.74 -66.54 -9.63
CA VAL J 350 86.25 -65.24 -10.05
C VAL J 350 86.32 -64.33 -8.84
N THR J 351 87.27 -63.40 -8.83
CA THR J 351 87.43 -62.46 -7.74
C THR J 351 86.20 -61.56 -7.59
N ALA J 352 85.95 -61.12 -6.36
CA ALA J 352 84.83 -60.21 -6.10
C ALA J 352 84.79 -59.11 -7.15
N GLY J 353 85.94 -58.47 -7.36
CA GLY J 353 86.05 -57.40 -8.34
C GLY J 353 85.58 -57.82 -9.71
N ASP J 354 85.95 -59.04 -10.10
CA ASP J 354 85.56 -59.58 -11.39
C ASP J 354 84.04 -59.51 -11.54
N LEU J 355 83.34 -59.51 -10.41
CA LEU J 355 81.90 -59.33 -10.41
C LEU J 355 81.54 -57.86 -10.63
N MET J 356 82.24 -56.99 -9.91
CA MET J 356 81.96 -55.57 -9.99
C MET J 356 82.26 -55.00 -11.36
N GLU J 357 83.32 -55.50 -12.01
CA GLU J 357 83.59 -55.14 -13.40
C GLU J 357 82.37 -55.43 -14.24
N ALA J 358 81.73 -56.56 -13.95
CA ALA J 358 80.56 -56.99 -14.70
C ALA J 358 79.38 -56.08 -14.44
N TRP J 359 78.95 -56.00 -13.17
CA TRP J 359 77.83 -55.16 -12.80
C TRP J 359 77.90 -53.78 -13.44
N ASP J 360 79.12 -53.26 -13.55
CA ASP J 360 79.33 -51.91 -14.07
C ASP J 360 78.68 -51.69 -15.42
N PHE J 361 78.40 -52.77 -16.13
CA PHE J 361 77.83 -52.67 -17.47
C PHE J 361 76.46 -51.98 -17.47
N PHE J 362 75.91 -51.73 -16.29
CA PHE J 362 74.58 -51.15 -16.17
C PHE J 362 74.59 -49.71 -15.63
N ALA J 363 75.77 -49.19 -15.29
CA ALA J 363 75.85 -47.95 -14.52
C ALA J 363 75.72 -46.65 -15.30
N ASP J 364 74.92 -46.66 -16.36
CA ASP J 364 74.67 -45.44 -17.16
C ASP J 364 73.37 -45.48 -17.95
N ARG J 365 72.41 -44.66 -17.53
CA ARG J 365 71.10 -44.62 -18.18
C ARG J 365 71.20 -44.33 -19.69
N GLU J 366 72.32 -43.76 -20.09
CA GLU J 366 72.55 -43.42 -21.51
C GLU J 366 72.40 -44.76 -22.21
N SER J 367 72.93 -45.80 -21.57
CA SER J 367 73.06 -47.06 -22.26
C SER J 367 72.01 -48.14 -22.08
N VAL J 368 71.73 -48.51 -20.82
CA VAL J 368 70.78 -49.57 -20.55
C VAL J 368 69.62 -49.20 -19.65
N ASP J 369 68.41 -49.34 -20.18
CA ASP J 369 67.20 -49.08 -19.41
C ASP J 369 66.82 -50.29 -18.57
N VAL J 370 67.32 -50.32 -17.34
CA VAL J 370 67.05 -51.43 -16.45
C VAL J 370 66.40 -50.95 -15.16
N GLN J 371 65.19 -51.43 -14.88
CA GLN J 371 64.41 -50.91 -13.76
C GLN J 371 64.79 -51.46 -12.39
N LEU J 372 65.02 -52.76 -12.31
CA LEU J 372 65.29 -53.40 -11.03
C LEU J 372 66.68 -54.00 -11.00
N PHE J 373 67.21 -54.23 -9.82
CA PHE J 373 68.56 -54.74 -9.68
C PHE J 373 68.62 -55.95 -8.75
N ILE J 374 68.75 -57.15 -9.31
CA ILE J 374 68.91 -58.33 -8.48
C ILE J 374 70.32 -58.35 -7.92
N ALA J 375 70.45 -58.24 -6.61
CA ALA J 375 71.77 -58.07 -6.03
C ALA J 375 72.07 -59.14 -5.00
N GLY J 376 71.06 -59.56 -4.24
CA GLY J 376 71.25 -60.56 -3.21
C GLY J 376 71.87 -61.83 -3.74
N SER J 377 71.96 -61.93 -5.06
CA SER J 377 72.50 -63.10 -5.73
C SER J 377 73.91 -63.45 -5.25
N CYS J 378 74.52 -62.55 -4.51
CA CYS J 378 75.86 -62.80 -3.99
C CYS J 378 75.81 -63.29 -2.56
N ALA J 379 74.60 -63.51 -2.07
CA ALA J 379 74.39 -63.93 -0.68
C ALA J 379 75.38 -65.01 -0.27
N GLY J 380 75.58 -66.00 -1.13
CA GLY J 380 76.40 -67.15 -0.80
C GLY J 380 77.91 -66.92 -0.79
N GLU J 381 78.38 -65.98 -1.62
CA GLU J 381 79.81 -65.80 -1.81
C GLU J 381 80.58 -65.47 -0.51
N SER J 382 81.92 -65.46 -0.62
CA SER J 382 82.78 -65.14 0.51
C SER J 382 82.14 -64.01 1.29
N LEU J 383 81.84 -64.22 2.56
CA LEU J 383 81.18 -63.18 3.35
C LEU J 383 81.63 -61.81 2.88
N GLU J 384 82.95 -61.59 2.87
CA GLU J 384 83.52 -60.33 2.40
C GLU J 384 82.79 -59.89 1.14
N THR J 385 83.05 -60.60 0.04
CA THR J 385 82.45 -60.29 -1.24
C THR J 385 80.92 -60.22 -1.16
N ALA J 386 80.32 -61.05 -0.31
CA ALA J 386 78.87 -61.00 -0.11
C ALA J 386 78.46 -59.56 0.14
N SER J 387 79.24 -58.88 0.99
CA SER J 387 78.97 -57.51 1.35
C SER J 387 79.50 -56.53 0.33
N THR J 388 80.79 -56.58 0.06
CA THR J 388 81.42 -55.57 -0.77
C THR J 388 80.92 -55.47 -2.21
N VAL J 389 80.41 -56.57 -2.77
CA VAL J 389 79.84 -56.51 -4.11
C VAL J 389 78.55 -55.72 -4.07
N GLN J 390 77.56 -56.26 -3.38
CA GLN J 390 76.27 -55.57 -3.19
C GLN J 390 76.48 -54.11 -2.86
N LYS J 391 77.23 -53.86 -1.80
CA LYS J 391 77.55 -52.51 -1.35
C LYS J 391 77.83 -51.65 -2.57
N HIS J 392 78.67 -52.16 -3.46
CA HIS J 392 79.02 -51.46 -4.70
C HIS J 392 77.85 -51.36 -5.67
N VAL J 393 77.06 -52.43 -5.79
CA VAL J 393 75.91 -52.41 -6.69
C VAL J 393 74.96 -51.30 -6.31
N VAL J 394 74.80 -51.08 -5.01
CA VAL J 394 73.98 -49.97 -4.51
C VAL J 394 74.56 -48.65 -5.01
N SER J 395 75.88 -48.59 -5.09
CA SER J 395 76.57 -47.38 -5.51
C SER J 395 76.58 -47.25 -7.03
N ILE J 396 75.64 -47.92 -7.69
CA ILE J 396 75.43 -47.80 -9.12
C ILE J 396 74.04 -47.26 -9.35
N GLY J 397 73.10 -47.78 -8.57
CA GLY J 397 71.74 -47.28 -8.59
C GLY J 397 71.73 -45.90 -7.96
N ASP J 398 72.55 -45.72 -6.92
CA ASP J 398 72.68 -44.42 -6.29
C ASP J 398 73.06 -43.36 -7.32
N VAL J 399 74.18 -43.54 -7.98
CA VAL J 399 74.73 -42.53 -8.87
C VAL J 399 73.87 -42.39 -10.12
N ARG J 400 72.94 -43.28 -10.37
CA ARG J 400 72.13 -43.20 -11.59
C ARG J 400 70.66 -42.88 -11.30
N GLN J 401 70.19 -43.34 -10.15
CA GLN J 401 68.84 -43.05 -9.65
C GLN J 401 67.72 -43.31 -10.64
N ASP J 402 67.86 -44.36 -11.44
CA ASP J 402 66.78 -44.89 -12.27
C ASP J 402 66.75 -46.40 -12.07
N CYS J 403 66.26 -46.83 -10.92
CA CYS J 403 66.33 -48.25 -10.55
C CYS J 403 65.90 -48.53 -9.13
N LEU J 404 66.32 -49.69 -8.62
CA LEU J 404 65.96 -50.11 -7.28
C LEU J 404 67.12 -51.10 -7.25
N VAL J 405 67.87 -51.14 -6.16
CA VAL J 405 69.00 -52.04 -6.07
C VAL J 405 68.26 -52.65 -4.89
N LEU J 406 67.98 -53.95 -4.97
CA LEU J 406 67.26 -54.66 -3.89
C LEU J 406 68.39 -55.64 -3.54
N CYS J 407 68.51 -55.95 -2.24
CA CYS J 407 69.66 -56.67 -1.71
C CYS J 407 69.30 -57.53 -0.51
N SER J 408 69.95 -58.68 -0.41
CA SER J 408 69.67 -59.67 0.65
C SER J 408 70.86 -60.09 1.52
N PRO J 409 70.60 -60.54 2.77
CA PRO J 409 71.63 -60.79 3.78
C PRO J 409 72.51 -61.97 3.41
N PRO J 410 73.68 -62.10 4.06
CA PRO J 410 74.60 -63.19 3.79
C PRO J 410 74.14 -64.48 4.46
N ARG J 411 74.18 -65.60 3.75
CA ARG J 411 73.77 -66.87 4.31
C ARG J 411 74.33 -67.03 5.71
N GLU J 412 75.64 -66.82 5.85
CA GLU J 412 76.29 -66.97 7.16
C GLU J 412 75.36 -66.54 8.29
N THR J 413 74.81 -65.35 8.13
CA THR J 413 74.19 -64.60 9.21
C THR J 413 72.78 -65.04 9.59
N VAL J 414 72.13 -65.81 8.74
CA VAL J 414 70.70 -66.01 8.89
C VAL J 414 70.17 -67.44 8.81
N VAL J 415 70.83 -68.30 8.06
CA VAL J 415 70.31 -69.65 7.81
C VAL J 415 70.64 -70.68 8.88
N GLY J 416 71.90 -70.74 9.31
CA GLY J 416 72.33 -71.71 10.30
C GLY J 416 71.73 -71.54 11.69
N ILE J 417 72.01 -70.38 12.30
CA ILE J 417 71.63 -70.12 13.69
C ILE J 417 70.13 -69.95 13.89
N PRO J 418 69.68 -69.97 15.16
CA PRO J 418 68.31 -69.64 15.57
C PRO J 418 68.09 -68.13 15.53
N VAL J 419 66.83 -67.69 15.55
CA VAL J 419 66.51 -66.28 15.41
C VAL J 419 67.13 -65.38 16.48
N THR J 420 67.23 -65.87 17.71
CA THR J 420 67.86 -65.12 18.79
C THR J 420 69.16 -64.49 18.30
N ARG J 421 70.16 -65.32 18.03
CA ARG J 421 71.42 -64.85 17.45
C ARG J 421 71.14 -64.14 16.13
N ALA J 422 70.26 -64.73 15.33
CA ALA J 422 70.02 -64.28 13.98
C ALA J 422 69.93 -62.76 13.86
N VAL J 423 68.98 -62.17 14.57
CA VAL J 423 68.75 -60.73 14.42
C VAL J 423 69.96 -59.93 14.89
N ASP J 424 70.52 -60.29 16.06
CA ASP J 424 71.72 -59.64 16.53
C ASP J 424 72.67 -59.44 15.36
N ASN J 425 72.94 -60.54 14.66
CA ASN J 425 73.83 -60.53 13.52
C ASN J 425 73.41 -59.50 12.48
N LEU J 426 72.18 -59.62 12.01
CA LEU J 426 71.66 -58.73 10.98
C LEU J 426 71.87 -57.25 11.30
N VAL J 427 71.58 -56.86 12.54
CA VAL J 427 71.65 -55.46 12.94
C VAL J 427 73.10 -54.98 13.06
N ASN J 428 73.95 -55.84 13.62
CA ASN J 428 75.38 -55.56 13.63
C ASN J 428 75.88 -55.27 12.23
N TRP J 429 75.48 -56.11 11.29
CA TRP J 429 75.93 -56.00 9.90
C TRP J 429 75.46 -54.71 9.26
N ARG J 430 74.25 -54.28 9.60
CA ARG J 430 73.66 -53.08 9.04
C ARG J 430 74.31 -51.80 9.59
N THR J 431 75.20 -51.97 10.57
CA THR J 431 75.95 -50.85 11.14
C THR J 431 77.47 -51.07 11.17
N ALA J 432 77.93 -51.99 12.00
CA ALA J 432 79.35 -52.24 12.15
C ALA J 432 79.51 -53.08 13.39
N ALA J 433 79.40 -52.43 14.53
CA ALA J 433 79.25 -53.10 15.83
C ALA J 433 80.17 -54.30 16.05
N GLY J 434 79.56 -55.46 16.23
CA GLY J 434 80.24 -56.64 16.75
C GLY J 434 81.23 -57.30 15.81
N SER J 435 80.77 -58.34 15.12
CA SER J 435 81.66 -59.16 14.31
C SER J 435 81.85 -58.59 12.91
N TYR J 436 80.75 -58.13 12.33
CA TYR J 436 80.79 -57.53 11.00
C TYR J 436 80.99 -56.02 11.10
N THR J 437 82.11 -55.60 11.66
CA THR J 437 82.44 -54.19 11.62
C THR J 437 83.04 -53.90 10.27
N ASP J 438 83.82 -54.86 9.78
CA ASP J 438 84.62 -54.71 8.58
C ASP J 438 83.77 -54.93 7.35
N ASN J 439 83.25 -56.13 7.22
CA ASN J 439 82.33 -56.46 6.16
C ASN J 439 80.92 -56.02 6.55
N ASN J 440 80.76 -54.72 6.76
CA ASN J 440 79.46 -54.18 7.06
C ASN J 440 78.73 -53.87 5.78
N PHE J 441 77.45 -53.58 5.90
CA PHE J 441 76.63 -53.13 4.80
C PHE J 441 76.11 -51.75 5.18
N ASN J 442 76.89 -51.04 5.97
CA ASN J 442 76.46 -49.78 6.56
C ASN J 442 76.32 -48.63 5.57
N ILE J 443 75.34 -48.73 4.69
CA ILE J 443 75.03 -47.69 3.74
C ILE J 443 73.57 -47.32 3.90
N SER J 444 73.12 -46.27 3.23
CA SER J 444 71.74 -45.82 3.41
C SER J 444 71.12 -45.15 2.19
N SER J 445 70.73 -45.94 1.20
CA SER J 445 70.12 -45.39 0.01
C SER J 445 68.61 -45.57 -0.02
N THR J 446 67.94 -44.58 -0.58
CA THR J 446 66.50 -44.61 -0.76
C THR J 446 66.23 -45.57 -1.89
N TYR J 447 67.33 -45.94 -2.57
CA TYR J 447 67.27 -46.90 -3.67
C TYR J 447 67.70 -48.28 -3.17
N ALA J 448 68.21 -48.30 -1.95
CA ALA J 448 68.65 -49.54 -1.34
C ALA J 448 67.47 -50.21 -0.66
N ALA J 449 67.16 -51.42 -1.09
CA ALA J 449 66.10 -52.21 -0.46
C ALA J 449 66.95 -53.44 -0.12
N ILE J 450 67.08 -53.70 1.18
CA ILE J 450 67.69 -54.94 1.66
C ILE J 450 66.63 -56.00 1.97
N ASP J 451 67.09 -57.18 2.36
CA ASP J 451 66.44 -58.43 1.96
C ASP J 451 66.79 -59.56 2.91
N GLY J 452 65.76 -60.13 3.54
CA GLY J 452 65.60 -60.01 4.98
C GLY J 452 65.68 -61.35 5.69
N ASN J 453 65.41 -62.41 4.94
CA ASN J 453 66.07 -63.69 5.17
C ASN J 453 66.58 -64.33 3.88
N TYR J 454 66.55 -65.66 3.83
CA TYR J 454 67.09 -66.39 2.69
C TYR J 454 66.29 -67.66 2.42
N LYS J 455 65.91 -67.87 1.17
CA LYS J 455 64.84 -68.79 0.84
C LYS J 455 65.37 -70.21 0.65
N TYR J 456 64.51 -71.20 0.89
CA TYR J 456 64.88 -72.59 0.74
C TYR J 456 64.09 -73.24 -0.39
N GLN J 457 64.68 -73.27 -1.59
CA GLN J 457 63.99 -73.75 -2.79
C GLN J 457 64.34 -75.20 -3.09
N TYR J 458 63.72 -75.75 -4.13
CA TYR J 458 64.12 -77.06 -4.63
C TYR J 458 64.73 -76.87 -6.00
N ASP J 459 65.81 -77.61 -6.27
CA ASP J 459 66.57 -77.40 -7.49
C ASP J 459 66.31 -78.50 -8.50
N LYS J 460 65.30 -78.29 -9.35
CA LYS J 460 64.87 -79.33 -10.29
C LYS J 460 66.02 -79.90 -11.11
N TYR J 461 67.14 -79.18 -11.16
CA TYR J 461 68.27 -79.60 -11.97
C TYR J 461 69.17 -80.61 -11.27
N ASN J 462 69.83 -80.17 -10.19
CA ASN J 462 70.65 -81.09 -9.43
C ASN J 462 69.76 -82.03 -8.64
N ASP J 463 68.48 -81.69 -8.56
CA ASP J 463 67.51 -82.45 -7.80
C ASP J 463 67.80 -82.39 -6.31
N VAL J 464 68.01 -81.19 -5.78
CA VAL J 464 68.32 -81.03 -4.37
C VAL J 464 67.68 -79.79 -3.80
N ASN J 465 67.39 -79.83 -2.50
CA ASN J 465 66.88 -78.66 -1.80
C ASN J 465 68.03 -77.75 -1.42
N ARG J 466 67.84 -76.45 -1.60
CA ARG J 466 68.95 -75.52 -1.61
C ARG J 466 68.53 -74.14 -1.08
N TRP J 467 69.42 -73.47 -0.34
CA TRP J 467 69.15 -72.11 0.09
C TRP J 467 69.56 -71.10 -0.98
N VAL J 468 68.66 -70.18 -1.33
CA VAL J 468 68.99 -69.15 -2.31
C VAL J 468 68.61 -67.76 -1.81
N PRO J 469 69.36 -66.75 -2.24
CA PRO J 469 69.05 -65.36 -1.87
C PRO J 469 67.64 -65.00 -2.27
N LEU J 470 66.88 -64.42 -1.35
CA LEU J 470 65.47 -64.14 -1.59
C LEU J 470 65.29 -62.92 -2.48
N ALA J 471 66.23 -61.98 -2.41
CA ALA J 471 66.16 -60.76 -3.21
C ALA J 471 65.81 -61.03 -4.67
N ALA J 472 66.56 -61.93 -5.29
CA ALA J 472 66.33 -62.33 -6.67
C ALA J 472 64.84 -62.48 -6.95
N ASP J 473 64.12 -63.00 -5.97
CA ASP J 473 62.72 -63.30 -6.13
C ASP J 473 61.84 -62.05 -6.02
N ILE J 474 61.91 -61.35 -4.89
CA ILE J 474 61.11 -60.16 -4.66
C ILE J 474 61.19 -59.17 -5.82
N ALA J 475 62.34 -59.16 -6.50
CA ALA J 475 62.55 -58.26 -7.63
C ALA J 475 61.56 -58.54 -8.76
N GLY J 476 61.32 -59.81 -9.05
CA GLY J 476 60.32 -60.18 -10.02
C GLY J 476 58.95 -59.87 -9.47
N LEU J 477 58.84 -60.01 -8.14
CA LEU J 477 57.61 -59.73 -7.44
C LEU J 477 57.27 -58.24 -7.54
N CYS J 478 58.23 -57.45 -8.03
CA CYS J 478 58.00 -56.02 -8.26
C CYS J 478 57.58 -55.76 -9.70
N ALA J 479 58.29 -56.38 -10.65
CA ALA J 479 57.96 -56.24 -12.06
C ALA J 479 56.48 -56.50 -12.20
N ARG J 480 56.00 -57.32 -11.28
CA ARG J 480 54.58 -57.60 -11.13
C ARG J 480 53.91 -56.39 -10.51
N THR J 481 53.54 -56.55 -9.25
CA THR J 481 52.72 -55.59 -8.51
C THR J 481 53.09 -54.13 -8.80
N ASP J 482 52.07 -53.35 -9.14
CA ASP J 482 52.24 -51.96 -9.55
C ASP J 482 53.43 -51.80 -10.49
N ASN J 483 54.01 -50.61 -10.51
CA ASN J 483 55.21 -50.42 -11.30
C ASN J 483 56.51 -50.28 -10.52
N VAL J 484 57.60 -50.42 -11.26
CA VAL J 484 58.88 -50.79 -10.67
C VAL J 484 59.90 -49.66 -10.71
N ARG J 496 55.08 -59.15 0.03
CA ARG J 496 54.26 -58.26 -0.79
C ARG J 496 53.23 -59.04 -1.60
N GLY J 497 52.88 -60.22 -1.11
CA GLY J 497 52.07 -61.18 -1.86
C GLY J 497 52.93 -62.42 -1.96
N GLN J 498 52.44 -63.54 -1.43
CA GLN J 498 53.30 -64.70 -1.23
C GLN J 498 54.18 -65.03 -2.42
N ILE J 499 55.34 -65.61 -2.12
CA ILE J 499 56.29 -66.01 -3.15
C ILE J 499 56.00 -67.42 -3.57
N LEU J 500 56.42 -67.74 -4.80
CA LEU J 500 55.96 -68.94 -5.47
C LEU J 500 56.49 -70.27 -4.91
N ASN J 501 57.79 -70.49 -5.06
CA ASN J 501 58.32 -71.84 -4.93
C ASN J 501 59.08 -72.08 -3.65
N VAL J 502 58.94 -71.17 -2.70
CA VAL J 502 59.53 -71.37 -1.38
C VAL J 502 59.01 -72.67 -0.79
N ILE J 503 59.75 -73.22 0.16
CA ILE J 503 59.32 -74.43 0.82
C ILE J 503 59.76 -74.35 2.27
N LYS J 504 60.24 -73.18 2.65
CA LYS J 504 60.84 -72.97 3.94
C LYS J 504 61.57 -71.65 3.87
N LEU J 505 61.46 -70.84 4.92
CA LEU J 505 62.27 -69.63 5.02
C LEU J 505 63.17 -69.65 6.28
N ALA J 506 64.31 -68.97 6.20
CA ALA J 506 65.25 -69.01 7.29
C ALA J 506 64.59 -68.61 8.59
N ILE J 507 63.70 -67.63 8.53
CA ILE J 507 62.91 -67.22 9.70
C ILE J 507 61.45 -66.99 9.33
N GLU J 508 60.57 -67.29 10.26
CA GLU J 508 59.13 -67.16 10.01
C GLU J 508 58.36 -67.04 11.32
N GLN J 511 57.42 -60.19 17.06
CA GLN J 511 56.75 -58.97 16.72
C GLN J 511 57.67 -57.81 16.94
N ALA J 512 58.42 -57.80 18.04
CA ALA J 512 59.30 -56.69 18.31
C ALA J 512 60.31 -56.62 17.22
N GLN J 513 60.86 -57.78 16.82
CA GLN J 513 61.88 -57.82 15.82
C GLN J 513 61.29 -57.36 14.53
N ARG J 514 60.06 -57.79 14.22
CA ARG J 514 59.43 -57.42 12.98
C ARG J 514 59.28 -55.93 12.92
N ASP J 515 58.79 -55.31 14.01
CA ASP J 515 58.62 -53.90 13.95
C ASP J 515 59.97 -53.30 13.77
N ARG J 516 60.98 -53.91 14.40
CA ARG J 516 62.33 -53.41 14.31
C ARG J 516 62.80 -53.49 12.89
N LEU J 517 62.50 -54.60 12.19
CA LEU J 517 62.97 -54.77 10.85
C LEU J 517 62.33 -53.74 9.98
N TYR J 518 61.01 -53.52 10.13
CA TYR J 518 60.32 -52.44 9.47
C TYR J 518 61.01 -51.23 10.03
N GLN J 519 60.91 -50.04 9.45
CA GLN J 519 61.57 -48.89 10.02
C GLN J 519 63.01 -48.94 9.66
N GLU J 520 63.63 -50.14 9.78
CA GLU J 520 64.96 -50.44 9.36
C GLU J 520 64.87 -50.41 7.87
N ALA J 521 63.63 -50.49 7.37
CA ALA J 521 63.39 -50.56 5.94
C ALA J 521 63.94 -51.85 5.42
N ILE J 522 63.58 -52.96 6.09
CA ILE J 522 64.00 -54.22 5.59
C ILE J 522 62.78 -55.01 5.24
N ASN J 523 62.87 -55.88 4.19
CA ASN J 523 61.75 -56.67 3.74
C ASN J 523 61.76 -58.00 4.43
N PRO J 524 60.77 -58.21 5.27
CA PRO J 524 60.64 -59.43 6.03
C PRO J 524 59.70 -60.41 5.40
N VAL J 525 59.80 -61.68 5.79
CA VAL J 525 58.84 -62.68 5.40
C VAL J 525 58.39 -63.31 6.66
N THR J 526 57.07 -63.46 6.86
CA THR J 526 56.65 -64.11 8.07
C THR J 526 55.70 -65.19 7.70
N GLY J 527 55.62 -66.23 8.56
CA GLY J 527 54.74 -67.30 8.27
C GLY J 527 53.70 -67.34 9.33
N THR J 528 52.42 -67.36 8.93
CA THR J 528 51.40 -67.42 9.94
C THR J 528 50.47 -68.53 9.61
N GLY J 529 50.33 -69.49 10.54
CA GLY J 529 49.38 -70.54 10.35
C GLY J 529 49.71 -71.27 9.10
N GLY J 530 50.99 -71.23 8.69
CA GLY J 530 51.36 -71.91 7.48
C GLY J 530 51.33 -70.88 6.40
N ASP J 531 52.10 -71.12 5.33
CA ASP J 531 52.18 -70.20 4.23
C ASP J 531 52.84 -68.95 4.71
N GLY J 532 53.91 -68.53 4.01
CA GLY J 532 54.60 -67.34 4.42
C GLY J 532 54.21 -66.25 3.47
N TYR J 533 54.17 -65.00 3.97
CA TYR J 533 53.78 -63.89 3.14
C TYR J 533 54.70 -62.75 3.44
N VAL J 534 54.73 -61.75 2.52
CA VAL J 534 55.60 -60.63 2.71
C VAL J 534 55.01 -59.72 3.74
N LEU J 535 55.80 -59.39 4.78
CA LEU J 535 55.33 -58.53 5.82
C LEU J 535 55.08 -57.16 5.28
N TYR J 536 56.08 -56.61 4.57
CA TYR J 536 55.92 -55.24 4.16
C TYR J 536 56.44 -55.09 2.77
N GLY J 537 55.96 -54.04 2.12
CA GLY J 537 56.14 -53.70 0.74
C GLY J 537 57.55 -53.52 0.30
N ASP J 538 58.52 -53.01 1.14
CA ASP J 538 59.94 -53.01 0.80
C ASP J 538 60.74 -51.83 1.22
N LYS J 539 61.79 -51.57 0.41
CA LYS J 539 62.75 -50.49 0.37
C LYS J 539 63.49 -50.21 1.62
N THR J 540 64.78 -49.83 1.44
CA THR J 540 65.62 -49.38 2.52
C THR J 540 65.58 -47.88 2.44
N ALA J 541 64.38 -47.30 2.66
CA ALA J 541 64.09 -45.91 2.44
C ALA J 541 64.77 -45.00 3.40
N THR J 542 64.95 -43.72 2.93
CA THR J 542 65.63 -42.65 3.61
C THR J 542 64.75 -41.41 3.61
N SER J 543 65.37 -40.21 3.63
CA SER J 543 64.69 -38.95 3.73
C SER J 543 63.72 -38.76 2.62
N VAL J 544 62.45 -39.02 2.95
CA VAL J 544 61.27 -38.90 2.15
C VAL J 544 60.22 -39.15 3.18
N PRO J 545 58.97 -38.99 2.90
CA PRO J 545 58.03 -39.37 3.91
C PRO J 545 58.08 -40.85 4.00
N SER J 546 57.56 -41.43 5.08
CA SER J 546 57.67 -42.85 5.26
C SER J 546 57.00 -43.61 4.16
N PRO J 547 55.99 -43.15 3.47
CA PRO J 547 55.40 -44.00 2.48
C PRO J 547 56.27 -44.34 1.31
N ASN J 552 55.28 -48.81 -2.66
CA ASN J 552 54.19 -48.55 -3.56
C ASN J 552 54.24 -47.12 -4.02
N VAL J 553 54.41 -46.18 -3.08
CA VAL J 553 54.43 -44.79 -3.44
C VAL J 553 55.63 -44.53 -4.30
N ARG J 554 56.75 -45.19 -4.00
CA ARG J 554 57.98 -44.99 -4.72
C ARG J 554 57.85 -45.41 -6.14
N ARG J 555 57.23 -46.57 -6.39
CA ARG J 555 57.17 -47.10 -7.72
C ARG J 555 56.43 -46.15 -8.59
N LEU J 556 55.38 -45.50 -8.04
CA LEU J 556 54.65 -44.58 -8.85
C LEU J 556 55.61 -43.51 -9.27
N PHE J 557 56.34 -42.92 -8.31
CA PHE J 557 57.22 -41.84 -8.64
C PHE J 557 58.34 -42.27 -9.52
N ASN J 558 58.97 -43.40 -9.22
CA ASN J 558 60.11 -43.79 -10.01
C ASN J 558 59.68 -43.94 -11.44
N MET J 559 58.52 -44.60 -11.65
CA MET J 559 58.08 -44.84 -12.99
C MET J 559 57.86 -43.53 -13.68
N LEU J 560 57.20 -42.58 -13.02
CA LEU J 560 56.92 -41.36 -13.72
C LEU J 560 58.19 -40.68 -14.12
N LYS J 561 59.16 -40.60 -13.19
CA LYS J 561 60.37 -39.89 -13.48
C LYS J 561 61.08 -40.53 -14.62
N THR J 562 61.12 -41.88 -14.65
CA THR J 562 61.86 -42.52 -15.71
C THR J 562 61.24 -42.20 -17.03
N ASN J 563 59.89 -42.29 -17.11
CA ASN J 563 59.22 -42.07 -18.36
C ASN J 563 59.40 -40.64 -18.80
N ILE J 564 59.36 -39.67 -17.86
CA ILE J 564 59.40 -38.31 -18.25
C ILE J 564 60.68 -38.01 -18.95
N GLY J 565 61.81 -38.54 -18.43
CA GLY J 565 63.12 -38.25 -18.97
C GLY J 565 63.26 -38.75 -20.37
N ARG J 566 62.68 -39.92 -20.69
CA ARG J 566 62.85 -40.50 -21.98
C ARG J 566 62.29 -39.58 -23.02
N SER J 567 61.25 -38.82 -22.67
CA SER J 567 60.60 -37.93 -23.57
C SER J 567 61.57 -36.86 -24.02
N SER J 568 62.79 -36.85 -23.46
CA SER J 568 63.80 -35.87 -23.75
C SER J 568 64.20 -35.95 -25.19
N LYS J 569 63.96 -37.10 -25.85
CA LYS J 569 64.38 -37.22 -27.21
C LYS J 569 63.70 -36.17 -28.01
N TYR J 570 62.46 -35.83 -27.61
CA TYR J 570 61.62 -34.89 -28.30
C TYR J 570 62.30 -33.55 -28.32
N ARG J 571 63.02 -33.18 -27.25
CA ARG J 571 63.59 -31.85 -27.18
C ARG J 571 64.50 -31.61 -28.33
N LEU J 572 65.30 -32.62 -28.70
CA LEU J 572 66.24 -32.41 -29.76
C LEU J 572 65.47 -32.06 -30.99
N PHE J 573 64.27 -32.66 -31.13
CA PHE J 573 63.50 -32.50 -32.34
C PHE J 573 63.18 -31.05 -32.54
N GLU J 574 62.70 -30.32 -31.51
CA GLU J 574 62.32 -28.94 -31.79
C GLU J 574 63.06 -27.98 -30.91
N LEU J 575 62.85 -26.69 -31.20
CA LEU J 575 63.43 -25.58 -30.50
C LEU J 575 62.62 -25.32 -29.25
N ASN J 576 63.11 -24.41 -28.38
CA ASN J 576 62.45 -24.10 -27.13
C ASN J 576 61.86 -22.73 -27.24
N ASN J 577 60.57 -22.59 -26.87
CA ASN J 577 59.88 -21.33 -26.90
C ASN J 577 58.78 -21.40 -25.88
N ALA J 578 57.93 -20.35 -25.85
CA ALA J 578 56.83 -20.35 -24.93
C ALA J 578 55.95 -21.50 -25.32
N PHE J 579 55.79 -21.67 -26.65
CA PHE J 579 54.97 -22.71 -27.18
C PHE J 579 55.54 -24.03 -26.78
N THR J 580 56.89 -24.15 -26.75
CA THR J 580 57.50 -25.41 -26.43
C THR J 580 57.15 -25.75 -25.02
N ARG J 581 56.88 -24.72 -24.19
CA ARG J 581 56.42 -24.97 -22.85
C ARG J 581 55.17 -25.76 -23.02
N SER J 582 54.27 -25.27 -23.89
CA SER J 582 53.09 -26.04 -24.20
C SER J 582 53.60 -27.14 -25.06
N SER J 583 52.77 -28.07 -25.54
CA SER J 583 53.35 -29.11 -26.35
C SER J 583 54.05 -30.07 -25.45
N PHE J 584 55.28 -29.74 -24.97
CA PHE J 584 55.94 -30.66 -24.07
C PHE J 584 55.05 -30.80 -22.89
N ARG J 585 54.56 -29.67 -22.37
CA ARG J 585 53.72 -29.67 -21.22
C ARG J 585 52.50 -30.46 -21.53
N THR J 586 51.90 -30.24 -22.72
CA THR J 586 50.68 -30.95 -23.00
C THR J 586 50.98 -32.41 -23.08
N GLU J 587 52.14 -32.79 -23.67
CA GLU J 587 52.43 -34.19 -23.82
C GLU J 587 52.57 -34.85 -22.49
N THR J 588 53.38 -34.26 -21.58
CA THR J 588 53.58 -34.89 -20.30
C THR J 588 52.29 -34.87 -19.54
N ALA J 589 51.53 -33.77 -19.68
CA ALA J 589 50.30 -33.64 -18.95
C ALA J 589 49.38 -34.75 -19.34
N GLN J 590 49.35 -35.07 -20.65
CA GLN J 590 48.45 -36.09 -21.08
C GLN J 590 48.84 -37.36 -20.40
N TYR J 591 50.15 -37.62 -20.26
CA TYR J 591 50.59 -38.82 -19.65
C TYR J 591 50.17 -38.82 -18.21
N LEU J 592 50.40 -37.69 -17.50
CA LEU J 592 50.08 -37.61 -16.10
C LEU J 592 48.61 -37.76 -15.89
N GLN J 593 47.79 -37.12 -16.74
CA GLN J 593 46.37 -37.15 -16.55
C GLN J 593 45.91 -38.58 -16.69
N GLY J 594 46.53 -39.32 -17.64
CA GLY J 594 46.11 -40.67 -17.87
C GLY J 594 46.31 -41.43 -16.61
N ASN J 595 47.43 -41.17 -15.90
CA ASN J 595 47.72 -41.89 -14.70
C ASN J 595 46.62 -41.64 -13.70
N LYS J 596 46.11 -40.39 -13.66
CA LYS J 596 45.08 -40.08 -12.71
C LYS J 596 43.82 -40.80 -13.04
N ALA J 597 43.44 -40.79 -14.34
CA ALA J 597 42.19 -41.37 -14.74
C ALA J 597 42.19 -42.84 -14.44
N LEU J 598 43.29 -43.52 -14.79
CA LEU J 598 43.36 -44.94 -14.56
C LEU J 598 43.30 -45.13 -13.09
N GLY J 599 43.92 -44.19 -12.37
CA GLY J 599 44.00 -44.32 -10.96
C GLY J 599 45.44 -44.59 -10.70
N GLY J 600 45.97 -44.04 -9.62
CA GLY J 600 47.37 -44.20 -9.40
C GLY J 600 47.86 -42.86 -9.00
N ILE J 601 47.28 -41.79 -9.56
CA ILE J 601 47.64 -40.46 -9.13
C ILE J 601 46.33 -39.78 -8.88
N TYR J 602 46.29 -38.92 -7.83
CA TYR J 602 45.06 -38.26 -7.51
C TYR J 602 45.34 -36.81 -7.29
N GLU J 603 44.29 -35.98 -7.39
CA GLU J 603 44.39 -34.57 -7.17
C GLU J 603 45.53 -34.00 -7.96
N TYR J 604 45.51 -34.21 -9.29
CA TYR J 604 46.55 -33.69 -10.11
C TYR J 604 46.02 -32.45 -10.75
N ARG J 605 46.65 -31.31 -10.38
CA ARG J 605 46.23 -30.03 -10.86
C ARG J 605 47.18 -29.66 -11.96
N VAL J 606 46.65 -29.62 -13.19
CA VAL J 606 47.46 -29.32 -14.34
C VAL J 606 48.01 -27.95 -14.16
N VAL J 607 47.22 -27.05 -13.56
CA VAL J 607 47.61 -25.68 -13.45
C VAL J 607 48.91 -25.53 -12.71
N CYS J 608 49.00 -26.02 -11.46
CA CYS J 608 50.23 -25.75 -10.76
C CYS J 608 50.89 -27.01 -10.33
N ASP J 609 51.07 -27.96 -11.25
CA ASP J 609 51.77 -29.16 -10.89
C ASP J 609 52.62 -29.52 -12.08
N THR J 610 52.81 -28.55 -13.00
CA THR J 610 53.52 -28.77 -14.23
C THR J 610 54.74 -27.89 -14.27
N THR J 611 55.34 -27.66 -15.48
CA THR J 611 56.64 -27.03 -15.55
C THR J 611 56.70 -25.67 -16.16
N ASN J 612 57.59 -24.84 -15.56
CA ASN J 612 58.02 -23.55 -16.03
C ASN J 612 59.41 -23.43 -15.47
N ASN J 613 60.46 -23.60 -16.30
CA ASN J 613 61.77 -23.57 -15.73
C ASN J 613 62.09 -22.21 -15.24
N THR J 614 61.82 -21.20 -16.07
CA THR J 614 62.16 -19.89 -15.63
C THR J 614 61.18 -19.55 -14.58
N PRO J 615 61.50 -18.57 -13.82
CA PRO J 615 60.58 -18.16 -12.80
C PRO J 615 59.42 -17.56 -13.54
N SER J 616 58.23 -17.52 -12.95
CA SER J 616 57.14 -16.98 -13.72
C SER J 616 57.48 -15.55 -14.01
N VAL J 617 57.86 -15.29 -15.26
CA VAL J 617 58.22 -13.97 -15.69
C VAL J 617 58.17 -14.03 -17.19
N ILE J 618 58.43 -12.88 -17.84
CA ILE J 618 58.47 -12.87 -19.26
C ILE J 618 59.59 -13.75 -19.68
N ASP J 619 60.73 -13.67 -18.95
CA ASP J 619 61.90 -14.41 -19.26
C ASP J 619 61.63 -15.85 -19.02
N ARG J 620 62.35 -16.72 -19.76
CA ARG J 620 62.21 -18.15 -19.67
C ARG J 620 63.53 -18.75 -20.01
N ASN J 621 63.67 -20.08 -19.80
CA ASN J 621 64.90 -20.75 -20.09
C ASN J 621 64.52 -22.10 -20.64
N GLU J 622 65.47 -23.06 -20.65
CA GLU J 622 65.16 -24.36 -21.17
C GLU J 622 64.20 -24.98 -20.22
N PHE J 623 63.52 -26.07 -20.63
CA PHE J 623 62.52 -26.60 -19.77
C PHE J 623 63.05 -27.76 -18.99
N VAL J 624 62.69 -27.79 -17.70
CA VAL J 624 63.00 -28.93 -16.89
C VAL J 624 61.65 -29.39 -16.47
N ALA J 625 61.44 -30.71 -16.34
CA ALA J 625 60.11 -31.08 -15.95
C ALA J 625 60.08 -31.24 -14.47
N THR J 626 59.29 -30.38 -13.80
CA THR J 626 59.14 -30.50 -12.38
C THR J 626 57.70 -30.76 -12.18
N PHE J 627 57.39 -31.74 -11.32
CA PHE J 627 56.01 -32.02 -11.13
C PHE J 627 55.78 -32.34 -9.70
N TYR J 628 54.56 -32.05 -9.22
CA TYR J 628 54.21 -32.39 -7.89
C TYR J 628 53.15 -33.43 -8.08
N ILE J 629 53.43 -34.69 -7.71
CA ILE J 629 52.45 -35.70 -7.94
C ILE J 629 52.16 -36.37 -6.65
N GLN J 630 50.93 -36.92 -6.51
CA GLN J 630 50.57 -37.56 -5.29
C GLN J 630 50.11 -38.96 -5.62
N PRO J 631 50.66 -39.93 -4.94
CA PRO J 631 50.28 -41.29 -5.17
C PRO J 631 48.91 -41.44 -4.59
N ALA J 632 48.11 -42.39 -5.09
CA ALA J 632 46.74 -42.42 -4.67
C ALA J 632 46.62 -42.56 -3.20
N ARG J 633 47.32 -43.54 -2.59
CA ARG J 633 47.10 -43.70 -1.18
C ARG J 633 48.20 -43.05 -0.43
N SER J 634 48.09 -41.72 -0.21
CA SER J 634 49.03 -41.02 0.60
C SER J 634 48.67 -39.57 0.51
N ILE J 635 48.47 -38.90 1.66
CA ILE J 635 48.09 -37.53 1.54
C ILE J 635 49.34 -36.71 1.59
N ASN J 636 50.07 -36.71 0.46
CA ASN J 636 51.28 -35.94 0.39
C ASN J 636 51.60 -35.80 -1.07
N TYR J 637 52.08 -34.61 -1.47
CA TYR J 637 52.45 -34.38 -2.83
C TYR J 637 53.93 -34.33 -2.82
N ILE J 638 54.60 -35.03 -3.76
CA ILE J 638 56.03 -35.00 -3.70
C ILE J 638 56.50 -34.20 -4.87
N THR J 639 57.60 -33.45 -4.68
CA THR J 639 58.08 -32.62 -5.73
C THR J 639 59.23 -33.31 -6.38
N LEU J 640 59.14 -33.51 -7.70
CA LEU J 640 60.24 -34.14 -8.39
C LEU J 640 60.61 -33.24 -9.52
N ASN J 641 61.93 -33.09 -9.75
CA ASN J 641 62.35 -32.26 -10.84
C ASN J 641 63.27 -33.06 -11.70
N PHE J 642 63.03 -33.03 -13.02
CA PHE J 642 63.93 -33.68 -13.94
C PHE J 642 64.34 -32.57 -14.83
N VAL J 643 65.60 -32.54 -15.31
CA VAL J 643 65.90 -31.36 -16.06
C VAL J 643 66.42 -31.71 -17.41
N ALA J 644 65.91 -30.99 -18.44
CA ALA J 644 66.48 -31.10 -19.74
C ALA J 644 67.03 -29.74 -20.00
N THR J 645 68.36 -29.59 -20.01
CA THR J 645 68.90 -28.29 -20.21
C THR J 645 70.31 -28.42 -20.67
N ALA J 646 70.91 -27.26 -21.03
CA ALA J 646 72.29 -27.18 -21.39
C ALA J 646 73.05 -26.96 -20.12
N ASN K 21 26.60 -4.04 -73.21
CA ASN K 21 26.34 -5.37 -73.76
C ASN K 21 26.94 -6.63 -73.14
N ASN K 22 26.84 -6.70 -71.84
CA ASN K 22 27.71 -7.19 -70.76
C ASN K 22 28.82 -6.19 -70.43
N SER K 23 28.60 -4.98 -70.58
CA SER K 23 29.58 -3.90 -70.55
C SER K 23 30.30 -3.76 -71.88
N THR K 24 29.71 -3.94 -72.94
CA THR K 24 30.14 -3.50 -74.27
C THR K 24 31.56 -3.97 -74.63
N GLY K 25 31.76 -5.29 -74.66
CA GLY K 25 33.06 -5.85 -74.93
C GLY K 25 33.48 -5.46 -76.35
N THR K 26 34.00 -4.25 -76.52
CA THR K 26 34.40 -3.78 -77.82
C THR K 26 35.88 -4.07 -77.82
N ALA K 27 36.33 -4.94 -78.73
CA ALA K 27 37.74 -5.22 -78.85
C ALA K 27 38.36 -4.22 -79.81
N ALA K 28 39.67 -4.30 -79.99
CA ALA K 28 40.38 -3.44 -80.91
C ALA K 28 41.61 -4.17 -81.37
N LEU K 29 41.81 -4.22 -82.68
CA LEU K 29 42.90 -4.98 -83.26
C LEU K 29 43.46 -4.25 -84.46
N ALA K 30 44.78 -4.24 -84.57
CA ALA K 30 45.42 -3.66 -85.72
C ALA K 30 46.58 -4.55 -86.14
N GLY K 31 46.68 -4.78 -87.44
CA GLY K 31 47.73 -5.63 -87.98
C GLY K 31 47.63 -5.82 -89.47
N LYS K 32 48.51 -6.67 -89.99
CA LYS K 32 48.64 -6.88 -91.43
C LYS K 32 47.61 -7.89 -91.94
N PHE K 33 46.96 -7.55 -93.03
CA PHE K 33 45.96 -8.44 -93.62
C PHE K 33 46.09 -8.61 -95.13
N GLN K 34 45.43 -9.64 -95.65
CA GLN K 34 45.51 -9.98 -97.08
C GLN K 34 44.69 -9.01 -97.89
N TRP K 35 43.83 -8.26 -97.23
CA TRP K 35 42.82 -7.46 -97.90
C TRP K 35 42.42 -6.22 -97.08
N GLY K 36 42.38 -5.06 -97.73
CA GLY K 36 42.01 -3.82 -97.07
C GLY K 36 40.55 -3.86 -96.69
N PRO K 37 40.01 -2.76 -96.12
CA PRO K 37 40.47 -1.38 -96.07
C PRO K 37 41.78 -1.17 -95.35
N ALA K 38 42.60 -0.29 -95.90
CA ALA K 38 43.84 0.13 -95.28
C ALA K 38 43.60 1.37 -94.43
N PHE K 39 44.12 1.35 -93.21
CA PHE K 39 44.00 2.48 -92.32
C PHE K 39 42.55 2.97 -92.22
N GLN K 40 41.64 2.06 -91.90
CA GLN K 40 40.26 2.40 -91.65
C GLN K 40 39.73 1.58 -90.50
N ILE K 41 38.95 2.21 -89.63
CA ILE K 41 38.38 1.51 -88.49
C ILE K 41 37.12 0.75 -88.91
N LYS K 42 37.27 -0.13 -89.90
CA LYS K 42 36.16 -0.97 -90.29
C LYS K 42 35.82 -1.92 -89.15
N GLN K 43 34.54 -2.08 -88.86
CA GLN K 43 34.11 -2.98 -87.79
C GLN K 43 33.79 -4.37 -88.33
N VAL K 44 33.99 -5.37 -87.49
CA VAL K 44 33.80 -6.76 -87.90
C VAL K 44 33.02 -7.52 -86.83
N THR K 45 32.09 -8.38 -87.24
CA THR K 45 31.25 -9.09 -86.27
C THR K 45 31.29 -10.62 -86.43
N ASN K 46 31.35 -11.10 -87.67
CA ASN K 46 31.41 -12.54 -87.92
C ASN K 46 32.82 -12.97 -88.31
N GLU K 47 33.01 -14.29 -88.39
CA GLU K 47 34.24 -14.82 -88.95
C GLU K 47 34.13 -14.74 -90.46
N VAL K 48 33.06 -15.34 -90.98
CA VAL K 48 32.76 -15.35 -92.41
C VAL K 48 32.61 -13.93 -92.93
N ASP K 49 32.58 -12.97 -92.00
CA ASP K 49 32.44 -11.57 -92.37
C ASP K 49 33.78 -10.83 -92.33
N LEU K 50 34.76 -11.40 -91.63
CA LEU K 50 36.08 -10.82 -91.68
C LEU K 50 36.85 -11.43 -92.84
N VAL K 51 36.62 -12.70 -93.11
CA VAL K 51 37.21 -13.34 -94.30
C VAL K 51 36.75 -12.57 -95.52
N ASN K 52 35.44 -12.38 -95.62
CA ASN K 52 34.89 -11.55 -96.68
C ASN K 52 35.71 -10.27 -96.87
N THR K 53 36.22 -9.72 -95.78
CA THR K 53 36.78 -8.37 -95.78
C THR K 53 38.30 -8.30 -95.65
N PHE K 54 38.89 -9.22 -94.90
CA PHE K 54 40.35 -9.23 -94.76
C PHE K 54 40.80 -10.68 -94.79
N GLY K 55 40.11 -11.45 -95.61
CA GLY K 55 40.06 -12.89 -95.49
C GLY K 55 40.55 -14.29 -95.19
N GLN K 56 41.71 -14.59 -95.78
CA GLN K 56 42.44 -15.82 -95.51
C GLN K 56 43.73 -15.38 -94.84
N PRO K 57 44.35 -16.29 -94.08
CA PRO K 57 45.58 -15.98 -93.38
C PRO K 57 46.81 -16.38 -94.19
N THR K 58 47.59 -15.42 -94.69
CA THR K 58 48.82 -15.75 -95.39
C THR K 58 49.86 -15.96 -94.31
N ALA K 59 51.00 -16.55 -94.68
CA ALA K 59 52.08 -16.82 -93.72
C ALA K 59 52.70 -15.54 -93.19
N GLU K 60 52.22 -14.42 -93.70
CA GLU K 60 52.68 -13.11 -93.29
C GLU K 60 51.53 -12.41 -92.57
N THR K 61 50.36 -13.03 -92.64
CA THR K 61 49.14 -12.46 -92.06
C THR K 61 48.66 -13.28 -90.88
N ALA K 62 48.85 -14.59 -90.97
CA ALA K 62 48.35 -15.55 -89.99
C ALA K 62 47.98 -14.98 -88.61
N ASP K 63 48.97 -14.59 -87.85
CA ASP K 63 48.74 -14.25 -86.45
C ASP K 63 47.72 -13.13 -86.23
N TYR K 64 47.33 -12.44 -87.29
CA TYR K 64 46.35 -11.36 -87.17
C TYR K 64 44.96 -11.84 -87.56
N PHE K 65 44.91 -12.70 -88.57
CA PHE K 65 43.64 -13.32 -88.90
C PHE K 65 43.18 -14.09 -87.69
N MET K 66 43.99 -15.07 -87.28
CA MET K 66 43.71 -15.83 -86.07
C MET K 66 43.31 -14.91 -84.93
N SER K 67 44.18 -13.95 -84.65
CA SER K 67 43.97 -13.00 -83.55
C SER K 67 42.50 -12.61 -83.50
N ALA K 68 41.98 -12.15 -84.63
CA ALA K 68 40.56 -11.83 -84.75
C ALA K 68 39.73 -13.11 -84.65
N MET K 69 39.83 -13.97 -85.65
CA MET K 69 38.99 -15.17 -85.72
C MET K 69 38.74 -15.78 -84.34
N ASN K 70 39.79 -16.30 -83.71
CA ASN K 70 39.61 -17.01 -82.45
C ASN K 70 39.29 -16.08 -81.28
N PHE K 71 38.94 -14.84 -81.60
CA PHE K 71 38.38 -13.93 -80.61
C PHE K 71 36.87 -13.83 -80.83
N LEU K 72 36.47 -13.71 -82.07
CA LEU K 72 35.04 -13.64 -82.39
C LEU K 72 34.31 -14.85 -81.82
N GLN K 73 35.07 -15.77 -81.25
CA GLN K 73 34.49 -16.93 -80.55
C GLN K 73 33.82 -16.51 -79.23
N TYR K 74 34.39 -15.48 -78.59
CA TYR K 74 33.79 -14.85 -77.41
C TYR K 74 33.37 -13.44 -77.77
N GLY K 75 33.40 -13.11 -79.06
CA GLY K 75 33.34 -11.74 -79.50
C GLY K 75 32.02 -11.27 -80.08
N ASN K 76 31.65 -10.05 -79.70
CA ASN K 76 30.51 -9.38 -80.28
C ASN K 76 31.01 -8.51 -81.43
N ASP K 77 31.72 -7.44 -81.07
CA ASP K 77 32.24 -6.51 -82.06
C ASP K 77 33.77 -6.35 -81.97
N LEU K 78 34.40 -6.25 -83.14
CA LEU K 78 35.83 -6.06 -83.24
C LEU K 78 36.09 -4.92 -84.19
N ARG K 79 36.91 -3.97 -83.79
CA ARG K 79 37.26 -2.89 -84.68
C ARG K 79 38.69 -3.12 -85.11
N VAL K 80 38.93 -3.17 -86.43
CA VAL K 80 40.27 -3.43 -86.95
C VAL K 80 40.80 -2.29 -87.82
N VAL K 81 42.10 -2.30 -88.04
CA VAL K 81 42.75 -1.34 -88.93
C VAL K 81 43.89 -2.03 -89.65
N ARG K 82 43.78 -2.17 -90.97
CA ARG K 82 44.81 -2.88 -91.72
C ARG K 82 46.06 -2.03 -91.89
N ALA K 83 47.21 -2.61 -91.54
CA ALA K 83 48.49 -1.94 -91.76
C ALA K 83 49.02 -2.26 -93.15
N VAL K 84 49.15 -1.23 -93.97
CA VAL K 84 49.71 -1.36 -95.30
C VAL K 84 51.01 -0.57 -95.33
N ASP K 85 51.92 -0.90 -96.24
CA ASP K 85 53.11 -0.07 -96.36
C ASP K 85 52.44 0.92 -97.28
N ARG K 86 52.61 2.20 -96.98
CA ARG K 86 51.94 3.28 -97.72
C ARG K 86 52.84 3.53 -98.94
N ASP K 87 54.10 3.14 -98.82
CA ASP K 87 55.08 3.44 -99.85
C ASP K 87 55.07 2.43 -101.00
N THR K 88 54.56 1.24 -100.75
CA THR K 88 54.63 0.19 -101.76
C THR K 88 53.41 -0.68 -101.86
N ALA K 89 52.31 -0.29 -101.23
CA ALA K 89 51.09 -1.04 -101.38
C ALA K 89 50.47 -0.56 -102.67
N LYS K 90 49.68 -1.42 -103.31
CA LYS K 90 49.05 -1.08 -104.58
C LYS K 90 47.65 -1.70 -104.72
N ASN K 91 46.71 -0.89 -105.19
CA ASN K 91 45.38 -1.35 -105.57
C ASN K 91 45.42 -1.77 -107.03
N SER K 92 44.99 -2.98 -107.35
CA SER K 92 44.96 -3.39 -108.75
C SER K 92 44.30 -2.30 -109.57
N SER K 93 44.75 -2.12 -110.82
CA SER K 93 44.22 -1.06 -111.69
C SER K 93 44.32 -1.41 -113.18
N PRO K 94 43.68 -0.58 -114.03
CA PRO K 94 43.67 -0.88 -115.47
C PRO K 94 44.91 -0.34 -116.14
N ILE K 95 45.67 0.49 -115.44
CA ILE K 95 46.92 1.01 -115.98
C ILE K 95 47.96 -0.11 -116.07
N ALA K 96 47.93 -1.00 -115.11
CA ALA K 96 49.07 -1.86 -114.81
C ALA K 96 49.26 -3.04 -115.76
N GLY K 97 48.80 -2.92 -116.99
CA GLY K 97 49.14 -3.92 -117.99
C GLY K 97 49.78 -3.30 -119.23
N ASN K 98 49.42 -2.05 -119.48
CA ASN K 98 49.88 -1.34 -120.64
C ASN K 98 51.37 -1.39 -120.79
N ILE K 99 51.88 -0.61 -121.76
CA ILE K 99 53.29 -0.61 -122.10
C ILE K 99 53.78 0.81 -122.32
N GLU K 100 54.84 1.19 -121.60
CA GLU K 100 55.47 2.49 -121.78
C GLU K 100 55.50 2.82 -123.27
N TYR K 101 55.25 4.08 -123.61
CA TYR K 101 55.43 4.52 -124.97
C TYR K 101 55.35 6.03 -125.07
N THR K 102 56.18 6.61 -125.93
CA THR K 102 56.25 8.06 -126.04
C THR K 102 56.33 8.46 -127.50
N ILE K 103 55.34 9.21 -127.97
CA ILE K 103 55.32 9.65 -129.35
C ILE K 103 56.43 10.66 -129.60
N SER K 104 57.64 10.16 -129.82
CA SER K 104 58.82 10.99 -129.99
C SER K 104 58.65 12.04 -131.08
N THR K 105 57.99 11.65 -132.16
CA THR K 105 57.72 12.59 -133.24
C THR K 105 56.35 12.37 -133.84
N PRO K 106 55.41 13.27 -133.54
CA PRO K 106 54.06 13.16 -134.11
C PRO K 106 54.20 13.22 -135.60
N GLY K 107 53.58 12.28 -136.31
CA GLY K 107 53.66 12.32 -137.76
C GLY K 107 52.80 13.46 -138.27
N SER K 108 52.39 13.34 -139.52
CA SER K 108 51.38 14.22 -140.06
C SER K 108 50.53 13.35 -140.97
N ASN K 109 49.34 13.80 -141.32
CA ASN K 109 48.50 13.07 -142.26
C ASN K 109 48.22 11.61 -141.89
N TYR K 110 48.38 11.26 -140.62
CA TYR K 110 47.94 9.96 -140.14
C TYR K 110 46.44 10.04 -139.85
N ALA K 111 45.82 8.91 -139.53
CA ALA K 111 44.40 8.90 -139.19
C ALA K 111 44.20 8.00 -137.98
N VAL K 112 42.94 7.72 -137.63
CA VAL K 112 42.62 6.90 -136.47
C VAL K 112 42.60 5.40 -136.14
N GLY K 113 42.50 4.55 -137.16
CA GLY K 113 42.50 3.11 -136.94
C GLY K 113 43.64 2.65 -137.84
N ASP K 114 44.70 3.44 -137.95
CA ASP K 114 45.87 3.00 -138.70
C ASP K 114 46.54 2.05 -137.72
N LYS K 115 46.87 0.86 -138.19
CA LYS K 115 47.35 -0.18 -137.29
C LYS K 115 48.84 -0.07 -136.99
N ILE K 116 49.21 -0.53 -135.80
CA ILE K 116 50.59 -0.45 -135.33
C ILE K 116 51.11 -1.86 -135.10
N THR K 117 52.41 -2.04 -135.29
CA THR K 117 53.01 -3.36 -135.19
C THR K 117 54.25 -3.35 -134.33
N VAL K 118 54.28 -4.21 -133.31
CA VAL K 118 55.41 -4.30 -132.42
C VAL K 118 56.24 -5.51 -132.80
N LYS K 119 57.49 -5.29 -133.13
CA LYS K 119 58.35 -6.37 -133.57
C LYS K 119 59.42 -6.68 -132.52
N TYR K 120 59.81 -7.96 -132.44
CA TYR K 120 60.95 -8.35 -131.63
C TYR K 120 62.09 -8.74 -132.54
N VAL K 121 63.04 -7.83 -132.70
CA VAL K 121 64.14 -8.03 -133.62
C VAL K 121 63.62 -8.37 -135.01
N SER K 122 63.09 -7.36 -135.69
CA SER K 122 62.57 -7.53 -137.05
C SER K 122 61.68 -8.76 -137.19
N ASP K 123 60.92 -9.04 -136.15
CA ASP K 123 60.02 -10.20 -136.15
C ASP K 123 58.70 -9.82 -135.50
N ASP K 124 57.60 -10.06 -136.21
CA ASP K 124 56.28 -9.62 -135.74
C ASP K 124 55.76 -10.36 -134.52
N ILE K 125 55.37 -9.62 -133.49
CA ILE K 125 54.78 -10.20 -132.29
C ILE K 125 53.33 -9.77 -132.16
N GLU K 126 53.11 -8.47 -132.16
CA GLU K 126 51.77 -7.89 -132.05
C GLU K 126 51.48 -7.02 -133.25
N THR K 127 50.26 -7.12 -133.77
CA THR K 127 49.90 -6.42 -134.98
C THR K 127 48.50 -5.82 -134.89
N GLU K 128 48.02 -5.63 -133.67
CA GLU K 128 46.67 -5.12 -133.48
C GLU K 128 46.64 -3.76 -132.80
N GLY K 129 47.84 -3.20 -132.61
CA GLY K 129 47.93 -1.84 -132.12
C GLY K 129 47.29 -0.93 -133.14
N LYS K 130 47.01 0.31 -132.74
CA LYS K 130 46.37 1.23 -133.66
C LYS K 130 46.30 2.65 -133.10
N ILE K 131 46.75 3.60 -133.90
CA ILE K 131 46.59 5.03 -133.59
C ILE K 131 45.13 5.25 -133.20
N THR K 132 44.91 6.09 -132.21
CA THR K 132 43.54 6.27 -131.69
C THR K 132 43.14 7.73 -131.53
N GLU K 133 44.09 8.63 -131.68
CA GLU K 133 43.74 10.06 -131.61
C GLU K 133 44.74 10.90 -132.38
N VAL K 134 44.25 11.57 -133.41
CA VAL K 134 45.04 12.52 -134.16
C VAL K 134 44.37 13.88 -134.07
N ASP K 135 45.07 14.92 -134.50
CA ASP K 135 44.47 16.25 -134.56
C ASP K 135 44.00 16.56 -135.98
N ALA K 136 43.99 17.84 -136.33
CA ALA K 136 43.51 18.25 -137.64
C ALA K 136 44.52 17.96 -138.73
N ASP K 137 45.79 17.85 -138.35
CA ASP K 137 46.87 17.69 -139.33
C ASP K 137 47.31 16.24 -139.45
N GLY K 138 46.74 15.38 -138.63
CA GLY K 138 47.12 13.98 -138.63
C GLY K 138 48.28 13.70 -137.69
N LYS K 139 48.68 14.72 -136.94
CA LYS K 139 49.72 14.58 -135.93
C LYS K 139 49.25 13.55 -134.91
N ILE K 140 50.06 12.52 -134.69
CA ILE K 140 49.68 11.44 -133.76
C ILE K 140 49.65 11.89 -132.30
N LYS K 141 48.47 11.85 -131.70
CA LYS K 141 48.33 12.29 -130.32
C LYS K 141 48.20 11.11 -129.33
N LYS K 142 47.57 10.02 -129.77
CA LYS K 142 47.38 8.87 -128.89
C LYS K 142 47.24 7.54 -129.63
N ILE K 143 47.85 6.49 -129.08
CA ILE K 143 47.75 5.15 -129.65
C ILE K 143 47.35 4.15 -128.58
N ASN K 144 47.09 2.91 -128.99
CA ASN K 144 46.79 1.85 -128.03
C ASN K 144 47.32 0.49 -128.47
N ILE K 145 48.37 0.03 -127.80
CA ILE K 145 48.99 -1.25 -128.10
C ILE K 145 48.61 -2.32 -127.07
N PRO K 146 47.95 -3.38 -127.54
CA PRO K 146 47.60 -4.51 -126.67
C PRO K 146 48.87 -5.26 -126.26
N THR K 147 48.96 -5.70 -125.01
CA THR K 147 50.19 -6.32 -124.51
C THR K 147 50.08 -7.80 -124.23
N ALA K 148 48.93 -8.40 -124.55
CA ALA K 148 48.75 -9.82 -124.31
C ALA K 148 49.89 -10.61 -124.93
N LYS K 149 50.11 -10.42 -126.22
CA LYS K 149 51.09 -11.18 -126.97
C LYS K 149 52.51 -10.85 -126.54
N ILE K 150 52.79 -9.56 -126.32
CA ILE K 150 54.16 -9.15 -126.08
C ILE K 150 54.68 -9.55 -124.71
N ILE K 151 53.90 -9.34 -123.65
CA ILE K 151 54.37 -9.74 -122.32
C ILE K 151 54.62 -11.25 -122.31
N ALA K 152 53.86 -11.97 -123.13
CA ALA K 152 54.08 -13.40 -123.29
C ALA K 152 55.48 -13.64 -123.84
N LYS K 153 55.69 -13.24 -125.09
CA LYS K 153 56.99 -13.35 -125.72
C LYS K 153 58.10 -12.81 -124.80
N ALA K 154 57.82 -11.72 -124.10
CA ALA K 154 58.82 -11.08 -123.25
C ALA K 154 59.17 -11.94 -122.05
N LYS K 155 58.15 -12.46 -121.37
CA LYS K 155 58.37 -13.39 -120.28
C LYS K 155 59.19 -14.56 -120.81
N GLU K 156 58.84 -14.98 -122.01
CA GLU K 156 59.44 -16.15 -122.62
C GLU K 156 60.93 -16.01 -122.92
N VAL K 157 61.43 -14.76 -122.93
CA VAL K 157 62.83 -14.53 -123.27
C VAL K 157 63.56 -13.61 -122.27
N GLY K 158 63.18 -13.68 -121.00
CA GLY K 158 63.88 -12.97 -119.95
C GLY K 158 63.74 -11.46 -119.96
N GLU K 159 63.20 -10.93 -121.05
CA GLU K 159 63.04 -9.48 -121.19
C GLU K 159 61.69 -8.98 -120.66
N TYR K 160 61.36 -9.35 -119.43
CA TYR K 160 60.12 -8.89 -118.81
C TYR K 160 60.39 -8.36 -117.40
N PRO K 161 59.95 -7.13 -117.11
CA PRO K 161 59.32 -6.20 -118.04
C PRO K 161 60.34 -5.22 -118.61
N THR K 162 61.62 -5.48 -118.37
CA THR K 162 62.68 -4.65 -118.92
C THR K 162 62.36 -4.14 -120.34
N LEU K 163 62.37 -5.04 -121.32
CA LEU K 163 62.05 -4.68 -122.71
C LEU K 163 63.04 -3.68 -123.33
N GLY K 164 62.53 -2.89 -124.28
CA GLY K 164 63.23 -1.73 -124.79
C GLY K 164 64.22 -1.92 -125.92
N SER K 165 65.19 -2.81 -125.73
CA SER K 165 66.37 -2.84 -126.58
C SER K 165 66.08 -3.37 -127.98
N ASN K 166 65.47 -4.57 -128.04
CA ASN K 166 65.19 -5.22 -129.31
C ASN K 166 63.70 -5.07 -129.64
N TRP K 167 63.01 -4.34 -128.78
CA TRP K 167 61.59 -4.15 -128.96
C TRP K 167 61.32 -2.85 -129.70
N THR K 168 60.58 -2.96 -130.81
CA THR K 168 60.38 -1.82 -131.70
C THR K 168 58.94 -1.71 -132.17
N ALA K 169 58.55 -0.51 -132.59
CA ALA K 169 57.18 -0.29 -133.03
C ALA K 169 57.12 0.50 -134.30
N GLU K 170 56.46 -0.04 -135.31
CA GLU K 170 56.29 0.65 -136.60
C GLU K 170 54.80 0.79 -136.92
N ILE K 171 54.50 1.63 -137.91
CA ILE K 171 53.12 1.87 -138.32
C ILE K 171 52.69 0.92 -139.44
N SER K 172 51.44 1.05 -139.87
CA SER K 172 50.94 0.27 -140.99
C SER K 172 51.83 0.57 -142.17
N SER K 173 51.89 -0.34 -143.14
CA SER K 173 52.65 -0.10 -144.36
C SER K 173 51.73 -0.05 -145.58
N SER K 174 50.99 1.04 -145.70
CA SER K 174 51.03 2.10 -144.70
C SER K 174 49.71 2.82 -144.52
N SER K 175 49.64 3.62 -143.47
CA SER K 175 48.54 4.56 -143.27
C SER K 175 48.66 5.60 -144.37
N SER K 176 47.65 6.47 -144.48
CA SER K 176 47.70 7.55 -145.44
C SER K 176 48.98 8.38 -145.23
N GLY K 177 49.27 8.72 -143.98
CA GLY K 177 50.31 9.67 -143.66
C GLY K 177 51.60 9.18 -143.04
N LEU K 178 52.60 10.07 -143.03
CA LEU K 178 53.97 9.72 -142.69
C LEU K 178 54.64 10.32 -141.45
N ALA K 179 55.98 10.22 -141.41
CA ALA K 179 56.82 10.95 -140.44
C ALA K 179 56.96 10.59 -138.96
N ALA K 180 56.18 9.62 -138.47
CA ALA K 180 56.03 9.40 -137.04
C ALA K 180 57.12 8.55 -136.39
N VAL K 181 57.19 8.68 -135.04
CA VAL K 181 58.20 7.95 -134.25
C VAL K 181 57.65 7.56 -132.88
N ILE K 182 57.22 6.32 -132.73
CA ILE K 182 56.78 5.84 -131.42
C ILE K 182 57.91 5.10 -130.75
N THR K 183 58.15 5.35 -129.46
CA THR K 183 59.28 4.75 -128.76
C THR K 183 58.85 3.92 -127.55
N LEU K 184 59.26 2.66 -127.52
CA LEU K 184 58.75 1.70 -126.54
C LEU K 184 59.60 1.57 -125.28
N GLY K 185 58.96 1.69 -124.12
CA GLY K 185 59.64 1.47 -122.85
C GLY K 185 59.31 0.11 -122.29
N LYS K 186 59.10 0.03 -120.97
CA LYS K 186 58.85 -1.24 -120.30
C LYS K 186 57.37 -1.51 -120.07
N ILE K 187 57.05 -2.73 -119.64
CA ILE K 187 55.67 -3.07 -119.30
C ILE K 187 55.37 -2.49 -117.92
N ILE K 188 54.41 -1.57 -117.84
CA ILE K 188 54.12 -0.89 -116.57
C ILE K 188 53.59 -1.88 -115.56
N THR K 189 54.28 -2.00 -114.43
CA THR K 189 53.86 -2.90 -113.38
C THR K 189 53.35 -2.12 -112.16
N ASP K 190 53.49 -0.80 -112.21
CA ASP K 190 52.99 0.05 -111.14
C ASP K 190 51.56 0.45 -111.44
N SER K 191 50.61 -0.13 -110.73
CA SER K 191 49.21 0.20 -110.91
C SER K 191 49.01 1.70 -110.81
N GLY K 192 49.87 2.34 -110.02
CA GLY K 192 49.87 3.79 -109.93
C GLY K 192 48.78 4.36 -109.05
N ILE K 193 48.35 3.60 -108.06
CA ILE K 193 47.28 4.06 -107.18
C ILE K 193 47.19 3.24 -105.91
N LEU K 194 47.02 3.92 -104.78
CA LEU K 194 46.81 3.26 -103.47
C LEU K 194 45.71 3.99 -102.70
N LEU K 195 44.64 3.28 -102.37
CA LEU K 195 43.55 3.84 -101.60
C LEU K 195 43.61 3.42 -100.14
N ALA K 196 43.68 4.40 -99.24
CA ALA K 196 43.75 4.13 -97.82
C ALA K 196 42.51 4.69 -97.16
N GLU K 197 42.66 5.86 -96.54
CA GLU K 197 41.53 6.51 -95.90
C GLU K 197 40.58 7.01 -96.95
N ILE K 198 39.46 7.60 -96.53
CA ILE K 198 38.52 8.17 -97.49
C ILE K 198 38.65 9.69 -97.53
N GLU K 199 39.27 10.26 -96.52
CA GLU K 199 39.59 11.68 -96.56
C GLU K 199 40.43 11.96 -97.80
N ASN K 200 41.20 10.96 -98.20
CA ASN K 200 42.02 11.05 -99.40
C ASN K 200 41.37 10.35 -100.58
N ALA K 201 40.30 9.62 -100.31
CA ALA K 201 39.57 8.84 -101.31
C ALA K 201 39.89 9.15 -102.77
N GLU K 202 39.01 9.91 -103.42
CA GLU K 202 39.15 10.22 -104.84
C GLU K 202 40.26 11.25 -105.10
N ALA K 203 40.91 11.70 -104.04
CA ALA K 203 42.02 12.64 -104.18
C ALA K 203 43.24 11.92 -104.69
N ALA K 204 43.29 10.62 -104.50
CA ALA K 204 44.35 9.80 -105.06
C ALA K 204 43.91 9.37 -106.44
N MET K 205 42.59 9.26 -106.61
CA MET K 205 41.98 8.93 -107.89
C MET K 205 42.10 10.12 -108.83
N THR K 206 42.54 11.25 -108.30
CA THR K 206 42.64 12.47 -109.07
C THR K 206 44.00 13.10 -108.87
N ALA K 207 45.03 12.30 -109.04
CA ALA K 207 46.39 12.78 -108.96
C ALA K 207 46.91 12.94 -110.38
N VAL K 208 47.53 14.08 -110.65
CA VAL K 208 48.04 14.36 -111.99
C VAL K 208 48.70 13.12 -112.59
N ASP K 209 49.59 12.49 -111.84
CA ASP K 209 50.33 11.33 -112.34
C ASP K 209 49.40 10.18 -112.73
N PHE K 210 48.47 9.83 -111.85
CA PHE K 210 47.50 8.78 -112.15
C PHE K 210 46.61 9.17 -113.33
N GLN K 211 45.84 10.25 -113.15
CA GLN K 211 44.94 10.74 -114.17
C GLN K 211 45.63 10.90 -115.52
N ALA K 212 46.95 11.07 -115.48
CA ALA K 212 47.71 11.23 -116.71
C ALA K 212 47.58 10.00 -117.59
N ASN K 213 47.88 8.84 -117.03
CA ASN K 213 47.85 7.61 -117.80
C ASN K 213 46.45 7.17 -118.18
N LEU K 214 45.47 7.58 -117.39
CA LEU K 214 44.09 7.29 -117.73
C LEU K 214 43.76 7.93 -119.08
N LYS K 215 44.48 9.01 -119.41
CA LYS K 215 44.35 9.67 -120.69
C LYS K 215 45.19 8.92 -121.71
N LYS K 216 46.45 8.72 -121.37
CA LYS K 216 47.45 8.13 -122.25
C LYS K 216 46.98 6.81 -122.85
N TYR K 217 46.38 5.97 -122.04
CA TYR K 217 45.94 4.67 -122.51
C TYR K 217 44.43 4.59 -122.63
N GLY K 218 43.80 5.76 -122.78
CA GLY K 218 42.38 5.85 -123.04
C GLY K 218 41.46 4.89 -122.31
N ILE K 219 41.54 4.88 -120.98
CA ILE K 219 40.65 4.07 -120.16
C ILE K 219 40.11 4.90 -119.00
N PRO K 220 39.06 4.40 -118.33
CA PRO K 220 38.40 5.10 -117.22
C PRO K 220 39.16 4.89 -115.92
N GLY K 221 38.83 5.68 -114.90
CA GLY K 221 39.49 5.55 -113.61
C GLY K 221 38.82 4.54 -112.71
N VAL K 222 38.96 3.26 -113.03
CA VAL K 222 38.33 2.21 -112.23
C VAL K 222 39.39 1.29 -111.61
N VAL K 223 39.45 1.26 -110.28
CA VAL K 223 40.46 0.46 -109.60
C VAL K 223 39.83 -0.42 -108.53
N ALA K 224 40.55 -1.48 -108.14
CA ALA K 224 40.12 -2.31 -107.02
C ALA K 224 40.08 -1.46 -105.76
N LEU K 225 39.13 -1.74 -104.87
CA LEU K 225 38.92 -0.90 -103.72
C LEU K 225 39.99 -1.06 -102.64
N TYR K 226 40.58 -2.24 -102.56
CA TYR K 226 41.52 -2.55 -101.48
C TYR K 226 42.88 -2.95 -102.01
N PRO K 227 43.94 -2.41 -101.39
CA PRO K 227 45.29 -2.78 -101.81
C PRO K 227 45.39 -4.29 -101.75
N GLY K 228 46.11 -4.90 -102.69
CA GLY K 228 46.25 -6.34 -102.64
C GLY K 228 46.19 -7.05 -103.96
N GLU K 229 47.03 -8.08 -104.11
CA GLU K 229 47.06 -8.89 -105.32
C GLU K 229 45.74 -9.60 -105.49
N LEU K 230 44.94 -9.62 -104.45
CA LEU K 230 43.63 -10.25 -104.52
C LEU K 230 42.73 -9.47 -105.45
N GLY K 231 43.10 -8.21 -105.71
CA GLY K 231 42.31 -7.34 -106.58
C GLY K 231 42.49 -7.67 -108.05
N ASP K 232 43.56 -8.38 -108.35
CA ASP K 232 43.83 -8.76 -109.72
C ASP K 232 42.73 -9.67 -110.29
N LYS K 233 41.93 -10.23 -109.41
CA LYS K 233 40.88 -11.15 -109.83
C LYS K 233 39.61 -10.43 -110.31
N ILE K 234 39.56 -9.12 -110.10
CA ILE K 234 38.42 -8.32 -110.54
C ILE K 234 38.52 -7.94 -112.01
N GLU K 235 37.37 -7.92 -112.69
CA GLU K 235 37.31 -7.58 -114.12
C GLU K 235 36.05 -6.78 -114.42
N ILE K 236 36.21 -5.48 -114.60
CA ILE K 236 35.08 -4.62 -114.89
C ILE K 236 34.64 -4.71 -116.35
N GLU K 237 33.34 -4.74 -116.58
CA GLU K 237 32.80 -4.65 -117.94
C GLU K 237 32.02 -3.35 -118.06
N ILE K 238 32.40 -2.50 -118.99
CA ILE K 238 31.73 -1.20 -119.18
C ILE K 238 31.05 -1.08 -120.53
N VAL K 239 29.78 -0.69 -120.52
CA VAL K 239 29.03 -0.47 -121.74
C VAL K 239 28.23 0.83 -121.62
N SER K 240 28.27 1.65 -122.67
CA SER K 240 27.61 2.95 -122.68
C SER K 240 26.21 2.86 -123.29
N LYS K 241 25.43 3.93 -123.16
CA LYS K 241 24.10 3.96 -123.74
C LYS K 241 24.21 3.66 -125.24
N ALA K 242 25.41 3.87 -125.77
CA ALA K 242 25.67 3.65 -127.19
C ALA K 242 25.66 2.16 -127.53
N ASP K 243 26.68 1.44 -127.08
CA ASP K 243 26.83 0.02 -127.40
C ASP K 243 25.89 -0.84 -126.56
N TYR K 244 24.93 -0.22 -125.89
CA TYR K 244 24.02 -0.97 -125.03
C TYR K 244 22.87 -1.60 -125.82
N ALA K 245 22.38 -0.88 -126.82
CA ALA K 245 21.33 -1.40 -127.69
C ALA K 245 21.89 -2.56 -128.50
N LYS K 246 23.07 -2.35 -129.06
CA LYS K 246 23.81 -3.42 -129.71
C LYS K 246 24.37 -4.34 -128.63
N GLY K 247 23.90 -4.16 -127.40
CA GLY K 247 24.40 -4.89 -126.25
C GLY K 247 24.73 -6.35 -126.50
N ALA K 248 24.02 -6.95 -127.44
CA ALA K 248 24.27 -8.34 -127.76
C ALA K 248 25.41 -8.51 -128.76
N SER K 249 25.38 -7.69 -129.81
CA SER K 249 26.37 -7.78 -130.88
C SER K 249 27.66 -7.08 -130.50
N ALA K 250 27.54 -5.88 -129.92
CA ALA K 250 28.70 -5.07 -129.54
C ALA K 250 29.85 -5.91 -129.01
N LEU K 251 30.96 -5.91 -129.73
CA LEU K 251 32.10 -6.71 -129.37
C LEU K 251 33.12 -5.94 -128.52
N LEU K 252 32.85 -5.84 -127.23
CA LEU K 252 33.74 -5.13 -126.31
C LEU K 252 35.19 -5.61 -126.43
N PRO K 253 36.13 -4.66 -126.47
CA PRO K 253 37.56 -4.95 -126.56
C PRO K 253 38.09 -5.13 -125.16
N ILE K 254 39.23 -5.79 -125.00
CA ILE K 254 39.77 -6.01 -123.66
C ILE K 254 41.09 -5.28 -123.44
N TYR K 255 41.07 -4.33 -122.50
CA TYR K 255 42.27 -3.58 -122.15
C TYR K 255 42.91 -4.20 -120.91
N PRO K 256 44.24 -4.28 -120.86
CA PRO K 256 45.18 -3.90 -121.92
C PRO K 256 45.57 -5.13 -122.74
N GLY K 257 45.18 -6.30 -122.26
CA GLY K 257 45.51 -7.53 -122.95
C GLY K 257 45.34 -7.43 -124.44
N GLY K 258 44.09 -7.29 -124.88
CA GLY K 258 43.78 -7.26 -126.29
C GLY K 258 42.57 -8.12 -126.58
N GLY K 259 42.29 -8.36 -127.85
CA GLY K 259 41.15 -9.18 -128.24
C GLY K 259 39.83 -8.60 -127.77
N THR K 260 38.74 -9.21 -128.20
CA THR K 260 37.42 -8.72 -127.84
C THR K 260 36.55 -9.84 -127.27
N ARG K 261 35.32 -9.49 -126.93
CA ARG K 261 34.40 -10.42 -126.32
C ARG K 261 33.00 -9.84 -126.33
N ALA K 262 32.06 -10.60 -126.87
CA ALA K 262 30.67 -10.14 -126.96
C ALA K 262 30.21 -9.51 -125.65
N SER K 263 29.55 -8.37 -125.74
CA SER K 263 29.01 -7.70 -124.57
C SER K 263 27.98 -8.58 -123.87
N THR K 264 27.49 -8.12 -122.72
CA THR K 264 26.47 -8.87 -121.98
C THR K 264 25.46 -7.92 -121.36
N ALA K 265 25.74 -6.62 -121.44
CA ALA K 265 24.94 -5.59 -120.77
C ALA K 265 23.43 -5.81 -120.82
N LYS K 266 22.84 -5.71 -122.00
CA LYS K 266 21.40 -5.85 -122.18
C LYS K 266 20.91 -7.23 -121.76
N ALA K 267 21.86 -8.16 -121.60
CA ALA K 267 21.53 -9.51 -121.17
C ALA K 267 21.76 -9.71 -119.66
N VAL K 268 21.78 -8.60 -118.93
CA VAL K 268 21.94 -8.64 -117.49
C VAL K 268 21.12 -7.51 -116.87
N PHE K 269 20.92 -6.46 -117.65
CA PHE K 269 20.17 -5.30 -117.18
C PHE K 269 18.77 -5.20 -117.77
N GLY K 270 17.80 -4.84 -116.93
CA GLY K 270 16.51 -4.44 -117.41
C GLY K 270 16.60 -2.95 -117.67
N TYR K 271 16.64 -2.18 -116.58
CA TYR K 271 16.81 -0.75 -116.65
C TYR K 271 18.15 -0.42 -117.32
N GLY K 272 18.11 -0.10 -118.60
CA GLY K 272 19.31 0.22 -119.34
C GLY K 272 19.83 1.63 -119.09
N PRO K 273 21.01 1.96 -119.62
CA PRO K 273 21.61 3.29 -119.48
C PRO K 273 20.70 4.34 -120.11
N GLN K 274 20.30 5.34 -119.33
CA GLN K 274 19.33 6.32 -119.79
C GLN K 274 19.96 7.45 -120.60
N THR K 275 20.64 8.37 -119.93
CA THR K 275 21.30 9.47 -120.64
C THR K 275 22.54 8.93 -121.36
N ASP K 276 23.10 9.72 -122.27
CA ASP K 276 24.28 9.31 -123.03
C ASP K 276 25.53 9.30 -122.14
N SER K 277 25.42 9.94 -120.99
CA SER K 277 26.51 9.98 -120.03
C SER K 277 26.26 9.02 -118.86
N GLN K 278 25.46 7.98 -119.12
CA GLN K 278 25.26 6.90 -118.16
C GLN K 278 25.89 5.64 -118.72
N TYR K 279 26.46 4.80 -117.85
CA TYR K 279 27.12 3.59 -118.29
C TYR K 279 26.73 2.37 -117.49
N ALA K 280 26.73 1.22 -118.15
CA ALA K 280 26.47 -0.05 -117.50
C ALA K 280 27.79 -0.61 -117.00
N ILE K 281 27.87 -0.91 -115.70
CA ILE K 281 29.08 -1.48 -115.12
C ILE K 281 28.79 -2.86 -114.56
N ILE K 282 29.58 -3.85 -114.96
CA ILE K 282 29.40 -5.20 -114.47
C ILE K 282 30.71 -5.77 -113.92
N VAL K 283 30.84 -5.86 -112.60
CA VAL K 283 32.07 -6.30 -111.97
C VAL K 283 32.11 -7.81 -111.75
N ARG K 284 33.22 -8.44 -112.11
CA ARG K 284 33.34 -9.88 -112.02
C ARG K 284 34.61 -10.31 -111.27
N ARG K 285 34.46 -11.28 -110.39
CA ARG K 285 35.63 -11.92 -109.78
C ARG K 285 35.45 -13.42 -109.90
N ASN K 286 36.31 -14.07 -110.69
CA ASN K 286 36.21 -15.51 -110.92
C ASN K 286 34.98 -15.89 -111.75
N ASP K 287 34.70 -15.11 -112.78
CA ASP K 287 33.57 -15.36 -113.67
C ASP K 287 32.26 -15.03 -112.99
N ALA K 288 32.32 -14.71 -111.70
CA ALA K 288 31.12 -14.37 -110.93
C ALA K 288 30.75 -12.92 -111.14
N ILE K 289 29.48 -12.67 -111.42
CA ILE K 289 29.00 -11.31 -111.60
C ILE K 289 28.75 -10.72 -110.23
N VAL K 290 29.85 -10.33 -109.56
CA VAL K 290 29.82 -9.83 -108.19
C VAL K 290 28.96 -8.58 -107.95
N GLN K 291 28.87 -7.70 -108.93
CA GLN K 291 28.06 -6.49 -108.81
C GLN K 291 27.60 -5.98 -110.18
N SER K 292 26.45 -5.33 -110.22
CA SER K 292 25.89 -4.82 -111.47
C SER K 292 25.16 -3.51 -111.22
N VAL K 293 25.67 -2.42 -111.79
CA VAL K 293 25.08 -1.11 -111.54
C VAL K 293 25.14 -0.24 -112.79
N VAL K 294 24.37 0.84 -112.79
CA VAL K 294 24.42 1.82 -113.85
C VAL K 294 24.70 3.20 -113.25
N LEU K 295 25.76 3.84 -113.74
CA LEU K 295 26.19 5.14 -113.19
C LEU K 295 26.33 6.20 -114.25
N SER K 296 26.41 7.45 -113.83
CA SER K 296 26.51 8.57 -114.75
C SER K 296 27.75 9.40 -114.47
N THR K 297 28.31 9.99 -115.52
CA THR K 297 29.47 10.86 -115.39
C THR K 297 29.04 12.31 -115.23
N LYS K 298 27.74 12.55 -115.19
CA LYS K 298 27.22 13.90 -115.05
C LYS K 298 26.56 14.11 -113.69
N ARG K 299 27.09 15.07 -112.93
CA ARG K 299 26.59 15.34 -111.59
C ARG K 299 25.08 15.53 -111.61
N GLY K 300 24.44 15.22 -110.49
CA GLY K 300 23.00 15.41 -110.37
C GLY K 300 22.20 14.21 -110.83
N GLY K 301 22.47 13.76 -112.06
CA GLY K 301 21.72 12.67 -112.66
C GLY K 301 21.41 11.56 -111.69
N LYS K 302 20.17 11.07 -111.76
CA LYS K 302 19.68 10.05 -110.84
C LYS K 302 19.01 8.92 -111.60
N ASP K 303 18.81 7.79 -110.94
CA ASP K 303 18.02 6.71 -111.49
C ASP K 303 16.56 7.05 -111.29
N ILE K 304 15.68 6.08 -111.52
CA ILE K 304 14.25 6.30 -111.35
C ILE K 304 13.85 6.35 -109.88
N TYR K 305 14.80 6.66 -109.01
CA TYR K 305 14.53 6.72 -107.56
C TYR K 305 15.17 7.96 -106.95
N ASP K 306 15.64 8.86 -107.80
CA ASP K 306 16.36 10.05 -107.33
C ASP K 306 17.56 9.69 -106.46
N SER K 307 18.13 8.52 -106.71
CA SER K 307 19.39 8.13 -106.06
C SER K 307 20.54 8.68 -106.88
N ASN K 308 21.29 9.61 -106.30
CA ASN K 308 22.43 10.21 -106.99
C ASN K 308 23.39 9.15 -107.51
N ILE K 309 23.35 8.89 -108.80
CA ILE K 309 24.19 7.88 -109.42
C ILE K 309 25.38 8.49 -110.17
N TYR K 310 25.79 9.69 -109.75
CA TYR K 310 27.02 10.27 -110.28
C TYR K 310 28.19 9.50 -109.69
N ILE K 311 29.02 8.93 -110.57
CA ILE K 311 30.12 8.07 -110.16
C ILE K 311 30.82 8.48 -108.86
N ASP K 312 31.55 9.60 -108.91
CA ASP K 312 32.34 10.05 -107.78
C ASP K 312 31.62 9.99 -106.43
N ASP K 313 30.33 10.28 -106.44
CA ASP K 313 29.55 10.28 -105.21
C ASP K 313 29.14 8.85 -104.81
N PHE K 314 28.57 8.13 -105.77
CA PHE K 314 28.16 6.75 -105.54
C PHE K 314 29.19 6.00 -104.72
N PHE K 315 30.43 6.01 -105.17
CA PHE K 315 31.51 5.30 -104.50
C PHE K 315 31.95 6.05 -103.24
N ALA K 316 31.79 7.37 -103.26
CA ALA K 316 32.17 8.21 -102.14
C ALA K 316 31.45 7.80 -100.86
N LYS K 317 30.37 7.05 -101.04
CA LYS K 317 29.54 6.63 -99.90
C LYS K 317 29.29 5.13 -99.94
N GLY K 318 30.30 4.36 -99.54
CA GLY K 318 30.20 2.90 -99.48
C GLY K 318 29.38 2.27 -100.59
N GLY K 319 29.45 2.86 -101.78
CA GLY K 319 28.65 2.40 -102.89
C GLY K 319 28.93 0.99 -103.33
N SER K 320 30.18 0.55 -103.17
CA SER K 320 30.59 -0.76 -103.67
C SER K 320 31.68 -1.40 -102.84
N GLU K 321 31.51 -2.68 -102.55
CA GLU K 321 32.46 -3.42 -101.72
C GLU K 321 33.75 -3.76 -102.46
N TYR K 322 33.72 -3.69 -103.78
CA TYR K 322 34.82 -4.24 -104.59
C TYR K 322 35.71 -3.21 -105.27
N ILE K 323 35.09 -2.24 -105.95
CA ILE K 323 35.84 -1.30 -106.77
C ILE K 323 35.62 0.14 -106.33
N PHE K 324 36.27 1.05 -107.03
CA PHE K 324 36.18 2.48 -106.73
C PHE K 324 36.54 3.18 -108.01
N ALA K 325 35.75 4.19 -108.40
CA ALA K 325 35.96 4.87 -109.67
C ALA K 325 35.82 6.38 -109.59
N THR K 326 36.10 7.05 -110.70
CA THR K 326 35.99 8.50 -110.78
C THR K 326 35.63 8.94 -112.21
N ALA K 327 34.66 9.84 -112.31
CA ALA K 327 34.18 10.28 -113.62
C ALA K 327 35.29 10.99 -114.38
N GLN K 328 36.30 11.43 -113.67
CA GLN K 328 37.38 12.20 -114.26
C GLN K 328 38.13 11.43 -115.35
N ASN K 329 38.24 12.06 -116.51
CA ASN K 329 38.94 11.46 -117.65
C ASN K 329 38.33 10.15 -118.12
N TRP K 330 37.11 9.88 -117.68
CA TRP K 330 36.34 8.75 -118.18
C TRP K 330 36.09 9.00 -119.66
N PRO K 331 36.64 8.12 -120.52
CA PRO K 331 36.48 8.32 -121.97
C PRO K 331 35.01 8.39 -122.36
N GLU K 332 34.64 9.40 -123.13
CA GLU K 332 33.25 9.53 -123.57
C GLU K 332 32.85 8.31 -124.41
N GLY K 333 31.66 7.79 -124.15
CA GLY K 333 31.14 6.64 -124.88
C GLY K 333 32.03 5.43 -124.82
N PHE K 334 32.93 5.39 -123.83
CA PHE K 334 33.81 4.25 -123.66
C PHE K 334 33.00 3.01 -123.42
N SER K 335 33.38 1.92 -124.07
CA SER K 335 32.82 0.61 -123.78
C SER K 335 33.94 -0.41 -123.94
N GLY K 336 34.05 -1.33 -123.01
CA GLY K 336 35.09 -2.33 -123.07
C GLY K 336 35.23 -3.17 -121.81
N ILE K 337 36.26 -4.01 -121.80
CA ILE K 337 36.55 -4.86 -120.67
C ILE K 337 37.83 -4.39 -120.01
N LEU K 338 37.73 -3.97 -118.77
CA LEU K 338 38.92 -3.56 -118.02
C LEU K 338 39.51 -4.72 -117.25
N THR K 339 40.83 -4.89 -117.36
CA THR K 339 41.52 -5.97 -116.70
C THR K 339 42.43 -5.43 -115.62
N LEU K 340 42.01 -5.58 -114.37
CA LEU K 340 42.79 -5.11 -113.23
C LEU K 340 43.95 -6.05 -113.02
N SER K 341 45.12 -5.47 -112.75
CA SER K 341 46.35 -6.21 -112.50
C SER K 341 47.38 -5.31 -111.82
N GLY K 342 48.57 -5.85 -111.56
CA GLY K 342 49.57 -5.11 -110.83
C GLY K 342 49.15 -4.85 -109.39
N GLY K 343 47.96 -5.30 -109.04
CA GLY K 343 47.49 -5.18 -107.68
C GLY K 343 48.55 -5.72 -106.74
N LEU K 344 48.76 -5.06 -105.61
CA LEU K 344 49.86 -5.44 -104.75
C LEU K 344 49.73 -4.95 -103.33
N SER K 345 49.20 -5.79 -102.44
CA SER K 345 49.30 -5.50 -101.04
C SER K 345 50.64 -6.02 -100.60
N SER K 346 51.47 -5.16 -100.05
CA SER K 346 52.71 -5.66 -99.54
C SER K 346 52.64 -5.56 -98.05
N ASN K 347 52.57 -6.72 -97.41
CA ASN K 347 52.93 -6.86 -95.99
C ASN K 347 54.41 -7.13 -96.03
N ALA K 348 54.83 -7.66 -97.17
CA ALA K 348 56.24 -7.93 -97.45
C ALA K 348 57.08 -7.11 -96.51
N GLU K 349 57.01 -5.80 -96.67
CA GLU K 349 57.69 -4.90 -95.74
C GLU K 349 56.80 -3.82 -95.18
N VAL K 350 55.98 -4.21 -94.22
CA VAL K 350 55.29 -3.28 -93.36
C VAL K 350 56.18 -3.05 -92.14
N THR K 351 56.79 -1.87 -92.07
CA THR K 351 57.66 -1.51 -90.96
C THR K 351 56.89 -1.47 -89.64
N ALA K 352 57.60 -1.76 -88.55
CA ALA K 352 56.98 -1.73 -87.22
C ALA K 352 56.14 -0.47 -87.08
N GLY K 353 56.74 0.68 -87.41
CA GLY K 353 56.04 1.95 -87.31
C GLY K 353 54.74 1.96 -88.09
N ASP K 354 54.77 1.35 -89.27
CA ASP K 354 53.58 1.27 -90.11
C ASP K 354 52.44 0.64 -89.32
N LEU K 355 52.79 -0.16 -88.31
CA LEU K 355 51.79 -0.73 -87.41
C LEU K 355 51.33 0.30 -86.40
N MET K 356 52.28 1.03 -85.83
CA MET K 356 51.98 2.03 -84.81
C MET K 356 51.15 3.17 -85.38
N GLU K 357 51.41 3.56 -86.62
CA GLU K 357 50.57 4.55 -87.29
C GLU K 357 49.13 4.06 -87.28
N ALA K 358 48.96 2.77 -87.49
CA ALA K 358 47.64 2.16 -87.53
C ALA K 358 46.98 2.17 -86.16
N TRP K 359 47.62 1.50 -85.20
CA TRP K 359 47.08 1.45 -83.85
C TRP K 359 46.60 2.81 -83.36
N ASP K 360 47.33 3.86 -83.75
CA ASP K 360 47.04 5.21 -83.28
C ASP K 360 45.59 5.61 -83.53
N PHE K 361 44.93 4.93 -84.45
CA PHE K 361 43.56 5.28 -84.80
C PHE K 361 42.59 5.13 -83.63
N PHE K 362 43.08 4.56 -82.52
CA PHE K 362 42.24 4.31 -81.34
C PHE K 362 42.57 5.21 -80.16
N ALA K 363 43.58 6.04 -80.28
CA ALA K 363 44.15 6.73 -79.12
C ALA K 363 43.43 7.99 -78.64
N ASP K 364 42.11 8.03 -78.79
CA ASP K 364 41.31 9.16 -78.31
C ASP K 364 39.84 8.80 -78.06
N ARG K 365 39.46 8.79 -76.79
CA ARG K 365 38.09 8.45 -76.40
C ARG K 365 37.05 9.33 -77.10
N GLU K 366 37.48 10.51 -77.57
CA GLU K 366 36.60 11.44 -78.24
C GLU K 366 36.04 10.63 -79.39
N SER K 367 36.90 9.83 -80.00
CA SER K 367 36.55 9.20 -81.25
C SER K 367 36.02 7.77 -81.26
N VAL K 368 36.76 6.85 -80.67
CA VAL K 368 36.36 5.45 -80.67
C VAL K 368 36.22 4.80 -79.31
N ASP K 369 35.02 4.31 -79.03
CA ASP K 369 34.74 3.61 -77.79
C ASP K 369 35.16 2.14 -77.90
N VAL K 370 36.40 1.87 -77.52
CA VAL K 370 36.93 0.51 -77.59
C VAL K 370 37.41 0.03 -76.23
N GLN K 371 36.82 -1.04 -75.73
CA GLN K 371 37.07 -1.47 -74.35
C GLN K 371 38.36 -2.28 -74.17
N LEU K 372 38.63 -3.20 -75.07
CA LEU K 372 39.79 -4.08 -74.93
C LEU K 372 40.77 -3.85 -76.05
N PHE K 373 42.02 -4.27 -75.85
CA PHE K 373 43.07 -4.05 -76.83
C PHE K 373 43.84 -5.34 -77.13
N ILE K 374 43.57 -5.95 -78.27
CA ILE K 374 44.34 -7.13 -78.65
C ILE K 374 45.71 -6.69 -79.12
N ALA K 375 46.76 -7.07 -78.41
CA ALA K 375 48.07 -6.52 -78.71
C ALA K 375 49.08 -7.62 -78.99
N GLY K 376 48.95 -8.74 -78.30
CA GLY K 376 49.89 -9.85 -78.47
C GLY K 376 50.00 -10.30 -79.90
N SER K 377 49.09 -9.80 -80.73
CA SER K 377 49.02 -10.15 -82.15
C SER K 377 50.33 -9.93 -82.88
N CYS K 378 51.26 -9.24 -82.22
CA CYS K 378 52.55 -8.98 -82.84
C CYS K 378 53.58 -9.97 -82.35
N ALA K 379 53.14 -10.93 -81.54
CA ALA K 379 54.03 -11.92 -80.95
C ALA K 379 55.06 -12.44 -81.94
N GLY K 380 54.61 -12.75 -83.16
CA GLY K 380 55.46 -13.36 -84.16
C GLY K 380 56.48 -12.46 -84.82
N GLU K 381 56.15 -11.17 -84.95
CA GLU K 381 56.98 -10.24 -85.70
C GLU K 381 58.44 -10.13 -85.22
N SER K 382 59.26 -9.42 -85.98
CA SER K 382 60.67 -9.22 -85.64
C SER K 382 60.74 -8.98 -84.14
N LEU K 383 61.49 -9.81 -83.42
CA LEU K 383 61.57 -9.65 -81.97
C LEU K 383 61.47 -8.18 -81.60
N GLU K 384 62.35 -7.36 -82.18
CA GLU K 384 62.32 -5.93 -81.95
C GLU K 384 60.89 -5.43 -81.96
N THR K 385 60.30 -5.40 -83.15
CA THR K 385 58.92 -4.93 -83.33
C THR K 385 57.95 -5.66 -82.40
N ALA K 386 58.20 -6.94 -82.13
CA ALA K 386 57.36 -7.69 -81.22
C ALA K 386 57.21 -6.90 -79.93
N SER K 387 58.32 -6.33 -79.47
CA SER K 387 58.34 -5.56 -78.24
C SER K 387 57.90 -4.13 -78.46
N THR K 388 58.59 -3.43 -79.35
CA THR K 388 58.36 -1.99 -79.50
C THR K 388 56.96 -1.58 -79.97
N VAL K 389 56.26 -2.45 -80.68
CA VAL K 389 54.89 -2.14 -81.07
C VAL K 389 53.99 -2.17 -79.85
N GLN K 390 53.85 -3.36 -79.26
CA GLN K 390 53.09 -3.54 -78.03
C GLN K 390 53.41 -2.44 -77.01
N LYS K 391 54.69 -2.32 -76.68
CA LYS K 391 55.16 -1.30 -75.76
C LYS K 391 54.42 -0.01 -76.03
N HIS K 392 54.36 0.37 -77.31
CA HIS K 392 53.67 1.59 -77.73
C HIS K 392 52.15 1.48 -77.55
N VAL K 393 51.58 0.32 -77.87
CA VAL K 393 50.14 0.13 -77.72
C VAL K 393 49.71 0.37 -76.28
N VAL K 394 50.54 -0.07 -75.35
CA VAL K 394 50.31 0.18 -73.93
C VAL K 394 50.27 1.68 -73.68
N SER K 395 51.11 2.40 -74.39
CA SER K 395 51.21 3.84 -74.24
C SER K 395 50.10 4.57 -74.98
N ILE K 396 49.01 3.86 -75.25
CA ILE K 396 47.82 4.44 -75.85
C ILE K 396 46.67 4.26 -74.87
N GLY K 397 46.63 3.08 -74.26
CA GLY K 397 45.68 2.81 -73.21
C GLY K 397 46.07 3.60 -71.98
N ASP K 398 47.36 3.73 -71.76
CA ASP K 398 47.86 4.54 -70.65
C ASP K 398 47.32 5.96 -70.74
N VAL K 399 47.62 6.63 -71.83
CA VAL K 399 47.27 8.04 -71.98
C VAL K 399 45.77 8.24 -72.10
N ARG K 400 45.00 7.20 -72.29
CA ARG K 400 43.55 7.37 -72.46
C ARG K 400 42.76 6.77 -71.31
N GLN K 401 43.30 5.71 -70.71
CA GLN K 401 42.73 5.07 -69.51
C GLN K 401 41.25 4.72 -69.61
N ASP K 402 40.82 4.32 -70.80
CA ASP K 402 39.50 3.71 -70.99
C ASP K 402 39.70 2.45 -71.82
N CYS K 403 40.23 1.40 -71.20
CA CYS K 403 40.60 0.21 -71.95
C CYS K 403 41.39 -0.80 -71.12
N LEU K 404 42.08 -1.69 -71.81
CA LEU K 404 42.84 -2.75 -71.15
C LEU K 404 43.69 -2.95 -72.40
N VAL K 405 45.00 -3.05 -72.23
CA VAL K 405 45.88 -3.23 -73.38
C VAL K 405 46.27 -4.55 -72.71
N LEU K 406 46.09 -5.65 -73.44
CA LEU K 406 46.41 -6.98 -72.90
C LEU K 406 47.49 -7.32 -73.94
N CYS K 407 48.53 -8.03 -73.51
CA CYS K 407 49.73 -8.25 -74.31
C CYS K 407 50.41 -9.57 -74.01
N SER K 408 50.98 -10.18 -75.04
CA SER K 408 51.60 -11.50 -74.94
C SER K 408 53.08 -11.60 -75.37
N PRO K 409 53.83 -12.58 -74.84
CA PRO K 409 55.28 -12.69 -75.01
C PRO K 409 55.67 -13.01 -76.44
N PRO K 410 56.94 -12.79 -76.80
CA PRO K 410 57.42 -13.08 -78.15
C PRO K 410 57.65 -14.57 -78.35
N ARG K 411 57.22 -15.10 -79.49
CA ARG K 411 57.40 -16.52 -79.75
C ARG K 411 58.82 -16.94 -79.40
N GLU K 412 59.80 -16.20 -79.90
CA GLU K 412 61.20 -16.53 -79.64
C GLU K 412 61.38 -17.11 -78.25
N THR K 413 60.83 -16.40 -77.28
CA THR K 413 61.17 -16.57 -75.86
C THR K 413 60.51 -17.76 -75.17
N VAL K 414 59.48 -18.32 -75.79
CA VAL K 414 58.64 -19.24 -75.04
C VAL K 414 58.28 -20.57 -75.70
N VAL K 415 58.22 -20.60 -77.03
CA VAL K 415 57.74 -21.78 -77.74
C VAL K 415 58.80 -22.86 -78.00
N GLY K 416 59.97 -22.45 -78.47
CA GLY K 416 61.02 -23.40 -78.79
C GLY K 416 61.64 -24.13 -77.59
N ILE K 417 62.22 -23.36 -76.67
CA ILE K 417 62.97 -23.91 -75.55
C ILE K 417 62.09 -24.60 -74.52
N PRO K 418 62.71 -25.35 -73.58
CA PRO K 418 62.06 -25.93 -72.40
C PRO K 418 61.82 -24.86 -71.34
N VAL K 419 60.96 -25.15 -70.37
CA VAL K 419 60.57 -24.16 -69.38
C VAL K 419 61.74 -23.60 -68.55
N THR K 420 62.72 -24.44 -68.25
CA THR K 420 63.90 -23.98 -67.53
C THR K 420 64.41 -22.66 -68.10
N ARG K 421 64.93 -22.70 -69.31
CA ARG K 421 65.34 -21.48 -70.01
C ARG K 421 64.15 -20.53 -70.14
N ALA K 422 63.00 -21.10 -70.48
CA ALA K 422 61.81 -20.31 -70.79
C ALA K 422 61.60 -19.14 -69.84
N VAL K 423 61.44 -19.44 -68.55
CA VAL K 423 61.12 -18.38 -67.60
C VAL K 423 62.25 -17.37 -67.49
N ASP K 424 63.49 -17.84 -67.38
CA ASP K 424 64.62 -16.95 -67.36
C ASP K 424 64.42 -15.86 -68.40
N ASN K 425 64.13 -16.28 -69.63
CA ASN K 425 63.89 -15.36 -70.74
C ASN K 425 62.81 -14.36 -70.42
N LEU K 426 61.63 -14.86 -70.07
CA LEU K 426 60.49 -14.01 -69.78
C LEU K 426 60.79 -12.91 -68.78
N VAL K 427 61.48 -13.26 -67.70
CA VAL K 427 61.75 -12.29 -66.63
C VAL K 427 62.81 -11.28 -67.06
N ASN K 428 63.83 -11.74 -67.75
CA ASN K 428 64.79 -10.83 -68.34
C ASN K 428 64.11 -9.79 -69.21
N TRP K 429 63.18 -10.25 -70.03
CA TRP K 429 62.47 -9.38 -70.97
C TRP K 429 61.61 -8.35 -70.24
N ARG K 430 61.03 -8.76 -69.11
CA ARG K 430 60.16 -7.89 -68.34
C ARG K 430 60.94 -6.82 -67.57
N THR K 431 62.27 -6.91 -67.63
CA THR K 431 63.15 -5.92 -67.02
C THR K 431 64.20 -5.34 -67.97
N ALA K 432 65.17 -6.16 -68.35
CA ALA K 432 66.26 -5.71 -69.21
C ALA K 432 67.32 -6.79 -69.16
N ALA K 433 68.05 -6.81 -68.05
CA ALA K 433 68.93 -7.93 -67.70
C ALA K 433 69.77 -8.48 -68.84
N GLY K 434 69.54 -9.76 -69.14
CA GLY K 434 70.43 -10.54 -69.98
C GLY K 434 70.45 -10.18 -71.45
N SER K 435 69.68 -10.92 -72.24
CA SER K 435 69.72 -10.79 -73.69
C SER K 435 68.80 -9.69 -74.19
N TYR K 436 67.61 -9.63 -73.62
CA TYR K 436 66.63 -8.60 -73.98
C TYR K 436 66.77 -7.40 -73.09
N THR K 437 67.93 -6.75 -73.12
CA THR K 437 68.06 -5.49 -72.42
C THR K 437 67.46 -4.42 -73.31
N ASP K 438 67.69 -4.58 -74.60
CA ASP K 438 67.35 -3.57 -75.61
C ASP K 438 65.86 -3.65 -75.94
N ASN K 439 65.48 -4.79 -76.51
CA ASN K 439 64.08 -5.06 -76.78
C ASN K 439 63.40 -5.57 -75.52
N ASN K 440 63.39 -4.74 -74.49
CA ASN K 440 62.70 -5.09 -73.27
C ASN K 440 61.25 -4.68 -73.39
N PHE K 441 60.45 -5.14 -72.44
CA PHE K 441 59.07 -4.74 -72.30
C PHE K 441 58.93 -4.10 -70.93
N ASN K 442 60.02 -3.49 -70.47
CA ASN K 442 60.09 -2.97 -69.10
C ASN K 442 59.22 -1.75 -68.84
N ILE K 443 57.91 -1.95 -68.85
CA ILE K 443 56.96 -0.90 -68.54
C ILE K 443 56.08 -1.41 -67.42
N SER K 444 55.22 -0.55 -66.88
CA SER K 444 54.39 -0.96 -65.74
C SER K 444 53.05 -0.24 -65.64
N SER K 445 52.09 -0.65 -66.47
CA SER K 445 50.77 -0.03 -66.44
C SER K 445 49.75 -0.91 -65.74
N THR K 446 48.83 -0.25 -65.05
CA THR K 446 47.73 -0.90 -64.38
C THR K 446 46.76 -1.31 -65.47
N TYR K 447 47.01 -0.78 -66.67
CA TYR K 447 46.23 -1.09 -67.86
C TYR K 447 46.94 -2.15 -68.69
N ALA K 448 48.19 -2.41 -68.32
CA ALA K 448 48.99 -3.40 -69.01
C ALA K 448 48.72 -4.77 -68.43
N ALA K 449 48.24 -5.68 -69.27
CA ALA K 449 48.01 -7.06 -68.85
C ALA K 449 48.91 -7.74 -69.90
N ILE K 450 49.96 -8.41 -69.44
CA ILE K 450 50.77 -9.25 -70.30
C ILE K 450 50.34 -10.71 -70.22
N ASP K 451 50.99 -11.56 -71.01
CA ASP K 451 50.30 -12.67 -71.67
C ASP K 451 51.29 -13.77 -72.06
N GLY K 452 51.09 -14.95 -71.52
CA GLY K 452 52.03 -15.54 -70.56
C GLY K 452 52.66 -16.82 -71.08
N ASN K 453 51.98 -17.47 -72.02
CA ASN K 453 52.66 -18.21 -73.07
C ASN K 453 52.09 -17.93 -74.45
N TYR K 454 52.10 -18.95 -75.32
CA TYR K 454 51.66 -18.79 -76.70
C TYR K 454 50.98 -20.05 -77.22
N LYS K 455 49.81 -19.88 -77.82
CA LYS K 455 48.88 -20.98 -78.01
C LYS K 455 49.17 -21.74 -79.31
N TYR K 456 48.81 -23.02 -79.34
CA TYR K 456 49.02 -23.85 -80.51
C TYR K 456 47.68 -24.27 -81.10
N GLN K 457 47.20 -23.52 -82.10
CA GLN K 457 45.88 -23.73 -82.68
C GLN K 457 45.95 -24.56 -83.96
N TYR K 458 44.80 -24.86 -84.55
CA TYR K 458 44.77 -25.47 -85.87
C TYR K 458 44.18 -24.47 -86.83
N ASP K 459 44.73 -24.39 -88.03
CA ASP K 459 44.36 -23.37 -88.98
C ASP K 459 43.48 -23.92 -90.09
N LYS K 460 42.17 -23.91 -89.87
CA LYS K 460 41.24 -24.54 -90.81
C LYS K 460 41.44 -24.07 -92.24
N TYR K 461 42.14 -22.96 -92.42
CA TYR K 461 42.33 -22.39 -93.76
C TYR K 461 43.50 -23.01 -94.50
N ASN K 462 44.72 -22.79 -94.00
CA ASN K 462 45.89 -23.41 -94.61
C ASN K 462 45.90 -24.89 -94.29
N ASP K 463 45.07 -25.29 -93.33
CA ASP K 463 45.00 -26.66 -92.86
C ASP K 463 46.30 -27.08 -92.19
N VAL K 464 46.76 -26.27 -91.25
CA VAL K 464 48.00 -26.56 -90.55
C VAL K 464 47.92 -26.16 -89.09
N ASN K 465 48.68 -26.87 -88.25
CA ASN K 465 48.79 -26.50 -86.85
C ASN K 465 49.81 -25.38 -86.68
N ARG K 466 49.48 -24.40 -85.86
CA ARG K 466 50.20 -23.14 -85.87
C ARG K 466 50.23 -22.50 -84.47
N TRP K 467 51.34 -21.84 -84.14
CA TRP K 467 51.41 -21.11 -82.87
C TRP K 467 50.86 -19.69 -83.05
N VAL K 468 49.96 -19.30 -82.16
CA VAL K 468 49.41 -17.94 -82.21
C VAL K 468 49.46 -17.26 -80.85
N PRO K 469 49.60 -15.94 -80.84
CA PRO K 469 49.60 -15.16 -79.60
C PRO K 469 48.33 -15.43 -78.82
N LEU K 470 48.47 -15.73 -77.53
CA LEU K 470 47.32 -16.10 -76.72
C LEU K 470 46.49 -14.89 -76.32
N ALA K 471 47.13 -13.74 -76.21
CA ALA K 471 46.44 -12.50 -75.82
C ALA K 471 45.15 -12.28 -76.60
N ALA K 472 45.26 -12.36 -77.92
CA ALA K 472 44.10 -12.22 -78.79
C ALA K 472 42.88 -12.95 -78.24
N ASP K 473 43.15 -14.10 -77.64
CA ASP K 473 42.08 -14.96 -77.15
C ASP K 473 41.51 -14.46 -75.82
N ILE K 474 42.35 -14.36 -74.80
CA ILE K 474 41.91 -13.93 -73.48
C ILE K 474 41.09 -12.65 -73.53
N ALA K 475 41.36 -11.81 -74.51
CA ALA K 475 40.63 -10.55 -74.68
C ALA K 475 39.15 -10.79 -74.92
N GLY K 476 38.84 -11.77 -75.76
CA GLY K 476 37.46 -12.15 -75.99
C GLY K 476 36.93 -12.81 -74.75
N LEU K 477 37.82 -13.51 -74.05
CA LEU K 477 37.48 -14.19 -72.82
C LEU K 477 37.12 -13.16 -71.75
N CYS K 478 37.38 -11.90 -72.02
CA CYS K 478 36.98 -10.81 -71.13
C CYS K 478 35.64 -10.22 -71.51
N ALA K 479 35.45 -9.96 -72.80
CA ALA K 479 34.19 -9.45 -73.31
C ALA K 479 33.09 -10.31 -72.75
N ARG K 480 33.48 -11.56 -72.48
CA ARG K 480 32.63 -12.53 -71.83
C ARG K 480 32.57 -12.17 -70.35
N THR K 481 33.25 -13.00 -69.56
CA THR K 481 33.20 -12.96 -68.11
C THR K 481 33.17 -11.54 -67.53
N ASP K 482 32.19 -11.30 -66.66
CA ASP K 482 31.93 -9.98 -66.09
C ASP K 482 32.05 -8.90 -67.14
N ASN K 483 32.38 -7.69 -66.72
CA ASN K 483 32.60 -6.63 -67.68
C ASN K 483 34.05 -6.20 -67.88
N VAL K 484 34.27 -5.48 -68.96
CA VAL K 484 35.57 -5.37 -69.58
C VAL K 484 36.18 -3.97 -69.43
N ARG K 496 41.21 -18.03 -66.98
CA ARG K 496 40.01 -17.40 -66.44
C ARG K 496 38.75 -18.19 -66.81
N GLY K 497 38.93 -19.48 -67.09
CA GLY K 497 37.89 -20.29 -67.68
C GLY K 497 38.44 -20.79 -69.00
N GLN K 498 38.56 -22.11 -69.15
CA GLN K 498 39.35 -22.66 -70.23
C GLN K 498 39.09 -22.00 -71.58
N ILE K 499 40.11 -22.00 -72.43
CA ILE K 499 40.02 -21.42 -73.75
C ILE K 499 39.58 -22.47 -74.73
N LEU K 500 39.00 -22.01 -75.83
CA LEU K 500 38.24 -22.89 -76.71
C LEU K 500 39.07 -23.87 -77.53
N ASN K 501 39.85 -23.36 -78.47
CA ASN K 501 40.37 -24.18 -79.54
C ASN K 501 41.84 -24.51 -79.41
N VAL K 502 42.39 -24.27 -78.23
CA VAL K 502 43.77 -24.67 -77.97
C VAL K 502 43.91 -26.16 -78.20
N ILE K 503 45.14 -26.62 -78.43
CA ILE K 503 45.38 -28.03 -78.61
C ILE K 503 46.74 -28.34 -77.99
N LYS K 504 47.28 -27.36 -77.30
CA LYS K 504 48.64 -27.42 -76.80
C LYS K 504 49.01 -26.02 -76.39
N LEU K 505 49.68 -25.89 -75.25
CA LEU K 505 50.24 -24.60 -74.87
C LEU K 505 51.77 -24.66 -74.68
N ALA K 506 52.45 -23.57 -74.91
CA ALA K 506 53.90 -23.58 -74.86
C ALA K 506 54.39 -24.13 -73.52
N ILE K 507 53.68 -23.78 -72.45
CA ILE K 507 53.98 -24.31 -71.13
C ILE K 507 52.71 -24.71 -70.39
N GLU K 508 52.81 -25.76 -69.58
CA GLU K 508 51.65 -26.27 -68.86
C GLU K 508 52.08 -27.09 -67.64
N GLN K 511 55.33 -24.60 -59.64
CA GLN K 511 54.56 -23.87 -58.67
C GLN K 511 55.29 -22.60 -58.33
N ALA K 512 56.62 -22.68 -58.13
CA ALA K 512 57.35 -21.51 -57.75
C ALA K 512 57.24 -20.51 -58.86
N GLN K 513 57.38 -20.97 -60.11
CA GLN K 513 57.33 -20.10 -61.23
C GLN K 513 55.97 -19.50 -61.33
N ARG K 514 54.92 -20.31 -61.10
CA ARG K 514 53.57 -19.84 -61.20
C ARG K 514 53.37 -18.74 -60.19
N ASP K 515 53.80 -18.95 -58.94
CA ASP K 515 53.57 -17.92 -57.98
C ASP K 515 54.33 -16.72 -58.43
N ARG K 516 55.51 -16.93 -59.03
CA ARG K 516 56.34 -15.86 -59.50
C ARG K 516 55.62 -15.11 -60.59
N LEU K 517 54.96 -15.84 -61.50
CA LEU K 517 54.30 -15.19 -62.61
C LEU K 517 53.17 -14.35 -62.07
N TYR K 518 52.38 -14.89 -61.13
CA TYR K 518 51.38 -14.13 -60.42
C TYR K 518 52.20 -13.10 -59.71
N GLN K 519 51.65 -11.99 -59.23
CA GLN K 519 52.47 -11.02 -58.54
C GLN K 519 53.19 -10.19 -59.56
N GLU K 520 53.75 -10.86 -60.59
CA GLU K 520 54.35 -10.27 -61.74
C GLU K 520 53.21 -9.68 -62.48
N ALA K 521 51.99 -10.15 -62.14
CA ALA K 521 50.79 -9.75 -62.82
C ALA K 521 50.84 -10.25 -64.22
N ILE K 522 51.14 -11.55 -64.37
CA ILE K 522 51.12 -12.10 -65.70
C ILE K 522 50.07 -13.18 -65.72
N ASN K 523 49.40 -13.38 -66.88
CA ASN K 523 48.35 -14.36 -67.03
C ASN K 523 48.92 -15.65 -67.51
N PRO K 524 48.87 -16.64 -66.64
CA PRO K 524 49.40 -17.94 -66.94
C PRO K 524 48.35 -18.91 -67.39
N VAL K 525 48.77 -20.01 -68.03
CA VAL K 525 47.87 -21.07 -68.36
C VAL K 525 48.52 -22.30 -67.84
N THR K 526 47.76 -23.14 -67.10
CA THR K 526 48.39 -24.34 -66.61
C THR K 526 47.54 -25.50 -66.99
N GLY K 527 48.15 -26.69 -67.13
CA GLY K 527 47.38 -27.83 -67.51
C GLY K 527 47.47 -28.80 -66.39
N THR K 528 46.31 -29.29 -65.92
CA THR K 528 46.36 -30.24 -64.85
C THR K 528 45.53 -31.41 -65.22
N GLY K 529 46.15 -32.60 -65.26
CA GLY K 529 45.42 -33.80 -65.51
C GLY K 529 44.76 -33.69 -66.84
N GLY K 530 45.34 -32.87 -67.74
CA GLY K 530 44.74 -32.72 -69.03
C GLY K 530 43.87 -31.50 -68.95
N ASP K 531 43.62 -30.86 -70.11
CA ASP K 531 42.82 -29.67 -70.16
C ASP K 531 43.57 -28.58 -69.45
N GLY K 532 43.77 -27.44 -70.16
CA GLY K 532 44.48 -26.36 -69.56
C GLY K 532 43.47 -25.32 -69.17
N TYR K 533 43.75 -24.59 -68.08
CA TYR K 533 42.83 -23.58 -67.61
C TYR K 533 43.61 -22.37 -67.22
N VAL K 534 42.93 -21.22 -67.09
CA VAL K 534 43.61 -20.00 -66.75
C VAL K 534 43.92 -20.01 -65.29
N LEU K 535 45.19 -19.79 -64.95
CA LEU K 535 45.59 -19.79 -63.57
C LEU K 535 44.97 -18.64 -62.86
N TYR K 536 45.10 -17.43 -63.44
CA TYR K 536 44.64 -16.29 -62.72
C TYR K 536 43.97 -15.36 -63.66
N GLY K 537 43.11 -14.51 -63.08
CA GLY K 537 42.20 -13.60 -63.71
C GLY K 537 42.83 -12.59 -64.60
N ASP K 538 44.08 -12.07 -64.35
CA ASP K 538 44.79 -11.23 -65.31
C ASP K 538 45.59 -10.09 -64.77
N LYS K 539 45.71 -9.05 -65.62
CA LYS K 539 46.27 -7.73 -65.47
C LYS K 539 47.68 -7.66 -65.01
N THR K 540 48.41 -6.66 -65.58
CA THR K 540 49.74 -6.34 -65.15
C THR K 540 49.59 -5.17 -64.22
N ALA K 541 48.91 -5.41 -63.08
CA ALA K 541 48.49 -4.39 -62.16
C ALA K 541 49.61 -3.74 -61.43
N THR K 542 49.34 -2.49 -60.96
CA THR K 542 50.25 -1.60 -60.28
C THR K 542 49.59 -1.08 -59.02
N SER K 543 49.97 0.15 -58.58
CA SER K 543 49.53 0.74 -57.35
C SER K 543 48.04 0.85 -57.30
N VAL K 544 47.43 -0.11 -56.60
CA VAL K 544 46.05 -0.27 -56.31
C VAL K 544 46.09 -1.39 -55.34
N PRO K 545 45.03 -1.77 -54.70
CA PRO K 545 45.15 -2.93 -53.88
C PRO K 545 45.31 -4.07 -54.82
N SER K 546 45.78 -5.23 -54.31
CA SER K 546 46.05 -6.34 -55.18
C SER K 546 44.83 -6.80 -55.89
N PRO K 547 43.61 -6.66 -55.42
CA PRO K 547 42.52 -7.21 -56.19
C PRO K 547 42.27 -6.57 -57.51
N ASN K 552 38.90 -8.86 -61.99
CA ASN K 552 37.50 -8.84 -61.71
C ASN K 552 37.13 -7.53 -61.09
N VAL K 553 37.88 -7.10 -60.07
CA VAL K 553 37.58 -5.88 -59.39
C VAL K 553 37.73 -4.74 -60.35
N ARG K 554 38.75 -4.82 -61.22
CA ARG K 554 39.06 -3.78 -62.15
C ARG K 554 37.95 -3.57 -63.13
N ARG K 555 37.40 -4.68 -63.66
CA ARG K 555 36.41 -4.57 -64.68
C ARG K 555 35.22 -3.85 -64.15
N LEU K 556 34.88 -4.08 -62.87
CA LEU K 556 33.75 -3.40 -62.32
C LEU K 556 34.04 -1.94 -62.40
N PHE K 557 35.22 -1.52 -61.88
CA PHE K 557 35.52 -0.13 -61.86
C PHE K 557 35.66 0.46 -63.22
N ASN K 558 36.36 -0.22 -64.14
CA ASN K 558 36.57 0.37 -65.43
C ASN K 558 35.24 0.60 -66.07
N MET K 559 34.33 -0.38 -65.96
CA MET K 559 33.06 -0.23 -66.62
C MET K 559 32.34 0.95 -66.05
N LEU K 560 32.33 1.09 -64.71
CA LEU K 560 31.57 2.17 -64.16
C LEU K 560 32.12 3.47 -64.65
N LYS K 561 33.45 3.65 -64.61
CA LYS K 561 34.03 4.90 -64.98
C LYS K 561 33.70 5.22 -66.40
N THR K 562 33.78 4.22 -67.31
CA THR K 562 33.53 4.52 -68.68
C THR K 562 32.13 5.00 -68.87
N ASN K 563 31.16 4.31 -68.24
CA ASN K 563 29.78 4.66 -68.40
C ASN K 563 29.51 6.02 -67.83
N ILE K 564 30.12 6.35 -66.69
CA ILE K 564 29.80 7.58 -66.05
C ILE K 564 30.15 8.74 -66.94
N GLY K 565 31.32 8.67 -67.61
CA GLY K 565 31.81 9.75 -68.43
C GLY K 565 30.89 10.01 -69.58
N ARG K 566 30.32 8.95 -70.19
CA ARG K 566 29.51 9.11 -71.37
C ARG K 566 28.34 9.97 -71.04
N SER K 567 27.85 9.90 -69.79
CA SER K 567 26.70 10.64 -69.38
C SER K 567 26.98 12.11 -69.45
N SER K 568 28.23 12.50 -69.80
CA SER K 568 28.65 13.87 -69.89
C SER K 568 27.87 14.58 -70.95
N LYS K 569 27.27 13.86 -71.91
CA LYS K 569 26.57 14.52 -72.97
C LYS K 569 25.47 15.32 -72.35
N TYR K 570 24.91 14.80 -71.24
CA TYR K 570 23.80 15.41 -70.57
C TYR K 570 24.17 16.78 -70.09
N ARG K 571 25.43 16.99 -69.66
CA ARG K 571 25.81 18.26 -69.10
C ARG K 571 25.57 19.36 -70.07
N LEU K 572 25.89 19.12 -71.34
CA LEU K 572 25.75 20.18 -72.31
C LEU K 572 24.31 20.57 -72.32
N PHE K 573 23.41 19.58 -72.14
CA PHE K 573 22.01 19.80 -72.26
C PHE K 573 21.56 20.86 -71.28
N GLU K 574 21.96 20.76 -69.99
CA GLU K 574 21.45 21.75 -69.07
C GLU K 574 22.54 22.48 -68.37
N LEU K 575 22.12 23.50 -67.59
CA LEU K 575 22.98 24.35 -66.81
C LEU K 575 23.34 23.65 -65.54
N ASN K 576 24.27 24.24 -64.74
CA ASN K 576 24.71 23.65 -63.51
C ASN K 576 24.17 24.46 -62.37
N ASN K 577 23.56 23.76 -61.38
CA ASN K 577 23.01 24.41 -60.22
C ASN K 577 23.01 23.40 -59.10
N ALA K 578 22.42 23.77 -57.95
CA ALA K 578 22.33 22.85 -56.86
C ALA K 578 21.50 21.71 -57.32
N PHE K 579 20.44 22.04 -58.08
CA PHE K 579 19.54 21.05 -58.58
C PHE K 579 20.27 20.15 -59.51
N THR K 580 21.22 20.71 -60.30
CA THR K 580 21.93 19.92 -61.25
C THR K 580 22.75 18.90 -60.51
N ARG K 581 23.12 19.22 -59.26
CA ARG K 581 23.79 18.27 -58.44
C ARG K 581 22.86 17.11 -58.35
N SER K 582 21.58 17.39 -58.03
CA SER K 582 20.60 16.35 -58.03
C SER K 582 20.36 16.12 -59.49
N SER K 583 19.49 15.17 -59.88
CA SER K 583 19.33 14.99 -61.31
C SER K 583 20.53 14.22 -61.82
N PHE K 584 21.69 14.88 -62.02
CA PHE K 584 22.83 14.15 -62.47
C PHE K 584 23.11 13.11 -61.44
N ARG K 585 23.10 13.53 -60.16
CA ARG K 585 23.37 12.65 -59.07
C ARG K 585 22.35 11.57 -59.08
N THR K 586 21.06 11.93 -59.26
CA THR K 586 20.06 10.91 -59.21
C THR K 586 20.28 9.95 -60.35
N GLU K 587 20.65 10.47 -61.54
CA GLU K 587 20.80 9.60 -62.67
C GLU K 587 21.90 8.62 -62.44
N THR K 588 23.09 9.10 -62.01
CA THR K 588 24.19 8.19 -61.82
C THR K 588 23.87 7.26 -60.69
N ALA K 589 23.19 7.80 -59.65
CA ALA K 589 22.90 6.99 -58.49
C ALA K 589 22.04 5.85 -58.92
N GLN K 590 21.07 6.11 -59.81
CA GLN K 590 20.18 5.06 -60.21
C GLN K 590 21.01 3.99 -60.86
N TYR K 591 22.01 4.40 -61.68
CA TYR K 591 22.82 3.44 -62.35
C TYR K 591 23.59 2.65 -61.32
N LEU K 592 24.21 3.33 -60.34
CA LEU K 592 25.02 2.66 -59.35
C LEU K 592 24.17 1.74 -58.53
N GLN K 593 22.97 2.18 -58.14
CA GLN K 593 22.14 1.38 -57.29
C GLN K 593 21.79 0.12 -58.02
N GLY K 594 21.54 0.24 -59.34
CA GLY K 594 21.17 -0.92 -60.10
C GLY K 594 22.27 -1.93 -60.01
N ASN K 595 23.52 -1.46 -60.06
CA ASN K 595 24.63 -2.36 -60.04
C ASN K 595 24.60 -3.11 -58.74
N LYS K 596 24.23 -2.42 -57.64
CA LYS K 596 24.22 -3.07 -56.36
C LYS K 596 23.14 -4.11 -56.31
N ALA K 597 21.93 -3.77 -56.80
CA ALA K 597 20.82 -4.66 -56.71
C ALA K 597 21.11 -5.92 -57.48
N LEU K 598 21.63 -5.76 -58.71
CA LEU K 598 21.91 -6.90 -59.53
C LEU K 598 22.95 -7.67 -58.80
N GLY K 599 23.86 -6.94 -58.15
CA GLY K 599 24.96 -7.58 -57.50
C GLY K 599 26.14 -7.19 -58.32
N GLY K 600 27.26 -6.95 -57.67
CA GLY K 600 28.38 -6.46 -58.42
C GLY K 600 28.95 -5.35 -57.62
N ILE K 601 28.09 -4.59 -56.93
CA ILE K 601 28.59 -3.57 -56.04
C ILE K 601 27.87 -3.78 -54.75
N TYR K 602 28.55 -3.57 -53.61
CA TYR K 602 27.91 -3.80 -52.35
C TYR K 602 28.21 -2.64 -51.46
N GLU K 603 27.39 -2.47 -50.41
CA GLU K 603 27.55 -1.43 -49.44
C GLU K 603 27.71 -0.11 -50.13
N TYR K 604 26.74 0.25 -50.98
CA TYR K 604 26.82 1.51 -51.66
C TYR K 604 25.94 2.46 -50.93
N ARG K 605 26.57 3.50 -50.35
CA ARG K 605 25.88 4.49 -49.56
C ARG K 605 25.71 5.67 -50.45
N VAL K 606 24.44 5.96 -50.81
CA VAL K 606 24.14 7.04 -51.69
C VAL K 606 24.58 8.30 -51.01
N VAL K 607 24.45 8.35 -49.69
CA VAL K 607 24.72 9.56 -48.97
C VAL K 607 26.14 10.01 -49.18
N CYS K 608 27.15 9.17 -48.86
CA CYS K 608 28.48 9.70 -48.96
C CYS K 608 29.30 8.86 -49.88
N ASP K 609 28.80 8.60 -51.11
CA ASP K 609 29.58 7.89 -52.05
C ASP K 609 29.32 8.50 -53.38
N THR K 610 28.73 9.73 -53.39
CA THR K 610 28.31 10.40 -54.57
C THR K 610 29.07 11.69 -54.72
N THR K 611 28.59 12.65 -55.54
CA THR K 611 29.38 13.81 -55.89
C THR K 611 28.91 15.14 -55.39
N ASN K 612 29.92 15.97 -55.02
CA ASN K 612 29.82 17.37 -54.70
C ASN K 612 31.16 17.92 -55.06
N ASN K 613 31.28 18.64 -56.20
CA ASN K 613 32.59 19.07 -56.58
C ASN K 613 33.10 20.07 -55.62
N THR K 614 32.26 21.06 -55.28
CA THR K 614 32.74 22.06 -54.39
C THR K 614 32.83 21.41 -53.07
N PRO K 615 33.56 22.01 -52.20
CA PRO K 615 33.66 21.46 -50.89
C PRO K 615 32.31 21.65 -50.29
N SER K 616 31.92 20.85 -49.27
CA SER K 616 30.61 21.04 -48.76
C SER K 616 30.56 22.42 -48.19
N VAL K 617 29.88 23.32 -48.92
CA VAL K 617 29.75 24.70 -48.52
C VAL K 617 28.62 25.25 -49.34
N ILE K 618 28.28 26.51 -49.10
CA ILE K 618 27.25 27.12 -49.89
C ILE K 618 27.75 27.17 -51.30
N ASP K 619 29.05 27.49 -51.45
CA ASP K 619 29.66 27.62 -52.75
C ASP K 619 29.72 26.27 -53.38
N ARG K 620 29.69 26.26 -54.73
CA ARG K 620 29.74 25.06 -55.51
C ARG K 620 30.42 25.38 -56.80
N ASN K 621 30.71 24.35 -57.62
CA ASN K 621 31.38 24.55 -58.87
C ASN K 621 30.78 23.55 -59.83
N GLU K 622 31.46 23.29 -60.95
CA GLU K 622 30.94 22.35 -61.91
C GLU K 622 31.01 21.01 -61.25
N PHE K 623 30.30 20.00 -61.79
CA PHE K 623 30.27 18.75 -61.11
C PHE K 623 31.25 17.80 -61.73
N VAL K 624 31.96 17.08 -60.85
CA VAL K 624 32.81 16.03 -61.29
C VAL K 624 32.23 14.83 -60.63
N ALA K 625 32.25 13.66 -61.27
CA ALA K 625 31.64 12.57 -60.57
C ALA K 625 32.70 11.82 -59.86
N THR K 626 32.63 11.82 -58.51
CA THR K 626 33.57 11.09 -57.73
C THR K 626 32.75 10.09 -57.01
N PHE K 627 33.22 8.83 -56.98
CA PHE K 627 32.42 7.86 -56.31
C PHE K 627 33.33 6.91 -55.61
N TYR K 628 32.83 6.34 -54.50
CA TYR K 628 33.60 5.37 -53.80
C TYR K 628 32.78 4.12 -53.98
N ILE K 629 33.31 3.14 -54.74
CA ILE K 629 32.51 1.98 -54.97
C ILE K 629 33.29 0.79 -54.53
N GLN K 630 32.58 -0.28 -54.15
CA GLN K 630 33.26 -1.47 -53.69
C GLN K 630 32.77 -2.63 -54.51
N PRO K 631 33.69 -3.38 -55.05
CA PRO K 631 33.33 -4.53 -55.84
C PRO K 631 32.83 -5.55 -54.88
N ALA K 632 31.95 -6.47 -55.32
CA ALA K 632 31.33 -7.33 -54.36
C ALA K 632 32.34 -8.11 -53.59
N ARG K 633 33.31 -8.76 -54.25
CA ARG K 633 34.19 -9.57 -53.47
C ARG K 633 35.47 -8.84 -53.24
N SER K 634 35.48 -7.95 -52.22
CA SER K 634 36.69 -7.28 -51.84
C SER K 634 36.31 -6.30 -50.77
N ILE K 635 36.98 -6.35 -49.61
CA ILE K 635 36.57 -5.43 -48.60
C ILE K 635 37.43 -4.21 -48.74
N ASN K 636 37.09 -3.39 -49.73
CA ASN K 636 37.82 -2.17 -49.95
C ASN K 636 36.98 -1.31 -50.82
N TYR K 637 36.95 0.00 -50.55
CA TYR K 637 36.20 0.90 -51.35
C TYR K 637 37.22 1.66 -52.12
N ILE K 638 37.01 1.84 -53.43
CA ILE K 638 38.01 2.55 -54.16
C ILE K 638 37.44 3.87 -54.55
N THR K 639 38.30 4.90 -54.57
CA THR K 639 37.82 6.22 -54.89
C THR K 639 38.16 6.51 -56.30
N LEU K 640 37.14 6.85 -57.11
CA LEU K 640 37.41 7.18 -58.46
C LEU K 640 36.79 8.53 -58.73
N ASN K 641 37.50 9.38 -59.48
CA ASN K 641 36.95 10.67 -59.75
C ASN K 641 36.99 10.87 -61.25
N PHE K 642 35.85 11.30 -61.82
CA PHE K 642 35.84 11.61 -63.22
C PHE K 642 35.40 13.04 -63.23
N VAL K 643 35.90 13.88 -64.15
CA VAL K 643 35.50 15.24 -63.97
C VAL K 643 34.88 15.77 -65.21
N ALA K 644 33.76 16.50 -65.03
CA ALA K 644 33.19 17.22 -66.13
C ALA K 644 33.31 18.64 -65.69
N THR K 645 34.20 19.41 -66.34
CA THR K 645 34.36 20.76 -65.92
C THR K 645 34.99 21.56 -67.02
N ALA K 646 35.07 22.87 -66.79
CA ALA K 646 35.74 23.76 -67.70
C ALA K 646 37.18 23.79 -67.28
N ASN L 21 -35.83 39.19 -57.63
CA ASN L 21 -36.31 38.27 -58.64
C ASN L 21 -35.38 37.35 -59.42
N ASN L 22 -34.49 36.71 -58.68
CA ASN L 22 -33.08 36.34 -58.85
C ASN L 22 -32.16 37.52 -58.62
N SER L 23 -32.49 38.41 -57.82
CA SER L 23 -31.86 39.71 -57.63
C SER L 23 -32.34 40.71 -58.67
N THR L 24 -33.52 40.70 -59.06
CA THR L 24 -34.20 41.79 -59.75
C THR L 24 -33.47 42.28 -61.01
N GLY L 25 -33.26 41.38 -61.97
CA GLY L 25 -32.54 41.71 -63.17
C GLY L 25 -33.30 42.77 -63.94
N THR L 26 -33.15 44.03 -63.54
CA THR L 26 -33.85 45.12 -64.19
C THR L 26 -32.82 45.64 -65.16
N ALA L 27 -33.11 45.54 -66.45
CA ALA L 27 -32.21 46.10 -67.46
C ALA L 27 -32.55 47.55 -67.68
N ALA L 28 -31.77 48.21 -68.53
CA ALA L 28 -32.02 49.59 -68.87
C ALA L 28 -31.45 49.84 -70.26
N LEU L 29 -32.27 50.41 -71.12
CA LEU L 29 -31.89 50.61 -72.51
C LEU L 29 -32.43 51.94 -73.02
N ALA L 30 -31.60 52.63 -73.78
CA ALA L 30 -32.04 53.86 -74.39
C ALA L 30 -31.50 53.93 -75.81
N GLY L 31 -32.35 54.32 -76.73
CA GLY L 31 -31.95 54.41 -78.12
C GLY L 31 -33.10 54.81 -79.03
N LYS L 32 -32.82 54.80 -80.33
CA LYS L 32 -33.76 55.27 -81.33
C LYS L 32 -34.76 54.20 -81.72
N PHE L 33 -36.04 54.57 -81.79
CA PHE L 33 -37.09 53.62 -82.14
C PHE L 33 -38.08 54.17 -83.17
N GLN L 34 -38.85 53.25 -83.76
CA GLN L 34 -39.79 53.60 -84.81
C GLN L 34 -41.03 54.26 -84.21
N TRP L 35 -41.17 54.14 -82.90
CA TRP L 35 -42.41 54.54 -82.23
C TRP L 35 -42.17 54.95 -80.78
N GLY L 36 -42.74 56.09 -80.39
CA GLY L 36 -42.60 56.60 -79.03
C GLY L 36 -43.32 55.68 -78.06
N PRO L 37 -43.35 56.03 -76.76
CA PRO L 37 -43.08 57.31 -76.10
C PRO L 37 -41.68 57.82 -76.26
N ALA L 38 -41.58 59.14 -76.44
CA ALA L 38 -40.30 59.82 -76.50
C ALA L 38 -39.93 60.31 -75.10
N PHE L 39 -38.69 60.07 -74.71
CA PHE L 39 -38.20 60.52 -73.41
C PHE L 39 -39.15 60.14 -72.29
N GLN L 40 -39.47 58.86 -72.20
CA GLN L 40 -40.27 58.35 -71.11
C GLN L 40 -39.75 56.98 -70.71
N ILE L 41 -39.68 56.72 -69.41
CA ILE L 41 -39.21 55.44 -68.90
C ILE L 41 -40.33 54.41 -68.96
N LYS L 42 -40.88 54.20 -70.15
CA LYS L 42 -41.87 53.15 -70.32
C LYS L 42 -41.21 51.79 -70.09
N GLN L 43 -41.87 50.91 -69.34
CA GLN L 43 -41.33 49.58 -69.09
C GLN L 43 -41.86 48.58 -70.12
N VAL L 44 -41.04 47.57 -70.40
CA VAL L 44 -41.38 46.56 -71.39
C VAL L 44 -41.08 45.16 -70.86
N THR L 45 -41.95 44.21 -71.15
CA THR L 45 -41.79 42.85 -70.63
C THR L 45 -41.77 41.76 -71.69
N ASN L 46 -42.60 41.92 -72.73
CA ASN L 46 -42.65 40.95 -73.81
C ASN L 46 -41.94 41.45 -75.05
N GLU L 47 -41.77 40.58 -76.04
CA GLU L 47 -41.31 41.01 -77.35
C GLU L 47 -42.48 41.62 -78.08
N VAL L 48 -43.55 40.82 -78.19
CA VAL L 48 -44.80 41.25 -78.82
C VAL L 48 -45.38 42.49 -78.14
N ASP L 49 -44.78 42.83 -77.00
CA ASP L 49 -45.23 43.99 -76.23
C ASP L 49 -44.34 45.20 -76.46
N LEU L 50 -43.13 44.97 -76.94
CA LEU L 50 -42.28 46.10 -77.31
C LEU L 50 -42.56 46.48 -78.75
N VAL L 51 -42.84 45.49 -79.59
CA VAL L 51 -43.25 45.78 -80.97
C VAL L 51 -44.51 46.63 -80.93
N ASN L 52 -45.49 46.16 -80.16
CA ASN L 52 -46.69 46.95 -79.93
C ASN L 52 -46.34 48.42 -79.67
N THR L 53 -45.23 48.65 -78.97
CA THR L 53 -44.95 49.97 -78.42
C THR L 53 -43.82 50.73 -79.11
N PHE L 54 -42.80 50.02 -79.60
CA PHE L 54 -41.70 50.68 -80.28
C PHE L 54 -41.33 49.81 -81.47
N GLY L 55 -42.35 49.19 -82.05
CA GLY L 55 -42.19 48.01 -82.87
C GLY L 55 -41.55 47.06 -83.85
N GLN L 56 -41.16 47.64 -84.98
CA GLN L 56 -40.40 46.96 -86.02
C GLN L 56 -39.05 47.67 -86.05
N PRO L 57 -38.01 46.97 -86.52
CA PRO L 57 -36.67 47.55 -86.59
C PRO L 57 -36.40 48.16 -87.95
N THR L 58 -36.29 49.49 -88.03
CA THR L 58 -35.93 50.13 -89.28
C THR L 58 -34.42 50.07 -89.39
N ALA L 59 -33.88 50.32 -90.56
CA ALA L 59 -32.43 50.26 -90.77
C ALA L 59 -31.69 51.34 -89.99
N GLU L 60 -32.46 52.17 -89.31
CA GLU L 60 -31.93 53.24 -88.49
C GLU L 60 -32.24 52.92 -87.02
N THR L 61 -33.06 51.90 -86.83
CA THR L 61 -33.51 51.49 -85.51
C THR L 61 -32.93 50.14 -85.10
N ALA L 62 -32.77 49.27 -86.09
CA ALA L 62 -32.34 47.89 -85.89
C ALA L 62 -31.65 47.59 -84.57
N ASP L 63 -30.43 48.08 -84.41
CA ASP L 63 -29.60 47.67 -83.29
C ASP L 63 -30.20 47.93 -81.92
N TYR L 64 -31.30 48.70 -81.86
CA TYR L 64 -31.95 48.98 -80.59
C TYR L 64 -33.14 48.07 -80.38
N PHE L 65 -33.86 47.80 -81.46
CA PHE L 65 -34.94 46.84 -81.37
C PHE L 65 -34.31 45.51 -80.94
N MET L 66 -33.40 45.00 -81.76
CA MET L 66 -32.66 43.80 -81.41
C MET L 66 -32.17 43.85 -79.97
N SER L 67 -31.43 44.90 -79.67
CA SER L 67 -30.85 45.09 -78.34
C SER L 67 -31.84 44.64 -77.28
N ALA L 68 -33.05 45.19 -77.34
CA ALA L 68 -34.12 44.77 -76.47
C ALA L 68 -34.53 43.34 -76.77
N MET L 69 -35.15 43.13 -77.93
CA MET L 69 -35.69 41.81 -78.28
C MET L 69 -34.82 40.67 -77.77
N ASN L 70 -33.61 40.54 -78.31
CA ASN L 70 -32.77 39.39 -77.96
C ASN L 70 -32.20 39.49 -76.54
N PHE L 71 -32.76 40.39 -75.75
CA PHE L 71 -32.48 40.41 -74.32
C PHE L 71 -33.67 39.82 -73.58
N LEU L 72 -34.88 40.21 -73.97
CA LEU L 72 -36.08 39.69 -73.35
C LEU L 72 -36.08 38.17 -73.41
N GLN L 73 -35.08 37.59 -74.07
CA GLN L 73 -34.91 36.15 -74.12
C GLN L 73 -34.44 35.61 -72.77
N TYR L 74 -33.65 36.42 -72.05
CA TYR L 74 -33.24 36.13 -70.67
C TYR L 74 -33.88 37.16 -69.74
N GLY L 75 -34.81 37.94 -70.28
CA GLY L 75 -35.27 39.14 -69.61
C GLY L 75 -36.62 39.08 -68.94
N ASN L 76 -36.68 39.68 -67.76
CA ASN L 76 -37.93 39.87 -67.05
C ASN L 76 -38.48 41.24 -67.41
N ASP L 77 -37.80 42.28 -66.91
CA ASP L 77 -38.22 43.65 -67.15
C ASP L 77 -37.13 44.49 -67.81
N LEU L 78 -37.55 45.35 -68.73
CA LEU L 78 -36.64 46.24 -69.42
C LEU L 78 -37.24 47.63 -69.37
N ARG L 79 -36.45 48.61 -68.98
CA ARG L 79 -36.92 49.97 -68.97
C ARG L 79 -36.25 50.68 -70.12
N VAL L 80 -37.03 51.29 -71.03
CA VAL L 80 -36.47 51.97 -72.19
C VAL L 80 -36.81 53.46 -72.24
N VAL L 81 -36.08 54.19 -73.06
CA VAL L 81 -36.34 55.61 -73.28
C VAL L 81 -36.04 55.92 -74.74
N ARG L 82 -37.05 56.30 -75.50
CA ARG L 82 -36.85 56.57 -76.92
C ARG L 82 -36.18 57.91 -77.15
N ALA L 83 -35.09 57.90 -77.93
CA ALA L 83 -34.43 59.14 -78.29
C ALA L 83 -35.05 59.71 -79.57
N VAL L 84 -35.62 60.89 -79.45
CA VAL L 84 -36.20 61.61 -80.57
C VAL L 84 -35.37 62.87 -80.77
N ASP L 85 -35.39 63.44 -81.98
CA ASP L 85 -34.72 64.73 -82.15
C ASP L 85 -35.92 65.51 -81.68
N ARG L 86 -35.66 66.47 -80.78
CA ARG L 86 -36.73 67.26 -80.15
C ARG L 86 -37.01 68.38 -81.16
N ASP L 87 -36.04 68.68 -82.01
CA ASP L 87 -36.14 69.80 -82.91
C ASP L 87 -36.90 69.48 -84.19
N THR L 88 -37.00 68.20 -84.54
CA THR L 88 -37.61 67.85 -85.81
C THR L 88 -38.47 66.60 -85.77
N ALA L 89 -38.79 66.10 -84.58
CA ALA L 89 -39.69 64.98 -84.50
C ALA L 89 -41.08 65.56 -84.58
N LYS L 90 -42.02 64.77 -85.07
CA LYS L 90 -43.40 65.22 -85.23
C LYS L 90 -44.42 64.10 -84.95
N ASN L 91 -45.47 64.45 -84.21
CA ASN L 91 -46.62 63.57 -84.00
C ASN L 91 -47.61 63.86 -85.11
N SER L 92 -48.07 62.84 -85.82
CA SER L 92 -49.07 63.08 -86.85
C SER L 92 -50.20 63.92 -86.28
N SER L 93 -50.80 64.78 -87.09
CA SER L 93 -51.86 65.67 -86.62
C SER L 93 -52.86 66.05 -87.73
N PRO L 94 -53.96 66.71 -87.35
CA PRO L 94 -55.00 67.05 -88.32
C PRO L 94 -54.67 68.36 -89.03
N ILE L 95 -53.70 69.09 -88.50
CA ILE L 95 -53.27 70.32 -89.15
C ILE L 95 -52.56 70.04 -90.46
N ALA L 96 -51.81 68.93 -90.47
CA ALA L 96 -50.76 68.73 -91.45
C ALA L 96 -51.24 68.28 -92.84
N GLY L 97 -52.46 68.65 -93.22
CA GLY L 97 -52.89 68.45 -94.58
C GLY L 97 -53.38 69.74 -95.23
N ASN L 98 -53.90 70.62 -94.38
CA ASN L 98 -54.46 71.87 -94.81
C ASN L 98 -53.56 72.64 -95.73
N ILE L 99 -53.96 73.86 -96.04
CA ILE L 99 -53.24 74.71 -96.99
C ILE L 99 -53.14 76.14 -96.47
N GLU L 100 -51.92 76.66 -96.38
CA GLU L 100 -51.72 78.05 -95.99
C GLU L 100 -52.80 78.91 -96.63
N TYR L 101 -53.29 79.90 -95.89
CA TYR L 101 -54.19 80.87 -96.47
C TYR L 101 -54.41 82.03 -95.52
N THR L 102 -54.50 83.23 -96.07
CA THR L 102 -54.63 84.42 -95.25
C THR L 102 -55.67 85.36 -95.86
N ILE L 103 -56.74 85.64 -95.12
CA ILE L 103 -57.78 86.52 -95.60
C ILE L 103 -57.27 87.95 -95.69
N SER L 104 -56.57 88.26 -96.78
CA SER L 104 -55.93 89.55 -96.96
C SER L 104 -56.91 90.71 -96.83
N THR L 105 -58.12 90.52 -97.32
CA THR L 105 -59.15 91.54 -97.18
C THR L 105 -60.51 90.92 -96.94
N PRO L 106 -60.99 91.03 -95.69
CA PRO L 106 -62.31 90.49 -95.36
C PRO L 106 -63.31 91.20 -96.24
N GLY L 107 -64.19 90.46 -96.89
CA GLY L 107 -65.19 91.11 -97.72
C GLY L 107 -66.22 91.77 -96.83
N SER L 108 -67.41 91.98 -97.39
CA SER L 108 -68.55 92.37 -96.59
C SER L 108 -69.73 91.64 -97.20
N ASN L 109 -70.83 91.53 -96.47
CA ASN L 109 -72.04 90.93 -97.01
C ASN L 109 -71.87 89.52 -97.60
N TYR L 110 -70.81 88.83 -97.19
CA TYR L 110 -70.69 87.41 -97.51
C TYR L 110 -71.50 86.61 -96.51
N ALA L 111 -71.62 85.31 -96.71
CA ALA L 111 -72.35 84.46 -95.77
C ALA L 111 -71.56 83.18 -95.57
N VAL L 112 -72.14 82.20 -94.87
CA VAL L 112 -71.46 80.93 -94.58
C VAL L 112 -71.15 79.64 -95.34
N GLY L 113 -71.89 79.35 -96.40
CA GLY L 113 -71.64 78.14 -97.18
C GLY L 113 -71.49 78.72 -98.58
N ASP L 114 -70.89 79.90 -98.70
CA ASP L 114 -70.60 80.45 -100.04
C ASP L 114 -69.37 79.66 -100.43
N LYS L 115 -69.40 79.09 -101.64
CA LYS L 115 -68.36 78.17 -102.05
C LYS L 115 -67.12 78.88 -102.61
N ILE L 116 -65.97 78.23 -102.42
CA ILE L 116 -64.70 78.79 -102.85
C ILE L 116 -64.08 77.87 -103.89
N THR L 117 -63.32 78.46 -104.81
CA THR L 117 -62.75 77.70 -105.91
C THR L 117 -61.27 77.98 -106.08
N VAL L 118 -60.47 76.93 -106.07
CA VAL L 118 -59.03 77.06 -106.24
C VAL L 118 -58.65 76.69 -107.66
N LYS L 119 -58.04 77.62 -108.36
CA LYS L 119 -57.70 77.40 -109.76
C LYS L 119 -56.20 77.27 -109.94
N TYR L 120 -55.80 76.46 -110.91
CA TYR L 120 -54.40 76.38 -111.31
C TYR L 120 -54.25 77.02 -112.68
N VAL L 121 -53.77 78.26 -112.68
CA VAL L 121 -53.68 79.03 -113.92
C VAL L 121 -55.02 79.05 -114.64
N SER L 122 -55.95 79.85 -114.10
CA SER L 122 -57.27 80.01 -114.69
C SER L 122 -57.90 78.68 -115.08
N ASP L 123 -57.65 77.64 -114.27
CA ASP L 123 -58.19 76.33 -114.52
C ASP L 123 -58.65 75.69 -113.22
N ASP L 124 -59.91 75.25 -113.17
CA ASP L 124 -60.50 74.75 -111.94
C ASP L 124 -59.92 73.41 -111.45
N ILE L 125 -59.48 73.38 -110.19
CA ILE L 125 -58.98 72.16 -109.58
C ILE L 125 -59.92 71.71 -108.46
N GLU L 126 -60.15 72.62 -107.52
CA GLU L 126 -61.01 72.35 -106.37
C GLU L 126 -62.14 73.34 -106.33
N THR L 127 -63.35 72.87 -106.04
CA THR L 127 -64.52 73.72 -106.08
C THR L 127 -65.46 73.45 -104.91
N GLU L 128 -64.91 72.86 -103.85
CA GLU L 128 -65.73 72.50 -102.71
C GLU L 128 -65.34 73.26 -101.45
N GLY L 129 -64.44 74.22 -101.61
CA GLY L 129 -64.09 75.11 -100.53
C GLY L 129 -65.33 75.90 -100.18
N LYS L 130 -65.32 76.56 -99.02
CA LYS L 130 -66.48 77.32 -98.60
C LYS L 130 -66.21 78.14 -97.36
N ILE L 131 -66.56 79.44 -97.44
CA ILE L 131 -66.53 80.31 -96.27
C ILE L 131 -67.25 79.60 -95.14
N THR L 132 -66.75 79.73 -93.91
CA THR L 132 -67.32 79.00 -92.80
C THR L 132 -67.58 79.85 -91.56
N GLU L 133 -67.09 81.09 -91.57
CA GLU L 133 -67.37 81.97 -90.45
C GLU L 133 -67.30 83.43 -90.87
N VAL L 134 -68.44 84.11 -90.77
CA VAL L 134 -68.50 85.55 -91.01
C VAL L 134 -68.97 86.21 -89.73
N ASP L 135 -68.89 87.54 -89.69
CA ASP L 135 -69.42 88.28 -88.55
C ASP L 135 -70.79 88.86 -88.88
N ALA L 136 -71.13 89.98 -88.27
CA ALA L 136 -72.44 90.58 -88.49
C ALA L 136 -72.52 91.30 -89.83
N ASP L 137 -71.37 91.70 -90.35
CA ASP L 137 -71.33 92.50 -91.58
C ASP L 137 -71.02 91.66 -92.80
N GLY L 138 -70.77 90.37 -92.58
CA GLY L 138 -70.41 89.49 -93.68
C GLY L 138 -68.92 89.48 -93.94
N LYS L 139 -68.16 90.16 -93.08
CA LYS L 139 -66.71 90.15 -93.17
C LYS L 139 -66.23 88.73 -93.01
N ILE L 140 -65.44 88.24 -93.96
CA ILE L 140 -64.97 86.86 -93.93
C ILE L 140 -63.95 86.61 -92.81
N LYS L 141 -64.32 85.75 -91.87
CA LYS L 141 -63.44 85.45 -90.74
C LYS L 141 -62.74 84.10 -90.88
N LYS L 142 -63.41 83.11 -91.47
CA LYS L 142 -62.83 81.78 -91.61
C LYS L 142 -63.37 80.99 -92.80
N ILE L 143 -62.49 80.26 -93.48
CA ILE L 143 -62.89 79.42 -94.60
C ILE L 143 -62.32 78.01 -94.43
N ASN L 144 -62.71 77.09 -95.30
CA ASN L 144 -62.15 75.74 -95.29
C ASN L 144 -62.02 75.15 -96.67
N ILE L 145 -60.78 75.05 -97.15
CA ILE L 145 -60.49 74.48 -98.46
C ILE L 145 -59.94 73.06 -98.37
N PRO L 146 -60.66 72.10 -98.96
CA PRO L 146 -60.19 70.71 -99.00
C PRO L 146 -58.97 70.60 -99.91
N THR L 147 -57.98 69.81 -99.54
CA THR L 147 -56.73 69.74 -100.31
C THR L 147 -56.52 68.43 -101.06
N ALA L 148 -57.49 67.53 -100.99
CA ALA L 148 -57.36 66.25 -101.67
C ALA L 148 -56.96 66.46 -103.12
N LYS L 149 -57.76 67.23 -103.83
CA LYS L 149 -57.58 67.44 -105.26
C LYS L 149 -56.32 68.24 -105.57
N ILE L 150 -56.07 69.27 -104.79
CA ILE L 150 -54.96 70.18 -105.11
C ILE L 150 -53.58 69.58 -104.87
N ILE L 151 -53.38 68.92 -103.74
CA ILE L 151 -52.05 68.32 -103.49
C ILE L 151 -51.79 67.27 -104.58
N ALA L 152 -52.86 66.67 -105.08
CA ALA L 152 -52.74 65.75 -106.20
C ALA L 152 -52.15 66.48 -107.41
N LYS L 153 -52.94 67.40 -107.97
CA LYS L 153 -52.49 68.22 -109.08
C LYS L 153 -51.10 68.80 -108.82
N ALA L 154 -50.86 69.23 -107.58
CA ALA L 154 -49.60 69.87 -107.22
C ALA L 154 -48.43 68.90 -107.30
N LYS L 155 -48.61 67.72 -106.69
CA LYS L 155 -47.60 66.68 -106.80
C LYS L 155 -47.35 66.41 -108.27
N GLU L 156 -48.43 66.38 -109.03
CA GLU L 156 -48.39 66.03 -110.44
C GLU L 156 -47.59 67.01 -111.30
N VAL L 157 -47.34 68.21 -110.78
CA VAL L 157 -46.64 69.23 -111.56
C VAL L 157 -45.48 69.90 -110.81
N GLY L 158 -44.81 69.14 -109.94
CA GLY L 158 -43.61 69.61 -109.27
C GLY L 158 -43.82 70.71 -108.25
N GLU L 159 -45.02 71.29 -108.23
CA GLU L 159 -45.32 72.38 -107.30
C GLU L 159 -45.89 71.87 -105.98
N TYR L 160 -45.20 70.93 -105.34
CA TYR L 160 -45.63 70.43 -104.05
C TYR L 160 -44.45 70.40 -103.07
N PRO L 161 -44.63 71.01 -101.88
CA PRO L 161 -45.79 71.79 -101.47
C PRO L 161 -45.58 73.29 -101.71
N THR L 162 -44.51 73.62 -102.43
CA THR L 162 -44.23 75.01 -102.78
C THR L 162 -45.52 75.80 -103.07
N LEU L 163 -46.17 75.51 -104.21
CA LEU L 163 -47.41 76.19 -104.58
C LEU L 163 -47.25 77.70 -104.81
N GLY L 164 -48.34 78.43 -104.57
CA GLY L 164 -48.31 79.88 -104.48
C GLY L 164 -48.43 80.68 -105.78
N SER L 165 -47.57 80.40 -106.74
CA SER L 165 -47.37 81.31 -107.87
C SER L 165 -48.56 81.31 -108.83
N ASN L 166 -48.94 80.12 -109.31
CA ASN L 166 -50.01 79.99 -110.27
C ASN L 166 -51.27 79.49 -109.57
N TRP L 167 -51.18 79.35 -108.27
CA TRP L 167 -52.30 78.87 -107.48
C TRP L 167 -53.10 80.03 -106.93
N THR L 168 -54.40 80.03 -107.22
CA THR L 168 -55.25 81.16 -106.90
C THR L 168 -56.60 80.72 -106.32
N ALA L 169 -57.25 81.60 -105.58
CA ALA L 169 -58.52 81.27 -104.97
C ALA L 169 -59.53 82.37 -105.14
N GLU L 170 -60.68 82.02 -105.70
CA GLU L 170 -61.78 82.98 -105.88
C GLU L 170 -63.04 82.47 -105.20
N ILE L 171 -64.02 83.37 -105.05
CA ILE L 171 -65.28 83.03 -104.39
C ILE L 171 -66.32 82.54 -105.38
N SER L 172 -67.50 82.19 -104.90
CA SER L 172 -68.61 81.79 -105.74
C SER L 172 -68.87 82.94 -106.70
N SER L 173 -69.48 82.66 -107.84
CA SER L 173 -69.86 83.71 -108.78
C SER L 173 -71.37 83.78 -108.94
N SER L 174 -72.04 84.29 -107.91
CA SER L 174 -71.36 84.73 -106.71
C SER L 174 -72.18 84.55 -105.43
N SER L 175 -71.51 84.72 -104.29
CA SER L 175 -72.19 84.81 -103.03
C SER L 175 -72.98 86.11 -103.03
N SER L 176 -73.80 86.31 -102.02
CA SER L 176 -74.53 87.57 -101.88
C SER L 176 -73.56 88.75 -101.92
N GLY L 177 -72.48 88.66 -101.16
CA GLY L 177 -71.60 89.78 -100.93
C GLY L 177 -70.23 89.81 -101.58
N LEU L 178 -69.60 90.98 -101.53
CA LEU L 178 -68.39 91.26 -102.31
C LEU L 178 -67.06 91.54 -101.59
N ALA L 179 -66.11 92.12 -102.33
CA ALA L 179 -64.87 92.71 -101.79
C ALA L 179 -63.67 91.91 -101.25
N ALA L 180 -63.81 90.59 -101.18
CA ALA L 180 -62.85 89.76 -100.44
C ALA L 180 -61.58 89.39 -101.19
N VAL L 181 -60.56 88.98 -100.39
CA VAL L 181 -59.26 88.61 -100.94
C VAL L 181 -58.60 87.49 -100.13
N ILE L 182 -58.70 86.26 -100.62
CA ILE L 182 -58.03 85.15 -99.95
C ILE L 182 -56.72 84.86 -100.66
N THR L 183 -55.64 84.67 -99.89
CA THR L 183 -54.31 84.49 -100.49
C THR L 183 -53.67 83.15 -100.11
N LEU L 184 -53.30 82.37 -101.12
CA LEU L 184 -52.87 80.99 -100.91
C LEU L 184 -51.36 80.80 -100.73
N GLY L 185 -50.97 80.12 -99.68
CA GLY L 185 -49.57 79.77 -99.46
C GLY L 185 -49.29 78.33 -99.83
N LYS L 186 -48.48 77.65 -99.04
CA LYS L 186 -48.07 76.27 -99.34
C LYS L 186 -48.91 75.23 -98.59
N ILE L 187 -48.74 73.97 -98.94
CA ILE L 187 -49.40 72.88 -98.25
C ILE L 187 -48.66 72.63 -96.95
N ILE L 188 -49.32 72.82 -95.81
CA ILE L 188 -48.63 72.70 -94.52
C ILE L 188 -48.21 71.27 -94.29
N THR L 189 -46.90 71.06 -94.12
CA THR L 189 -46.36 69.74 -93.87
C THR L 189 -45.89 69.60 -92.42
N ASP L 190 -45.91 70.71 -91.68
CA ASP L 190 -45.52 70.67 -90.28
C ASP L 190 -46.76 70.40 -89.42
N SER L 191 -46.86 69.19 -88.90
CA SER L 191 -47.97 68.82 -88.05
C SER L 191 -48.12 69.83 -86.93
N GLY L 192 -47.01 70.44 -86.54
CA GLY L 192 -47.02 71.50 -85.56
C GLY L 192 -47.19 71.06 -84.13
N ILE L 193 -46.71 69.86 -83.83
CA ILE L 193 -46.82 69.33 -82.48
C ILE L 193 -45.91 68.14 -82.24
N LEU L 194 -45.26 68.14 -81.08
CA LEU L 194 -44.42 67.00 -80.66
C LEU L 194 -44.65 66.71 -79.18
N LEU L 195 -45.10 65.49 -78.88
CA LEU L 195 -45.33 65.07 -77.50
C LEU L 195 -44.19 64.19 -76.99
N ALA L 196 -43.56 64.62 -75.91
CA ALA L 196 -42.46 63.87 -75.32
C ALA L 196 -42.86 63.42 -73.92
N GLU L 197 -42.40 64.15 -72.92
CA GLU L 197 -42.74 63.83 -71.54
C GLU L 197 -44.20 64.16 -71.31
N ILE L 198 -44.70 63.88 -70.11
CA ILE L 198 -46.08 64.24 -69.78
C ILE L 198 -46.11 65.50 -68.91
N GLU L 199 -44.98 65.84 -68.31
CA GLU L 199 -44.89 67.11 -67.59
C GLU L 199 -45.24 68.24 -68.56
N ASN L 200 -44.93 68.02 -69.83
CA ASN L 200 -45.25 68.97 -70.88
C ASN L 200 -46.51 68.58 -71.65
N ALA L 201 -47.00 67.37 -71.39
CA ALA L 201 -48.17 66.81 -72.06
C ALA L 201 -49.04 67.80 -72.84
N GLU L 202 -50.16 68.21 -72.25
CA GLU L 202 -51.11 69.09 -72.92
C GLU L 202 -50.61 70.53 -73.00
N ALA L 203 -49.42 70.77 -72.46
CA ALA L 203 -48.82 72.10 -72.54
C ALA L 203 -48.31 72.37 -73.94
N ALA L 204 -48.04 71.30 -74.68
CA ALA L 204 -47.68 71.44 -76.09
C ALA L 204 -48.96 71.44 -76.89
N MET L 205 -49.97 70.77 -76.35
CA MET L 205 -51.29 70.72 -76.96
C MET L 205 -51.97 72.07 -76.80
N THR L 206 -51.36 72.94 -76.00
CA THR L 206 -51.95 74.24 -75.72
C THR L 206 -50.90 75.33 -75.94
N ALA L 207 -50.26 75.29 -77.08
CA ALA L 207 -49.30 76.31 -77.46
C ALA L 207 -49.99 77.26 -78.42
N VAL L 208 -49.83 78.56 -78.18
CA VAL L 208 -50.48 79.56 -79.03
C VAL L 208 -50.39 79.18 -80.50
N ASP L 209 -49.18 78.84 -80.95
CA ASP L 209 -48.97 78.51 -82.36
C ASP L 209 -49.81 77.32 -82.82
N PHE L 210 -49.79 76.23 -82.04
CA PHE L 210 -50.60 75.06 -82.38
C PHE L 210 -52.09 75.40 -82.31
N GLN L 211 -52.55 75.76 -81.11
CA GLN L 211 -53.95 76.11 -80.89
C GLN L 211 -54.45 77.11 -81.91
N ALA L 212 -53.55 77.89 -82.48
CA ALA L 212 -53.92 78.89 -83.47
C ALA L 212 -54.57 78.22 -84.68
N ASN L 213 -53.89 77.26 -85.26
CA ASN L 213 -54.37 76.60 -86.47
C ASN L 213 -55.58 75.72 -86.20
N LEU L 214 -55.71 75.24 -84.98
CA LEU L 214 -56.89 74.46 -84.63
C LEU L 214 -58.13 75.33 -84.80
N LYS L 215 -57.94 76.64 -84.67
CA LYS L 215 -59.01 77.60 -84.91
C LYS L 215 -59.12 77.85 -86.39
N LYS L 216 -57.99 78.20 -87.01
CA LYS L 216 -57.92 78.58 -88.41
C LYS L 216 -58.59 77.59 -89.34
N TYR L 217 -58.36 76.30 -89.09
CA TYR L 217 -58.91 75.28 -89.96
C TYR L 217 -60.04 74.52 -89.27
N GLY L 218 -60.64 75.16 -88.28
CA GLY L 218 -61.82 74.64 -87.59
C GLY L 218 -61.85 73.14 -87.31
N ILE L 219 -60.84 72.64 -86.62
CA ILE L 219 -60.79 71.24 -86.19
C ILE L 219 -60.38 71.14 -84.75
N PRO L 220 -60.58 69.96 -84.12
CA PRO L 220 -60.27 69.73 -82.70
C PRO L 220 -58.80 69.43 -82.51
N GLY L 221 -58.33 69.47 -81.27
CA GLY L 221 -56.94 69.18 -80.99
C GLY L 221 -56.68 67.70 -80.76
N VAL L 222 -56.73 66.92 -81.82
CA VAL L 222 -56.51 65.48 -81.72
C VAL L 222 -55.28 65.05 -82.52
N VAL L 223 -54.27 64.53 -81.83
CA VAL L 223 -53.02 64.14 -82.50
C VAL L 223 -52.62 62.72 -82.12
N ALA L 224 -51.77 62.11 -82.95
CA ALA L 224 -51.21 60.80 -82.63
C ALA L 224 -50.37 60.92 -81.36
N LEU L 225 -50.37 59.88 -80.54
CA LEU L 225 -49.73 59.97 -79.23
C LEU L 225 -48.20 59.95 -79.31
N TYR L 226 -47.66 59.30 -80.33
CA TYR L 226 -46.22 59.09 -80.42
C TYR L 226 -45.64 59.68 -81.69
N PRO L 227 -44.50 60.38 -81.57
CA PRO L 227 -43.86 60.93 -82.76
C PRO L 227 -43.64 59.80 -83.74
N GLY L 228 -43.79 60.05 -85.04
CA GLY L 228 -43.56 58.99 -86.00
C GLY L 228 -44.52 58.95 -87.17
N GLU L 229 -43.98 58.63 -88.34
CA GLU L 229 -44.78 58.52 -89.55
C GLU L 229 -45.77 57.38 -89.40
N LEU L 230 -45.57 56.54 -88.39
CA LEU L 230 -46.47 55.44 -88.15
C LEU L 230 -47.82 55.98 -87.69
N GLY L 231 -47.83 57.23 -87.24
CA GLY L 231 -49.05 57.85 -86.74
C GLY L 231 -49.98 58.26 -87.87
N ASP L 232 -49.43 58.37 -89.06
CA ASP L 232 -50.21 58.77 -90.22
C ASP L 232 -51.31 57.75 -90.52
N LYS L 233 -51.18 56.56 -89.96
CA LYS L 233 -52.15 55.51 -90.23
C LYS L 233 -53.41 55.61 -89.35
N ILE L 234 -53.39 56.51 -88.37
CA ILE L 234 -54.53 56.74 -87.51
C ILE L 234 -55.56 57.67 -88.15
N GLU L 235 -56.84 57.40 -87.90
CA GLU L 235 -57.94 58.20 -88.45
C GLU L 235 -59.07 58.31 -87.45
N ILE L 236 -59.18 59.46 -86.81
CA ILE L 236 -60.22 59.68 -85.81
C ILE L 236 -61.57 59.98 -86.45
N GLU L 237 -62.63 59.38 -85.92
CA GLU L 237 -63.99 59.74 -86.33
C GLU L 237 -64.70 60.39 -85.14
N ILE L 238 -65.18 61.62 -85.35
CA ILE L 238 -65.85 62.35 -84.26
C ILE L 238 -67.31 62.66 -84.58
N VAL L 239 -68.19 62.31 -83.65
CA VAL L 239 -69.60 62.60 -83.79
C VAL L 239 -70.16 63.15 -82.48
N SER L 240 -70.95 64.22 -82.57
CA SER L 240 -71.49 64.90 -81.39
C SER L 240 -72.87 64.38 -81.04
N LYS L 241 -73.39 64.76 -79.88
CA LYS L 241 -74.73 64.36 -79.49
C LYS L 241 -75.70 64.77 -80.57
N ALA L 242 -75.30 65.75 -81.37
CA ALA L 242 -76.13 66.28 -82.45
C ALA L 242 -76.29 65.26 -83.56
N ASP L 243 -75.21 65.04 -84.32
CA ASP L 243 -75.25 64.16 -85.48
C ASP L 243 -75.22 62.68 -85.06
N TYR L 244 -75.43 62.41 -83.78
CA TYR L 244 -75.40 61.04 -83.30
C TYR L 244 -76.71 60.30 -83.52
N ALA L 245 -77.83 61.01 -83.36
CA ALA L 245 -79.14 60.44 -83.63
C ALA L 245 -79.27 60.15 -85.12
N LYS L 246 -78.87 61.12 -85.92
CA LYS L 246 -78.77 60.92 -87.35
C LYS L 246 -77.54 60.06 -87.64
N GLY L 247 -76.99 59.47 -86.58
CA GLY L 247 -75.76 58.70 -86.66
C GLY L 247 -75.63 57.84 -87.89
N ALA L 248 -76.76 57.41 -88.44
CA ALA L 248 -76.71 56.58 -89.64
C ALA L 248 -76.65 57.43 -90.91
N SER L 249 -77.49 58.46 -90.96
CA SER L 249 -77.58 59.31 -92.14
C SER L 249 -76.47 60.35 -92.17
N ALA L 250 -76.21 60.97 -91.02
CA ALA L 250 -75.20 62.02 -90.91
C ALA L 250 -73.97 61.74 -91.76
N LEU L 251 -73.74 62.58 -92.75
CA LEU L 251 -72.63 62.39 -93.67
C LEU L 251 -71.37 63.14 -93.25
N LEU L 252 -70.61 62.57 -92.31
CA LEU L 252 -69.38 63.19 -91.82
C LEU L 252 -68.46 63.59 -92.96
N PRO L 253 -67.90 64.81 -92.89
CA PRO L 253 -66.96 65.33 -93.87
C PRO L 253 -65.57 64.89 -93.48
N ILE L 254 -64.63 64.89 -94.43
CA ILE L 254 -63.28 64.45 -94.11
C ILE L 254 -62.27 65.58 -94.21
N TYR L 255 -61.66 65.93 -93.08
CA TYR L 255 -60.62 66.95 -93.04
C TYR L 255 -59.25 66.30 -93.07
N PRO L 256 -58.30 66.89 -93.81
CA PRO L 256 -58.45 68.06 -94.67
C PRO L 256 -58.70 67.65 -96.10
N GLY L 257 -58.54 66.36 -96.38
CA GLY L 257 -58.72 65.86 -97.73
C GLY L 257 -59.94 66.45 -98.40
N GLY L 258 -61.11 66.10 -97.90
CA GLY L 258 -62.36 66.54 -98.50
C GLY L 258 -63.35 65.39 -98.56
N GLY L 259 -64.44 65.58 -99.28
CA GLY L 259 -65.44 64.54 -99.41
C GLY L 259 -66.05 64.13 -98.08
N THR L 260 -67.07 63.29 -98.13
CA THR L 260 -67.74 62.87 -96.92
C THR L 260 -67.84 61.36 -96.84
N ARG L 261 -68.47 60.87 -95.78
CA ARG L 261 -68.59 59.44 -95.54
C ARG L 261 -69.60 59.20 -94.43
N ALA L 262 -70.59 58.36 -94.72
CA ALA L 262 -71.63 58.07 -93.74
C ALA L 262 -71.04 57.79 -92.36
N SER L 263 -71.64 58.38 -91.34
CA SER L 263 -71.21 58.16 -89.96
C SER L 263 -71.33 56.69 -89.59
N THR L 264 -70.87 56.34 -88.40
CA THR L 264 -70.98 54.97 -87.92
C THR L 264 -71.29 54.94 -86.41
N ALA L 265 -71.25 56.11 -85.78
CA ALA L 265 -71.37 56.23 -84.34
C ALA L 265 -72.43 55.32 -83.69
N LYS L 266 -73.70 55.60 -83.98
CA LYS L 266 -74.80 54.84 -83.39
C LYS L 266 -74.74 53.37 -83.79
N ALA L 267 -73.92 53.06 -84.79
CA ALA L 267 -73.74 51.68 -85.23
C ALA L 267 -72.48 51.04 -84.64
N VAL L 268 -72.00 51.62 -83.55
CA VAL L 268 -70.83 51.09 -82.84
C VAL L 268 -71.02 51.29 -81.35
N PHE L 269 -71.80 52.32 -81.00
CA PHE L 269 -72.05 52.65 -79.59
C PHE L 269 -73.45 52.27 -79.11
N GLY L 270 -73.51 51.72 -77.91
CA GLY L 270 -74.79 51.58 -77.24
C GLY L 270 -75.01 52.87 -76.48
N TYR L 271 -74.24 53.04 -75.41
CA TYR L 271 -74.26 54.26 -74.63
C TYR L 271 -73.85 55.44 -75.50
N GLY L 272 -74.83 56.19 -75.99
CA GLY L 272 -74.57 57.34 -76.85
C GLY L 272 -74.12 58.57 -76.08
N PRO L 273 -73.72 59.62 -76.81
CA PRO L 273 -73.29 60.88 -76.18
C PRO L 273 -74.45 61.50 -75.39
N GLN L 274 -74.22 61.74 -74.11
CA GLN L 274 -75.28 62.21 -73.22
C GLN L 274 -75.51 63.72 -73.30
N THR L 275 -74.62 64.50 -72.70
CA THR L 275 -74.75 65.95 -72.76
C THR L 275 -74.39 66.44 -74.15
N ASP L 276 -74.72 67.70 -74.45
CA ASP L 276 -74.43 68.27 -75.77
C ASP L 276 -72.94 68.53 -75.95
N SER L 277 -72.22 68.51 -74.83
CA SER L 277 -70.77 68.69 -74.85
C SER L 277 -70.03 67.35 -74.67
N GLN L 278 -70.70 66.26 -75.05
CA GLN L 278 -70.07 64.95 -75.11
C GLN L 278 -69.97 64.51 -76.55
N TYR L 279 -68.89 63.81 -76.89
CA TYR L 279 -68.68 63.39 -78.27
C TYR L 279 -68.28 61.93 -78.38
N ALA L 280 -68.68 61.31 -79.49
CA ALA L 280 -68.30 59.94 -79.79
C ALA L 280 -67.00 59.97 -80.58
N ILE L 281 -65.99 59.27 -80.08
CA ILE L 281 -64.70 59.19 -80.76
C ILE L 281 -64.40 57.75 -81.17
N ILE L 282 -64.08 57.56 -82.44
CA ILE L 282 -63.76 56.22 -82.93
C ILE L 282 -62.44 56.23 -83.69
N VAL L 283 -61.38 55.68 -83.07
CA VAL L 283 -60.05 55.71 -83.66
C VAL L 283 -59.76 54.49 -84.51
N ARG L 284 -59.22 54.70 -85.70
CA ARG L 284 -58.98 53.61 -86.65
C ARG L 284 -57.55 53.60 -87.16
N ARG L 285 -56.93 52.43 -87.20
CA ARG L 285 -55.66 52.28 -87.89
C ARG L 285 -55.77 51.09 -88.82
N ASN L 286 -55.72 51.34 -90.13
CA ASN L 286 -55.86 50.26 -91.11
C ASN L 286 -57.27 49.69 -91.17
N ASP L 287 -58.27 50.59 -91.11
CA ASP L 287 -59.67 50.18 -91.16
C ASP L 287 -60.10 49.50 -89.87
N ALA L 288 -59.13 49.26 -88.97
CA ALA L 288 -59.42 48.62 -87.71
C ALA L 288 -59.92 49.63 -86.70
N ILE L 289 -61.01 49.30 -86.01
CA ILE L 289 -61.56 50.19 -85.00
C ILE L 289 -60.77 49.96 -83.72
N VAL L 290 -59.57 50.54 -83.69
CA VAL L 290 -58.63 50.36 -82.60
C VAL L 290 -59.12 50.79 -81.20
N GLN L 291 -59.95 51.82 -81.14
CA GLN L 291 -60.50 52.31 -79.88
C GLN L 291 -61.83 53.01 -80.07
N SER L 292 -62.69 52.96 -79.07
CA SER L 292 -64.02 53.58 -79.14
C SER L 292 -64.42 54.12 -77.79
N VAL L 293 -64.56 55.43 -77.68
CA VAL L 293 -64.87 56.05 -76.40
C VAL L 293 -65.79 57.24 -76.56
N VAL L 294 -66.39 57.69 -75.47
CA VAL L 294 -67.19 58.90 -75.47
C VAL L 294 -66.64 59.86 -74.42
N LEU L 295 -66.32 61.08 -74.83
CA LEU L 295 -65.72 62.06 -73.93
C LEU L 295 -66.46 63.38 -73.92
N SER L 296 -66.17 64.21 -72.93
CA SER L 296 -66.84 65.49 -72.80
C SER L 296 -65.85 66.63 -72.77
N THR L 297 -66.26 67.79 -73.28
CA THR L 297 -65.43 68.98 -73.27
C THR L 297 -65.71 69.82 -72.04
N LYS L 298 -66.59 69.34 -71.17
CA LYS L 298 -66.94 70.06 -69.95
C LYS L 298 -66.41 69.36 -68.71
N ARG L 299 -65.56 70.05 -67.96
CA ARG L 299 -64.95 69.47 -66.77
C ARG L 299 -66.00 68.87 -65.85
N GLY L 300 -65.62 67.86 -65.08
CA GLY L 300 -66.51 67.25 -64.14
C GLY L 300 -67.33 66.13 -64.73
N GLY L 301 -68.01 66.39 -65.85
CA GLY L 301 -68.89 65.42 -66.47
C GLY L 301 -68.32 64.02 -66.46
N LYS L 302 -69.19 63.05 -66.16
CA LYS L 302 -68.79 61.66 -66.03
C LYS L 302 -69.73 60.77 -66.82
N ASP L 303 -69.30 59.53 -67.06
CA ASP L 303 -70.18 58.53 -67.65
C ASP L 303 -71.06 57.99 -66.53
N ILE L 304 -71.76 56.90 -66.81
CA ILE L 304 -72.63 56.28 -65.82
C ILE L 304 -71.84 55.52 -64.74
N TYR L 305 -70.57 55.89 -64.57
CA TYR L 305 -69.72 55.23 -63.58
C TYR L 305 -68.92 56.24 -62.79
N ASP L 306 -69.27 57.52 -62.95
CA ASP L 306 -68.52 58.61 -62.31
C ASP L 306 -67.04 58.58 -62.69
N SER L 307 -66.75 58.06 -63.88
CA SER L 307 -65.40 58.13 -64.41
C SER L 307 -65.24 59.45 -65.15
N ASN L 308 -64.36 60.31 -64.64
CA ASN L 308 -64.13 61.61 -65.24
C ASN L 308 -63.76 61.49 -66.72
N ILE L 309 -64.73 61.79 -67.59
CA ILE L 309 -64.53 61.67 -69.03
C ILE L 309 -64.29 63.03 -69.68
N TYR L 310 -63.79 63.98 -68.91
CA TYR L 310 -63.37 65.26 -69.48
C TYR L 310 -62.09 65.01 -70.28
N ILE L 311 -62.12 65.34 -71.56
CA ILE L 311 -61.01 65.06 -72.47
C ILE L 311 -59.62 65.22 -71.86
N ASP L 312 -59.24 66.45 -71.56
CA ASP L 312 -57.90 66.74 -71.07
C ASP L 312 -57.41 65.79 -69.96
N ASP L 313 -58.32 65.37 -69.09
CA ASP L 313 -57.96 64.49 -68.00
C ASP L 313 -57.85 63.04 -68.45
N PHE L 314 -58.89 62.58 -69.15
CA PHE L 314 -58.92 61.22 -69.67
C PHE L 314 -57.56 60.82 -70.24
N PHE L 315 -57.04 61.65 -71.16
CA PHE L 315 -55.77 61.36 -71.79
C PHE L 315 -54.62 61.64 -70.85
N ALA L 316 -54.82 62.59 -69.94
CA ALA L 316 -53.79 62.98 -68.99
C ALA L 316 -53.34 61.79 -68.15
N LYS L 317 -54.15 60.74 -68.14
CA LYS L 317 -53.88 59.57 -67.34
C LYS L 317 -53.97 58.29 -68.18
N GLY L 318 -52.94 58.03 -68.98
CA GLY L 318 -52.88 56.85 -69.82
C GLY L 318 -54.20 56.40 -70.41
N GLY L 319 -55.05 57.36 -70.74
CA GLY L 319 -56.38 57.05 -71.21
C GLY L 319 -56.41 56.29 -72.52
N SER L 320 -55.41 56.51 -73.37
CA SER L 320 -55.42 55.91 -74.70
C SER L 320 -54.01 55.63 -75.23
N GLU L 321 -53.84 54.44 -75.78
CA GLU L 321 -52.54 54.01 -76.29
C GLU L 321 -52.17 54.69 -77.61
N TYR L 322 -53.15 55.26 -78.30
CA TYR L 322 -52.95 55.71 -79.68
C TYR L 322 -52.91 57.22 -79.88
N ILE L 323 -53.88 57.92 -79.31
CA ILE L 323 -54.02 59.34 -79.57
C ILE L 323 -53.94 60.16 -78.29
N PHE L 324 -54.07 61.47 -78.45
CA PHE L 324 -54.02 62.40 -77.33
C PHE L 324 -54.75 63.64 -77.79
N ALA L 325 -55.64 64.17 -76.94
CA ALA L 325 -56.45 65.32 -77.34
C ALA L 325 -56.59 66.38 -76.25
N THR L 326 -57.24 67.48 -76.61
CA THR L 326 -57.47 68.57 -75.66
C THR L 326 -58.78 69.30 -75.99
N ALA L 327 -59.59 69.54 -74.97
CA ALA L 327 -60.88 70.17 -75.15
C ALA L 327 -60.74 71.58 -75.71
N GLN L 328 -59.54 72.13 -75.58
CA GLN L 328 -59.28 73.51 -76.00
C GLN L 328 -59.51 73.72 -77.49
N ASN L 329 -60.31 74.73 -77.81
CA ASN L 329 -60.63 75.06 -79.19
C ASN L 329 -61.30 73.95 -79.97
N TRP L 330 -61.80 72.96 -79.24
CA TRP L 330 -62.61 71.90 -79.82
C TRP L 330 -63.88 72.55 -80.36
N PRO L 331 -64.08 72.51 -81.70
CA PRO L 331 -65.25 73.15 -82.29
C PRO L 331 -66.54 72.64 -81.68
N GLU L 332 -67.43 73.54 -81.28
CA GLU L 332 -68.69 73.12 -80.71
C GLU L 332 -69.50 72.33 -81.74
N GLY L 333 -70.08 71.22 -81.29
CA GLY L 333 -70.89 70.38 -82.15
C GLY L 333 -70.16 69.85 -83.36
N PHE L 334 -68.83 69.89 -83.32
CA PHE L 334 -68.03 69.38 -84.42
C PHE L 334 -68.33 67.92 -84.63
N SER L 335 -68.48 67.53 -85.90
CA SER L 335 -68.55 66.14 -86.27
C SER L 335 -67.84 65.97 -87.59
N GLY L 336 -67.02 64.94 -87.72
CA GLY L 336 -66.29 64.72 -88.94
C GLY L 336 -65.23 63.64 -88.85
N ILE L 337 -64.47 63.51 -89.92
CA ILE L 337 -63.38 62.53 -89.99
C ILE L 337 -62.07 63.27 -90.00
N LEU L 338 -61.26 63.05 -88.99
CA LEU L 338 -59.94 63.66 -88.94
C LEU L 338 -58.88 62.75 -89.57
N THR L 339 -58.05 63.32 -90.42
CA THR L 339 -57.03 62.57 -91.11
C THR L 339 -55.66 63.00 -90.65
N LEU L 340 -55.04 62.18 -89.83
CA LEU L 340 -53.71 62.47 -89.31
C LEU L 340 -52.68 62.23 -90.39
N SER L 341 -51.75 63.17 -90.50
CA SER L 341 -50.66 63.10 -91.49
C SER L 341 -49.53 64.04 -91.08
N GLY L 342 -48.49 64.09 -91.90
CA GLY L 342 -47.31 64.88 -91.57
C GLY L 342 -46.57 64.30 -90.38
N GLY L 343 -47.11 63.21 -89.82
CA GLY L 343 -46.44 62.53 -88.74
C GLY L 343 -45.00 62.26 -89.13
N LEU L 344 -44.09 62.42 -88.18
CA LEU L 344 -42.69 62.34 -88.53
C LEU L 344 -41.77 62.08 -87.36
N SER L 345 -41.45 60.81 -87.11
CA SER L 345 -40.37 60.51 -86.18
C SER L 345 -39.10 60.61 -86.99
N SER L 346 -38.19 61.46 -86.57
CA SER L 346 -36.93 61.49 -87.28
C SER L 346 -35.91 60.93 -86.33
N ASN L 347 -35.41 59.75 -86.67
CA ASN L 347 -34.14 59.25 -86.16
C ASN L 347 -33.13 59.80 -87.15
N ALA L 348 -33.63 60.06 -88.35
CA ALA L 348 -32.85 60.67 -89.42
C ALA L 348 -31.65 61.35 -88.82
N GLU L 349 -31.90 62.39 -88.04
CA GLU L 349 -30.82 63.03 -87.31
C GLU L 349 -31.10 63.20 -85.83
N VAL L 350 -30.93 62.10 -85.11
CA VAL L 350 -30.83 62.13 -83.67
C VAL L 350 -29.37 62.27 -83.31
N THR L 351 -28.97 63.44 -82.85
CA THR L 351 -27.59 63.70 -82.46
C THR L 351 -27.16 62.83 -81.29
N ALA L 352 -25.87 62.52 -81.24
CA ALA L 352 -25.33 61.71 -80.16
C ALA L 352 -25.88 62.19 -78.82
N GLY L 353 -25.79 63.51 -78.60
CA GLY L 353 -26.27 64.10 -77.36
C GLY L 353 -27.72 63.78 -77.10
N ASP L 354 -28.53 63.80 -78.16
CA ASP L 354 -29.96 63.48 -78.05
C ASP L 354 -30.12 62.11 -77.39
N LEU L 355 -29.10 61.26 -77.53
CA LEU L 355 -29.09 59.97 -76.87
C LEU L 355 -28.74 60.12 -75.39
N MET L 356 -27.72 60.94 -75.12
CA MET L 356 -27.26 61.14 -73.76
C MET L 356 -28.32 61.83 -72.90
N GLU L 357 -29.06 62.76 -73.49
CA GLU L 357 -30.18 63.36 -72.79
C GLU L 357 -31.12 62.28 -72.33
N ALA L 358 -31.31 61.28 -73.18
CA ALA L 358 -32.22 60.17 -72.89
C ALA L 358 -31.67 59.30 -71.77
N TRP L 359 -30.49 58.73 -71.99
CA TRP L 359 -29.86 57.87 -70.98
C TRP L 359 -29.93 58.48 -69.59
N ASP L 360 -29.79 59.81 -69.52
CA ASP L 360 -29.74 60.52 -68.26
C ASP L 360 -30.93 60.20 -67.36
N PHE L 361 -32.02 59.71 -67.95
CA PHE L 361 -33.22 59.44 -67.20
C PHE L 361 -33.02 58.38 -66.12
N PHE L 362 -31.85 57.74 -66.13
CA PHE L 362 -31.57 56.66 -65.19
C PHE L 362 -30.53 57.03 -64.13
N ALA L 363 -29.99 58.24 -64.20
CA ALA L 363 -28.79 58.57 -63.42
C ALA L 363 -29.02 58.99 -61.96
N ASP L 364 -30.05 58.43 -61.33
CA ASP L 364 -30.31 58.70 -59.91
C ASP L 364 -31.11 57.60 -59.21
N ARG L 365 -30.46 56.90 -58.30
CA ARG L 365 -31.09 55.80 -57.58
C ARG L 365 -32.37 56.23 -56.86
N GLU L 366 -32.48 57.53 -56.60
CA GLU L 366 -33.65 58.09 -55.90
C GLU L 366 -34.80 57.64 -56.79
N SER L 367 -34.60 57.70 -58.08
CA SER L 367 -35.71 57.55 -59.00
C SER L 367 -35.99 56.20 -59.62
N VAL L 368 -34.98 55.61 -60.28
CA VAL L 368 -35.18 54.34 -60.95
C VAL L 368 -34.24 53.22 -60.54
N ASP L 369 -34.83 52.14 -60.05
CA ASP L 369 -34.07 50.96 -59.66
C ASP L 369 -33.77 50.08 -60.86
N VAL L 370 -32.62 50.34 -61.49
CA VAL L 370 -32.22 49.58 -62.67
C VAL L 370 -30.87 48.90 -62.47
N GLN L 371 -30.85 47.58 -62.56
CA GLN L 371 -29.65 46.83 -62.20
C GLN L 371 -28.58 46.78 -63.28
N LEU L 372 -28.99 46.58 -64.53
CA LEU L 372 -28.04 46.40 -65.62
C LEU L 372 -28.19 47.53 -66.64
N PHE L 373 -27.16 47.75 -67.44
CA PHE L 373 -27.17 48.82 -68.42
C PHE L 373 -26.78 48.34 -69.80
N ILE L 374 -27.74 48.18 -70.70
CA ILE L 374 -27.41 47.82 -72.07
C ILE L 374 -26.85 49.04 -72.78
N ALA L 375 -25.58 48.98 -73.18
CA ALA L 375 -24.94 50.17 -73.69
C ALA L 375 -24.38 49.95 -75.09
N GLY L 376 -23.89 48.74 -75.36
CA GLY L 376 -23.31 48.42 -76.64
C GLY L 376 -24.26 48.71 -77.80
N SER L 377 -25.51 48.97 -77.45
CA SER L 377 -26.55 49.23 -78.42
C SER L 377 -26.20 50.35 -79.40
N CYS L 378 -25.14 51.08 -79.09
CA CYS L 378 -24.71 52.16 -79.95
C CYS L 378 -23.58 51.72 -80.85
N ALA L 379 -23.24 50.43 -80.78
CA ALA L 379 -22.14 49.89 -81.55
C ALA L 379 -22.11 50.40 -82.99
N GLY L 380 -23.29 50.42 -83.63
CA GLY L 380 -23.39 50.78 -85.02
C GLY L 380 -23.24 52.25 -85.37
N GLU L 381 -23.63 53.12 -84.43
CA GLU L 381 -23.68 54.55 -84.71
C GLU L 381 -22.33 55.15 -85.14
N SER L 382 -22.37 56.42 -85.56
CA SER L 382 -21.17 57.14 -85.99
C SER L 382 -20.04 56.77 -85.02
N LEU L 383 -18.96 56.22 -85.55
CA LEU L 383 -17.86 55.79 -84.69
C LEU L 383 -17.75 56.72 -83.49
N GLU L 384 -17.62 58.03 -83.77
CA GLU L 384 -17.57 59.03 -82.72
C GLU L 384 -18.60 58.70 -81.65
N THR L 385 -19.87 58.90 -81.98
CA THR L 385 -20.96 58.65 -81.05
C THR L 385 -20.91 57.23 -80.46
N ALA L 386 -20.47 56.27 -81.28
CA ALA L 386 -20.32 54.90 -80.78
C ALA L 386 -19.54 54.92 -79.48
N SER L 387 -18.48 55.72 -79.45
CA SER L 387 -17.64 55.83 -78.29
C SER L 387 -18.19 56.81 -77.27
N THR L 388 -18.41 58.04 -77.68
CA THR L 388 -18.77 59.09 -76.73
C THR L 388 -20.09 58.90 -75.98
N VAL L 389 -21.03 58.17 -76.57
CA VAL L 389 -22.27 57.87 -75.85
C VAL L 389 -21.99 56.92 -74.72
N GLN L 390 -21.59 55.70 -75.06
CA GLN L 390 -21.20 54.70 -74.09
C GLN L 390 -20.33 55.29 -73.00
N LYS L 391 -19.22 55.88 -73.42
CA LYS L 391 -18.29 56.53 -72.50
C LYS L 391 -19.08 57.27 -71.43
N HIS L 392 -20.07 58.04 -71.87
CA HIS L 392 -20.92 58.79 -70.97
C HIS L 392 -21.83 57.91 -70.13
N VAL L 393 -22.38 56.84 -70.74
CA VAL L 393 -23.24 55.92 -70.01
C VAL L 393 -22.51 55.33 -68.84
N VAL L 394 -21.23 55.01 -69.04
CA VAL L 394 -20.38 54.53 -67.96
C VAL L 394 -20.33 55.56 -66.83
N SER L 395 -20.30 56.83 -67.23
CA SER L 395 -20.22 57.91 -66.26
C SER L 395 -21.58 58.23 -65.65
N ILE L 396 -22.47 57.25 -65.67
CA ILE L 396 -23.76 57.33 -65.00
C ILE L 396 -23.82 56.23 -63.96
N GLY L 397 -23.34 55.06 -64.33
CA GLY L 397 -23.21 53.96 -63.42
C GLY L 397 -22.11 54.26 -62.43
N ASP L 398 -21.05 54.91 -62.91
CA ASP L 398 -19.97 55.35 -62.05
C ASP L 398 -20.50 56.20 -60.90
N VAL L 399 -21.13 57.30 -61.24
CA VAL L 399 -21.56 58.28 -60.25
C VAL L 399 -22.68 57.74 -59.39
N ARG L 400 -23.30 56.63 -59.74
CA ARG L 400 -24.42 56.10 -58.97
C ARG L 400 -24.08 54.78 -58.28
N GLN L 401 -23.21 54.00 -58.91
CA GLN L 401 -22.69 52.75 -58.34
C GLN L 401 -23.75 51.78 -57.84
N ASP L 402 -24.89 51.72 -58.53
CA ASP L 402 -25.88 50.68 -58.31
C ASP L 402 -26.28 50.15 -59.69
N CYS L 403 -25.40 49.35 -60.29
CA CYS L 403 -25.60 48.92 -61.67
C CYS L 403 -24.40 48.20 -62.26
N LEU L 404 -24.36 48.13 -63.58
CA LEU L 404 -23.29 47.44 -64.29
C LEU L 404 -23.61 48.21 -65.56
N VAL L 405 -22.58 48.71 -66.23
CA VAL L 405 -22.80 49.48 -67.46
C VAL L 405 -21.97 48.39 -68.13
N LEU L 406 -22.54 47.74 -69.15
CA LEU L 406 -21.85 46.67 -69.87
C LEU L 406 -21.84 47.36 -71.23
N CYS L 407 -20.76 47.16 -72.00
CA CYS L 407 -20.51 47.91 -73.22
C CYS L 407 -19.73 47.11 -74.25
N SER L 408 -20.05 47.34 -75.51
CA SER L 408 -19.46 46.58 -76.63
C SER L 408 -18.77 47.43 -77.72
N PRO L 409 -17.80 46.83 -78.45
CA PRO L 409 -16.93 47.54 -79.39
C PRO L 409 -17.68 48.05 -80.59
N PRO L 410 -17.08 48.99 -81.32
CA PRO L 410 -17.71 49.56 -82.53
C PRO L 410 -17.60 48.61 -83.71
N ARG L 411 -18.68 48.43 -84.45
CA ARG L 411 -18.66 47.54 -85.60
C ARG L 411 -17.40 47.78 -86.42
N GLU L 412 -17.14 49.04 -86.76
CA GLU L 412 -15.97 49.38 -87.56
C GLU L 412 -14.80 48.47 -87.24
N THR L 413 -14.52 48.35 -85.95
CA THR L 413 -13.26 47.82 -85.46
C THR L 413 -13.13 46.31 -85.48
N VAL L 414 -14.23 45.61 -85.63
CA VAL L 414 -14.22 44.18 -85.35
C VAL L 414 -14.85 43.25 -86.38
N VAL L 415 -15.85 43.72 -87.10
CA VAL L 415 -16.61 42.86 -88.01
C VAL L 415 -16.01 42.66 -89.39
N GLY L 416 -15.58 43.76 -90.03
CA GLY L 416 -15.03 43.67 -91.37
C GLY L 416 -13.69 42.94 -91.48
N ILE L 417 -12.67 43.46 -90.79
CA ILE L 417 -11.30 42.95 -90.90
C ILE L 417 -11.11 41.56 -90.29
N PRO L 418 -9.96 40.93 -90.59
CA PRO L 418 -9.51 39.68 -89.95
C PRO L 418 -8.98 39.96 -88.54
N VAL L 419 -8.84 38.92 -87.73
CA VAL L 419 -8.45 39.08 -86.33
C VAL L 419 -7.10 39.77 -86.14
N THR L 420 -6.15 39.50 -87.03
CA THR L 420 -4.84 40.14 -86.97
C THR L 420 -5.00 41.64 -86.71
N ARG L 421 -5.52 42.37 -87.70
CA ARG L 421 -5.83 43.78 -87.52
C ARG L 421 -6.79 43.97 -86.37
N ALA L 422 -7.79 43.08 -86.29
CA ALA L 422 -8.88 43.24 -85.34
C ALA L 422 -8.42 43.65 -83.95
N VAL L 423 -7.58 42.83 -83.34
CA VAL L 423 -7.17 43.08 -81.96
C VAL L 423 -6.38 44.40 -81.86
N ASP L 424 -5.43 44.59 -82.76
CA ASP L 424 -4.68 45.85 -82.79
C ASP L 424 -5.67 47.00 -82.56
N ASN L 425 -6.73 47.01 -83.36
CA ASN L 425 -7.74 48.05 -83.28
C ASN L 425 -8.32 48.16 -81.87
N LEU L 426 -8.85 47.04 -81.38
CA LEU L 426 -9.48 47.01 -80.06
C LEU L 426 -8.61 47.62 -78.97
N VAL L 427 -7.33 47.25 -78.95
CA VAL L 427 -6.43 47.70 -77.88
C VAL L 427 -6.08 49.18 -78.04
N ASN L 428 -5.86 49.61 -79.27
CA ASN L 428 -5.68 51.03 -79.53
C ASN L 428 -6.85 51.82 -78.98
N TRP L 429 -8.06 51.35 -79.25
CA TRP L 429 -9.28 52.04 -78.85
C TRP L 429 -9.41 52.11 -77.33
N ARG L 430 -8.96 51.05 -76.64
CA ARG L 430 -9.05 50.98 -75.19
C ARG L 430 -8.03 51.89 -74.50
N THR L 431 -7.16 52.49 -75.29
CA THR L 431 -6.16 53.46 -74.79
C THR L 431 -6.18 54.81 -75.51
N ALA L 432 -5.73 54.81 -76.77
CA ALA L 432 -5.65 56.05 -77.55
C ALA L 432 -4.81 55.71 -78.77
N ALA L 433 -3.50 55.63 -78.54
CA ALA L 433 -2.58 55.06 -79.52
C ALA L 433 -2.78 55.50 -80.96
N GLY L 434 -3.09 54.53 -81.82
CA GLY L 434 -3.03 54.72 -83.26
C GLY L 434 -4.11 55.59 -83.86
N SER L 435 -5.16 54.95 -84.37
CA SER L 435 -6.19 55.65 -85.12
C SER L 435 -7.26 56.26 -84.20
N TYR L 436 -7.67 55.47 -83.22
CA TYR L 436 -8.66 55.91 -82.26
C TYR L 436 -7.99 56.55 -81.06
N THR L 437 -7.26 57.64 -81.28
CA THR L 437 -6.75 58.40 -80.15
C THR L 437 -7.88 59.27 -79.65
N ASP L 438 -8.65 59.79 -80.59
CA ASP L 438 -9.68 60.79 -80.33
C ASP L 438 -10.93 60.14 -79.79
N ASN L 439 -11.53 59.28 -80.61
CA ASN L 439 -12.67 58.49 -80.19
C ASN L 439 -12.20 57.25 -79.46
N ASN L 440 -11.51 57.48 -78.35
CA ASN L 440 -11.07 56.38 -77.53
C ASN L 440 -12.17 56.01 -76.55
N PHE L 441 -12.00 54.87 -75.89
CA PHE L 441 -12.89 54.45 -74.83
C PHE L 441 -12.02 54.33 -73.58
N ASN L 442 -10.98 55.15 -73.51
CA ASN L 442 -9.97 55.04 -72.46
C ASN L 442 -10.46 55.44 -71.07
N ILE L 443 -11.35 54.63 -70.50
CA ILE L 443 -11.85 54.85 -69.16
C ILE L 443 -11.61 53.56 -68.38
N SER L 444 -11.85 53.58 -67.09
CA SER L 444 -11.58 52.40 -66.27
C SER L 444 -12.47 52.24 -65.04
N SER L 445 -13.69 51.79 -65.25
CA SER L 445 -14.61 51.59 -64.15
C SER L 445 -14.76 50.13 -63.77
N THR L 446 -14.93 49.91 -62.47
CA THR L 446 -15.16 48.58 -61.92
C THR L 446 -16.58 48.22 -62.28
N TYR L 447 -17.31 49.23 -62.75
CA TYR L 447 -18.69 49.07 -63.19
C TYR L 447 -18.73 48.95 -64.71
N ALA L 448 -17.60 49.23 -65.34
CA ALA L 448 -17.49 49.14 -66.77
C ALA L 448 -17.16 47.72 -67.18
N ALA L 449 -18.03 47.12 -67.97
CA ALA L 449 -17.79 45.77 -68.48
C ALA L 449 -17.90 46.12 -69.98
N ILE L 450 -16.79 45.94 -70.71
CA ILE L 450 -16.82 46.05 -72.17
C ILE L 450 -16.96 44.68 -72.81
N ASP L 451 -17.03 44.66 -74.14
CA ASP L 451 -17.91 43.74 -74.86
C ASP L 451 -17.44 43.54 -76.30
N GLY L 452 -17.11 42.31 -76.64
CA GLY L 452 -15.75 41.94 -76.98
C GLY L 452 -15.60 41.48 -78.41
N ASN L 453 -16.70 41.02 -79.00
CA ASN L 453 -16.94 41.20 -80.42
C ASN L 453 -18.36 41.69 -80.70
N TYR L 454 -18.92 41.25 -81.83
CA TYR L 454 -20.23 41.72 -82.28
C TYR L 454 -20.99 40.62 -83.00
N LYS L 455 -22.24 40.42 -82.62
CA LYS L 455 -22.94 39.18 -82.94
C LYS L 455 -23.63 39.26 -84.29
N TYR L 456 -23.81 38.11 -84.92
CA TYR L 456 -24.47 38.04 -86.22
C TYR L 456 -25.80 37.29 -86.12
N GLN L 457 -26.89 38.03 -85.94
CA GLN L 457 -28.20 37.43 -85.70
C GLN L 457 -29.02 37.35 -86.97
N TYR L 458 -30.22 36.78 -86.88
CA TYR L 458 -31.15 36.82 -87.99
C TYR L 458 -32.33 37.68 -87.57
N ASP L 459 -32.82 38.50 -88.49
CA ASP L 459 -33.84 39.49 -88.18
C ASP L 459 -35.21 39.06 -88.68
N LYS L 460 -35.95 38.33 -87.86
CA LYS L 460 -37.22 37.77 -88.29
C LYS L 460 -38.16 38.80 -88.90
N TYR L 461 -37.88 40.08 -88.67
CA TYR L 461 -38.76 41.14 -89.15
C TYR L 461 -38.45 41.55 -90.58
N ASN L 462 -37.28 42.12 -90.81
CA ASN L 462 -36.88 42.46 -92.16
C ASN L 462 -36.54 41.21 -92.94
N ASP L 463 -36.38 40.10 -92.21
CA ASP L 463 -36.00 38.82 -92.78
C ASP L 463 -34.60 38.87 -93.36
N VAL L 464 -33.65 39.36 -92.57
CA VAL L 464 -32.27 39.46 -93.03
C VAL L 464 -31.30 39.15 -91.91
N ASN L 465 -30.12 38.66 -92.29
CA ASN L 465 -29.05 38.43 -91.34
C ASN L 465 -28.31 39.73 -91.07
N ARG L 466 -27.99 39.98 -89.81
CA ARG L 466 -27.60 41.32 -89.40
C ARG L 466 -26.60 41.27 -88.24
N TRP L 467 -25.64 42.18 -88.21
CA TRP L 467 -24.72 42.28 -87.08
C TRP L 467 -25.32 43.17 -85.99
N VAL L 468 -25.32 42.67 -84.76
CA VAL L 468 -25.81 43.46 -83.63
C VAL L 468 -24.84 43.46 -82.45
N PRO L 469 -24.83 44.56 -81.68
CA PRO L 469 -23.97 44.64 -80.50
C PRO L 469 -24.27 43.50 -79.56
N LEU L 470 -23.22 42.82 -79.10
CA LEU L 470 -23.39 41.64 -78.28
C LEU L 470 -23.76 41.98 -76.83
N ALA L 471 -23.30 43.16 -76.38
CA ALA L 471 -23.56 43.60 -75.02
C ALA L 471 -25.04 43.44 -74.63
N ALA L 472 -25.92 43.97 -75.47
CA ALA L 472 -27.36 43.85 -75.25
C ALA L 472 -27.74 42.46 -74.76
N ASP L 473 -27.05 41.46 -75.30
CA ASP L 473 -27.37 40.08 -75.00
C ASP L 473 -26.83 39.64 -73.65
N ILE L 474 -25.52 39.74 -73.45
CA ILE L 474 -24.88 39.31 -72.21
C ILE L 474 -25.57 39.91 -70.98
N ALA L 475 -26.16 41.09 -71.14
CA ALA L 475 -26.85 41.75 -70.04
C ALA L 475 -28.03 40.93 -69.56
N GLY L 476 -28.79 40.36 -70.48
CA GLY L 476 -29.88 39.48 -70.11
C GLY L 476 -29.29 38.19 -69.55
N LEU L 477 -28.13 37.83 -70.09
CA LEU L 477 -27.42 36.65 -69.64
C LEU L 477 -26.97 36.82 -68.20
N CYS L 478 -27.07 38.04 -67.68
CA CYS L 478 -26.76 38.31 -66.28
C CYS L 478 -28.00 38.25 -65.40
N ALA L 479 -29.08 38.87 -65.87
CA ALA L 479 -30.35 38.85 -65.15
C ALA L 479 -30.63 37.41 -64.80
N ARG L 480 -30.11 36.55 -65.65
CA ARG L 480 -30.13 35.11 -65.45
C ARG L 480 -29.12 34.76 -64.37
N THR L 481 -28.03 34.14 -64.81
CA THR L 481 -27.02 33.56 -63.95
C THR L 481 -26.72 34.41 -62.72
N ASP L 482 -26.78 33.76 -61.55
CA ASP L 482 -26.63 34.42 -60.25
C ASP L 482 -27.38 35.74 -60.22
N ASN L 483 -26.93 36.66 -59.38
CA ASN L 483 -27.54 37.97 -59.37
C ASN L 483 -26.71 39.10 -59.98
N VAL L 484 -27.40 40.20 -60.23
CA VAL L 484 -26.96 41.18 -61.21
C VAL L 484 -26.53 42.49 -60.56
N ARG L 496 -20.39 33.21 -70.80
CA ARG L 496 -20.85 32.87 -69.47
C ARG L 496 -21.93 31.79 -69.50
N GLY L 497 -21.93 31.01 -70.57
CA GLY L 497 -23.01 30.09 -70.87
C GLY L 497 -23.56 30.51 -72.22
N GLN L 498 -23.51 29.62 -73.20
CA GLN L 498 -23.73 30.03 -74.58
C GLN L 498 -24.92 30.94 -74.77
N ILE L 499 -24.83 31.79 -75.79
CA ILE L 499 -25.89 32.72 -76.12
C ILE L 499 -26.84 32.08 -77.10
N LEU L 500 -28.07 32.58 -77.11
CA LEU L 500 -29.16 31.89 -77.76
C LEU L 500 -29.12 31.87 -79.28
N ASN L 501 -29.30 33.04 -79.89
CA ASN L 501 -29.67 33.09 -81.29
C ASN L 501 -28.55 33.51 -82.21
N VAL L 502 -27.33 33.51 -81.69
CA VAL L 502 -26.17 33.78 -82.54
C VAL L 502 -26.14 32.79 -83.68
N ILE L 503 -25.45 33.15 -84.75
CA ILE L 503 -25.30 32.25 -85.88
C ILE L 503 -23.92 32.44 -86.46
N LYS L 504 -23.11 33.19 -85.73
CA LYS L 504 -21.81 33.62 -86.22
C LYS L 504 -21.35 34.72 -85.30
N LEU L 505 -20.07 34.70 -84.92
CA LEU L 505 -19.49 35.81 -84.20
C LEU L 505 -18.30 36.43 -84.94
N ALA L 506 -18.07 37.72 -84.74
CA ALA L 506 -17.04 38.42 -85.49
C ALA L 506 -15.71 37.70 -85.35
N ILE L 507 -15.44 37.19 -84.15
CA ILE L 507 -14.23 36.39 -83.92
C ILE L 507 -14.55 35.16 -83.08
N GLU L 508 -13.83 34.07 -83.34
CA GLU L 508 -14.06 32.82 -82.65
C GLU L 508 -12.83 31.91 -82.72
N GLN L 511 -4.97 32.24 -78.39
CA GLN L 511 -4.83 32.03 -76.98
C GLN L 511 -4.16 33.22 -76.36
N ALA L 512 -3.10 33.74 -77.00
CA ALA L 512 -2.41 34.87 -76.44
C ALA L 512 -3.35 36.02 -76.35
N GLN L 513 -4.13 36.24 -77.43
CA GLN L 513 -5.04 37.33 -77.47
C GLN L 513 -6.08 37.16 -76.42
N ARG L 514 -6.58 35.92 -76.26
CA ARG L 514 -7.60 35.65 -75.29
C ARG L 514 -7.09 36.00 -73.92
N ASP L 515 -5.88 35.54 -73.59
CA ASP L 515 -5.40 35.84 -72.26
C ASP L 515 -5.29 37.33 -72.17
N ARG L 516 -4.89 37.98 -73.27
CA ARG L 516 -4.74 39.39 -73.28
C ARG L 516 -6.06 40.05 -73.04
N LEU L 517 -7.14 39.54 -73.66
CA LEU L 517 -8.43 40.15 -73.51
C LEU L 517 -8.88 40.03 -72.09
N TYR L 518 -8.69 38.83 -71.47
CA TYR L 518 -8.91 38.64 -70.06
C TYR L 518 -7.92 39.56 -69.46
N GLN L 519 -8.01 39.94 -68.18
CA GLN L 519 -7.00 40.82 -67.61
C GLN L 519 -7.31 42.22 -68.04
N GLU L 520 -7.63 42.40 -69.34
CA GLU L 520 -8.08 43.62 -69.93
C GLU L 520 -9.45 43.80 -69.36
N ALA L 521 -10.00 42.70 -68.83
CA ALA L 521 -11.35 42.69 -68.31
C ALA L 521 -12.29 42.89 -69.44
N ILE L 522 -12.11 42.08 -70.51
CA ILE L 522 -13.04 42.17 -71.58
C ILE L 522 -13.71 40.84 -71.73
N ASN L 523 -15.00 40.82 -72.14
CA ASN L 523 -15.77 39.60 -72.28
C ASN L 523 -15.63 39.08 -73.68
N PRO L 524 -14.97 37.95 -73.80
CA PRO L 524 -14.75 37.33 -75.08
C PRO L 524 -15.74 36.25 -75.38
N VAL L 525 -15.84 35.87 -76.67
CA VAL L 525 -16.63 34.73 -77.05
C VAL L 525 -15.72 33.90 -77.88
N THR L 526 -15.65 32.58 -77.62
CA THR L 526 -14.79 31.78 -78.43
C THR L 526 -15.57 30.61 -78.92
N GLY L 527 -15.18 30.07 -80.08
CA GLY L 527 -15.90 28.95 -80.61
C GLY L 527 -14.96 27.80 -80.64
N THR L 528 -15.39 26.66 -80.08
CA THR L 528 -14.52 25.53 -80.11
C THR L 528 -15.28 24.36 -80.63
N GLY L 529 -14.79 23.77 -81.74
CA GLY L 529 -15.39 22.58 -82.26
C GLY L 529 -16.82 22.88 -82.57
N GLY L 530 -17.14 24.15 -82.86
CA GLY L 530 -18.49 24.49 -83.16
C GLY L 530 -19.11 24.96 -81.88
N ASP L 531 -20.16 25.79 -81.98
CA ASP L 531 -20.82 26.33 -80.83
C ASP L 531 -19.88 27.26 -80.16
N GLY L 532 -20.32 28.51 -79.92
CA GLY L 532 -19.46 29.46 -79.27
C GLY L 532 -19.95 29.60 -77.86
N TYR L 533 -19.01 29.86 -76.93
CA TYR L 533 -19.37 29.99 -75.55
C TYR L 533 -18.63 31.16 -74.98
N VAL L 534 -19.08 31.64 -73.81
CA VAL L 534 -18.46 32.79 -73.20
C VAL L 534 -17.17 32.35 -72.56
N LEU L 535 -16.07 33.02 -72.91
CA LEU L 535 -14.79 32.67 -72.35
C LEU L 535 -14.78 32.95 -70.89
N TYR L 536 -15.19 34.18 -70.51
CA TYR L 536 -15.06 34.53 -69.13
C TYR L 536 -16.27 35.30 -68.71
N GLY L 537 -16.48 35.30 -67.39
CA GLY L 537 -17.62 35.79 -66.69
C GLY L 537 -17.90 37.25 -66.87
N ASP L 538 -16.90 38.16 -67.07
CA ASP L 538 -17.16 39.55 -67.46
C ASP L 538 -16.29 40.61 -66.85
N LYS L 539 -16.90 41.81 -66.72
CA LYS L 539 -16.51 43.04 -66.10
C LYS L 539 -15.20 43.61 -66.55
N THR L 540 -15.17 44.96 -66.62
CA THR L 540 -13.98 45.71 -66.89
C THR L 540 -13.49 46.16 -65.54
N ALA L 541 -13.10 45.18 -64.70
CA ALA L 541 -12.79 45.38 -63.30
C ALA L 541 -11.53 46.15 -63.07
N THR L 542 -11.47 46.79 -61.88
CA THR L 542 -10.41 47.64 -61.41
C THR L 542 -9.97 47.22 -60.03
N SER L 543 -9.48 48.18 -59.21
CA SER L 543 -8.92 47.91 -57.91
C SER L 543 -9.92 47.25 -57.01
N VAL L 544 -9.76 45.92 -56.91
CA VAL L 544 -10.50 45.00 -56.11
C VAL L 544 -9.68 43.77 -56.31
N PRO L 545 -9.92 42.69 -55.63
CA PRO L 545 -9.17 41.53 -55.97
C PRO L 545 -9.66 41.10 -57.31
N SER L 546 -8.90 40.25 -58.02
CA SER L 546 -9.26 39.88 -59.34
C SER L 546 -10.60 39.20 -59.38
N PRO L 547 -11.10 38.51 -58.39
CA PRO L 547 -12.36 37.85 -58.58
C PRO L 547 -13.54 38.75 -58.78
N ASN L 552 -18.94 37.11 -60.96
CA ASN L 552 -19.70 36.31 -60.04
C ASN L 552 -19.59 36.89 -58.67
N VAL L 553 -18.36 37.17 -58.22
CA VAL L 553 -18.16 37.69 -56.89
C VAL L 553 -18.83 39.04 -56.79
N ARG L 554 -18.75 39.83 -57.86
CA ARG L 554 -19.28 41.17 -57.90
C ARG L 554 -20.77 41.15 -57.72
N ARG L 555 -21.46 40.24 -58.43
CA ARG L 555 -22.88 40.25 -58.41
C ARG L 555 -23.36 39.99 -57.02
N LEU L 556 -22.65 39.13 -56.27
CA LEU L 556 -23.07 38.87 -54.93
C LEU L 556 -23.02 40.18 -54.20
N PHE L 557 -21.87 40.87 -54.27
CA PHE L 557 -21.74 42.09 -53.52
C PHE L 557 -22.67 43.16 -53.99
N ASN L 558 -22.81 43.34 -55.32
CA ASN L 558 -23.64 44.42 -55.77
C ASN L 558 -25.03 44.20 -55.27
N MET L 559 -25.52 42.94 -55.35
CA MET L 559 -26.86 42.69 -54.95
C MET L 559 -27.03 43.01 -53.50
N LEU L 560 -26.07 42.57 -52.66
CA LEU L 560 -26.26 42.81 -51.27
C LEU L 560 -26.32 44.28 -50.99
N LYS L 561 -25.40 45.07 -51.58
CA LYS L 561 -25.35 46.46 -51.28
C LYS L 561 -26.63 47.12 -51.71
N THR L 562 -27.16 46.75 -52.89
CA THR L 562 -28.35 47.40 -53.34
C THR L 562 -29.48 47.15 -52.39
N ASN L 563 -29.64 45.88 -51.95
CA ASN L 563 -30.73 45.54 -51.09
C ASN L 563 -30.59 46.21 -49.77
N ILE L 564 -29.35 46.31 -49.25
CA ILE L 564 -29.20 46.85 -47.92
C ILE L 564 -29.69 48.27 -47.88
N GLY L 565 -29.36 49.06 -48.91
CA GLY L 565 -29.70 50.46 -48.94
C GLY L 565 -31.17 50.67 -48.94
N ARG L 566 -31.94 49.82 -49.66
CA ARG L 566 -33.35 50.01 -49.78
C ARG L 566 -33.97 49.96 -48.43
N SER L 567 -33.40 49.16 -47.52
CA SER L 567 -33.93 48.99 -46.19
C SER L 567 -33.90 50.29 -45.45
N SER L 568 -33.33 51.35 -46.07
CA SER L 568 -33.19 52.65 -45.46
C SER L 568 -34.54 53.24 -45.19
N LYS L 569 -35.59 52.76 -45.88
CA LYS L 569 -36.88 53.35 -45.67
C LYS L 569 -37.24 53.16 -44.23
N TYR L 570 -36.78 52.05 -43.63
CA TYR L 570 -37.10 51.69 -42.29
C TYR L 570 -36.59 52.74 -41.35
N ARG L 571 -35.43 53.36 -41.65
CA ARG L 571 -34.83 54.29 -40.73
C ARG L 571 -35.78 55.40 -40.45
N LEU L 572 -36.48 55.90 -41.47
CA LEU L 572 -37.33 57.02 -41.26
C LEU L 572 -38.36 56.61 -40.26
N PHE L 573 -38.77 55.34 -40.31
CA PHE L 573 -39.84 54.86 -39.49
C PHE L 573 -39.50 55.06 -38.03
N GLU L 574 -38.29 54.66 -37.59
CA GLU L 574 -38.03 54.79 -36.17
C GLU L 574 -36.83 55.63 -35.90
N LEU L 575 -36.62 55.89 -34.59
CA LEU L 575 -35.52 56.66 -34.07
C LEU L 575 -34.31 55.79 -33.99
N ASN L 576 -33.14 56.38 -33.67
CA ASN L 576 -31.89 55.66 -33.59
C ASN L 576 -31.49 55.54 -32.15
N ASN L 577 -31.14 54.32 -31.70
CA ASN L 577 -30.72 54.07 -30.36
C ASN L 577 -29.85 52.85 -30.37
N ALA L 578 -29.44 52.37 -29.17
CA ALA L 578 -28.65 51.19 -29.10
C ALA L 578 -29.48 50.09 -29.66
N PHE L 579 -30.77 50.11 -29.30
CA PHE L 579 -31.69 49.10 -29.73
C PHE L 579 -31.81 49.16 -31.22
N THR L 580 -31.76 50.37 -31.81
CA THR L 580 -31.92 50.49 -33.23
C THR L 580 -30.76 49.83 -33.89
N ARG L 581 -29.62 49.76 -33.18
CA ARG L 581 -28.49 49.03 -33.68
C ARG L 581 -29.00 47.63 -33.88
N SER L 582 -29.66 47.09 -32.84
CA SER L 582 -30.27 45.80 -32.97
C SER L 582 -31.46 46.07 -33.81
N SER L 583 -32.29 45.08 -34.18
CA SER L 583 -33.41 45.44 -35.00
C SER L 583 -32.91 45.65 -36.40
N PHE L 584 -32.31 46.82 -36.71
CA PHE L 584 -31.80 47.00 -38.04
C PHE L 584 -30.79 45.92 -38.27
N ARG L 585 -29.90 45.73 -37.29
CA ARG L 585 -28.87 44.74 -37.38
C ARG L 585 -29.51 43.41 -37.53
N THR L 586 -30.54 43.13 -36.72
CA THR L 586 -31.12 41.81 -36.80
C THR L 586 -31.74 41.64 -38.16
N GLU L 587 -32.39 42.70 -38.70
CA GLU L 587 -33.05 42.56 -39.97
C GLU L 587 -32.05 42.27 -41.05
N THR L 588 -30.97 43.05 -41.14
CA THR L 588 -30.01 42.83 -42.18
C THR L 588 -29.35 41.50 -41.97
N ALA L 589 -29.09 41.16 -40.70
CA ALA L 589 -28.41 39.93 -40.40
C ALA L 589 -29.23 38.79 -40.91
N GLN L 590 -30.56 38.87 -40.73
CA GLN L 590 -31.39 37.78 -41.15
C GLN L 590 -31.22 37.64 -42.64
N TYR L 591 -31.15 38.76 -43.37
CA TYR L 591 -31.02 38.69 -44.79
C TYR L 591 -29.69 38.06 -45.12
N LEU L 592 -28.61 38.50 -44.46
CA LEU L 592 -27.30 37.99 -44.77
C LEU L 592 -27.22 36.54 -44.45
N GLN L 593 -27.80 36.13 -43.31
CA GLN L 593 -27.68 34.75 -42.91
C GLN L 593 -28.38 33.91 -43.92
N GLY L 594 -29.51 34.39 -44.45
CA GLY L 594 -30.24 33.62 -45.41
C GLY L 594 -29.36 33.36 -46.59
N ASN L 595 -28.56 34.37 -46.98
CA ASN L 595 -27.72 34.21 -48.14
C ASN L 595 -26.75 33.10 -47.87
N LYS L 596 -26.26 33.01 -46.62
CA LYS L 596 -25.29 32.00 -46.32
C LYS L 596 -25.93 30.64 -46.38
N ALA L 597 -27.13 30.49 -45.78
CA ALA L 597 -27.77 29.21 -45.72
C ALA L 597 -28.05 28.71 -47.09
N LEU L 598 -28.60 29.58 -47.96
CA LEU L 598 -28.92 29.16 -49.30
C LEU L 598 -27.63 28.81 -49.94
N GLY L 599 -26.58 29.56 -49.59
CA GLY L 599 -25.32 29.35 -50.21
C GLY L 599 -25.14 30.57 -51.05
N GLY L 600 -23.91 31.04 -51.13
CA GLY L 600 -23.72 32.28 -51.84
C GLY L 600 -22.82 33.10 -50.98
N ILE L 601 -22.95 32.98 -49.65
CA ILE L 601 -22.04 33.65 -48.78
C ILE L 601 -21.59 32.61 -47.81
N TYR L 602 -20.30 32.66 -47.39
CA TYR L 602 -19.80 31.66 -46.50
C TYR L 602 -19.04 32.35 -45.43
N GLU L 603 -18.85 31.64 -44.29
CA GLU L 603 -18.10 32.14 -43.17
C GLU L 603 -18.58 33.51 -42.81
N TYR L 604 -19.89 33.65 -42.54
CA TYR L 604 -20.41 34.93 -42.16
C TYR L 604 -20.54 34.93 -40.68
N ARG L 605 -19.75 35.81 -40.02
CA ARG L 605 -19.73 35.91 -38.59
C ARG L 605 -20.56 37.10 -38.24
N VAL L 606 -21.71 36.82 -37.59
CA VAL L 606 -22.62 37.86 -37.23
C VAL L 606 -21.92 38.78 -36.29
N VAL L 607 -21.04 38.21 -35.44
CA VAL L 607 -20.41 39.00 -34.42
C VAL L 607 -19.62 40.14 -35.00
N CYS L 608 -18.65 39.85 -35.90
CA CYS L 608 -17.86 40.97 -36.32
C CYS L 608 -17.90 41.11 -37.81
N ASP L 609 -19.11 41.14 -38.38
CA ASP L 609 -19.21 41.37 -39.80
C ASP L 609 -20.40 42.24 -40.00
N THR L 610 -20.88 42.88 -38.91
CA THR L 610 -22.08 43.67 -38.93
C THR L 610 -21.74 45.10 -38.58
N THR L 611 -22.74 45.93 -38.18
CA THR L 611 -22.52 47.36 -38.06
C THR L 611 -22.57 47.95 -36.69
N ASN L 612 -21.66 48.93 -36.49
CA ASN L 612 -21.59 49.83 -35.37
C ASN L 612 -20.97 51.07 -35.94
N ASN L 613 -21.76 52.14 -36.18
CA ASN L 613 -21.16 53.28 -36.82
C ASN L 613 -20.19 53.92 -35.90
N THR L 614 -20.58 54.12 -34.64
CA THR L 614 -19.66 54.78 -33.77
C THR L 614 -18.61 53.79 -33.50
N PRO L 615 -17.51 54.26 -33.01
CA PRO L 615 -16.47 53.36 -32.68
C PRO L 615 -16.96 52.61 -31.50
N SER L 616 -16.44 51.39 -31.24
CA SER L 616 -16.99 50.67 -30.12
C SER L 616 -16.70 51.49 -28.92
N VAL L 617 -17.75 52.13 -28.37
CA VAL L 617 -17.64 52.96 -27.21
C VAL L 617 -19.04 53.14 -26.73
N ILE L 618 -19.19 53.86 -25.60
CA ILE L 618 -20.50 54.13 -25.11
C ILE L 618 -21.18 54.98 -26.13
N ASP L 619 -20.43 55.94 -26.72
CA ASP L 619 -20.96 56.86 -27.68
C ASP L 619 -21.29 56.11 -28.93
N ARG L 620 -22.28 56.63 -29.67
CA ARG L 620 -22.74 56.04 -30.89
C ARG L 620 -23.23 57.14 -31.77
N ASN L 621 -23.54 56.82 -33.04
CA ASN L 621 -24.02 57.80 -33.97
C ASN L 621 -25.05 57.13 -34.81
N GLU L 622 -25.39 57.71 -35.98
CA GLU L 622 -26.38 57.11 -36.83
C GLU L 622 -25.76 55.85 -37.35
N PHE L 623 -26.59 54.94 -37.92
CA PHE L 623 -26.03 53.70 -38.32
C PHE L 623 -25.75 53.70 -39.78
N VAL L 624 -24.57 53.15 -40.13
CA VAL L 624 -24.24 52.93 -41.49
C VAL L 624 -24.07 51.46 -41.58
N ALA L 625 -24.46 50.82 -42.69
CA ALA L 625 -24.30 49.41 -42.68
C ALA L 625 -22.99 49.07 -43.31
N THR L 626 -22.08 48.50 -42.52
CA THR L 626 -20.82 48.08 -43.06
C THR L 626 -20.78 46.61 -42.85
N PHE L 627 -20.37 45.87 -43.88
CA PHE L 627 -20.35 44.46 -43.70
C PHE L 627 -19.17 43.91 -44.39
N TYR L 628 -18.67 42.78 -43.88
CA TYR L 628 -17.57 42.12 -44.50
C TYR L 628 -18.17 40.84 -44.97
N ILE L 629 -18.31 40.65 -46.30
CA ILE L 629 -18.95 39.45 -46.74
C ILE L 629 -18.01 38.75 -47.66
N GLN L 630 -18.14 37.41 -47.75
CA GLN L 630 -17.27 36.66 -48.61
C GLN L 630 -18.12 35.84 -49.55
N PRO L 631 -17.84 35.95 -50.83
CA PRO L 631 -18.58 35.20 -51.80
C PRO L 631 -18.17 33.78 -51.64
N ALA L 632 -19.02 32.81 -52.01
CA ALA L 632 -18.70 31.46 -51.68
C ALA L 632 -17.39 31.05 -52.27
N ARG L 633 -17.17 31.29 -53.58
CA ARG L 633 -15.94 30.81 -54.13
C ARG L 633 -14.95 31.91 -54.22
N SER L 634 -14.27 32.20 -53.10
CA SER L 634 -13.20 33.15 -53.10
C SER L 634 -12.75 33.29 -51.67
N ILE L 635 -11.44 33.11 -51.42
CA ILE L 635 -11.05 33.22 -50.05
C ILE L 635 -10.63 34.63 -49.80
N ASN L 636 -11.65 35.50 -49.66
CA ASN L 636 -11.38 36.88 -49.39
C ASN L 636 -12.66 37.47 -48.88
N TYR L 637 -12.56 38.37 -47.88
CA TYR L 637 -13.71 39.00 -47.35
C TYR L 637 -13.62 40.41 -47.84
N ILE L 638 -14.74 40.96 -48.35
CA ILE L 638 -14.62 42.31 -48.85
C ILE L 638 -15.38 43.19 -47.91
N THR L 639 -14.87 44.41 -47.73
CA THR L 639 -15.52 45.30 -46.81
C THR L 639 -16.33 46.27 -47.60
N LEU L 640 -17.63 46.35 -47.29
CA LEU L 640 -18.46 47.29 -47.99
C LEU L 640 -19.16 48.10 -46.95
N ASN L 641 -19.27 49.42 -47.19
CA ASN L 641 -19.94 50.26 -46.25
C ASN L 641 -21.00 51.03 -46.98
N PHE L 642 -22.22 51.03 -46.43
CA PHE L 642 -23.27 51.82 -47.00
C PHE L 642 -23.67 52.70 -45.86
N VAL L 643 -24.05 53.97 -46.11
CA VAL L 643 -24.29 54.74 -44.93
C VAL L 643 -25.65 55.34 -44.95
N ALA L 644 -26.34 55.26 -43.79
CA ALA L 644 -27.56 55.98 -43.64
C ALA L 644 -27.27 56.97 -42.57
N THR L 645 -27.16 58.26 -42.91
CA THR L 645 -26.85 59.21 -41.90
C THR L 645 -27.26 60.57 -42.35
N ALA L 646 -27.13 61.54 -41.43
CA ALA L 646 -27.38 62.92 -41.72
C ALA L 646 -26.09 63.48 -42.23
#